data_5N0C
#
_entry.id   5N0C
#
_cell.length_a   92.230
_cell.length_b   137.450
_cell.length_c   152.400
_cell.angle_alpha   90.00
_cell.angle_beta   90.12
_cell.angle_gamma   90.00
#
_symmetry.space_group_name_H-M   'P 1 21 1'
#
loop_
_entity.id
_entity.type
_entity.pdbx_description
1 polymer 'Tetanus toxin'
2 branched 'beta-D-galactopyranose-(1-3)-2-acetamido-2-deoxy-beta-D-galactopyranose-(1-4)-[N-acetyl-alpha-neuraminic acid-(2-3)]beta-D-galactopyranose-(1-4)-beta-D-glucopyranose'
3 non-polymer 'ZINC ION'
4 non-polymer DI(HYDROXYETHYL)ETHER
5 water water
#
_entity_poly.entity_id   1
_entity_poly.type   'polypeptide(L)'
_entity_poly.pdbx_seq_one_letter_code
;MGSSHHHHHHSSGLVPRGSHMPITINNFRYSDPVNNDTIIMMEPPYCKGLDIYYKAFKITDRIWIVPERYEFGTKPEDFN
PPSSLIEGASEYYDPNYLRTDSDKDRFLQTMVKLFNRIKNNVAGEALLDKIINAIPYLGNSYSLLDKFDTNSNSVSFNLL
EQDPSGATTKSAMLTNLIIFGPGPVLNKNEVRGIVLRVDNKNYFPCRDGFGSIMQMAFCPEYVPTFDNVIENITSLTIGK
SKYFQDPALLLMHELIHVLHGLYGMQVSSHEIIPSKQEIYMQHTYPISAEELFTFGGQDANLISIDIKNDLYEKTLNDYK
AIANKLSQVTSCNDPNIDIDSYKQIYQQKYQFDKDSNGQYIVNEDKFQILYNSIMYGFTEIELGKKFNIKTALSFFSMNH
DPVKIPNLLDDTIYNDTEGFNIESKDLKSEYKGQNMRVNTNAFRNVDGSGLVSKLIGLCKKIIPPTNIRENLYNRTASLT
DLGGELCIKIKNEDLTFIAEKNSFSEEPFQDEIVSYNTKNKPLNFNYSLDKIIVDYNLQSKITLPNDRTTPVTKGIPYAP
EYKSNAASTIEIHNIDDNTIYQYLYAQKSPTTLQRITMTNSVDDALINSTKIYSYFPSVISKVNQGAQGILFLQWVRDII
DDFTNESSQKTTIDKISDVSTIVPYIGPALNIVKQGYEGNFIGALETTGVVLLLEYIPEITLPVIAALSIAESSTQKEKI
IKTIDNFLEKRYEKWIEVYKLVKAKWLGTVNTQFQKRSYQMYRSLEYQVDAIKKIIDYEYKIYSGPDKEQIADEINNLKN
KLEEKANKAMININIFMRESSRSFLVNQMINEAKKQLLEFDTQSKNILMQYIKANSKFIGITELKKLESKINKVFSTPIP
FSYSKNLDCWVDNEEDIDVILKKSTILNLDINNDIISDISGFNSSVITYPDAQLVPGINGKAIHLVNNESSEVIVHKAMD
IEYNDMFNNFTVSFWLRVPKVSASHLEQYGTNEYSIISSMKKHSLSIGSGWSVSLKGNNLIWTLKDSAGEVRQITFRDLP
DKFNAYLANKWVFITITNDRLSSANLYINGVLMGSAEITGLGAIREDNNITLKLDRCNNNNQYVSIDKFRIFCKALNPKE
IEKLYTSYLSITFLRDFWGNPLRYDTEYYLIPVASSSKDVQLKNITDYMYLTNAPSYTNGKLNIYYRRLYNGLKFIIKRY
TPNNEIDSFVKSGDFIKLYVSYNNNEHIVGYPKDGNAFNNLDRILRVGYNAPGIPLYKKMEAVKLRDLKTYSVQLKLYDD
KNASLGLVGTHNGQIGNDPNRDILIASNWYFNHLKDKILGCDWYFVPTDEGWTND
;
_entity_poly.pdbx_strand_id   A,B
#
loop_
_chem_comp.id
_chem_comp.type
_chem_comp.name
_chem_comp.formula
BGC D-saccharide, beta linking beta-D-glucopyranose 'C6 H12 O6'
GAL D-saccharide, beta linking beta-D-galactopyranose 'C6 H12 O6'
NGA D-saccharide, beta linking 2-acetamido-2-deoxy-beta-D-galactopyranose 'C8 H15 N O6'
PEG non-polymer DI(HYDROXYETHYL)ETHER 'C4 H10 O3'
SIA D-saccharide, alpha linking 'N-acetyl-alpha-neuraminic acid' 'C11 H19 N O9'
ZN non-polymer 'ZINC ION' 'Zn 2'
#
# COMPACT_ATOMS: atom_id res chain seq x y z
N MET A 21 30.14 -16.13 4.64
CA MET A 21 30.05 -14.91 5.51
C MET A 21 28.64 -14.29 5.59
N PRO A 22 27.93 -14.13 4.43
CA PRO A 22 26.59 -13.52 4.48
C PRO A 22 25.61 -14.25 5.41
N ILE A 23 24.82 -13.49 6.16
CA ILE A 23 23.87 -14.05 7.12
C ILE A 23 22.60 -14.43 6.38
N THR A 24 22.01 -15.56 6.73
CA THR A 24 20.80 -16.07 6.08
C THR A 24 19.56 -15.61 6.85
N ILE A 25 18.62 -14.97 6.15
CA ILE A 25 17.30 -14.68 6.69
C ILE A 25 16.31 -15.67 6.08
N ASN A 26 15.59 -16.41 6.92
CA ASN A 26 14.62 -17.41 6.45
C ASN A 26 13.31 -16.79 5.99
N ASN A 27 12.62 -17.52 5.10
CA ASN A 27 11.28 -17.15 4.61
C ASN A 27 10.26 -18.19 5.04
N PHE A 28 9.05 -17.74 5.34
CA PHE A 28 7.92 -18.63 5.62
C PHE A 28 6.59 -17.87 5.64
N ARG A 29 5.51 -18.64 5.48
CA ARG A 29 4.14 -18.20 5.72
C ARG A 29 3.74 -18.70 7.10
N TYR A 30 2.84 -17.98 7.77
CA TYR A 30 2.34 -18.42 9.09
C TYR A 30 1.61 -19.76 9.03
N SER A 31 0.94 -20.00 7.90
CA SER A 31 0.21 -21.26 7.66
C SER A 31 1.10 -22.47 7.31
N ASP A 32 2.38 -22.26 7.02
CA ASP A 32 3.31 -23.38 6.76
C ASP A 32 3.36 -24.33 7.95
N PRO A 33 3.41 -25.64 7.69
CA PRO A 33 3.29 -26.62 8.78
C PRO A 33 4.51 -26.64 9.70
N VAL A 34 4.30 -27.09 10.93
CA VAL A 34 5.37 -27.28 11.91
C VAL A 34 6.34 -28.34 11.36
N ASN A 35 7.64 -28.01 11.34
CA ASN A 35 8.69 -28.94 10.87
C ASN A 35 9.75 -29.32 11.93
N ASN A 36 9.58 -28.85 13.17
CA ASN A 36 10.51 -29.13 14.26
C ASN A 36 11.98 -28.72 13.97
N ASP A 37 12.16 -27.65 13.18
CA ASP A 37 13.50 -27.14 12.80
C ASP A 37 13.48 -25.60 12.72
N THR A 38 12.80 -25.05 11.71
CA THR A 38 12.58 -23.60 11.60
C THR A 38 11.20 -23.17 12.08
N ILE A 39 10.28 -24.11 12.24
CA ILE A 39 8.93 -23.82 12.75
C ILE A 39 8.61 -24.84 13.85
N ILE A 40 8.34 -24.34 15.06
CA ILE A 40 8.13 -25.16 16.24
C ILE A 40 6.92 -24.70 17.03
N MET A 41 6.58 -25.45 18.07
CA MET A 41 5.61 -25.06 19.07
C MET A 41 6.35 -24.82 20.38
N MET A 42 6.59 -23.53 20.67
CA MET A 42 7.43 -23.08 21.78
C MET A 42 6.62 -22.86 23.05
N GLU A 43 7.16 -23.30 24.18
CA GLU A 43 6.73 -22.87 25.52
C GLU A 43 7.66 -21.74 25.97
N PRO A 44 7.18 -20.49 25.92
CA PRO A 44 8.11 -19.37 26.18
C PRO A 44 8.49 -19.29 27.66
N PRO A 45 9.70 -18.77 27.98
CA PRO A 45 10.29 -18.70 29.34
C PRO A 45 9.35 -18.39 30.52
N TYR A 46 8.49 -17.38 30.40
CA TYR A 46 7.51 -17.08 31.46
C TYR A 46 6.24 -17.97 31.41
N CYS A 47 6.30 -19.10 30.74
CA CYS A 47 5.26 -20.13 30.79
C CYS A 47 5.87 -21.52 31.08
N LYS A 48 7.06 -21.57 31.69
CA LYS A 48 7.75 -22.85 31.83
C LYS A 48 7.03 -23.74 32.86
N GLY A 49 6.83 -25.00 32.51
CA GLY A 49 6.09 -25.94 33.35
C GLY A 49 4.56 -25.92 33.24
N LEU A 50 4.01 -24.95 32.52
CA LEU A 50 2.54 -24.80 32.37
C LEU A 50 1.94 -25.52 31.15
N ASP A 51 2.80 -26.05 30.28
CA ASP A 51 2.38 -26.72 29.04
C ASP A 51 1.44 -25.85 28.18
N ILE A 52 1.88 -24.60 27.96
CA ILE A 52 1.22 -23.66 27.05
C ILE A 52 2.20 -23.40 25.91
N TYR A 53 1.73 -23.49 24.67
CA TYR A 53 2.62 -23.41 23.49
C TYR A 53 2.16 -22.38 22.47
N TYR A 54 3.10 -21.87 21.69
CA TYR A 54 2.82 -20.91 20.61
C TYR A 54 3.67 -21.22 19.38
N LYS A 55 3.09 -21.00 18.21
CA LYS A 55 3.80 -21.25 16.96
C LYS A 55 4.88 -20.19 16.81
N ALA A 56 6.12 -20.65 16.61
CA ALA A 56 7.28 -19.78 16.55
C ALA A 56 8.11 -20.09 15.32
N PHE A 57 8.85 -19.09 14.84
CA PHE A 57 9.54 -19.16 13.55
C PHE A 57 10.99 -18.68 13.71
N LYS A 58 11.95 -19.48 13.25
CA LYS A 58 13.37 -19.12 13.35
C LYS A 58 13.79 -18.21 12.20
N ILE A 59 13.95 -16.92 12.51
CA ILE A 59 14.32 -15.91 11.50
C ILE A 59 15.79 -16.03 11.09
N THR A 60 16.65 -16.35 12.04
CA THR A 60 18.07 -16.61 11.78
C THR A 60 18.65 -17.40 12.94
N ASP A 61 19.97 -17.60 12.95
CA ASP A 61 20.62 -18.32 14.04
C ASP A 61 20.40 -17.60 15.39
N ARG A 62 19.85 -18.33 16.36
CA ARG A 62 19.59 -17.86 17.71
C ARG A 62 18.58 -16.67 17.82
N ILE A 63 17.67 -16.53 16.87
CA ILE A 63 16.61 -15.50 16.95
C ILE A 63 15.27 -16.07 16.49
N TRP A 64 14.25 -15.95 17.32
CA TRP A 64 12.91 -16.48 17.05
C TRP A 64 11.88 -15.36 16.97
N ILE A 65 10.78 -15.63 16.26
CA ILE A 65 9.68 -14.68 16.16
C ILE A 65 8.39 -15.39 16.57
N VAL A 66 7.66 -14.77 17.49
CA VAL A 66 6.42 -15.33 18.01
C VAL A 66 5.32 -14.31 17.77
N PRO A 67 4.53 -14.48 16.69
CA PRO A 67 3.44 -13.53 16.38
C PRO A 67 2.26 -13.58 17.38
N GLU A 68 2.51 -13.08 18.58
CA GLU A 68 1.50 -12.97 19.63
C GLU A 68 1.73 -11.64 20.35
N ARG A 69 0.71 -11.14 21.02
CA ARG A 69 0.84 -9.95 21.86
C ARG A 69 1.62 -10.31 23.12
N TYR A 70 2.43 -9.38 23.60
CA TYR A 70 3.22 -9.55 24.84
C TYR A 70 2.27 -9.41 26.02
N GLU A 71 1.61 -10.52 26.37
CA GLU A 71 0.60 -10.55 27.43
C GLU A 71 1.14 -10.95 28.80
N PHE A 72 2.46 -11.14 28.93
CA PHE A 72 3.03 -11.68 30.15
C PHE A 72 2.94 -10.65 31.27
N GLY A 73 2.43 -11.07 32.43
CA GLY A 73 2.23 -10.19 33.58
C GLY A 73 1.15 -9.12 33.43
N THR A 74 0.14 -9.40 32.59
CA THR A 74 -0.92 -8.43 32.28
C THR A 74 -2.30 -8.98 32.65
N LYS A 75 -3.30 -8.13 32.48
CA LYS A 75 -4.72 -8.51 32.51
C LYS A 75 -5.37 -8.03 31.21
N PRO A 76 -6.51 -8.63 30.81
CA PRO A 76 -7.21 -8.20 29.59
C PRO A 76 -7.50 -6.68 29.51
N GLU A 77 -7.97 -6.12 30.62
CA GLU A 77 -8.36 -4.70 30.68
C GLU A 77 -7.19 -3.69 30.52
N ASP A 78 -5.95 -4.16 30.70
CA ASP A 78 -4.75 -3.33 30.44
C ASP A 78 -4.61 -2.92 28.97
N PHE A 79 -5.17 -3.72 28.05
CA PHE A 79 -5.05 -3.50 26.61
C PHE A 79 -6.00 -2.45 26.02
N ASN A 80 -7.02 -2.06 26.78
CA ASN A 80 -8.00 -1.06 26.32
C ASN A 80 -7.44 0.35 26.52
N PRO A 81 -7.92 1.32 25.73
CA PRO A 81 -7.42 2.69 25.91
C PRO A 81 -7.94 3.35 27.21
N PRO A 82 -7.02 3.80 28.09
CA PRO A 82 -7.44 4.50 29.29
C PRO A 82 -7.82 5.95 29.01
N SER A 83 -8.30 6.65 30.04
CA SER A 83 -8.79 8.03 29.90
C SER A 83 -7.66 9.05 29.75
N SER A 84 -6.60 8.87 30.52
CA SER A 84 -5.42 9.75 30.51
C SER A 84 -4.16 8.96 30.84
N LEU A 85 -3.01 9.63 30.83
CA LEU A 85 -1.72 9.02 31.21
C LEU A 85 -1.17 9.60 32.52
N ILE A 86 -0.33 8.81 33.20
CA ILE A 86 0.39 9.28 34.38
C ILE A 86 1.68 9.98 33.93
N GLU A 87 2.41 9.38 33.00
CA GLU A 87 3.66 9.93 32.51
C GLU A 87 3.82 9.75 31.01
N GLY A 88 4.66 10.60 30.42
CA GLY A 88 5.25 10.36 29.11
C GLY A 88 4.52 10.95 27.93
N ALA A 89 5.00 10.60 26.74
CA ALA A 89 4.40 10.99 25.48
C ALA A 89 3.17 10.11 25.16
N SER A 90 2.46 10.49 24.09
CA SER A 90 1.20 9.82 23.70
C SER A 90 1.35 8.32 23.43
N GLU A 91 0.30 7.57 23.72
CA GLU A 91 0.31 6.10 23.63
C GLU A 91 -0.92 5.62 22.86
N TYR A 92 -0.70 4.77 21.85
CA TYR A 92 -1.80 4.17 21.06
C TYR A 92 -2.15 2.79 21.58
N TYR A 93 -3.45 2.55 21.76
CA TYR A 93 -3.98 1.29 22.31
C TYR A 93 -4.99 0.67 21.33
N ASP A 94 -4.84 -0.63 21.07
CA ASP A 94 -5.81 -1.41 20.28
C ASP A 94 -5.72 -2.90 20.65
N PRO A 95 -6.72 -3.42 21.39
CA PRO A 95 -6.64 -4.82 21.83
C PRO A 95 -6.82 -5.85 20.72
N ASN A 96 -7.40 -5.45 19.58
CA ASN A 96 -7.67 -6.36 18.46
C ASN A 96 -6.49 -6.57 17.50
N TYR A 97 -5.43 -5.75 17.61
CA TYR A 97 -4.22 -5.92 16.80
C TYR A 97 -3.56 -7.29 17.06
N LEU A 98 -3.17 -7.97 16.00
CA LEU A 98 -2.51 -9.28 16.07
C LEU A 98 -3.36 -10.39 16.71
N ARG A 99 -4.65 -10.41 16.36
CA ARG A 99 -5.59 -11.43 16.85
C ARG A 99 -5.71 -12.62 15.88
N THR A 100 -5.93 -12.32 14.60
CA THR A 100 -6.26 -13.35 13.58
C THR A 100 -5.02 -13.93 12.90
N ASP A 101 -5.16 -15.12 12.32
CA ASP A 101 -4.10 -15.76 11.52
C ASP A 101 -3.61 -14.85 10.38
N SER A 102 -4.56 -14.14 9.77
CA SER A 102 -4.28 -13.13 8.76
C SER A 102 -3.36 -12.02 9.29
N ASP A 103 -3.69 -11.46 10.46
CA ASP A 103 -2.86 -10.44 11.13
C ASP A 103 -1.43 -10.98 11.41
N LYS A 104 -1.36 -12.24 11.84
CA LYS A 104 -0.09 -12.86 12.23
C LYS A 104 0.83 -13.12 11.04
N ASP A 105 0.28 -13.55 9.91
CA ASP A 105 1.07 -13.69 8.69
C ASP A 105 1.61 -12.34 8.23
N ARG A 106 0.77 -11.32 8.29
CA ARG A 106 1.16 -9.93 8.01
C ARG A 106 2.37 -9.47 8.84
N PHE A 107 2.30 -9.75 10.15
CA PHE A 107 3.37 -9.42 11.10
C PHE A 107 4.66 -10.19 10.77
N LEU A 108 4.53 -11.50 10.56
CA LEU A 108 5.67 -12.34 10.17
C LEU A 108 6.37 -11.87 8.90
N GLN A 109 5.59 -11.49 7.89
CA GLN A 109 6.16 -11.03 6.60
C GLN A 109 6.84 -9.67 6.69
N THR A 110 6.28 -8.75 7.47
CA THR A 110 6.89 -7.45 7.70
C THR A 110 8.24 -7.59 8.43
N MET A 111 8.31 -8.45 9.46
CA MET A 111 9.56 -8.66 10.20
C MET A 111 10.65 -9.19 9.28
N VAL A 112 10.34 -10.23 8.50
CA VAL A 112 11.29 -10.78 7.54
C VAL A 112 11.84 -9.71 6.59
N LYS A 113 10.97 -8.80 6.13
CA LYS A 113 11.38 -7.73 5.24
C LYS A 113 12.33 -6.77 5.94
N LEU A 114 12.02 -6.43 7.19
CA LEU A 114 12.88 -5.55 8.00
C LEU A 114 14.24 -6.16 8.35
N PHE A 115 14.28 -7.46 8.64
CA PHE A 115 15.56 -8.16 8.81
C PHE A 115 16.41 -8.15 7.52
N ASN A 116 15.75 -8.32 6.37
CA ASN A 116 16.41 -8.21 5.06
C ASN A 116 16.93 -6.79 4.79
N ARG A 117 16.17 -5.78 5.22
CA ARG A 117 16.61 -4.38 5.17
C ARG A 117 17.91 -4.17 5.96
N ILE A 118 17.95 -4.72 7.18
CA ILE A 118 19.11 -4.59 8.07
C ILE A 118 20.34 -5.31 7.49
N LYS A 119 20.15 -6.55 7.06
CA LYS A 119 21.22 -7.36 6.45
C LYS A 119 21.92 -6.69 5.25
N ASN A 120 21.16 -6.00 4.40
CA ASN A 120 21.68 -5.49 3.12
C ASN A 120 22.62 -4.28 3.22
N ASN A 121 22.77 -3.71 4.42
CA ASN A 121 23.83 -2.75 4.71
C ASN A 121 24.83 -3.44 5.65
N VAL A 122 26.12 -3.29 5.38
CA VAL A 122 27.17 -3.95 6.15
C VAL A 122 27.23 -3.54 7.63
N ALA A 123 26.86 -2.29 7.93
CA ALA A 123 26.72 -1.85 9.32
C ALA A 123 25.72 -2.72 10.06
N GLY A 124 24.54 -2.87 9.47
CA GLY A 124 23.49 -3.73 10.05
C GLY A 124 23.85 -5.19 10.07
N GLU A 125 24.63 -5.64 9.08
CA GLU A 125 25.11 -7.01 9.01
C GLU A 125 26.09 -7.32 10.14
N ALA A 126 26.92 -6.33 10.49
CA ALA A 126 27.84 -6.44 11.62
C ALA A 126 27.10 -6.49 12.96
N LEU A 127 26.02 -5.71 13.09
CA LEU A 127 25.20 -5.71 14.30
C LEU A 127 24.58 -7.09 14.55
N LEU A 128 23.99 -7.67 13.50
CA LEU A 128 23.36 -9.00 13.59
C LEU A 128 24.38 -10.10 13.93
N ASP A 129 25.60 -9.97 13.44
CA ASP A 129 26.67 -10.94 13.73
C ASP A 129 27.10 -10.93 15.21
N LYS A 130 27.23 -9.74 15.80
CA LYS A 130 27.54 -9.64 17.22
C LYS A 130 26.47 -10.29 18.10
N ILE A 131 25.21 -9.97 17.79
CA ILE A 131 24.06 -10.48 18.54
C ILE A 131 23.99 -12.01 18.50
N ILE A 132 24.19 -12.59 17.31
CA ILE A 132 24.12 -14.05 17.14
C ILE A 132 25.20 -14.75 17.97
N ASN A 133 26.45 -14.30 17.84
CA ASN A 133 27.59 -14.95 18.49
C ASN A 133 27.71 -14.69 20.00
N ALA A 134 27.09 -13.62 20.51
CA ALA A 134 27.18 -13.29 21.94
C ALA A 134 26.24 -14.16 22.78
N ILE A 135 26.48 -15.48 22.76
CA ILE A 135 25.58 -16.42 23.43
C ILE A 135 25.62 -16.25 24.94
N PRO A 136 24.47 -16.44 25.62
CA PRO A 136 24.49 -16.36 27.09
C PRO A 136 25.39 -17.43 27.73
N TYR A 137 25.87 -17.13 28.93
CA TYR A 137 26.64 -18.09 29.71
C TYR A 137 25.70 -19.15 30.27
N LEU A 138 26.09 -20.41 30.16
CA LEU A 138 25.31 -21.53 30.72
C LEU A 138 25.46 -21.56 32.25
N GLY A 139 24.84 -20.59 32.90
CA GLY A 139 25.04 -20.34 34.32
C GLY A 139 25.02 -18.86 34.66
N ASN A 140 24.91 -18.57 35.96
CA ASN A 140 24.81 -17.21 36.47
C ASN A 140 25.45 -17.14 37.87
N SER A 141 25.31 -16.00 38.56
CA SER A 141 25.86 -15.82 39.92
C SER A 141 25.40 -16.84 40.98
N TYR A 142 24.22 -17.41 40.82
CA TYR A 142 23.66 -18.34 41.81
C TYR A 142 23.60 -19.80 41.32
N SER A 143 24.35 -20.12 40.27
CA SER A 143 24.46 -21.51 39.77
C SER A 143 25.71 -22.21 40.30
N LEU A 144 25.82 -23.51 40.04
CA LEU A 144 26.95 -24.31 40.49
C LEU A 144 28.24 -23.90 39.78
N LEU A 145 29.34 -23.88 40.53
CA LEU A 145 30.62 -23.32 40.06
C LEU A 145 31.37 -24.30 39.14
N ASP A 146 31.27 -25.60 39.43
CA ASP A 146 31.93 -26.65 38.64
C ASP A 146 31.21 -27.08 37.35
N LYS A 147 30.02 -26.50 37.10
CA LYS A 147 29.08 -27.05 36.12
C LYS A 147 28.56 -25.98 35.15
N PHE A 148 28.30 -26.37 33.89
CA PHE A 148 27.43 -25.61 32.99
C PHE A 148 26.00 -26.11 33.18
N ASP A 149 25.08 -25.20 33.44
CA ASP A 149 23.67 -25.53 33.69
C ASP A 149 22.77 -24.93 32.59
N THR A 150 22.20 -25.81 31.76
CA THR A 150 21.19 -25.42 30.77
C THR A 150 19.76 -25.54 31.29
N ASN A 151 19.59 -25.94 32.55
CA ASN A 151 18.25 -26.11 33.15
C ASN A 151 17.79 -24.82 33.87
N SER A 152 17.57 -23.78 33.09
CA SER A 152 16.99 -22.52 33.55
C SER A 152 16.23 -21.82 32.41
N ASN A 153 15.12 -21.16 32.76
CA ASN A 153 14.38 -20.36 31.77
C ASN A 153 15.13 -19.08 31.35
N SER A 154 16.20 -18.73 32.06
CA SER A 154 17.13 -17.67 31.65
C SER A 154 17.91 -17.99 30.37
N VAL A 155 18.12 -19.26 30.08
CA VAL A 155 18.93 -19.67 28.89
C VAL A 155 18.24 -20.59 27.88
N SER A 156 17.15 -21.26 28.27
CA SER A 156 16.50 -22.28 27.43
C SER A 156 14.97 -22.23 27.50
N PHE A 157 14.33 -22.65 26.40
CA PHE A 157 12.87 -22.79 26.35
C PHE A 157 12.50 -24.20 25.90
N ASN A 158 11.42 -24.74 26.46
CA ASN A 158 10.91 -26.04 26.06
C ASN A 158 10.15 -25.93 24.75
N LEU A 159 10.02 -27.05 24.04
CA LEU A 159 9.22 -27.12 22.82
C LEU A 159 8.70 -28.54 22.57
N LEU A 160 7.46 -28.63 22.07
CA LEU A 160 6.75 -29.89 21.88
C LEU A 160 6.84 -30.36 20.43
N GLU A 161 7.38 -31.57 20.22
CA GLU A 161 7.52 -32.17 18.88
C GLU A 161 6.65 -33.42 18.74
N GLN A 162 6.26 -33.74 17.52
CA GLN A 162 5.49 -34.96 17.24
C GLN A 162 6.31 -35.99 16.47
N ASP A 163 5.91 -37.25 16.59
CA ASP A 163 6.41 -38.34 15.75
C ASP A 163 5.46 -38.51 14.56
N PRO A 164 5.78 -39.44 13.65
CA PRO A 164 4.76 -39.95 12.73
C PRO A 164 3.60 -40.69 13.47
N SER A 165 3.89 -41.28 14.63
CA SER A 165 2.89 -41.91 15.50
C SER A 165 1.76 -40.99 15.94
N GLY A 166 2.11 -39.74 16.26
CA GLY A 166 1.17 -38.76 16.83
C GLY A 166 1.47 -38.42 18.28
N ALA A 167 2.18 -39.30 18.99
CA ALA A 167 2.65 -39.03 20.34
C ALA A 167 3.72 -37.93 20.35
N THR A 168 3.88 -37.29 21.50
CA THR A 168 4.68 -36.08 21.65
C THR A 168 5.94 -36.27 22.50
N THR A 169 6.92 -35.38 22.30
CA THR A 169 8.23 -35.43 22.98
C THR A 169 8.64 -34.02 23.45
N LYS A 170 8.76 -33.82 24.77
CA LYS A 170 9.23 -32.53 25.33
C LYS A 170 10.75 -32.42 25.32
N SER A 171 11.27 -31.64 24.37
CA SER A 171 12.69 -31.30 24.29
C SER A 171 12.88 -29.86 24.81
N ALA A 172 14.09 -29.32 24.62
CA ALA A 172 14.37 -27.91 24.90
C ALA A 172 15.43 -27.36 23.95
N MET A 173 15.54 -26.03 23.94
CA MET A 173 16.40 -25.33 22.98
C MET A 173 17.00 -24.06 23.56
N LEU A 174 18.27 -23.82 23.26
CA LEU A 174 19.00 -22.61 23.69
C LEU A 174 18.80 -21.49 22.67
N THR A 175 18.77 -20.24 23.13
CA THR A 175 18.61 -19.09 22.22
C THR A 175 19.13 -17.74 22.79
N ASN A 176 19.22 -16.73 21.91
CA ASN A 176 19.66 -15.37 22.27
C ASN A 176 18.51 -14.37 22.33
N LEU A 177 17.63 -14.39 21.33
CA LEU A 177 16.52 -13.42 21.23
C LEU A 177 15.20 -14.09 20.88
N ILE A 178 14.11 -13.58 21.46
CA ILE A 178 12.74 -13.99 21.09
C ILE A 178 11.91 -12.71 20.88
N ILE A 179 11.46 -12.49 19.64
CA ILE A 179 10.70 -11.29 19.29
C ILE A 179 9.19 -11.57 19.34
N PHE A 180 8.48 -10.78 20.14
CA PHE A 180 7.02 -10.85 20.26
C PHE A 180 6.38 -9.62 19.63
N GLY A 181 5.06 -9.68 19.47
CA GLY A 181 4.27 -8.51 19.11
C GLY A 181 4.18 -7.55 20.29
N PRO A 182 3.59 -6.37 20.09
CA PRO A 182 3.54 -5.36 21.13
C PRO A 182 2.64 -5.74 22.29
N GLY A 183 2.93 -5.17 23.46
CA GLY A 183 2.05 -5.25 24.63
C GLY A 183 0.89 -4.27 24.46
N PRO A 184 0.29 -3.80 25.57
CA PRO A 184 -0.82 -2.85 25.51
C PRO A 184 -0.59 -1.62 24.63
N VAL A 185 0.53 -0.93 24.84
CA VAL A 185 0.89 0.26 24.08
C VAL A 185 1.60 -0.13 22.78
N LEU A 186 0.95 0.11 21.63
CA LEU A 186 1.48 -0.33 20.33
C LEU A 186 2.72 0.43 19.84
N ASN A 187 2.83 1.72 20.18
CA ASN A 187 3.94 2.56 19.69
C ASN A 187 5.14 2.73 20.67
N LYS A 188 5.24 1.89 21.69
CA LYS A 188 6.39 1.89 22.62
C LYS A 188 7.04 0.51 22.66
N ASN A 189 8.14 0.32 21.93
CA ASN A 189 8.82 -0.97 21.88
C ASN A 189 9.59 -1.21 23.20
N GLU A 190 9.89 -2.48 23.51
CA GLU A 190 10.52 -2.86 24.78
C GLU A 190 11.53 -4.01 24.57
N VAL A 191 12.63 -3.98 25.30
CA VAL A 191 13.57 -5.12 25.41
C VAL A 191 13.84 -5.38 26.88
N ARG A 192 13.76 -6.66 27.28
CA ARG A 192 13.93 -7.06 28.68
C ARG A 192 14.64 -8.40 28.78
N GLY A 193 15.60 -8.50 29.70
CA GLY A 193 16.21 -9.79 30.04
C GLY A 193 15.29 -10.57 30.96
N ILE A 194 15.45 -11.89 30.96
CA ILE A 194 14.67 -12.78 31.83
C ILE A 194 15.11 -12.56 33.27
N VAL A 195 14.13 -12.40 34.17
CA VAL A 195 14.39 -12.14 35.58
C VAL A 195 14.22 -13.43 36.40
N LEU A 196 15.14 -13.68 37.33
CA LEU A 196 15.08 -14.84 38.22
C LEU A 196 14.74 -14.42 39.66
N ARG A 197 13.97 -15.27 40.34
CA ARG A 197 13.56 -15.04 41.71
C ARG A 197 14.51 -15.81 42.65
N VAL A 198 15.34 -15.06 43.39
CA VAL A 198 16.39 -15.62 44.24
C VAL A 198 16.43 -14.89 45.58
N ASP A 199 16.20 -15.65 46.67
CA ASP A 199 16.09 -15.09 48.03
C ASP A 199 15.08 -13.92 48.09
N ASN A 200 13.91 -14.14 47.50
CA ASN A 200 12.85 -13.12 47.32
C ASN A 200 13.33 -11.76 46.78
N LYS A 201 14.23 -11.82 45.80
CA LYS A 201 14.75 -10.64 45.11
C LYS A 201 14.84 -10.91 43.61
N ASN A 202 14.68 -9.86 42.82
CA ASN A 202 14.85 -9.95 41.37
C ASN A 202 16.34 -9.99 41.03
N TYR A 203 16.77 -11.00 40.28
CA TYR A 203 18.15 -11.10 39.78
C TYR A 203 18.16 -11.13 38.25
N PHE A 204 19.01 -10.31 37.66
CA PHE A 204 19.13 -10.16 36.21
C PHE A 204 20.52 -10.64 35.75
N PRO A 205 20.61 -11.88 35.23
CA PRO A 205 21.85 -12.35 34.59
C PRO A 205 22.35 -11.45 33.46
N CYS A 206 21.46 -10.71 32.81
CA CYS A 206 21.84 -9.72 31.81
C CYS A 206 22.49 -8.43 32.39
N ARG A 207 22.68 -8.34 33.71
CA ARG A 207 23.30 -7.16 34.34
C ARG A 207 24.67 -7.37 35.02
N ASP A 208 25.10 -8.62 35.23
CA ASP A 208 26.45 -8.92 35.76
C ASP A 208 27.29 -9.87 34.91
N GLY A 209 27.20 -9.70 33.58
CA GLY A 209 28.16 -10.29 32.63
C GLY A 209 27.80 -11.58 31.90
N PHE A 210 26.90 -12.38 32.49
CA PHE A 210 26.59 -13.70 31.95
C PHE A 210 25.74 -13.60 30.69
N GLY A 211 24.68 -12.81 30.77
CA GLY A 211 23.71 -12.66 29.70
C GLY A 211 22.55 -13.58 29.90
N SER A 212 21.56 -13.45 29.02
CA SER A 212 20.35 -14.28 29.07
C SER A 212 19.56 -14.17 27.77
N ILE A 213 18.49 -14.96 27.69
CA ILE A 213 17.47 -14.78 26.66
C ILE A 213 16.94 -13.36 26.83
N MET A 214 16.89 -12.62 25.72
CA MET A 214 16.31 -11.29 25.69
C MET A 214 14.98 -11.38 24.96
N GLN A 215 13.95 -10.72 25.49
CA GLN A 215 12.61 -10.76 24.93
C GLN A 215 12.19 -9.36 24.48
N MET A 216 11.91 -9.21 23.18
CA MET A 216 11.47 -7.94 22.59
C MET A 216 9.96 -7.90 22.37
N ALA A 217 9.34 -6.76 22.63
CA ALA A 217 7.95 -6.52 22.28
C ALA A 217 7.93 -5.41 21.22
N PHE A 218 7.58 -5.76 19.98
CA PHE A 218 7.81 -4.88 18.82
C PHE A 218 6.58 -4.76 17.92
N CYS A 219 6.43 -3.60 17.30
CA CYS A 219 5.34 -3.36 16.35
C CYS A 219 5.79 -2.44 15.21
N PRO A 220 5.85 -2.95 13.97
CA PRO A 220 6.41 -2.17 12.87
C PRO A 220 5.48 -1.13 12.23
N GLU A 221 4.16 -1.33 12.29
CA GLU A 221 3.21 -0.44 11.60
C GLU A 221 3.07 0.96 12.23
N TYR A 222 3.09 1.05 13.55
CA TYR A 222 2.90 2.32 14.27
C TYR A 222 4.24 2.92 14.70
N VAL A 223 4.56 4.12 14.20
CA VAL A 223 5.88 4.73 14.39
C VAL A 223 5.82 6.19 14.89
N PRO A 224 6.88 6.64 15.58
CA PRO A 224 6.91 8.02 16.04
C PRO A 224 7.21 9.02 14.94
N THR A 225 6.81 10.27 15.19
CA THR A 225 7.07 11.40 14.29
C THR A 225 7.94 12.43 15.00
N PHE A 226 8.77 13.13 14.23
CA PHE A 226 9.63 14.19 14.76
C PHE A 226 9.71 15.32 13.73
N ASP A 227 10.50 16.37 14.01
CA ASP A 227 10.53 17.53 13.13
C ASP A 227 11.92 18.16 12.97
N ASN A 228 11.94 19.28 12.25
CA ASN A 228 13.13 19.82 11.61
C ASN A 228 13.55 21.17 12.23
N VAL A 229 12.83 21.60 13.27
CA VAL A 229 12.81 23.01 13.69
C VAL A 229 14.15 23.53 14.23
N ILE A 230 14.71 22.84 15.23
CA ILE A 230 15.94 23.29 15.90
C ILE A 230 17.21 23.21 15.02
N GLU A 231 17.24 22.30 14.05
CA GLU A 231 18.46 21.99 13.28
C GLU A 231 19.32 23.22 12.90
N ASN A 232 20.64 23.08 13.03
CA ASN A 232 21.60 24.12 12.64
C ASN A 232 21.57 24.36 11.14
N ILE A 233 21.61 23.26 10.38
CA ILE A 233 21.41 23.27 8.92
C ILE A 233 20.01 23.76 8.55
N THR A 234 19.92 24.50 7.45
CA THR A 234 18.64 25.05 6.98
C THR A 234 18.64 25.25 5.47
N SER A 235 17.65 24.65 4.80
CA SER A 235 17.34 24.93 3.40
C SER A 235 16.01 25.70 3.35
N LEU A 236 15.91 26.62 2.40
CA LEU A 236 14.74 27.50 2.27
C LEU A 236 13.69 26.97 1.28
N THR A 237 14.04 25.95 0.50
CA THR A 237 13.08 25.20 -0.32
C THR A 237 12.49 24.01 0.44
N ILE A 238 13.29 23.38 1.30
CA ILE A 238 12.82 22.31 2.20
C ILE A 238 11.95 22.91 3.29
N GLY A 239 12.46 23.97 3.93
CA GLY A 239 11.75 24.68 4.99
C GLY A 239 11.78 23.91 6.29
N LYS A 240 10.70 24.01 7.05
CA LYS A 240 10.49 23.22 8.27
C LYS A 240 9.29 22.30 8.07
N SER A 241 9.46 21.03 8.42
CA SER A 241 8.37 20.06 8.32
C SER A 241 8.59 18.88 9.26
N LYS A 242 7.53 18.09 9.44
CA LYS A 242 7.59 16.88 10.25
C LYS A 242 8.03 15.70 9.39
N TYR A 243 8.59 14.69 10.05
CA TYR A 243 9.02 13.44 9.41
C TYR A 243 8.52 12.26 10.26
N PHE A 244 8.38 11.10 9.64
CA PHE A 244 8.09 9.86 10.39
C PHE A 244 9.31 8.95 10.33
N GLN A 245 9.39 8.00 11.26
CA GLN A 245 10.57 7.15 11.39
C GLN A 245 10.44 5.81 10.65
N ASP A 246 11.60 5.33 10.18
CA ASP A 246 11.74 4.06 9.49
C ASP A 246 11.72 2.92 10.50
N PRO A 247 10.77 1.97 10.36
CA PRO A 247 10.70 0.81 11.26
C PRO A 247 11.99 0.02 11.42
N ALA A 248 12.78 -0.07 10.36
CA ALA A 248 14.05 -0.80 10.41
C ALA A 248 15.01 -0.18 11.41
N LEU A 249 15.02 1.15 11.50
CA LEU A 249 15.89 1.84 12.45
C LEU A 249 15.36 1.70 13.88
N LEU A 250 14.04 1.70 14.06
CA LEU A 250 13.42 1.36 15.34
C LEU A 250 13.79 -0.06 15.75
N LEU A 251 13.75 -1.00 14.80
CA LEU A 251 14.16 -2.38 15.08
C LEU A 251 15.62 -2.45 15.50
N MET A 252 16.50 -1.80 14.75
CA MET A 252 17.92 -1.75 15.08
C MET A 252 18.18 -1.13 16.46
N HIS A 253 17.43 -0.08 16.81
CA HIS A 253 17.52 0.55 18.13
C HIS A 253 17.35 -0.48 19.25
N GLU A 254 16.30 -1.31 19.14
CA GLU A 254 16.01 -2.34 20.13
C GLU A 254 17.03 -3.49 20.08
N LEU A 255 17.54 -3.80 18.88
CA LEU A 255 18.61 -4.79 18.74
C LEU A 255 19.92 -4.37 19.45
N ILE A 256 20.13 -3.07 19.63
CA ILE A 256 21.25 -2.56 20.44
C ILE A 256 21.04 -2.86 21.92
N HIS A 257 19.82 -2.68 22.43
CA HIS A 257 19.49 -3.08 23.80
C HIS A 257 19.71 -4.58 23.99
N VAL A 258 19.30 -5.39 23.00
CA VAL A 258 19.53 -6.84 23.02
C VAL A 258 21.03 -7.18 23.15
N LEU A 259 21.86 -6.45 22.39
CA LEU A 259 23.32 -6.65 22.39
C LEU A 259 23.94 -6.37 23.76
N HIS A 260 23.54 -5.28 24.41
CA HIS A 260 24.03 -4.93 25.74
C HIS A 260 23.66 -6.04 26.73
N GLY A 261 22.38 -6.41 26.72
CA GLY A 261 21.85 -7.48 27.57
C GLY A 261 22.55 -8.83 27.41
N LEU A 262 22.92 -9.18 26.18
CA LEU A 262 23.60 -10.47 25.91
C LEU A 262 25.03 -10.56 26.46
N TYR A 263 25.78 -9.46 26.38
CA TYR A 263 27.11 -9.36 27.01
C TYR A 263 27.01 -9.11 28.53
N GLY A 264 25.78 -8.96 29.03
CA GLY A 264 25.51 -8.83 30.45
C GLY A 264 25.86 -7.46 30.99
N MET A 265 25.74 -6.45 30.12
CA MET A 265 26.18 -5.08 30.44
C MET A 265 25.02 -4.11 30.49
N GLN A 266 23.80 -4.62 30.72
CA GLN A 266 22.61 -3.77 30.79
C GLN A 266 22.73 -2.83 31.99
N VAL A 267 22.75 -1.53 31.71
CA VAL A 267 22.88 -0.51 32.75
C VAL A 267 21.48 -0.22 33.33
N SER A 268 21.41 -0.12 34.66
CA SER A 268 20.15 0.17 35.36
C SER A 268 20.34 1.06 36.59
N SER A 269 21.24 2.03 36.48
CA SER A 269 21.61 2.91 37.58
C SER A 269 21.93 4.29 37.05
N HIS A 270 22.05 5.26 37.97
CA HIS A 270 22.39 6.64 37.61
C HIS A 270 21.40 7.22 36.59
N GLU A 271 20.11 7.09 36.89
CA GLU A 271 19.03 7.56 36.02
C GLU A 271 18.95 9.09 36.05
N ILE A 272 18.35 9.67 35.01
CA ILE A 272 18.06 11.11 34.97
C ILE A 272 16.55 11.29 35.23
N ILE A 273 16.22 11.64 36.46
CA ILE A 273 14.83 11.77 36.88
C ILE A 273 14.35 13.20 36.60
N PRO A 274 13.15 13.36 36.00
CA PRO A 274 12.61 14.71 35.82
C PRO A 274 12.02 15.29 37.10
N SER A 275 12.30 16.57 37.33
CA SER A 275 11.58 17.35 38.34
C SER A 275 10.17 17.65 37.80
N LYS A 276 9.16 17.63 38.67
CA LYS A 276 7.76 17.76 38.27
C LYS A 276 6.95 18.74 39.15
N GLN A 277 7.63 19.75 39.71
CA GLN A 277 7.01 20.66 40.68
C GLN A 277 6.09 21.68 40.00
N GLU A 278 6.62 22.34 38.96
CA GLU A 278 5.95 23.49 38.33
C GLU A 278 5.17 23.12 37.08
N ILE A 279 4.38 24.07 36.56
CA ILE A 279 3.52 23.87 35.38
C ILE A 279 4.35 23.52 34.15
N TYR A 280 5.37 24.35 33.93
CA TYR A 280 6.29 24.19 32.79
C TYR A 280 7.12 22.89 32.74
N MET A 281 7.20 22.18 33.85
CA MET A 281 7.99 20.94 33.92
C MET A 281 7.28 19.71 33.33
N GLN A 282 7.99 19.00 32.46
CA GLN A 282 7.46 17.85 31.73
C GLN A 282 7.40 16.61 32.63
N HIS A 283 6.31 15.84 32.52
CA HIS A 283 6.10 14.59 33.28
C HIS A 283 6.45 13.36 32.43
N THR A 284 7.66 12.85 32.60
CA THR A 284 8.11 11.62 31.92
C THR A 284 8.57 10.59 32.93
N TYR A 285 8.84 9.38 32.47
CA TYR A 285 9.55 8.38 33.25
C TYR A 285 11.01 8.80 33.40
N PRO A 286 11.73 8.22 34.37
CA PRO A 286 13.17 8.44 34.42
C PRO A 286 13.86 7.92 33.15
N ILE A 287 14.86 8.64 32.67
CA ILE A 287 15.58 8.27 31.46
C ILE A 287 16.81 7.47 31.84
N SER A 288 16.87 6.20 31.43
CA SER A 288 18.02 5.36 31.77
C SER A 288 19.27 5.79 31.00
N ALA A 289 20.43 5.49 31.56
CA ALA A 289 21.70 5.70 30.85
C ALA A 289 21.81 4.75 29.64
N GLU A 290 21.17 3.59 29.76
CA GLU A 290 20.98 2.62 28.67
C GLU A 290 20.39 3.29 27.42
N GLU A 291 19.27 3.98 27.58
CA GLU A 291 18.61 4.71 26.48
C GLU A 291 19.51 5.74 25.82
N LEU A 292 20.21 6.52 26.63
CA LEU A 292 21.04 7.61 26.14
C LEU A 292 22.27 7.14 25.36
N PHE A 293 22.91 6.08 25.84
CA PHE A 293 24.03 5.47 25.09
C PHE A 293 23.57 4.84 23.78
N THR A 294 22.39 4.24 23.77
CA THR A 294 21.82 3.62 22.57
C THR A 294 21.45 4.65 21.50
N PHE A 295 20.82 5.75 21.90
CA PHE A 295 20.48 6.82 20.97
C PHE A 295 21.76 7.49 20.44
N GLY A 296 22.65 7.83 21.37
CA GLY A 296 23.96 8.39 21.03
C GLY A 296 23.95 9.89 20.86
N GLY A 297 25.01 10.40 20.23
CA GLY A 297 25.17 11.83 20.02
C GLY A 297 25.57 12.56 21.30
N GLN A 298 25.28 13.85 21.33
CA GLN A 298 25.67 14.72 22.45
C GLN A 298 25.04 14.33 23.79
N ASP A 299 23.82 13.77 23.77
CA ASP A 299 23.09 13.50 25.01
C ASP A 299 23.59 12.27 25.79
N ALA A 300 24.52 11.52 25.23
CA ALA A 300 25.29 10.53 26.00
C ALA A 300 26.25 11.16 27.04
N ASN A 301 26.45 12.48 26.95
CA ASN A 301 27.21 13.25 27.94
C ASN A 301 26.35 13.78 29.12
N LEU A 302 25.07 13.42 29.18
CA LEU A 302 24.29 13.58 30.43
C LEU A 302 24.84 12.70 31.56
N ILE A 303 25.44 11.58 31.18
CA ILE A 303 26.18 10.74 32.10
C ILE A 303 27.60 11.29 32.17
N SER A 304 27.99 11.81 33.33
CA SER A 304 29.32 12.42 33.53
C SER A 304 30.42 11.36 33.51
N ILE A 305 31.64 11.79 33.19
CA ILE A 305 32.79 10.90 32.95
C ILE A 305 33.13 9.99 34.15
N ASP A 306 32.89 10.48 35.37
CA ASP A 306 33.10 9.65 36.58
C ASP A 306 32.12 8.46 36.66
N ILE A 307 30.87 8.67 36.27
CA ILE A 307 29.87 7.60 36.27
C ILE A 307 30.23 6.53 35.23
N LYS A 308 30.80 6.93 34.11
CA LYS A 308 31.28 5.98 33.10
C LYS A 308 32.40 5.06 33.61
N ASN A 309 33.29 5.60 34.45
CA ASN A 309 34.32 4.80 35.13
C ASN A 309 33.71 3.77 36.08
N ASP A 310 32.71 4.17 36.86
CA ASP A 310 31.99 3.25 37.76
C ASP A 310 31.43 2.05 36.98
N LEU A 311 30.73 2.34 35.88
CA LEU A 311 30.10 1.32 35.05
C LEU A 311 31.13 0.41 34.37
N TYR A 312 32.20 1.01 33.85
CA TYR A 312 33.35 0.26 33.28
C TYR A 312 33.98 -0.71 34.31
N GLU A 313 34.23 -0.22 35.53
CA GLU A 313 34.82 -1.04 36.61
C GLU A 313 33.89 -2.16 37.06
N LYS A 314 32.59 -1.86 37.17
CA LYS A 314 31.58 -2.88 37.52
C LYS A 314 31.66 -4.08 36.58
N THR A 315 31.61 -3.81 35.29
CA THR A 315 31.68 -4.86 34.26
C THR A 315 33.03 -5.58 34.25
N LEU A 316 34.12 -4.86 34.53
CA LEU A 316 35.47 -5.46 34.65
C LEU A 316 35.57 -6.48 35.79
N ASN A 317 34.92 -6.18 36.91
CA ASN A 317 34.84 -7.14 38.03
C ASN A 317 33.94 -8.33 37.70
N ASP A 318 32.80 -8.05 37.06
CA ASP A 318 31.84 -9.08 36.65
C ASP A 318 32.48 -10.11 35.71
N TYR A 319 33.30 -9.63 34.77
CA TYR A 319 34.02 -10.50 33.82
C TYR A 319 35.15 -11.29 34.51
N LYS A 320 35.88 -10.66 35.42
CA LYS A 320 36.92 -11.34 36.21
C LYS A 320 36.35 -12.50 37.02
N ALA A 321 35.17 -12.29 37.61
CA ALA A 321 34.44 -13.34 38.31
C ALA A 321 34.11 -14.52 37.38
N ILE A 322 33.69 -14.20 36.16
CA ILE A 322 33.37 -15.21 35.13
C ILE A 322 34.63 -15.96 34.66
N ALA A 323 35.76 -15.24 34.49
CA ALA A 323 37.03 -15.88 34.11
C ALA A 323 37.49 -16.90 35.16
N ASN A 324 37.30 -16.56 36.43
CA ASN A 324 37.53 -17.51 37.53
C ASN A 324 36.51 -18.65 37.47
N LYS A 325 35.23 -18.31 37.38
CA LYS A 325 34.13 -19.27 37.36
C LYS A 325 34.22 -20.29 36.22
N LEU A 326 34.60 -19.82 35.03
CA LEU A 326 34.74 -20.69 33.84
C LEU A 326 35.86 -21.72 33.99
N SER A 327 36.96 -21.30 34.63
CA SER A 327 38.12 -22.17 34.88
C SER A 327 37.75 -23.41 35.69
N GLN A 328 36.86 -23.26 36.67
CA GLN A 328 36.43 -24.37 37.53
C GLN A 328 35.51 -25.41 36.86
N VAL A 329 35.07 -25.17 35.63
CA VAL A 329 34.04 -26.02 34.98
C VAL A 329 34.61 -27.31 34.39
N THR A 330 34.11 -28.45 34.88
CA THR A 330 34.49 -29.78 34.36
C THR A 330 33.28 -30.72 34.11
N SER A 331 32.07 -30.16 34.08
CA SER A 331 30.83 -30.96 33.98
C SER A 331 29.68 -30.15 33.37
N CYS A 332 28.58 -30.84 33.06
CA CYS A 332 27.35 -30.22 32.57
C CYS A 332 26.15 -31.17 32.70
N ASN A 333 24.97 -30.62 33.03
CA ASN A 333 23.74 -31.44 33.12
C ASN A 333 23.36 -32.15 31.81
N ASP A 334 23.68 -31.55 30.66
CA ASP A 334 23.47 -32.17 29.35
C ASP A 334 24.65 -33.10 29.05
N PRO A 335 24.40 -34.43 28.88
CA PRO A 335 25.50 -35.33 28.53
C PRO A 335 26.14 -35.06 27.17
N ASN A 336 25.34 -34.58 26.21
CA ASN A 336 25.81 -34.33 24.84
C ASN A 336 26.64 -33.06 24.66
N ILE A 337 26.58 -32.13 25.62
CA ILE A 337 27.32 -30.87 25.51
C ILE A 337 28.82 -31.12 25.63
N ASP A 338 29.55 -30.81 24.56
CA ASP A 338 31.01 -30.86 24.55
C ASP A 338 31.52 -29.66 25.34
N ILE A 339 32.15 -29.93 26.49
CA ILE A 339 32.58 -28.90 27.44
C ILE A 339 33.63 -27.97 26.81
N ASP A 340 34.61 -28.56 26.13
CA ASP A 340 35.69 -27.80 25.49
C ASP A 340 35.25 -26.87 24.36
N SER A 341 34.16 -27.21 23.68
CA SER A 341 33.60 -26.35 22.61
C SER A 341 33.14 -25.01 23.18
N TYR A 342 32.30 -25.06 24.20
CA TYR A 342 31.77 -23.86 24.87
C TYR A 342 32.86 -23.01 25.52
N LYS A 343 33.86 -23.67 26.12
CA LYS A 343 34.99 -22.97 26.74
C LYS A 343 35.71 -22.03 25.76
N GLN A 344 36.04 -22.53 24.57
CA GLN A 344 36.68 -21.70 23.53
C GLN A 344 35.75 -20.62 22.98
N ILE A 345 34.44 -20.90 22.94
CA ILE A 345 33.44 -19.91 22.54
C ILE A 345 33.32 -18.77 23.56
N TYR A 346 33.32 -19.09 24.85
CA TYR A 346 33.29 -18.07 25.91
C TYR A 346 34.62 -17.32 26.05
N GLN A 347 35.74 -17.99 25.77
CA GLN A 347 37.04 -17.31 25.70
C GLN A 347 37.02 -16.26 24.58
N GLN A 348 36.43 -16.60 23.44
CA GLN A 348 36.25 -15.68 22.31
C GLN A 348 35.31 -14.52 22.67
N LYS A 349 34.12 -14.85 23.18
CA LYS A 349 33.11 -13.85 23.57
C LYS A 349 33.67 -12.81 24.53
N TYR A 350 34.27 -13.30 25.61
CA TYR A 350 34.74 -12.43 26.70
C TYR A 350 36.17 -11.86 26.50
N GLN A 351 36.86 -12.28 25.43
CA GLN A 351 38.24 -11.88 25.13
C GLN A 351 39.23 -12.23 26.25
N PHE A 352 39.06 -13.43 26.83
CA PHE A 352 39.95 -13.91 27.90
C PHE A 352 41.26 -14.45 27.33
N ASP A 353 42.34 -14.31 28.11
CA ASP A 353 43.62 -14.97 27.85
C ASP A 353 43.86 -16.09 28.87
N LYS A 354 44.93 -16.87 28.64
CA LYS A 354 45.35 -17.95 29.55
C LYS A 354 46.71 -17.65 30.16
N ASP A 355 46.86 -17.86 31.48
CA ASP A 355 48.18 -17.90 32.12
C ASP A 355 48.79 -19.30 31.94
N SER A 356 50.10 -19.43 32.16
CA SER A 356 50.84 -20.68 31.86
C SER A 356 50.37 -21.92 32.64
N ASN A 357 49.75 -21.71 33.80
CA ASN A 357 49.09 -22.78 34.57
C ASN A 357 47.88 -23.39 33.82
N GLY A 358 47.14 -22.56 33.07
CA GLY A 358 45.97 -23.00 32.29
C GLY A 358 44.62 -22.37 32.66
N GLN A 359 44.63 -21.42 33.60
CA GLN A 359 43.42 -20.72 34.05
C GLN A 359 43.08 -19.57 33.08
N TYR A 360 41.81 -19.20 33.03
CA TYR A 360 41.37 -18.02 32.25
C TYR A 360 41.59 -16.75 33.05
N ILE A 361 42.04 -15.69 32.37
CA ILE A 361 42.30 -14.39 32.99
C ILE A 361 41.90 -13.23 32.07
N VAL A 362 41.57 -12.10 32.69
CA VAL A 362 41.18 -10.89 31.98
C VAL A 362 42.41 -10.10 31.55
N ASN A 363 42.63 -10.02 30.23
CA ASN A 363 43.52 -9.02 29.62
C ASN A 363 42.75 -7.69 29.57
N GLU A 364 43.24 -6.68 30.29
CA GLU A 364 42.54 -5.39 30.44
C GLU A 364 42.61 -4.50 29.19
N ASP A 365 43.67 -4.65 28.38
CA ASP A 365 43.73 -3.97 27.08
C ASP A 365 42.63 -4.49 26.14
N LYS A 366 42.51 -5.81 26.06
CA LYS A 366 41.49 -6.46 25.23
C LYS A 366 40.07 -6.20 25.76
N PHE A 367 39.93 -6.01 27.08
CA PHE A 367 38.64 -5.67 27.72
C PHE A 367 38.15 -4.27 27.35
N GLN A 368 39.04 -3.28 27.41
CA GLN A 368 38.68 -1.90 27.06
C GLN A 368 38.12 -1.78 25.63
N ILE A 369 38.76 -2.47 24.69
CA ILE A 369 38.30 -2.50 23.29
C ILE A 369 36.94 -3.19 23.16
N LEU A 370 36.73 -4.28 23.90
CA LEU A 370 35.42 -4.96 23.89
C LEU A 370 34.33 -4.11 24.57
N TYR A 371 34.65 -3.46 25.69
CA TYR A 371 33.65 -2.69 26.44
C TYR A 371 33.14 -1.48 25.66
N ASN A 372 34.05 -0.75 25.03
CA ASN A 372 33.68 0.41 24.23
C ASN A 372 32.89 0.06 22.95
N SER A 373 33.23 -1.06 22.31
CA SER A 373 32.49 -1.58 21.15
C SER A 373 31.00 -1.79 21.42
N ILE A 374 30.68 -2.35 22.59
CA ILE A 374 29.32 -2.72 22.94
C ILE A 374 28.49 -1.51 23.40
N MET A 375 29.03 -0.71 24.32
CA MET A 375 28.29 0.44 24.89
C MET A 375 28.27 1.68 24.00
N TYR A 376 29.34 1.92 23.24
CA TYR A 376 29.49 3.17 22.46
C TYR A 376 29.72 3.02 20.94
N GLY A 377 29.57 1.79 20.42
CA GLY A 377 29.81 1.50 19.00
C GLY A 377 28.60 1.75 18.13
N PHE A 378 27.61 0.86 18.26
CA PHE A 378 26.34 1.01 17.56
C PHE A 378 25.46 2.00 18.31
N THR A 379 25.04 3.06 17.62
CA THR A 379 24.00 3.97 18.13
C THR A 379 22.97 4.29 17.04
N GLU A 380 21.77 4.73 17.44
CA GLU A 380 20.69 5.06 16.48
C GLU A 380 21.18 6.09 15.46
N ILE A 381 21.76 7.17 15.95
CA ILE A 381 22.28 8.25 15.10
C ILE A 381 23.29 7.74 14.06
N GLU A 382 24.30 7.00 14.53
CA GLU A 382 25.37 6.53 13.63
C GLU A 382 24.88 5.50 12.59
N LEU A 383 23.95 4.64 13.00
CA LEU A 383 23.29 3.72 12.06
C LEU A 383 22.45 4.50 11.05
N GLY A 384 21.70 5.49 11.52
CA GLY A 384 20.94 6.39 10.66
C GLY A 384 21.72 6.94 9.48
N LYS A 385 22.96 7.39 9.74
CA LYS A 385 23.84 7.92 8.69
C LYS A 385 24.22 6.86 7.65
N LYS A 386 24.63 5.69 8.12
CA LYS A 386 25.00 4.58 7.24
C LYS A 386 23.84 4.07 6.36
N PHE A 387 22.61 4.14 6.88
CA PHE A 387 21.41 3.69 6.16
C PHE A 387 20.68 4.79 5.35
N ASN A 388 21.21 6.01 5.37
CA ASN A 388 20.55 7.19 4.79
C ASN A 388 19.12 7.40 5.33
N ILE A 389 18.94 7.15 6.63
CA ILE A 389 17.67 7.39 7.33
C ILE A 389 17.81 8.64 8.19
N LYS A 390 16.80 9.52 8.13
CA LYS A 390 16.78 10.73 8.94
C LYS A 390 16.44 10.43 10.39
N THR A 391 17.20 11.03 11.31
CA THR A 391 16.99 10.89 12.75
C THR A 391 16.81 12.25 13.41
N ALA A 392 16.25 12.24 14.61
CA ALA A 392 16.24 13.42 15.48
C ALA A 392 17.67 13.74 15.90
N LEU A 393 17.91 15.00 16.24
CA LEU A 393 19.26 15.45 16.61
C LEU A 393 19.53 15.27 18.12
N SER A 394 18.51 15.48 18.95
CA SER A 394 18.59 15.31 20.40
C SER A 394 17.59 14.27 20.90
N PHE A 395 17.82 13.78 22.12
CA PHE A 395 16.88 12.88 22.81
C PHE A 395 15.65 13.63 23.30
N PHE A 396 15.79 14.93 23.55
CA PHE A 396 14.71 15.80 24.01
C PHE A 396 13.96 16.50 22.89
N SER A 397 14.31 16.20 21.62
CA SER A 397 13.60 16.73 20.45
C SER A 397 12.13 16.37 20.53
N MET A 398 11.29 17.25 20.00
CA MET A 398 9.86 17.12 20.19
C MET A 398 9.26 15.98 19.35
N ASN A 399 8.49 15.13 20.01
CA ASN A 399 7.67 14.10 19.36
C ASN A 399 6.28 14.68 19.11
N HIS A 400 5.64 14.23 18.03
CA HIS A 400 4.27 14.58 17.72
C HIS A 400 3.45 13.29 17.77
N ASP A 401 2.21 13.31 17.28
CA ASP A 401 1.40 12.09 17.22
C ASP A 401 2.06 11.03 16.32
N PRO A 402 2.03 9.75 16.75
CA PRO A 402 2.51 8.68 15.88
C PRO A 402 1.57 8.48 14.70
N VAL A 403 2.08 7.84 13.65
CA VAL A 403 1.32 7.58 12.42
C VAL A 403 1.30 6.10 12.14
N LYS A 404 0.44 5.70 11.21
CA LYS A 404 0.35 4.31 10.75
C LYS A 404 0.98 4.18 9.37
N ILE A 405 1.70 3.07 9.15
CA ILE A 405 2.32 2.75 7.86
C ILE A 405 1.72 1.41 7.42
N PRO A 406 0.55 1.45 6.74
CA PRO A 406 -0.18 0.21 6.42
C PRO A 406 0.22 -0.49 5.12
N ASN A 407 1.28 -0.03 4.44
CA ASN A 407 1.72 -0.63 3.18
C ASN A 407 3.24 -0.84 3.13
N LEU A 408 3.80 -1.44 4.19
CA LEU A 408 5.22 -1.79 4.23
C LEU A 408 5.56 -2.92 3.26
N LEU A 409 4.58 -3.77 2.97
CA LEU A 409 4.77 -4.89 2.04
C LEU A 409 4.56 -4.54 0.55
N ASP A 410 4.34 -3.26 0.24
CA ASP A 410 4.34 -2.76 -1.12
C ASP A 410 5.73 -2.22 -1.42
N ASP A 411 6.42 -2.79 -2.41
CA ASP A 411 7.78 -2.34 -2.79
C ASP A 411 7.81 -0.95 -3.43
N THR A 412 6.66 -0.41 -3.81
CA THR A 412 6.58 0.95 -4.33
C THR A 412 6.53 2.01 -3.21
N ILE A 413 6.27 1.57 -1.98
CA ILE A 413 6.31 2.41 -0.77
C ILE A 413 7.59 2.20 0.06
N TYR A 414 7.96 0.94 0.26
CA TYR A 414 9.08 0.59 1.15
C TYR A 414 9.80 -0.66 0.63
N ASN A 415 11.06 -0.51 0.21
CA ASN A 415 11.84 -1.67 -0.29
C ASN A 415 12.98 -2.02 0.66
N ASP A 416 13.59 -3.19 0.43
CA ASP A 416 14.60 -3.72 1.35
C ASP A 416 16.05 -3.24 1.10
N THR A 417 16.23 -2.22 0.27
CA THR A 417 17.55 -1.58 0.10
C THR A 417 17.59 -0.07 0.33
N GLU A 418 16.48 0.63 0.20
CA GLU A 418 16.42 2.07 0.50
C GLU A 418 15.28 2.51 1.45
N GLY A 419 14.43 1.58 1.88
CA GLY A 419 13.28 1.91 2.73
C GLY A 419 12.29 2.80 2.01
N PHE A 420 11.82 3.86 2.68
CA PHE A 420 10.96 4.87 2.05
C PHE A 420 11.72 5.76 1.06
N ASN A 421 13.02 5.96 1.29
CA ASN A 421 13.80 6.98 0.58
C ASN A 421 14.39 6.42 -0.72
N ILE A 422 13.50 6.10 -1.66
CA ILE A 422 13.86 5.40 -2.90
C ILE A 422 14.31 6.42 -3.96
N GLU A 423 15.46 6.17 -4.60
CA GLU A 423 16.08 7.15 -5.50
C GLU A 423 15.32 7.31 -6.82
N SER A 424 14.85 6.21 -7.38
CA SER A 424 14.11 6.23 -8.65
C SER A 424 12.79 7.02 -8.61
N LYS A 425 12.21 7.19 -7.43
CA LYS A 425 11.04 8.06 -7.23
C LYS A 425 11.38 9.49 -6.75
N ASP A 426 12.65 9.87 -6.83
CA ASP A 426 13.18 11.15 -6.33
C ASP A 426 12.83 11.42 -4.85
N LEU A 427 12.94 10.39 -4.02
CA LEU A 427 12.64 10.46 -2.59
C LEU A 427 13.85 10.19 -1.67
N LYS A 428 15.02 9.90 -2.25
CA LYS A 428 16.27 9.82 -1.48
C LYS A 428 16.78 11.20 -1.08
N SER A 429 16.72 12.15 -2.03
CA SER A 429 17.17 13.52 -1.80
C SER A 429 16.43 14.14 -0.60
N GLU A 430 17.20 14.78 0.28
CA GLU A 430 16.67 15.55 1.42
C GLU A 430 15.75 14.72 2.33
N TYR A 431 15.97 13.41 2.36
CA TYR A 431 15.12 12.43 3.07
C TYR A 431 13.61 12.59 2.82
N LYS A 432 13.23 12.92 1.58
CA LYS A 432 11.84 13.24 1.23
C LYS A 432 10.83 12.09 1.40
N GLY A 433 11.30 10.85 1.36
CA GLY A 433 10.45 9.68 1.60
C GLY A 433 9.88 9.61 3.02
N GLN A 434 10.56 10.23 3.97
CA GLN A 434 10.08 10.36 5.36
C GLN A 434 9.30 11.65 5.62
N ASN A 435 9.44 12.64 4.73
CA ASN A 435 8.75 13.94 4.83
C ASN A 435 7.22 13.81 4.71
N MET A 436 6.49 14.22 5.74
CA MET A 436 5.02 14.09 5.78
C MET A 436 4.27 15.04 4.83
N ARG A 437 4.92 16.11 4.36
CA ARG A 437 4.32 17.00 3.37
C ARG A 437 4.48 16.50 1.93
N VAL A 438 5.55 15.75 1.66
CA VAL A 438 5.82 15.23 0.34
C VAL A 438 5.20 13.86 0.13
N ASN A 439 5.56 12.90 0.98
CA ASN A 439 5.23 11.48 0.77
C ASN A 439 3.93 11.06 1.46
N THR A 440 2.81 11.62 1.00
CA THR A 440 1.49 11.44 1.63
C THR A 440 0.84 10.08 1.36
N ASN A 441 1.34 9.33 0.37
CA ASN A 441 0.89 7.94 0.16
C ASN A 441 1.38 7.01 1.27
N ALA A 442 2.56 7.29 1.83
CA ALA A 442 3.25 6.32 2.68
C ALA A 442 2.72 6.20 4.12
N PHE A 443 1.88 7.14 4.57
CA PHE A 443 1.32 7.11 5.92
C PHE A 443 -0.16 7.42 5.98
N ARG A 444 -0.77 7.08 7.11
CA ARG A 444 -2.14 7.46 7.46
C ARG A 444 -2.18 7.93 8.90
N ASN A 445 -3.09 8.88 9.19
CA ASN A 445 -3.27 9.36 10.56
C ASN A 445 -3.93 8.28 11.41
N VAL A 446 -3.50 8.21 12.67
CA VAL A 446 -3.95 7.19 13.61
C VAL A 446 -5.39 7.50 14.03
N ASP A 447 -6.16 6.43 14.29
CA ASP A 447 -7.57 6.56 14.67
C ASP A 447 -7.69 7.20 16.07
N GLY A 448 -8.66 8.10 16.22
CA GLY A 448 -8.82 8.90 17.45
C GLY A 448 -9.16 8.15 18.73
N SER A 449 -9.89 7.04 18.61
CA SER A 449 -10.35 6.24 19.76
C SER A 449 -9.23 5.71 20.65
N GLY A 450 -8.17 5.21 20.02
CA GLY A 450 -7.07 4.55 20.72
C GLY A 450 -5.93 5.43 21.19
N LEU A 451 -5.84 6.67 20.69
CA LEU A 451 -4.74 7.56 21.06
C LEU A 451 -5.10 8.30 22.35
N VAL A 452 -4.14 8.37 23.28
CA VAL A 452 -4.33 8.95 24.62
C VAL A 452 -3.08 9.75 24.99
N SER A 453 -3.27 10.89 25.66
CA SER A 453 -2.15 11.77 26.08
C SER A 453 -2.31 12.32 27.49
N LYS A 454 -1.18 12.68 28.11
CA LYS A 454 -1.16 13.44 29.37
C LYS A 454 -1.43 14.91 29.04
N LEU A 455 -2.55 15.43 29.53
CA LEU A 455 -2.84 16.87 29.48
C LEU A 455 -2.90 17.42 30.91
N ILE A 456 -2.31 18.59 31.13
CA ILE A 456 -2.46 19.33 32.39
C ILE A 456 -3.31 20.59 32.16
N GLY A 457 -4.21 20.86 33.10
CA GLY A 457 -5.04 22.06 33.07
C GLY A 457 -4.32 23.26 33.67
N LEU A 458 -4.64 24.45 33.18
CA LEU A 458 -4.13 25.70 33.73
C LEU A 458 -5.25 26.73 33.76
N CYS A 459 -5.80 26.97 34.96
CA CYS A 459 -6.92 27.89 35.17
C CYS A 459 -6.48 29.24 35.75
N LYS A 460 -7.04 30.33 35.23
CA LYS A 460 -6.70 31.71 35.62
C LYS A 460 -7.94 32.46 36.09
N LYS A 461 -7.79 33.24 37.16
CA LYS A 461 -8.88 34.07 37.67
C LYS A 461 -9.10 35.28 36.74
N ILE A 462 -10.32 35.42 36.25
CA ILE A 462 -10.72 36.49 35.33
C ILE A 462 -11.98 37.20 35.87
N ILE A 463 -12.06 38.50 35.64
CA ILE A 463 -13.22 39.31 36.06
C ILE A 463 -14.32 39.17 34.99
N PRO A 464 -15.58 38.86 35.40
CA PRO A 464 -16.73 38.84 34.47
C PRO A 464 -16.99 40.17 33.71
N PRO A 465 -17.75 40.12 32.59
CA PRO A 465 -17.90 41.29 31.71
C PRO A 465 -18.84 42.38 32.27
N GLY A 483 -17.30 31.54 33.66
CA GLY A 483 -17.65 32.78 34.34
C GLY A 483 -16.53 33.29 35.23
N GLY A 484 -16.29 32.56 36.33
CA GLY A 484 -15.24 32.91 37.29
C GLY A 484 -13.81 32.73 36.80
N GLU A 485 -13.59 31.78 35.89
CA GLU A 485 -12.24 31.45 35.40
C GLU A 485 -12.19 31.16 33.90
N LEU A 486 -10.96 31.15 33.37
CA LEU A 486 -10.65 30.66 32.02
C LEU A 486 -9.63 29.54 32.15
N CYS A 487 -9.94 28.36 31.60
CA CYS A 487 -9.06 27.19 31.69
C CYS A 487 -8.65 26.67 30.31
N ILE A 488 -7.34 26.43 30.13
CA ILE A 488 -6.79 25.83 28.92
C ILE A 488 -6.13 24.48 29.27
N LYS A 489 -5.98 23.64 28.26
CA LYS A 489 -5.27 22.36 28.39
C LYS A 489 -3.94 22.47 27.65
N ILE A 490 -2.85 22.10 28.33
CA ILE A 490 -1.52 22.07 27.74
C ILE A 490 -1.11 20.60 27.58
N LYS A 491 -0.45 20.28 26.46
CA LYS A 491 0.06 18.93 26.20
C LYS A 491 1.39 18.72 26.89
N ASN A 492 1.61 17.52 27.41
CA ASN A 492 2.87 17.16 28.08
C ASN A 492 4.08 17.30 27.15
N GLU A 493 3.87 17.02 25.86
CA GLU A 493 4.91 17.17 24.84
C GLU A 493 5.38 18.61 24.63
N ASP A 494 4.52 19.59 24.96
CA ASP A 494 4.88 21.03 24.87
C ASP A 494 5.60 21.58 26.12
N LEU A 495 5.64 20.81 27.20
CA LEU A 495 6.33 21.21 28.43
C LEU A 495 7.85 20.93 28.34
N THR A 496 8.62 21.51 29.28
CA THR A 496 10.09 21.43 29.28
C THR A 496 10.62 20.43 30.30
N PHE A 497 11.67 19.70 29.93
CA PHE A 497 12.33 18.72 30.83
C PHE A 497 13.39 19.41 31.68
N ILE A 498 13.21 19.39 33.00
CA ILE A 498 14.17 19.95 33.95
C ILE A 498 14.67 18.82 34.86
N ALA A 499 15.97 18.56 34.85
CA ALA A 499 16.54 17.43 35.60
C ALA A 499 16.62 17.72 37.11
N GLU A 500 16.39 16.66 37.90
CA GLU A 500 16.64 16.68 39.35
C GLU A 500 18.13 16.86 39.64
N LYS A 501 18.42 17.51 40.77
CA LYS A 501 19.80 17.77 41.20
C LYS A 501 20.42 16.47 41.71
N ASN A 502 19.62 15.67 42.42
CA ASN A 502 20.02 14.33 42.91
C ASN A 502 20.46 13.35 41.81
N SER A 503 20.01 13.58 40.58
CA SER A 503 20.40 12.73 39.45
C SER A 503 21.86 12.85 38.98
N PHE A 504 22.61 13.84 39.47
CA PHE A 504 24.00 14.07 39.05
C PHE A 504 24.98 13.76 40.18
N SER A 505 26.17 13.28 39.80
CA SER A 505 27.16 12.79 40.75
C SER A 505 27.82 13.94 41.54
N GLU A 506 28.32 13.60 42.73
CA GLU A 506 29.18 14.49 43.52
C GLU A 506 30.47 13.78 43.98
N GLU A 507 30.84 12.72 43.27
CA GLU A 507 32.02 11.92 43.57
C GLU A 507 33.35 12.66 43.30
N PRO A 508 33.38 13.57 42.30
CA PRO A 508 34.58 14.39 42.10
C PRO A 508 34.95 15.40 43.21
N PHE A 509 34.05 15.63 44.17
CA PHE A 509 34.30 16.54 45.30
C PHE A 509 34.92 15.86 46.53
N GLN A 510 34.76 14.54 46.65
CA GLN A 510 35.19 13.82 47.85
C GLN A 510 36.71 13.64 47.89
N ASP A 511 37.21 13.04 48.98
CA ASP A 511 38.66 12.80 49.15
C ASP A 511 39.16 11.75 48.16
N GLU A 512 40.40 11.95 47.68
CA GLU A 512 41.05 11.04 46.72
C GLU A 512 42.51 10.81 47.13
N ILE A 513 42.87 9.55 47.35
CA ILE A 513 44.17 9.17 47.89
C ILE A 513 45.12 8.72 46.77
N VAL A 514 46.15 9.52 46.51
CA VAL A 514 47.20 9.16 45.56
C VAL A 514 48.17 8.20 46.24
N SER A 515 48.77 7.32 45.44
CA SER A 515 49.73 6.33 45.94
C SER A 515 50.74 5.99 44.84
N TYR A 516 51.59 5.00 45.09
CA TYR A 516 52.46 4.44 44.06
C TYR A 516 51.65 3.65 43.03
N ASN A 517 50.81 2.74 43.53
CA ASN A 517 50.12 1.74 42.71
C ASN A 517 48.74 2.15 42.16
N THR A 518 48.29 3.38 42.42
CA THR A 518 47.03 3.88 41.86
C THR A 518 47.20 4.17 40.37
N LYS A 519 46.17 3.83 39.58
CA LYS A 519 46.23 3.83 38.11
C LYS A 519 45.61 5.07 37.48
N ASN A 520 45.88 5.26 36.19
CA ASN A 520 45.26 6.31 35.39
C ASN A 520 43.89 5.85 34.91
N LYS A 521 42.87 6.69 35.11
CA LYS A 521 41.54 6.46 34.55
C LYS A 521 41.48 6.98 33.11
N PRO A 522 40.74 6.28 32.22
CA PRO A 522 40.49 6.85 30.89
C PRO A 522 39.44 7.97 30.96
N LEU A 523 39.60 8.97 30.11
CA LEU A 523 38.65 10.08 30.00
C LEU A 523 37.85 10.05 28.68
N ASN A 524 38.06 9.01 27.87
CA ASN A 524 37.40 8.84 26.58
C ASN A 524 36.70 7.47 26.52
N PHE A 525 35.38 7.50 26.54
CA PHE A 525 34.55 6.32 26.32
C PHE A 525 33.80 6.52 25.01
N ASN A 526 34.34 5.92 23.95
CA ASN A 526 33.76 6.01 22.60
C ASN A 526 34.34 4.93 21.70
N TYR A 527 33.66 4.65 20.59
CA TYR A 527 34.15 3.69 19.62
C TYR A 527 33.51 3.93 18.24
N SER A 528 34.30 3.76 17.20
CA SER A 528 33.91 4.06 15.84
C SER A 528 33.11 2.90 15.21
N LEU A 529 31.98 3.22 14.61
CA LEU A 529 31.22 2.25 13.82
C LEU A 529 32.02 1.78 12.59
N ASP A 530 32.80 2.70 12.00
CA ASP A 530 33.70 2.35 10.88
C ASP A 530 34.76 1.30 11.27
N LYS A 531 35.32 1.45 12.48
CA LYS A 531 36.24 0.47 13.03
C LYS A 531 35.55 -0.89 13.23
N ILE A 532 34.33 -0.88 13.75
CA ILE A 532 33.54 -2.09 13.97
C ILE A 532 33.31 -2.85 12.66
N ILE A 533 33.05 -2.10 11.59
CA ILE A 533 32.92 -2.66 10.25
C ILE A 533 34.26 -3.28 9.79
N VAL A 534 35.36 -2.55 10.00
CA VAL A 534 36.71 -3.05 9.66
C VAL A 534 37.03 -4.33 10.43
N ASP A 535 36.69 -4.35 11.72
CA ASP A 535 36.87 -5.54 12.56
C ASP A 535 36.01 -6.70 12.06
N TYR A 536 34.75 -6.43 11.73
CA TYR A 536 33.83 -7.46 11.22
C TYR A 536 34.32 -8.10 9.92
N ASN A 537 34.88 -7.28 9.03
CA ASN A 537 35.40 -7.76 7.74
C ASN A 537 36.62 -8.67 7.87
N LEU A 538 37.43 -8.47 8.91
CA LEU A 538 38.64 -9.28 9.12
C LEU A 538 38.41 -10.58 9.88
N GLN A 539 37.54 -10.56 10.90
CA GLN A 539 37.36 -11.70 11.82
C GLN A 539 36.93 -13.00 11.11
N SER A 540 37.58 -14.10 11.46
CA SER A 540 37.31 -15.40 10.85
C SER A 540 36.07 -16.03 11.49
N LYS A 541 35.30 -16.74 10.66
CA LYS A 541 34.04 -17.37 11.08
C LYS A 541 34.22 -18.32 12.26
N ILE A 542 33.26 -18.31 13.19
CA ILE A 542 33.26 -19.23 14.34
C ILE A 542 31.89 -19.87 14.46
N THR A 543 31.85 -21.18 14.18
CA THR A 543 30.60 -21.93 14.20
C THR A 543 30.19 -22.22 15.65
N LEU A 544 28.89 -22.10 15.90
CA LEU A 544 28.31 -22.34 17.22
C LEU A 544 27.93 -23.80 17.33
N PRO A 545 27.71 -24.31 18.57
CA PRO A 545 27.29 -25.69 18.73
C PRO A 545 25.80 -25.83 18.54
N ASN A 546 25.34 -27.08 18.45
CA ASN A 546 23.93 -27.38 18.30
C ASN A 546 23.17 -26.79 19.48
N ASP A 547 22.03 -26.17 19.21
CA ASP A 547 21.29 -25.44 20.25
C ASP A 547 20.20 -26.26 20.95
N ARG A 548 20.05 -27.54 20.59
CA ARG A 548 19.14 -28.43 21.32
C ARG A 548 19.79 -28.92 22.61
N THR A 549 19.00 -28.94 23.69
CA THR A 549 19.47 -29.39 25.00
C THR A 549 18.38 -30.13 25.76
N THR A 550 18.77 -30.70 26.90
CA THR A 550 17.86 -31.34 27.84
C THR A 550 16.73 -30.41 28.30
N PRO A 551 15.53 -30.97 28.61
CA PRO A 551 14.38 -30.18 29.11
C PRO A 551 14.63 -29.21 30.27
N VAL A 552 13.69 -28.28 30.45
CA VAL A 552 13.75 -27.30 31.53
C VAL A 552 12.70 -27.66 32.58
N THR A 553 13.17 -28.15 33.72
CA THR A 553 12.33 -28.57 34.84
C THR A 553 12.48 -27.71 36.10
N LYS A 554 13.68 -27.16 36.33
CA LYS A 554 13.96 -26.36 37.52
C LYS A 554 13.41 -24.93 37.43
N GLY A 555 13.34 -24.28 38.59
CA GLY A 555 12.88 -22.90 38.70
C GLY A 555 11.37 -22.79 38.73
N ILE A 556 10.89 -21.58 39.01
CA ILE A 556 9.48 -21.24 38.91
C ILE A 556 9.41 -19.97 38.03
N PRO A 557 8.45 -19.93 37.08
CA PRO A 557 8.34 -18.72 36.27
C PRO A 557 7.67 -17.60 37.06
N TYR A 558 8.34 -16.45 37.16
CA TYR A 558 7.72 -15.25 37.69
C TYR A 558 7.85 -14.13 36.67
N ALA A 559 6.78 -13.88 35.93
CA ALA A 559 6.70 -12.76 34.99
C ALA A 559 6.51 -11.45 35.77
N PRO A 560 7.38 -10.44 35.53
CA PRO A 560 7.17 -9.11 36.12
C PRO A 560 5.80 -8.54 35.78
N GLU A 561 5.12 -7.99 36.78
CA GLU A 561 3.78 -7.44 36.60
C GLU A 561 3.83 -6.17 35.76
N TYR A 562 2.82 -5.97 34.92
CA TYR A 562 2.75 -4.83 34.00
C TYR A 562 2.50 -3.53 34.76
N LYS A 563 3.45 -2.62 34.67
CA LYS A 563 3.34 -1.30 35.30
C LYS A 563 2.43 -0.41 34.45
N SER A 564 1.18 -0.26 34.88
CA SER A 564 0.16 0.47 34.12
C SER A 564 0.43 1.98 34.10
N ASN A 565 0.25 2.59 32.93
CA ASN A 565 0.33 4.04 32.75
C ASN A 565 -1.07 4.68 32.66
N ALA A 566 -2.11 3.93 33.01
CA ALA A 566 -3.49 4.43 32.94
C ALA A 566 -3.76 5.45 34.05
N ALA A 567 -4.74 6.31 33.80
CA ALA A 567 -5.15 7.36 34.74
C ALA A 567 -6.61 7.73 34.52
N SER A 568 -7.25 8.26 35.56
CA SER A 568 -8.67 8.65 35.51
C SER A 568 -8.92 10.17 35.57
N THR A 569 -7.93 10.96 36.02
CA THR A 569 -8.10 12.41 36.20
C THR A 569 -6.92 13.23 35.66
N ILE A 570 -7.14 14.54 35.57
CA ILE A 570 -6.15 15.51 35.09
C ILE A 570 -5.64 16.34 36.27
N GLU A 571 -4.35 16.72 36.23
CA GLU A 571 -3.77 17.69 37.16
C GLU A 571 -4.16 19.11 36.75
N ILE A 572 -4.90 19.81 37.60
CA ILE A 572 -5.25 21.22 37.36
C ILE A 572 -4.33 22.12 38.21
N HIS A 573 -3.70 23.10 37.55
CA HIS A 573 -2.92 24.15 38.21
C HIS A 573 -3.74 25.46 38.23
N ASN A 574 -3.56 26.26 39.28
CA ASN A 574 -4.22 27.57 39.42
C ASN A 574 -3.19 28.69 39.66
N ILE A 575 -3.01 29.55 38.65
CA ILE A 575 -2.17 30.74 38.75
C ILE A 575 -2.95 31.95 38.21
N ASP A 576 -2.81 33.09 38.90
CA ASP A 576 -3.56 34.30 38.59
C ASP A 576 -2.95 35.13 37.45
N ASP A 577 -1.61 35.10 37.33
CA ASP A 577 -0.90 35.78 36.24
C ASP A 577 -0.91 34.96 34.94
N ASN A 578 -0.84 35.66 33.81
CA ASN A 578 -0.67 34.99 32.50
C ASN A 578 0.76 34.48 32.37
N THR A 579 0.90 33.18 32.12
CA THR A 579 2.18 32.58 31.76
C THR A 579 2.31 32.52 30.23
N ILE A 580 3.46 32.06 29.74
CA ILE A 580 3.70 31.78 28.31
C ILE A 580 2.59 30.96 27.61
N TYR A 581 1.98 30.02 28.34
CA TYR A 581 0.99 29.12 27.76
C TYR A 581 -0.33 29.84 27.41
N GLN A 582 -0.71 30.86 28.19
CA GLN A 582 -1.81 31.75 27.81
C GLN A 582 -1.43 32.64 26.62
N TYR A 583 -0.20 33.13 26.59
CA TYR A 583 0.31 33.98 25.49
C TYR A 583 0.35 33.30 24.11
N LEU A 584 0.55 31.98 24.08
CA LEU A 584 0.49 31.20 22.83
C LEU A 584 -0.95 30.88 22.46
N TYR A 585 -1.75 30.46 23.44
CA TYR A 585 -3.20 30.19 23.23
C TYR A 585 -4.00 31.40 22.72
N ALA A 586 -3.57 32.60 23.12
CA ALA A 586 -4.16 33.86 22.65
C ALA A 586 -3.97 34.10 21.14
N GLN A 587 -2.88 33.57 20.60
CA GLN A 587 -2.55 33.72 19.17
C GLN A 587 -3.33 32.76 18.24
N LYS A 588 -4.12 31.85 18.80
CA LYS A 588 -4.89 30.87 18.00
C LYS A 588 -6.01 31.53 17.19
N SER A 589 -6.16 31.10 15.94
CA SER A 589 -7.30 31.48 15.08
C SER A 589 -8.45 30.50 15.28
N PRO A 590 -9.68 30.90 14.90
CA PRO A 590 -10.80 29.95 14.90
C PRO A 590 -10.90 29.20 13.57
N THR A 591 -11.48 27.99 13.61
CA THR A 591 -11.72 27.18 12.41
C THR A 591 -13.11 27.49 11.87
N THR A 592 -13.21 28.65 11.23
CA THR A 592 -14.47 29.13 10.63
C THR A 592 -14.16 30.27 9.64
N LEU A 593 -14.93 30.35 8.56
CA LEU A 593 -14.68 31.30 7.48
C LEU A 593 -15.23 32.70 7.85
N GLN A 594 -14.54 33.37 8.77
CA GLN A 594 -15.03 34.57 9.45
C GLN A 594 -13.98 35.68 9.47
N ARG A 595 -14.44 36.93 9.57
CA ARG A 595 -13.56 38.09 9.72
C ARG A 595 -12.83 38.06 11.06
N ILE A 596 -11.53 38.40 11.03
CA ILE A 596 -10.65 38.37 12.20
C ILE A 596 -9.96 39.74 12.32
N THR A 597 -9.57 40.09 13.54
CA THR A 597 -8.75 41.28 13.82
C THR A 597 -7.56 40.88 14.71
N MET A 598 -6.46 41.63 14.62
CA MET A 598 -5.27 41.42 15.46
C MET A 598 -5.14 42.53 16.52
N THR A 599 -4.75 42.14 17.75
CA THR A 599 -4.62 43.08 18.88
C THR A 599 -3.30 42.92 19.64
N ASN A 600 -2.90 43.97 20.36
CA ASN A 600 -1.75 43.92 21.27
C ASN A 600 -2.16 43.66 22.73
N SER A 601 -3.42 43.28 22.95
CA SER A 601 -3.96 42.96 24.28
C SER A 601 -4.23 41.46 24.41
N VAL A 602 -3.43 40.79 25.24
CA VAL A 602 -3.51 39.33 25.42
C VAL A 602 -4.81 38.88 26.13
N ASP A 603 -5.31 39.68 27.07
CA ASP A 603 -6.55 39.35 27.80
C ASP A 603 -7.81 39.45 26.94
N ASP A 604 -7.81 40.39 25.99
CA ASP A 604 -8.93 40.52 25.03
C ASP A 604 -9.01 39.31 24.10
N ALA A 605 -7.88 39.00 23.46
CA ALA A 605 -7.81 37.90 22.48
C ALA A 605 -8.14 36.52 23.04
N LEU A 606 -7.86 36.30 24.32
CA LEU A 606 -8.27 35.06 25.01
C LEU A 606 -9.80 34.93 25.13
N ILE A 607 -10.48 36.06 25.36
CA ILE A 607 -11.94 36.09 25.53
C ILE A 607 -12.63 36.01 24.16
N ASN A 608 -12.34 36.97 23.30
CA ASN A 608 -13.02 37.10 21.99
C ASN A 608 -12.51 36.06 20.99
N SER A 609 -13.45 35.31 20.42
CA SER A 609 -13.15 34.29 19.42
C SER A 609 -12.60 34.89 18.11
N THR A 610 -13.05 36.11 17.78
CA THR A 610 -12.65 36.79 16.54
C THR A 610 -11.37 37.64 16.63
N LYS A 611 -10.76 37.73 17.82
CA LYS A 611 -9.54 38.54 18.02
C LYS A 611 -8.30 37.66 18.29
N ILE A 612 -7.13 38.16 17.91
CA ILE A 612 -5.88 37.41 17.93
C ILE A 612 -4.71 38.28 18.46
N TYR A 613 -3.92 37.73 19.39
CA TYR A 613 -2.74 38.44 19.92
C TYR A 613 -1.63 38.53 18.85
N SER A 614 -0.97 39.69 18.80
CA SER A 614 0.18 39.88 17.93
C SER A 614 1.17 40.87 18.53
N TYR A 615 2.43 40.75 18.10
CA TYR A 615 3.55 41.53 18.63
C TYR A 615 4.29 42.31 17.51
N PHE A 616 3.66 42.44 16.34
CA PHE A 616 4.16 43.25 15.22
C PHE A 616 3.20 44.44 15.02
N PRO A 617 3.54 45.64 15.56
CA PRO A 617 2.68 46.84 15.40
C PRO A 617 2.33 47.22 13.96
N SER A 618 3.34 47.25 13.08
CA SER A 618 3.14 47.54 11.64
C SER A 618 2.10 46.64 10.98
N VAL A 619 2.21 45.34 11.28
CA VAL A 619 1.31 44.34 10.71
C VAL A 619 -0.10 44.48 11.30
N ILE A 620 -0.19 44.82 12.59
CA ILE A 620 -1.50 44.99 13.26
C ILE A 620 -2.36 46.09 12.62
N SER A 621 -1.74 47.19 12.21
CA SER A 621 -2.48 48.30 11.60
C SER A 621 -3.09 47.92 10.26
N LYS A 622 -2.24 47.50 9.32
CA LYS A 622 -2.67 47.23 7.94
C LYS A 622 -3.73 46.13 7.80
N VAL A 623 -3.67 45.10 8.63
CA VAL A 623 -4.67 44.01 8.57
C VAL A 623 -6.02 44.40 9.17
N ASN A 624 -6.02 45.24 10.21
CA ASN A 624 -7.26 45.63 10.90
C ASN A 624 -8.14 46.57 10.07
N GLN A 625 -7.52 47.50 9.33
CA GLN A 625 -8.25 48.34 8.39
C GLN A 625 -8.89 47.48 7.28
N GLY A 626 -10.22 47.55 7.17
CA GLY A 626 -10.96 46.82 6.14
C GLY A 626 -10.46 47.22 4.77
N ALA A 627 -9.99 46.26 3.99
CA ALA A 627 -9.17 46.51 2.80
C ALA A 627 -9.79 47.44 1.77
N GLN A 628 -8.93 48.12 1.02
CA GLN A 628 -9.34 49.13 0.05
C GLN A 628 -9.87 48.43 -1.21
N GLY A 629 -11.04 48.89 -1.69
CA GLY A 629 -11.62 48.38 -2.95
C GLY A 629 -10.76 48.70 -4.15
N ILE A 630 -10.20 49.90 -4.18
CA ILE A 630 -9.20 50.31 -5.18
C ILE A 630 -7.82 49.98 -4.57
N LEU A 631 -6.93 49.39 -5.37
CA LEU A 631 -5.61 48.90 -4.91
C LEU A 631 -5.72 47.87 -3.77
N PHE A 632 -6.33 46.73 -4.09
CA PHE A 632 -6.40 45.57 -3.19
C PHE A 632 -5.09 44.81 -3.21
N LEU A 633 -4.54 44.63 -4.41
CA LEU A 633 -3.23 44.00 -4.62
C LEU A 633 -2.11 44.72 -3.85
N GLN A 634 -2.16 46.06 -3.81
CA GLN A 634 -1.19 46.85 -3.06
C GLN A 634 -1.31 46.63 -1.55
N TRP A 635 -2.55 46.53 -1.05
CA TRP A 635 -2.81 46.28 0.38
C TRP A 635 -2.24 44.93 0.84
N VAL A 636 -2.46 43.89 0.03
CA VAL A 636 -1.90 42.55 0.31
C VAL A 636 -0.36 42.60 0.24
N ARG A 637 0.16 43.35 -0.73
CA ARG A 637 1.61 43.53 -0.90
C ARG A 637 2.25 44.28 0.27
N ASP A 638 1.54 45.25 0.82
CA ASP A 638 2.02 46.01 1.99
C ASP A 638 1.97 45.21 3.31
N ILE A 639 1.10 44.20 3.39
CA ILE A 639 1.11 43.26 4.52
C ILE A 639 2.42 42.47 4.59
N ILE A 640 2.93 42.05 3.42
CA ILE A 640 4.14 41.24 3.32
C ILE A 640 5.38 42.06 3.67
N ASP A 641 5.41 43.32 3.22
CA ASP A 641 6.51 44.23 3.53
C ASP A 641 6.64 44.53 5.04
N ASP A 642 5.49 44.67 5.71
CA ASP A 642 5.46 44.88 7.16
C ASP A 642 5.88 43.65 7.94
N PHE A 643 5.38 42.48 7.53
CA PHE A 643 5.79 41.20 8.13
C PHE A 643 7.27 40.89 7.93
N THR A 644 7.82 41.29 6.78
CA THR A 644 9.25 41.14 6.49
C THR A 644 10.12 42.06 7.35
N ASN A 645 9.78 43.35 7.39
CA ASN A 645 10.48 44.34 8.22
C ASN A 645 10.50 43.95 9.70
N GLU A 646 9.32 43.60 10.22
CA GLU A 646 9.13 43.31 11.64
C GLU A 646 9.84 42.03 12.08
N SER A 647 9.59 40.94 11.37
CA SER A 647 10.08 39.61 11.75
C SER A 647 11.58 39.39 11.55
N SER A 648 12.21 40.20 10.70
CA SER A 648 13.64 40.07 10.38
C SER A 648 14.59 40.87 11.28
N GLN A 649 14.08 41.48 12.36
CA GLN A 649 14.88 42.37 13.21
C GLN A 649 15.96 41.63 14.03
N LYS A 650 17.20 42.06 13.86
CA LYS A 650 18.37 41.54 14.58
C LYS A 650 19.02 42.70 15.35
N THR A 651 19.77 42.37 16.41
CA THR A 651 20.62 43.37 17.10
C THR A 651 21.71 42.67 17.92
N THR A 652 22.64 43.45 18.47
CA THR A 652 23.66 42.96 19.40
C THR A 652 23.67 43.78 20.68
N ILE A 653 24.28 43.21 21.72
CA ILE A 653 24.49 43.87 23.01
C ILE A 653 25.98 43.77 23.33
N ASP A 654 26.65 44.92 23.46
CA ASP A 654 28.10 44.99 23.64
C ASP A 654 28.60 44.25 24.89
N LYS A 655 27.79 44.26 25.95
CA LYS A 655 28.14 43.58 27.20
C LYS A 655 28.02 42.04 27.13
N ILE A 656 27.25 41.53 26.15
CA ILE A 656 27.13 40.08 25.89
C ILE A 656 27.87 39.81 24.58
N SER A 657 29.19 39.70 24.69
CA SER A 657 30.11 39.71 23.54
C SER A 657 30.20 38.43 22.70
N ASP A 658 29.77 37.29 23.25
CA ASP A 658 29.77 36.01 22.49
C ASP A 658 28.36 35.50 22.11
N VAL A 659 27.47 36.45 21.78
CA VAL A 659 26.16 36.15 21.22
C VAL A 659 25.98 37.07 20.00
N SER A 660 26.09 36.50 18.81
CA SER A 660 26.16 37.29 17.57
C SER A 660 24.83 37.91 17.13
N THR A 661 23.72 37.30 17.54
CA THR A 661 22.39 37.64 17.05
C THR A 661 21.39 37.68 18.20
N ILE A 662 20.74 38.84 18.38
CA ILE A 662 19.63 38.99 19.32
C ILE A 662 18.38 39.38 18.52
N VAL A 663 17.29 38.65 18.74
CA VAL A 663 15.98 38.97 18.14
C VAL A 663 15.14 39.70 19.21
N PRO A 664 14.81 40.99 18.99
CA PRO A 664 14.12 41.75 20.05
C PRO A 664 12.70 41.33 20.42
N TYR A 665 11.92 40.83 19.47
CA TYR A 665 10.49 40.55 19.71
C TYR A 665 10.16 39.24 20.45
N ILE A 666 11.17 38.57 21.02
CA ILE A 666 10.97 37.36 21.84
C ILE A 666 10.16 37.69 23.11
N GLY A 667 10.46 38.85 23.72
CA GLY A 667 9.82 39.27 24.97
C GLY A 667 8.31 39.43 24.91
N PRO A 668 7.82 40.28 23.98
CA PRO A 668 6.37 40.45 23.72
C PRO A 668 5.60 39.20 23.27
N ALA A 669 6.27 38.29 22.59
CA ALA A 669 5.62 37.09 22.04
C ALA A 669 5.36 36.01 23.08
N LEU A 670 6.30 35.82 24.01
CA LEU A 670 6.23 34.77 25.04
C LEU A 670 6.07 35.27 26.48
N ASN A 671 6.06 36.60 26.67
CA ASN A 671 5.97 37.22 28.00
C ASN A 671 7.20 36.91 28.86
N ILE A 672 8.37 37.11 28.27
CA ILE A 672 9.63 37.11 29.01
C ILE A 672 9.95 38.59 29.21
N VAL A 673 9.74 39.08 30.43
CA VAL A 673 9.84 40.50 30.72
C VAL A 673 10.22 40.79 32.18
N LYS A 674 11.06 41.81 32.36
CA LYS A 674 11.49 42.27 33.69
C LYS A 674 10.66 43.50 34.08
N GLN A 675 10.43 43.67 35.37
CA GLN A 675 9.66 44.82 35.88
C GLN A 675 10.45 46.14 35.72
N GLY A 676 9.74 47.20 35.32
CA GLY A 676 10.38 48.47 34.98
C GLY A 676 11.15 48.43 33.67
N TYR A 677 10.76 47.50 32.78
CA TYR A 677 11.34 47.35 31.44
C TYR A 677 10.26 46.88 30.44
N GLU A 678 9.03 47.39 30.61
CA GLU A 678 7.87 46.92 29.84
C GLU A 678 7.86 47.56 28.45
N GLY A 679 7.96 46.72 27.42
CA GLY A 679 8.22 47.18 26.05
C GLY A 679 9.69 47.47 25.75
N ASN A 680 10.59 47.05 26.64
CA ASN A 680 12.04 47.22 26.47
C ASN A 680 12.74 45.92 26.86
N PHE A 681 12.66 44.95 25.95
CA PHE A 681 13.30 43.64 26.14
C PHE A 681 14.83 43.71 26.05
N ILE A 682 15.36 44.61 25.22
CA ILE A 682 16.83 44.76 25.04
C ILE A 682 17.53 45.31 26.29
N GLY A 683 16.89 46.27 26.98
CA GLY A 683 17.39 46.75 28.27
C GLY A 683 17.33 45.69 29.36
N ALA A 684 16.22 44.95 29.40
CA ALA A 684 16.05 43.81 30.31
C ALA A 684 17.12 42.72 30.11
N LEU A 685 17.61 42.56 28.87
CA LEU A 685 18.69 41.62 28.57
C LEU A 685 20.08 42.18 28.89
N GLU A 686 20.28 43.50 28.75
CA GLU A 686 21.52 44.18 29.18
C GLU A 686 21.75 44.12 30.70
N THR A 687 20.66 44.24 31.47
CA THR A 687 20.71 44.25 32.93
C THR A 687 20.88 42.86 33.53
N THR A 688 20.03 41.92 33.10
CA THR A 688 19.92 40.59 33.71
C THR A 688 20.89 39.57 33.09
N GLY A 689 21.12 39.67 31.77
CA GLY A 689 21.89 38.69 31.00
C GLY A 689 21.01 37.59 30.40
N VAL A 690 21.62 36.64 29.71
CA VAL A 690 20.88 35.53 29.04
C VAL A 690 20.03 34.65 29.98
N VAL A 691 20.35 34.67 31.28
CA VAL A 691 19.55 34.02 32.32
C VAL A 691 18.08 34.51 32.40
N LEU A 692 17.78 35.67 31.81
CA LEU A 692 16.39 36.14 31.68
C LEU A 692 15.49 35.20 30.88
N LEU A 693 16.07 34.55 29.87
CA LEU A 693 15.34 33.62 28.98
C LEU A 693 14.88 32.31 29.64
N LEU A 694 15.49 31.92 30.77
CA LEU A 694 15.13 30.68 31.48
C LEU A 694 13.79 30.80 32.24
N GLU A 695 13.08 29.68 32.33
CA GLU A 695 11.85 29.57 33.11
C GLU A 695 12.13 29.04 34.55
N TYR A 696 13.27 28.37 34.73
CA TYR A 696 13.78 27.94 36.03
C TYR A 696 15.26 28.27 36.13
N ILE A 697 15.64 29.04 37.15
CA ILE A 697 17.05 29.38 37.38
C ILE A 697 17.66 28.30 38.30
N PRO A 698 18.63 27.52 37.80
CA PRO A 698 19.27 26.51 38.64
C PRO A 698 20.38 27.13 39.49
N GLU A 699 20.64 26.54 40.65
CA GLU A 699 21.73 26.98 41.52
C GLU A 699 23.05 26.57 40.84
N ILE A 700 23.93 27.54 40.60
CA ILE A 700 25.20 27.30 39.88
C ILE A 700 26.45 27.13 40.77
N THR A 701 26.31 27.36 42.09
CA THR A 701 27.44 27.27 43.03
C THR A 701 27.78 25.82 43.36
N LEU A 702 29.07 25.52 43.43
CA LEU A 702 29.58 24.14 43.64
C LEU A 702 30.22 24.00 45.04
N PRO A 703 30.14 22.80 45.64
CA PRO A 703 30.88 22.55 46.89
C PRO A 703 32.42 22.56 46.71
N VAL A 704 33.15 22.52 47.81
CA VAL A 704 34.63 22.55 47.75
C VAL A 704 35.18 21.21 47.26
N ILE A 705 36.15 21.29 46.34
CA ILE A 705 36.83 20.11 45.81
C ILE A 705 37.97 19.79 46.78
N ALA A 706 37.86 18.65 47.48
CA ALA A 706 38.86 18.24 48.47
C ALA A 706 40.24 18.08 47.84
N ALA A 707 41.27 18.52 48.55
CA ALA A 707 42.64 18.44 48.05
C ALA A 707 43.09 16.99 47.99
N LEU A 708 44.01 16.71 47.06
CA LEU A 708 44.55 15.37 46.89
C LEU A 708 45.42 15.00 48.10
N SER A 709 45.24 13.77 48.59
CA SER A 709 45.94 13.27 49.77
C SER A 709 46.91 12.17 49.36
N ILE A 710 48.02 12.04 50.11
CA ILE A 710 49.07 11.06 49.80
C ILE A 710 49.25 10.05 50.95
N ALA A 711 49.16 8.76 50.61
CA ALA A 711 49.38 7.65 51.54
C ALA A 711 50.48 6.75 51.00
N GLU A 712 51.73 7.18 51.18
CA GLU A 712 52.92 6.45 50.75
C GLU A 712 54.07 6.64 51.74
N SER A 713 54.09 5.80 52.77
CA SER A 713 55.13 5.81 53.81
C SER A 713 56.39 5.10 53.33
N SER A 714 56.24 3.84 52.95
CA SER A 714 57.37 3.02 52.47
C SER A 714 57.81 3.49 51.08
N THR A 715 58.95 4.18 51.03
CA THR A 715 59.42 4.87 49.82
C THR A 715 60.88 4.60 49.48
N GLN A 716 61.09 4.03 48.30
CA GLN A 716 62.39 4.05 47.61
C GLN A 716 62.43 5.32 46.76
N LYS A 717 63.54 5.55 46.08
CA LYS A 717 63.65 6.72 45.17
C LYS A 717 62.86 6.51 43.86
N GLU A 718 62.85 5.27 43.36
CA GLU A 718 62.08 4.89 42.18
C GLU A 718 60.57 5.13 42.37
N LYS A 719 60.05 4.64 43.50
CA LYS A 719 58.61 4.74 43.81
C LYS A 719 58.13 6.14 44.21
N ILE A 720 59.04 7.06 44.51
CA ILE A 720 58.68 8.46 44.77
C ILE A 720 58.34 9.16 43.45
N ILE A 721 59.23 9.06 42.46
CA ILE A 721 59.03 9.72 41.15
C ILE A 721 57.75 9.25 40.44
N LYS A 722 57.41 7.97 40.60
CA LYS A 722 56.13 7.42 40.09
C LYS A 722 54.93 8.03 40.82
N THR A 723 55.02 8.16 42.14
CA THR A 723 53.95 8.76 42.96
C THR A 723 53.78 10.28 42.70
N ILE A 724 54.86 10.96 42.27
CA ILE A 724 54.76 12.36 41.84
C ILE A 724 54.00 12.44 40.50
N ASP A 725 54.32 11.54 39.57
CA ASP A 725 53.62 11.47 38.26
C ASP A 725 52.14 11.13 38.40
N ASN A 726 51.83 10.19 39.29
CA ASN A 726 50.44 9.83 39.60
C ASN A 726 49.67 10.99 40.25
N PHE A 727 50.34 11.78 41.08
CA PHE A 727 49.72 12.95 41.72
C PHE A 727 49.38 14.04 40.69
N LEU A 728 50.26 14.25 39.73
CA LEU A 728 50.03 15.22 38.66
C LEU A 728 48.91 14.80 37.69
N GLU A 729 48.82 13.51 37.42
CA GLU A 729 47.78 12.97 36.53
C GLU A 729 46.38 13.06 37.14
N LYS A 730 46.23 12.69 38.41
CA LYS A 730 44.94 12.75 39.10
C LYS A 730 44.48 14.19 39.35
N ARG A 731 45.44 15.12 39.43
CA ARG A 731 45.16 16.56 39.46
C ARG A 731 44.57 17.01 38.12
N TYR A 732 45.17 16.56 37.01
CA TYR A 732 44.63 16.84 35.67
C TYR A 732 43.24 16.22 35.46
N GLU A 733 43.04 15.00 35.97
CA GLU A 733 41.75 14.32 35.88
C GLU A 733 40.59 15.01 36.63
N LYS A 734 40.89 15.82 37.66
CA LYS A 734 39.86 16.58 38.38
C LYS A 734 39.27 17.71 37.55
N TRP A 735 40.12 18.43 36.83
CA TRP A 735 39.68 19.52 35.95
C TRP A 735 38.70 19.04 34.88
N ILE A 736 39.04 17.91 34.25
CA ILE A 736 38.23 17.34 33.16
C ILE A 736 36.94 16.71 33.73
N GLU A 737 37.05 15.97 34.84
CA GLU A 737 35.87 15.42 35.53
C GLU A 737 34.86 16.48 35.94
N VAL A 738 35.34 17.57 36.52
CA VAL A 738 34.47 18.64 37.02
C VAL A 738 33.90 19.43 35.83
N TYR A 739 34.72 19.69 34.81
CA TYR A 739 34.22 20.32 33.58
C TYR A 739 33.05 19.54 32.98
N LYS A 740 33.24 18.23 32.79
CA LYS A 740 32.20 17.37 32.20
C LYS A 740 30.97 17.16 33.10
N LEU A 741 31.13 17.33 34.41
CA LEU A 741 30.00 17.32 35.34
C LEU A 741 29.09 18.53 35.16
N VAL A 742 29.70 19.70 34.96
CA VAL A 742 28.96 20.94 34.73
C VAL A 742 28.23 20.86 33.39
N LYS A 743 28.89 20.29 32.37
CA LYS A 743 28.28 20.13 31.05
C LYS A 743 27.06 19.21 31.08
N ALA A 744 27.18 18.11 31.80
CA ALA A 744 26.05 17.19 32.02
C ALA A 744 24.85 17.94 32.60
N LYS A 745 25.10 18.67 33.68
CA LYS A 745 24.07 19.44 34.36
C LYS A 745 23.45 20.47 33.43
N TRP A 746 24.30 21.17 32.68
CA TRP A 746 23.85 22.13 31.65
C TRP A 746 22.88 21.48 30.65
N LEU A 747 23.26 20.34 30.08
CA LEU A 747 22.44 19.59 29.11
C LEU A 747 21.04 19.24 29.63
N GLY A 748 20.96 18.80 30.89
CA GLY A 748 19.69 18.37 31.49
C GLY A 748 18.84 19.46 32.13
N THR A 749 19.47 20.56 32.57
CA THR A 749 18.77 21.63 33.31
C THR A 749 18.71 23.00 32.63
N VAL A 750 19.67 23.32 31.75
CA VAL A 750 19.72 24.63 31.09
C VAL A 750 19.43 24.57 29.58
N ASN A 751 20.17 23.75 28.84
CA ASN A 751 20.04 23.64 27.38
C ASN A 751 18.63 23.24 26.92
N THR A 752 17.95 22.40 27.71
CA THR A 752 16.58 21.97 27.42
C THR A 752 15.56 23.12 27.44
N GLN A 753 15.85 24.17 28.20
CA GLN A 753 14.98 25.35 28.30
C GLN A 753 15.13 26.26 27.09
N PHE A 754 16.37 26.48 26.66
CA PHE A 754 16.67 27.22 25.42
C PHE A 754 16.11 26.50 24.16
N GLN A 755 16.13 25.17 24.16
CA GLN A 755 15.55 24.37 23.05
C GLN A 755 14.04 24.59 22.90
N LYS A 756 13.30 24.55 24.00
CA LYS A 756 11.85 24.76 23.96
C LYS A 756 11.45 26.16 23.50
N ARG A 757 12.29 27.16 23.79
CA ARG A 757 12.02 28.55 23.37
C ARG A 757 11.99 28.71 21.85
N SER A 758 12.79 27.91 21.16
CA SER A 758 12.77 27.86 19.69
C SER A 758 11.46 27.27 19.17
N TYR A 759 11.02 26.14 19.75
CA TYR A 759 9.70 25.54 19.40
C TYR A 759 8.54 26.48 19.70
N GLN A 760 8.66 27.21 20.82
CA GLN A 760 7.66 28.19 21.22
C GLN A 760 7.63 29.39 20.26
N MET A 761 8.81 29.80 19.78
CA MET A 761 8.89 30.83 18.74
C MET A 761 8.38 30.35 17.38
N TYR A 762 8.74 29.12 17.00
CA TYR A 762 8.25 28.52 15.76
C TYR A 762 6.73 28.41 15.75
N ARG A 763 6.16 27.92 16.86
CA ARG A 763 4.70 27.88 17.04
C ARG A 763 4.07 29.26 16.94
N SER A 764 4.72 30.25 17.56
CA SER A 764 4.24 31.63 17.55
C SER A 764 4.25 32.22 16.15
N LEU A 765 5.39 32.11 15.45
CA LEU A 765 5.50 32.64 14.08
C LEU A 765 4.49 31.99 13.12
N GLU A 766 4.26 30.69 13.28
CA GLU A 766 3.24 29.97 12.47
C GLU A 766 1.80 30.42 12.80
N TYR A 767 1.50 30.65 14.07
CA TYR A 767 0.21 31.24 14.48
C TYR A 767 -0.05 32.59 13.80
N GLN A 768 0.99 33.41 13.67
CA GLN A 768 0.88 34.72 13.02
C GLN A 768 0.65 34.57 11.51
N VAL A 769 1.34 33.63 10.88
CA VAL A 769 1.17 33.37 9.43
C VAL A 769 -0.23 32.82 9.13
N ASP A 770 -0.70 31.90 9.96
CA ASP A 770 -2.03 31.31 9.80
C ASP A 770 -3.14 32.37 9.88
N ALA A 771 -2.98 33.35 10.76
CA ALA A 771 -3.94 34.45 10.93
C ALA A 771 -4.00 35.37 9.71
N ILE A 772 -2.83 35.88 9.29
CA ILE A 772 -2.71 36.80 8.14
C ILE A 772 -3.29 36.19 6.85
N LYS A 773 -3.09 34.88 6.65
CA LYS A 773 -3.65 34.17 5.50
C LYS A 773 -5.18 34.05 5.60
N LYS A 774 -5.69 33.82 6.80
CA LYS A 774 -7.14 33.77 7.03
C LYS A 774 -7.82 35.14 6.88
N ILE A 775 -7.07 36.23 7.12
CA ILE A 775 -7.54 37.59 6.85
C ILE A 775 -7.70 37.78 5.33
N ILE A 776 -6.65 37.43 4.59
CA ILE A 776 -6.62 37.59 3.13
C ILE A 776 -7.65 36.68 2.43
N ASP A 777 -7.83 35.45 2.93
CA ASP A 777 -8.86 34.54 2.42
C ASP A 777 -10.29 35.10 2.58
N TYR A 778 -10.53 35.82 3.67
CA TYR A 778 -11.83 36.48 3.88
C TYR A 778 -11.99 37.67 2.95
N GLU A 779 -10.99 38.56 2.95
CA GLU A 779 -11.04 39.80 2.17
C GLU A 779 -10.98 39.60 0.64
N TYR A 780 -10.50 38.44 0.20
CA TYR A 780 -10.55 38.07 -1.23
C TYR A 780 -11.97 37.72 -1.68
N LYS A 781 -12.69 36.97 -0.85
CA LYS A 781 -14.08 36.60 -1.14
C LYS A 781 -15.05 37.79 -1.07
N ILE A 782 -14.71 38.81 -0.27
CA ILE A 782 -15.47 40.07 -0.22
C ILE A 782 -15.17 40.97 -1.43
N TYR A 783 -13.91 40.97 -1.88
CA TYR A 783 -13.45 41.83 -2.99
C TYR A 783 -14.23 41.63 -4.29
N SER A 784 -14.68 42.76 -4.85
CA SER A 784 -15.46 42.79 -6.08
C SER A 784 -14.79 43.74 -7.08
N GLY A 785 -14.11 43.16 -8.08
CA GLY A 785 -13.41 43.93 -9.11
C GLY A 785 -13.27 43.15 -10.40
N PRO A 786 -12.81 43.81 -11.48
CA PRO A 786 -12.75 43.18 -12.80
C PRO A 786 -11.69 42.09 -12.94
N ASP A 787 -10.49 42.35 -12.41
CA ASP A 787 -9.32 41.48 -12.59
C ASP A 787 -9.12 40.45 -11.46
N LYS A 788 -10.20 40.07 -10.77
CA LYS A 788 -10.13 39.14 -9.63
C LYS A 788 -9.54 37.78 -10.01
N GLU A 789 -9.98 37.24 -11.14
CA GLU A 789 -9.49 35.94 -11.63
C GLU A 789 -8.06 36.00 -12.19
N GLN A 790 -7.61 37.17 -12.62
CA GLN A 790 -6.25 37.35 -13.18
C GLN A 790 -5.16 37.32 -12.11
N ILE A 791 -5.30 38.15 -11.09
CA ILE A 791 -4.32 38.23 -9.97
C ILE A 791 -4.36 37.06 -8.97
N ALA A 792 -5.40 36.22 -9.05
CA ALA A 792 -5.61 35.08 -8.12
C ALA A 792 -4.35 34.33 -7.68
N ASP A 793 -3.54 33.91 -8.64
CA ASP A 793 -2.33 33.12 -8.34
C ASP A 793 -1.18 33.93 -7.73
N GLU A 794 -1.13 35.24 -7.97
CA GLU A 794 -0.15 36.12 -7.30
C GLU A 794 -0.54 36.45 -5.85
N ILE A 795 -1.81 36.26 -5.50
CA ILE A 795 -2.25 36.33 -4.09
C ILE A 795 -1.76 35.09 -3.34
N ASN A 796 -1.90 33.91 -3.95
CA ASN A 796 -1.33 32.66 -3.41
C ASN A 796 0.20 32.69 -3.41
N ASN A 797 0.81 33.43 -4.33
CA ASN A 797 2.26 33.63 -4.38
C ASN A 797 2.78 34.50 -3.22
N LEU A 798 1.99 35.48 -2.77
CA LEU A 798 2.35 36.32 -1.62
C LEU A 798 2.08 35.64 -0.26
N LYS A 799 1.07 34.78 -0.20
CA LYS A 799 0.82 33.94 0.99
C LYS A 799 1.93 32.93 1.24
N ASN A 800 2.53 32.42 0.17
CA ASN A 800 3.71 31.54 0.26
C ASN A 800 4.92 32.29 0.80
N LYS A 801 5.06 33.55 0.40
CA LYS A 801 6.17 34.42 0.84
C LYS A 801 6.18 34.68 2.37
N LEU A 802 5.02 34.55 3.02
CA LEU A 802 4.94 34.63 4.48
C LEU A 802 5.73 33.51 5.16
N GLU A 803 5.47 32.27 4.74
CA GLU A 803 6.17 31.09 5.27
C GLU A 803 7.67 31.15 4.98
N GLU A 804 8.05 31.73 3.84
CA GLU A 804 9.45 31.95 3.50
C GLU A 804 10.13 32.87 4.51
N LYS A 805 9.47 33.98 4.85
CA LYS A 805 10.02 34.96 5.78
C LYS A 805 9.94 34.53 7.25
N ALA A 806 8.96 33.68 7.58
CA ALA A 806 8.89 33.05 8.91
C ALA A 806 10.02 32.03 9.12
N ASN A 807 10.43 31.33 8.06
CA ASN A 807 11.58 30.41 8.11
C ASN A 807 12.90 31.14 8.24
N LYS A 808 13.04 32.26 7.51
CA LYS A 808 14.22 33.12 7.63
C LYS A 808 14.36 33.74 9.04
N ALA A 809 13.24 33.96 9.72
CA ALA A 809 13.23 34.44 11.10
C ALA A 809 13.77 33.39 12.08
N MET A 810 13.35 32.14 11.89
CA MET A 810 13.82 31.01 12.70
C MET A 810 15.33 30.79 12.63
N ILE A 811 15.95 31.17 11.51
CA ILE A 811 17.42 31.12 11.37
C ILE A 811 18.08 31.98 12.45
N ASN A 812 17.57 33.19 12.66
CA ASN A 812 18.08 34.11 13.68
C ASN A 812 17.76 33.61 15.09
N ILE A 813 16.51 33.17 15.29
CA ILE A 813 16.03 32.73 16.60
C ILE A 813 16.80 31.51 17.12
N ASN A 814 17.07 30.53 16.25
CA ASN A 814 17.89 29.37 16.62
C ASN A 814 19.34 29.73 16.91
N ILE A 815 19.92 30.65 16.14
CA ILE A 815 21.26 31.20 16.44
C ILE A 815 21.29 31.93 17.78
N PHE A 816 20.22 32.68 18.08
CA PHE A 816 20.08 33.38 19.35
C PHE A 816 20.06 32.39 20.53
N MET A 817 19.18 31.38 20.49
CA MET A 817 19.07 30.40 21.58
C MET A 817 20.27 29.44 21.68
N ARG A 818 20.89 29.08 20.55
CA ARG A 818 22.09 28.23 20.54
C ARG A 818 23.27 28.94 21.19
N GLU A 819 23.45 30.22 20.88
CA GLU A 819 24.56 31.02 21.40
C GLU A 819 24.34 31.56 22.82
N SER A 820 23.08 31.78 23.20
CA SER A 820 22.72 32.16 24.59
C SER A 820 22.99 31.02 25.56
N SER A 821 22.46 29.84 25.21
CA SER A 821 22.69 28.60 25.95
C SER A 821 24.17 28.28 26.09
N ARG A 822 24.94 28.52 25.02
CA ARG A 822 26.40 28.36 25.07
C ARG A 822 27.06 29.38 26.02
N SER A 823 26.62 30.63 25.94
CA SER A 823 27.21 31.69 26.78
C SER A 823 27.01 31.44 28.28
N PHE A 824 25.81 30.98 28.65
CA PHE A 824 25.56 30.66 30.05
C PHE A 824 26.46 29.53 30.57
N LEU A 825 26.75 28.54 29.71
CA LEU A 825 27.66 27.44 30.06
C LEU A 825 29.10 27.92 30.19
N VAL A 826 29.62 28.51 29.12
CA VAL A 826 31.03 28.88 29.03
C VAL A 826 31.40 29.95 30.05
N ASN A 827 30.53 30.93 30.28
CA ASN A 827 30.80 32.01 31.25
C ASN A 827 30.28 31.71 32.68
N GLN A 828 28.97 31.81 32.92
CA GLN A 828 28.42 31.73 34.28
C GLN A 828 28.75 30.41 35.02
N MET A 829 28.38 29.28 34.41
CA MET A 829 28.50 27.97 35.05
C MET A 829 29.93 27.46 35.18
N ILE A 830 30.73 27.63 34.13
CA ILE A 830 32.12 27.15 34.12
C ILE A 830 33.05 28.00 34.99
N ASN A 831 32.77 29.30 35.14
CA ASN A 831 33.53 30.15 36.10
C ASN A 831 33.44 29.66 37.55
N GLU A 832 32.34 29.01 37.91
CA GLU A 832 32.18 28.44 39.25
C GLU A 832 33.09 27.22 39.44
N ALA A 833 33.16 26.37 38.42
CA ALA A 833 34.08 25.23 38.40
C ALA A 833 35.55 25.66 38.46
N LYS A 834 35.91 26.69 37.69
CA LYS A 834 37.26 27.23 37.68
C LYS A 834 37.69 27.83 39.04
N LYS A 835 36.77 28.57 39.67
CA LYS A 835 37.02 29.14 41.01
C LYS A 835 37.41 28.08 42.03
N GLN A 836 36.63 27.01 42.07
CA GLN A 836 36.89 25.89 42.98
C GLN A 836 38.12 25.07 42.57
N LEU A 837 38.36 24.98 41.26
CA LEU A 837 39.53 24.25 40.72
C LEU A 837 40.87 24.98 40.97
N LEU A 838 40.87 26.31 40.90
CA LEU A 838 42.06 27.11 41.21
C LEU A 838 42.44 26.95 42.69
N GLU A 839 41.42 26.94 43.56
CA GLU A 839 41.60 26.69 45.00
C GLU A 839 42.09 25.26 45.25
N PHE A 840 41.56 24.31 44.48
CA PHE A 840 42.03 22.90 44.50
C PHE A 840 43.51 22.75 44.11
N ASP A 841 43.97 23.57 43.17
CA ASP A 841 45.38 23.56 42.74
C ASP A 841 46.34 24.01 43.86
N THR A 842 46.06 25.17 44.44
CA THR A 842 46.92 25.74 45.49
C THR A 842 46.98 24.87 46.75
N GLN A 843 45.86 24.27 47.13
CA GLN A 843 45.82 23.35 48.29
C GLN A 843 46.58 22.05 48.04
N SER A 844 46.45 21.51 46.82
CA SER A 844 47.19 20.29 46.43
C SER A 844 48.69 20.52 46.16
N LYS A 845 49.08 21.75 45.84
CA LYS A 845 50.51 22.08 45.68
C LYS A 845 51.24 22.09 47.04
N ASN A 846 50.55 22.55 48.09
CA ASN A 846 51.06 22.45 49.47
C ASN A 846 51.29 21.00 49.87
N ILE A 847 50.33 20.13 49.55
CA ILE A 847 50.38 18.70 49.91
C ILE A 847 51.47 17.95 49.09
N LEU A 848 51.70 18.38 47.85
CA LEU A 848 52.74 17.78 47.00
C LEU A 848 54.14 18.19 47.44
N MET A 849 54.34 19.48 47.73
CA MET A 849 55.67 19.99 48.14
C MET A 849 56.00 19.77 49.63
N GLN A 850 55.06 19.28 50.42
CA GLN A 850 55.33 18.77 51.78
C GLN A 850 55.69 17.27 51.78
N TYR A 851 55.12 16.52 50.83
CA TYR A 851 55.55 15.15 50.55
C TYR A 851 56.96 15.11 49.95
N ILE A 852 57.26 16.09 49.09
CA ILE A 852 58.61 16.28 48.56
C ILE A 852 59.58 16.64 49.69
N LYS A 853 59.20 17.59 50.55
CA LYS A 853 59.98 17.97 51.74
C LYS A 853 60.36 16.76 52.58
N ALA A 854 59.38 15.91 52.89
CA ALA A 854 59.58 14.71 53.70
C ALA A 854 60.66 13.77 53.13
N ASN A 855 60.61 13.51 51.82
CA ASN A 855 61.58 12.65 51.14
C ASN A 855 62.45 13.45 50.15
N SER A 856 62.84 14.67 50.54
CA SER A 856 63.59 15.58 49.65
C SER A 856 65.02 15.13 49.41
N LYS A 857 65.64 14.59 50.46
CA LYS A 857 67.02 14.10 50.43
C LYS A 857 67.42 13.17 49.27
N PHE A 858 66.52 12.30 48.81
CA PHE A 858 66.88 11.24 47.83
C PHE A 858 67.12 11.79 46.41
N ILE A 859 68.40 11.88 46.05
CA ILE A 859 68.91 12.58 44.85
C ILE A 859 68.34 14.02 44.78
N GLY A 860 68.78 14.84 45.71
CA GLY A 860 68.30 16.22 45.84
C GLY A 860 68.95 17.14 44.83
N ILE A 861 70.25 17.36 44.99
CA ILE A 861 71.03 18.37 44.24
C ILE A 861 70.62 18.54 42.76
N THR A 862 70.45 17.43 42.04
CA THR A 862 70.17 17.45 40.59
C THR A 862 68.68 17.30 40.23
N GLU A 863 67.98 16.36 40.87
CA GLU A 863 66.58 16.03 40.52
C GLU A 863 65.53 16.83 41.31
N LEU A 864 65.75 17.08 42.60
CA LEU A 864 64.81 17.88 43.41
C LEU A 864 64.60 19.31 42.87
N LYS A 865 65.65 19.89 42.30
CA LYS A 865 65.56 21.21 41.68
C LYS A 865 64.87 21.15 40.31
N LYS A 866 65.21 20.14 39.52
CA LYS A 866 64.60 19.92 38.19
C LYS A 866 63.13 19.47 38.26
N LEU A 867 62.81 18.64 39.26
CA LEU A 867 61.45 18.17 39.51
C LEU A 867 60.55 19.32 39.98
N GLU A 868 61.10 20.19 40.83
CA GLU A 868 60.39 21.38 41.31
C GLU A 868 60.13 22.43 40.21
N SER A 869 61.01 22.50 39.21
CA SER A 869 60.88 23.49 38.13
C SER A 869 59.71 23.19 37.18
N LYS A 870 59.50 21.91 36.85
CA LYS A 870 58.39 21.51 35.97
C LYS A 870 57.01 21.59 36.67
N ILE A 871 56.97 21.29 37.97
CA ILE A 871 55.75 21.44 38.79
C ILE A 871 55.23 22.89 38.76
N ASN A 872 56.13 23.86 38.94
CA ASN A 872 55.75 25.28 38.93
C ASN A 872 55.27 25.77 37.55
N LYS A 873 55.76 25.15 36.48
CA LYS A 873 55.28 25.41 35.12
C LYS A 873 53.86 24.88 34.90
N VAL A 874 53.64 23.63 35.32
CA VAL A 874 52.34 22.93 35.17
C VAL A 874 51.22 23.64 35.95
N PHE A 875 51.36 23.71 37.27
CA PHE A 875 50.33 24.28 38.16
C PHE A 875 49.98 25.76 37.92
N SER A 876 50.91 26.53 37.35
CA SER A 876 50.65 27.94 37.01
C SER A 876 49.67 28.08 35.84
N THR A 877 49.72 27.13 34.91
CA THR A 877 48.86 27.12 33.71
C THR A 877 47.48 26.49 33.99
N PRO A 878 46.39 27.29 33.86
CA PRO A 878 45.06 26.65 33.81
C PRO A 878 44.83 25.76 32.55
N ILE A 879 43.85 24.87 32.67
CA ILE A 879 43.45 23.94 31.62
C ILE A 879 42.15 24.49 31.01
N PRO A 880 42.13 24.73 29.68
CA PRO A 880 40.96 25.40 29.06
C PRO A 880 39.72 24.52 28.94
N PHE A 881 38.54 25.14 29.04
CA PHE A 881 37.27 24.44 28.83
C PHE A 881 36.92 24.42 27.35
N SER A 882 36.46 23.25 26.88
CA SER A 882 36.03 23.07 25.49
C SER A 882 34.54 22.78 25.43
N TYR A 883 33.82 23.65 24.72
CA TYR A 883 32.37 23.48 24.47
C TYR A 883 32.07 22.47 23.36
N SER A 884 32.93 22.42 22.33
CA SER A 884 32.80 21.49 21.20
C SER A 884 34.08 20.64 21.11
N LYS A 885 34.75 20.63 19.95
CA LYS A 885 36.01 19.94 19.72
C LYS A 885 37.16 20.69 20.44
N ASN A 886 38.28 20.01 20.64
CA ASN A 886 39.45 20.58 21.33
C ASN A 886 40.26 21.45 20.37
N LEU A 887 40.47 22.72 20.74
CA LEU A 887 41.35 23.62 19.97
C LEU A 887 42.81 23.23 20.21
N ASP A 888 43.31 22.29 19.41
CA ASP A 888 44.71 21.85 19.44
C ASP A 888 45.33 22.14 18.06
N CYS A 889 46.02 23.27 17.95
CA CYS A 889 46.61 23.72 16.69
C CYS A 889 48.16 23.62 16.71
N TRP A 890 48.69 22.55 17.32
CA TRP A 890 50.14 22.29 17.39
C TRP A 890 50.47 20.80 17.24
N VAL A 891 49.93 19.97 18.14
CA VAL A 891 49.96 18.50 18.03
C VAL A 891 51.38 17.89 18.09
N ASP A 892 51.98 17.96 19.28
CA ASP A 892 53.25 17.27 19.63
C ASP A 892 54.30 17.23 18.50
N ASN A 893 54.80 18.40 18.12
CA ASN A 893 55.68 18.58 16.95
C ASN A 893 55.03 18.00 15.68
N GLU A 894 55.40 16.76 15.30
CA GLU A 894 54.76 16.02 14.22
C GLU A 894 54.40 14.62 14.74
N GLU A 895 53.15 14.47 15.20
CA GLU A 895 52.66 13.18 15.66
C GLU A 895 52.43 12.24 14.46
N ASP A 896 51.47 12.62 13.62
CA ASP A 896 51.06 11.82 12.47
C ASP A 896 50.23 12.72 11.55
N ILE A 897 50.48 12.66 10.24
CA ILE A 897 49.93 13.66 9.31
C ILE A 897 48.39 13.61 9.20
N ASP A 898 47.80 12.42 9.21
CA ASP A 898 46.33 12.29 9.25
C ASP A 898 45.73 12.84 10.55
N VAL A 899 46.40 12.61 11.68
CA VAL A 899 45.99 13.13 12.98
C VAL A 899 46.14 14.65 13.05
N ILE A 900 47.26 15.16 12.54
CA ILE A 900 47.51 16.61 12.46
C ILE A 900 46.42 17.32 11.66
N LEU A 901 46.04 16.74 10.52
CA LEU A 901 45.00 17.32 9.67
C LEU A 901 43.62 17.29 10.33
N LYS A 902 43.23 16.13 10.87
CA LYS A 902 41.96 15.99 11.62
C LYS A 902 41.87 16.96 12.80
N LYS A 903 42.87 16.91 13.66
CA LYS A 903 42.87 17.64 14.93
C LYS A 903 42.82 19.17 14.73
N SER A 904 43.52 19.66 13.71
CA SER A 904 43.56 21.09 13.40
C SER A 904 42.40 21.61 12.52
N THR A 905 41.47 20.74 12.11
CA THR A 905 40.32 21.15 11.28
C THR A 905 39.29 21.88 12.12
N ILE A 906 38.90 23.09 11.68
CA ILE A 906 37.86 23.92 12.34
C ILE A 906 36.58 24.14 11.51
N LEU A 907 36.60 23.73 10.24
CA LEU A 907 35.46 23.84 9.32
C LEU A 907 35.65 22.86 8.16
N ASN A 908 34.59 22.11 7.82
CA ASN A 908 34.67 21.08 6.77
C ASN A 908 33.28 20.81 6.20
N LEU A 909 33.00 21.38 5.02
CA LEU A 909 31.71 21.22 4.34
C LEU A 909 31.63 19.90 3.56
N ASP A 910 30.65 19.07 3.93
CA ASP A 910 30.35 17.81 3.25
C ASP A 910 28.92 17.86 2.75
N ILE A 911 28.63 17.14 1.67
CA ILE A 911 27.28 17.10 1.10
C ILE A 911 26.75 15.65 1.15
N ASN A 912 25.71 15.42 1.95
CA ASN A 912 25.11 14.09 2.14
C ASN A 912 23.62 14.12 1.86
N ASN A 913 23.17 13.29 0.92
CA ASN A 913 21.76 13.24 0.52
C ASN A 913 21.23 14.64 0.20
N ASP A 914 21.99 15.38 -0.60
CA ASP A 914 21.70 16.78 -1.01
C ASP A 914 21.58 17.82 0.12
N ILE A 915 22.19 17.54 1.29
CA ILE A 915 22.23 18.47 2.42
C ILE A 915 23.70 18.87 2.67
N ILE A 916 23.95 20.18 2.73
CA ILE A 916 25.29 20.73 3.00
C ILE A 916 25.42 21.07 4.48
N SER A 917 26.43 20.50 5.16
CA SER A 917 26.64 20.72 6.60
C SER A 917 28.12 20.72 7.00
N ASP A 918 28.39 21.18 8.23
CA ASP A 918 29.75 21.20 8.81
C ASP A 918 29.99 19.92 9.61
N ILE A 919 30.99 19.14 9.20
CA ILE A 919 31.36 17.88 9.88
C ILE A 919 32.69 17.96 10.64
N SER A 920 33.22 19.16 10.86
CA SER A 920 34.53 19.34 11.47
C SER A 920 34.57 18.98 12.95
N GLY A 921 33.45 19.20 13.65
CA GLY A 921 33.36 19.01 15.10
C GLY A 921 32.73 20.19 15.80
N PHE A 922 32.95 21.39 15.26
CA PHE A 922 32.41 22.62 15.84
C PHE A 922 30.97 22.93 15.44
N ASN A 923 30.51 22.29 14.35
CA ASN A 923 29.12 22.36 13.90
C ASN A 923 28.59 23.78 13.70
N SER A 924 29.30 24.51 12.85
CA SER A 924 28.89 25.85 12.43
C SER A 924 27.63 25.71 11.58
N SER A 925 26.65 26.60 11.81
CA SER A 925 25.39 26.57 11.06
C SER A 925 25.60 26.89 9.59
N VAL A 926 24.91 26.16 8.71
CA VAL A 926 25.01 26.36 7.26
C VAL A 926 23.62 26.67 6.70
N ILE A 927 23.56 27.68 5.82
CA ILE A 927 22.32 28.11 5.18
C ILE A 927 22.47 27.92 3.67
N THR A 928 21.63 27.07 3.07
CA THR A 928 21.62 26.87 1.62
C THR A 928 20.40 27.57 1.02
N TYR A 929 20.64 28.50 0.09
CA TYR A 929 19.58 29.33 -0.52
C TYR A 929 18.97 28.66 -1.74
N PRO A 930 17.74 29.07 -2.14
CA PRO A 930 16.97 28.37 -3.19
C PRO A 930 17.72 27.94 -4.45
N ASP A 931 18.56 28.82 -5.00
CA ASP A 931 19.22 28.57 -6.29
C ASP A 931 20.72 28.20 -6.16
N ALA A 932 21.12 27.65 -5.01
CA ALA A 932 22.41 26.97 -4.91
C ALA A 932 22.18 25.56 -5.43
N GLN A 933 22.94 25.18 -6.45
CA GLN A 933 22.72 23.92 -7.16
C GLN A 933 23.79 22.91 -6.80
N LEU A 934 23.48 21.64 -7.01
CA LEU A 934 24.39 20.53 -6.73
C LEU A 934 24.78 19.84 -8.02
N VAL A 935 26.06 19.54 -8.16
CA VAL A 935 26.61 18.88 -9.35
C VAL A 935 27.62 17.81 -8.93
N PRO A 936 27.99 16.89 -9.84
CA PRO A 936 28.98 15.88 -9.50
C PRO A 936 30.31 16.48 -8.99
N GLY A 937 30.85 15.88 -7.93
CA GLY A 937 32.07 16.36 -7.28
C GLY A 937 33.19 15.34 -7.31
N ILE A 938 34.26 15.64 -6.59
CA ILE A 938 35.45 14.79 -6.58
C ILE A 938 35.21 13.49 -5.79
N ASN A 939 34.35 13.54 -4.78
CA ASN A 939 33.94 12.35 -4.02
C ASN A 939 32.53 12.56 -3.44
N GLY A 940 31.55 12.47 -4.34
CA GLY A 940 30.13 12.70 -4.04
C GLY A 940 29.60 13.82 -4.91
N LYS A 941 29.09 14.88 -4.27
CA LYS A 941 28.54 16.05 -4.98
C LYS A 941 29.22 17.32 -4.50
N ALA A 942 29.08 18.37 -5.31
CA ALA A 942 29.72 19.67 -5.07
C ALA A 942 28.71 20.82 -5.12
N ILE A 943 29.15 22.00 -4.67
CA ILE A 943 28.34 23.22 -4.71
C ILE A 943 28.52 23.88 -6.08
N HIS A 944 27.42 24.40 -6.64
CA HIS A 944 27.40 25.04 -7.95
C HIS A 944 26.70 26.39 -7.85
N LEU A 945 27.42 27.46 -8.21
CA LEU A 945 26.95 28.82 -8.03
C LEU A 945 26.76 29.49 -9.38
N VAL A 946 25.57 30.05 -9.60
CA VAL A 946 25.24 30.85 -10.79
C VAL A 946 25.14 32.33 -10.40
N ASN A 947 25.08 33.24 -11.38
CA ASN A 947 25.16 34.69 -11.12
C ASN A 947 23.80 35.34 -10.92
N ASN A 948 23.12 34.96 -9.84
CA ASN A 948 21.99 35.73 -9.32
C ASN A 948 22.02 35.70 -7.79
N GLU A 949 21.21 36.57 -7.18
CA GLU A 949 21.28 36.81 -5.74
C GLU A 949 20.79 35.62 -4.87
N SER A 950 19.96 34.75 -5.44
CA SER A 950 19.48 33.55 -4.74
C SER A 950 20.49 32.38 -4.71
N SER A 951 21.50 32.38 -5.58
CA SER A 951 22.50 31.30 -5.64
C SER A 951 23.63 31.59 -4.64
N GLU A 952 23.50 31.00 -3.45
CA GLU A 952 24.27 31.43 -2.28
C GLU A 952 24.34 30.35 -1.19
N VAL A 953 25.52 30.17 -0.60
CA VAL A 953 25.70 29.33 0.59
C VAL A 953 26.42 30.18 1.66
N ILE A 954 25.88 30.15 2.87
CA ILE A 954 26.35 30.95 4.02
C ILE A 954 26.70 30.03 5.19
N VAL A 955 27.91 30.19 5.73
CA VAL A 955 28.35 29.51 6.94
C VAL A 955 28.43 30.53 8.06
N HIS A 956 27.49 30.48 9.01
CA HIS A 956 27.58 31.29 10.21
C HIS A 956 28.54 30.58 11.18
N LYS A 957 29.74 31.15 11.35
CA LYS A 957 30.79 30.56 12.21
C LYS A 957 30.30 30.36 13.64
N ALA A 958 30.67 29.23 14.23
CA ALA A 958 30.40 28.96 15.65
C ALA A 958 31.27 29.86 16.50
N MET A 959 30.79 30.19 17.70
CA MET A 959 31.49 31.12 18.58
C MET A 959 32.86 30.61 19.02
N ASP A 960 33.01 29.30 19.19
CA ASP A 960 34.33 28.69 19.48
C ASP A 960 35.43 29.03 18.46
N ILE A 961 35.05 29.22 17.19
CA ILE A 961 36.01 29.55 16.11
C ILE A 961 35.79 30.95 15.49
N GLU A 962 35.18 31.87 16.24
CA GLU A 962 34.79 33.18 15.70
C GLU A 962 35.99 34.05 15.33
N TYR A 963 36.94 34.18 16.26
CA TYR A 963 38.10 35.07 16.09
C TYR A 963 39.43 34.35 15.86
N ASN A 964 39.39 33.09 15.40
CA ASN A 964 40.63 32.30 15.16
C ASN A 964 41.46 32.80 13.97
N ASP A 965 40.89 33.70 13.18
CA ASP A 965 41.55 34.31 12.02
C ASP A 965 42.29 35.62 12.34
N MET A 966 42.10 36.18 13.54
CA MET A 966 42.43 37.57 13.86
C MET A 966 43.94 37.81 13.97
N PHE A 967 44.59 36.99 14.79
CA PHE A 967 46.05 37.08 14.99
C PHE A 967 46.85 35.82 14.60
N ASN A 968 46.17 34.68 14.44
CA ASN A 968 46.86 33.38 14.30
C ASN A 968 46.96 32.89 12.87
N ASN A 969 47.77 31.85 12.69
CA ASN A 969 47.94 31.18 11.39
C ASN A 969 46.70 30.34 11.03
N PHE A 970 46.47 30.21 9.72
CA PHE A 970 45.34 29.44 9.22
C PHE A 970 45.57 28.99 7.77
N THR A 971 44.82 27.97 7.35
CA THR A 971 44.88 27.47 5.98
C THR A 971 43.47 27.25 5.45
N VAL A 972 43.25 27.64 4.19
CA VAL A 972 41.98 27.42 3.49
C VAL A 972 42.24 26.50 2.29
N SER A 973 41.44 25.45 2.17
CA SER A 973 41.56 24.49 1.06
C SER A 973 40.19 24.09 0.49
N PHE A 974 40.15 23.88 -0.82
CA PHE A 974 38.94 23.50 -1.53
C PHE A 974 39.27 23.02 -2.94
N TRP A 975 38.40 22.21 -3.52
CA TRP A 975 38.46 21.87 -4.94
C TRP A 975 37.67 22.92 -5.71
N LEU A 976 38.23 23.38 -6.83
CA LEU A 976 37.63 24.42 -7.66
C LEU A 976 37.50 23.93 -9.09
N ARG A 977 36.43 24.36 -9.77
CA ARG A 977 36.24 24.10 -11.20
C ARG A 977 35.57 25.30 -11.87
N VAL A 978 36.32 26.01 -12.71
CA VAL A 978 35.81 27.16 -13.48
C VAL A 978 35.89 26.89 -14.97
N PRO A 979 34.87 27.34 -15.74
CA PRO A 979 34.85 27.04 -17.17
C PRO A 979 35.88 27.86 -17.95
N LYS A 980 36.34 27.30 -19.08
CA LYS A 980 37.31 27.99 -19.95
C LYS A 980 36.68 29.29 -20.41
N VAL A 981 37.39 30.40 -20.20
CA VAL A 981 36.87 31.70 -20.62
C VAL A 981 37.08 31.81 -22.13
N SER A 982 35.99 32.11 -22.85
CA SER A 982 36.04 32.28 -24.32
C SER A 982 36.79 33.55 -24.67
N ALA A 983 37.24 33.62 -25.93
CA ALA A 983 38.02 34.76 -26.41
C ALA A 983 37.21 36.07 -26.37
N SER A 984 35.90 35.97 -26.62
CA SER A 984 34.99 37.11 -26.49
C SER A 984 34.93 37.63 -25.07
N HIS A 985 34.74 36.74 -24.11
CA HIS A 985 34.54 37.14 -22.71
C HIS A 985 35.80 37.65 -22.01
N LEU A 986 36.98 37.26 -22.48
CA LEU A 986 38.25 37.90 -22.05
C LEU A 986 38.34 39.35 -22.51
N GLU A 987 37.83 39.65 -23.71
CA GLU A 987 37.74 41.04 -24.20
C GLU A 987 36.70 41.85 -23.40
N GLN A 988 35.49 41.32 -23.26
CA GLN A 988 34.42 42.02 -22.53
C GLN A 988 34.70 42.17 -21.03
N TYR A 989 34.96 41.05 -20.37
CA TYR A 989 34.99 40.97 -18.89
C TYR A 989 36.37 40.71 -18.29
N GLY A 990 37.44 40.94 -19.05
CA GLY A 990 38.80 40.59 -18.62
C GLY A 990 39.39 41.38 -17.46
N THR A 991 38.92 42.62 -17.28
CA THR A 991 39.34 43.49 -16.15
C THR A 991 38.38 43.48 -14.95
N ASN A 992 37.27 42.73 -15.07
CA ASN A 992 36.30 42.60 -14.00
C ASN A 992 36.74 41.55 -12.99
N GLU A 993 37.05 42.00 -11.77
CA GLU A 993 37.38 41.11 -10.65
C GLU A 993 36.12 40.81 -9.83
N TYR A 994 35.78 39.53 -9.73
CA TYR A 994 34.65 39.07 -8.90
C TYR A 994 35.12 38.05 -7.88
N SER A 995 34.67 38.20 -6.63
CA SER A 995 34.99 37.23 -5.57
C SER A 995 33.99 36.07 -5.57
N ILE A 996 34.46 34.89 -5.18
CA ILE A 996 33.63 33.67 -5.12
C ILE A 996 33.46 33.12 -3.70
N ILE A 997 34.49 33.26 -2.86
CA ILE A 997 34.39 32.95 -1.43
C ILE A 997 34.98 34.15 -0.66
N SER A 998 34.26 34.62 0.35
CA SER A 998 34.69 35.81 1.11
C SER A 998 34.21 35.80 2.57
N SER A 999 35.08 36.22 3.48
CA SER A 999 34.72 36.48 4.88
C SER A 999 34.67 37.96 5.20
N MET A 1000 34.77 38.82 4.17
CA MET A 1000 34.92 40.26 4.39
C MET A 1000 33.60 40.95 4.70
N LYS A 1001 33.69 42.00 5.52
CA LYS A 1001 32.54 42.85 5.89
C LYS A 1001 31.84 43.45 4.67
N ILE A 1007 32.57 49.02 5.96
CA ILE A 1007 33.64 48.25 6.58
C ILE A 1007 34.05 47.11 5.64
N GLY A 1008 35.35 46.80 5.62
CA GLY A 1008 35.90 45.76 4.75
C GLY A 1008 37.23 45.21 5.24
N SER A 1009 37.17 44.15 6.05
CA SER A 1009 38.36 43.43 6.54
C SER A 1009 38.08 41.93 6.61
N GLY A 1010 39.05 41.12 6.20
CA GLY A 1010 38.90 39.66 6.11
C GLY A 1010 39.82 39.06 5.07
N TRP A 1011 39.38 37.94 4.47
CA TRP A 1011 40.06 37.35 3.30
C TRP A 1011 39.04 37.10 2.20
N SER A 1012 39.54 36.91 0.98
CA SER A 1012 38.67 36.58 -0.16
C SER A 1012 39.40 35.82 -1.27
N VAL A 1013 38.65 34.94 -1.94
CA VAL A 1013 39.08 34.26 -3.17
C VAL A 1013 38.35 34.93 -4.33
N SER A 1014 39.11 35.47 -5.29
CA SER A 1014 38.53 36.15 -6.45
C SER A 1014 39.20 35.77 -7.76
N LEU A 1015 38.46 35.99 -8.85
CA LEU A 1015 38.91 35.69 -10.21
C LEU A 1015 38.85 36.96 -11.06
N LYS A 1016 39.75 37.07 -12.03
CA LYS A 1016 39.82 38.23 -12.92
C LYS A 1016 40.46 37.79 -14.23
N GLY A 1017 39.63 37.56 -15.25
CA GLY A 1017 40.09 36.97 -16.50
C GLY A 1017 40.55 35.54 -16.26
N ASN A 1018 41.85 35.29 -16.47
CA ASN A 1018 42.48 34.00 -16.16
C ASN A 1018 43.47 34.14 -14.99
N ASN A 1019 43.14 34.99 -14.01
CA ASN A 1019 43.99 35.22 -12.83
C ASN A 1019 43.24 34.82 -11.56
N LEU A 1020 43.84 33.93 -10.76
CA LEU A 1020 43.31 33.57 -9.44
C LEU A 1020 43.94 34.49 -8.41
N ILE A 1021 43.11 35.04 -7.52
CA ILE A 1021 43.52 36.08 -6.59
C ILE A 1021 43.10 35.76 -5.15
N TRP A 1022 44.08 35.74 -4.26
CA TRP A 1022 43.87 35.62 -2.82
C TRP A 1022 44.19 36.99 -2.22
N THR A 1023 43.27 37.51 -1.41
CA THR A 1023 43.41 38.83 -0.79
C THR A 1023 43.27 38.68 0.72
N LEU A 1024 44.03 39.49 1.45
CA LEU A 1024 44.06 39.49 2.91
C LEU A 1024 44.09 40.95 3.40
N LYS A 1025 43.11 41.34 4.22
CA LYS A 1025 42.95 42.75 4.63
C LYS A 1025 42.64 42.87 6.12
N ASP A 1026 43.37 43.75 6.81
CA ASP A 1026 43.29 43.90 8.28
C ASP A 1026 42.40 45.07 8.74
N SER A 1027 42.36 45.32 10.05
CA SER A 1027 41.56 46.40 10.67
C SER A 1027 41.97 47.80 10.21
N ALA A 1028 43.27 48.03 10.07
CA ALA A 1028 43.82 49.35 9.69
C ALA A 1028 43.89 49.63 8.18
N GLY A 1029 43.36 48.72 7.34
CA GLY A 1029 43.30 48.92 5.90
C GLY A 1029 44.51 48.43 5.09
N GLU A 1030 45.44 47.73 5.75
CA GLU A 1030 46.58 47.10 5.06
C GLU A 1030 46.09 45.97 4.17
N VAL A 1031 46.69 45.83 2.99
CA VAL A 1031 46.29 44.83 2.00
C VAL A 1031 47.51 44.01 1.56
N ARG A 1032 47.33 42.69 1.43
CA ARG A 1032 48.32 41.81 0.80
C ARG A 1032 47.61 40.85 -0.15
N GLN A 1033 48.14 40.72 -1.38
CA GLN A 1033 47.56 39.86 -2.40
C GLN A 1033 48.57 38.86 -2.97
N ILE A 1034 48.03 37.74 -3.46
CA ILE A 1034 48.73 36.84 -4.36
C ILE A 1034 47.89 36.83 -5.63
N THR A 1035 48.51 37.10 -6.78
CA THR A 1035 47.84 37.03 -8.07
C THR A 1035 48.53 35.96 -8.90
N PHE A 1036 47.78 34.91 -9.26
CA PHE A 1036 48.32 33.79 -10.03
C PHE A 1036 47.88 33.84 -11.49
N ARG A 1037 48.81 34.13 -12.39
CA ARG A 1037 48.57 34.07 -13.84
C ARG A 1037 48.50 32.62 -14.32
N ASP A 1038 47.35 32.21 -14.85
CA ASP A 1038 47.16 30.84 -15.33
C ASP A 1038 47.96 30.62 -16.62
N LEU A 1039 48.29 29.38 -16.91
CA LEU A 1039 49.12 29.03 -18.07
C LEU A 1039 48.37 29.29 -19.39
N PRO A 1040 49.10 29.63 -20.47
CA PRO A 1040 48.46 29.86 -21.78
C PRO A 1040 47.89 28.59 -22.44
N ASP A 1041 48.58 27.45 -22.31
CA ASP A 1041 48.10 26.18 -22.86
C ASP A 1041 46.90 25.69 -22.05
N LYS A 1042 45.70 25.86 -22.60
CA LYS A 1042 44.47 25.62 -21.84
C LYS A 1042 44.15 24.13 -21.60
N PHE A 1043 44.69 23.27 -22.46
CA PHE A 1043 44.64 21.82 -22.26
C PHE A 1043 45.38 21.40 -20.99
N ASN A 1044 46.42 22.17 -20.61
CA ASN A 1044 47.20 21.95 -19.37
C ASN A 1044 47.00 23.06 -18.32
N ALA A 1045 45.87 23.77 -18.36
CA ALA A 1045 45.65 24.91 -17.47
C ALA A 1045 44.76 24.54 -16.29
N TYR A 1046 44.87 25.34 -15.22
CA TYR A 1046 44.17 25.09 -13.96
C TYR A 1046 42.80 25.77 -13.87
N LEU A 1047 42.57 26.82 -14.67
CA LEU A 1047 41.28 27.52 -14.71
C LEU A 1047 40.62 27.37 -16.08
N ALA A 1048 40.53 26.11 -16.53
CA ALA A 1048 40.02 25.73 -17.85
C ALA A 1048 39.19 24.45 -17.78
N ASN A 1049 38.14 24.50 -16.96
CA ASN A 1049 37.06 23.49 -16.91
C ASN A 1049 37.41 22.15 -16.23
N LYS A 1050 38.49 22.10 -15.45
CA LYS A 1050 38.88 20.87 -14.70
C LYS A 1050 38.84 21.06 -13.19
N TRP A 1051 38.46 20.02 -12.46
CA TRP A 1051 38.55 20.01 -11.00
C TRP A 1051 40.02 20.05 -10.58
N VAL A 1052 40.40 21.08 -9.82
CA VAL A 1052 41.77 21.25 -9.31
C VAL A 1052 41.73 21.57 -7.81
N PHE A 1053 42.75 21.10 -7.07
CA PHE A 1053 42.79 21.28 -5.62
C PHE A 1053 43.56 22.55 -5.20
N ILE A 1054 42.84 23.51 -4.63
CA ILE A 1054 43.42 24.77 -4.11
C ILE A 1054 43.81 24.59 -2.65
N THR A 1055 44.91 25.22 -2.25
CA THR A 1055 45.33 25.28 -0.84
C THR A 1055 46.07 26.61 -0.63
N ILE A 1056 45.63 27.38 0.37
CA ILE A 1056 46.27 28.67 0.67
C ILE A 1056 46.63 28.73 2.15
N THR A 1057 47.94 28.70 2.44
CA THR A 1057 48.45 28.77 3.82
C THR A 1057 48.70 30.24 4.19
N ASN A 1058 48.65 30.54 5.48
CA ASN A 1058 48.89 31.89 6.01
C ASN A 1058 49.74 31.86 7.28
N ASP A 1059 51.03 32.20 7.15
CA ASP A 1059 51.94 32.36 8.29
C ASP A 1059 52.13 33.85 8.56
N ARG A 1060 51.76 34.29 9.75
CA ARG A 1060 51.77 35.72 10.10
C ARG A 1060 53.19 36.28 10.31
N LEU A 1061 54.13 35.41 10.69
CA LEU A 1061 55.54 35.78 10.87
C LEU A 1061 56.41 35.60 9.60
N SER A 1062 55.79 35.34 8.44
CA SER A 1062 56.52 35.27 7.18
C SER A 1062 55.67 35.60 5.94
N SER A 1063 54.95 34.61 5.41
CA SER A 1063 54.27 34.75 4.11
C SER A 1063 53.06 33.81 3.95
N ALA A 1064 52.23 34.12 2.96
CA ALA A 1064 51.09 33.31 2.57
C ALA A 1064 51.41 32.64 1.23
N ASN A 1065 51.15 31.33 1.13
CA ASN A 1065 51.52 30.55 -0.05
C ASN A 1065 50.30 29.93 -0.71
N LEU A 1066 50.23 30.07 -2.03
CA LEU A 1066 49.18 29.49 -2.86
C LEU A 1066 49.68 28.21 -3.52
N TYR A 1067 48.99 27.10 -3.29
CA TYR A 1067 49.28 25.83 -3.96
C TYR A 1067 48.11 25.40 -4.85
N ILE A 1068 48.44 24.70 -5.94
CA ILE A 1068 47.44 24.03 -6.79
C ILE A 1068 47.93 22.61 -6.99
N ASN A 1069 47.10 21.63 -6.64
CA ASN A 1069 47.46 20.20 -6.69
C ASN A 1069 48.79 19.87 -5.98
N GLY A 1070 48.99 20.49 -4.81
CA GLY A 1070 50.16 20.23 -3.97
C GLY A 1070 51.46 20.93 -4.32
N VAL A 1071 51.48 21.70 -5.42
CA VAL A 1071 52.68 22.38 -5.91
C VAL A 1071 52.53 23.89 -5.73
N LEU A 1072 53.59 24.55 -5.27
CA LEU A 1072 53.60 25.99 -5.01
C LEU A 1072 53.51 26.79 -6.33
N MET A 1073 52.49 27.63 -6.45
CA MET A 1073 52.28 28.49 -7.62
C MET A 1073 52.52 29.98 -7.39
N GLY A 1074 52.40 30.43 -6.13
CA GLY A 1074 52.58 31.85 -5.81
C GLY A 1074 52.73 32.08 -4.31
N SER A 1075 53.29 33.24 -3.97
CA SER A 1075 53.61 33.59 -2.57
C SER A 1075 53.60 35.11 -2.35
N ALA A 1076 53.31 35.53 -1.12
CA ALA A 1076 53.29 36.95 -0.76
C ALA A 1076 53.53 37.14 0.74
N GLU A 1077 54.20 38.24 1.10
CA GLU A 1077 54.61 38.51 2.49
C GLU A 1077 53.44 39.04 3.32
N ILE A 1078 53.30 38.53 4.55
CA ILE A 1078 52.16 38.81 5.45
C ILE A 1078 52.58 39.57 6.74
N THR A 1079 53.87 39.83 6.92
CA THR A 1079 54.39 40.49 8.11
C THR A 1079 54.07 41.99 8.13
N GLY A 1080 53.99 42.56 9.33
CA GLY A 1080 53.66 43.99 9.51
C GLY A 1080 52.17 44.22 9.27
N LEU A 1081 51.36 43.43 9.96
CA LEU A 1081 49.92 43.35 9.69
C LEU A 1081 49.20 43.13 11.02
N GLY A 1082 48.22 43.99 11.31
CA GLY A 1082 47.56 44.01 12.62
C GLY A 1082 46.44 42.99 12.74
N ALA A 1083 45.43 43.32 13.55
CA ALA A 1083 44.28 42.44 13.78
C ALA A 1083 43.35 42.44 12.57
N ILE A 1084 42.86 41.25 12.22
CA ILE A 1084 41.88 41.06 11.14
C ILE A 1084 40.50 40.81 11.76
N ARG A 1085 39.55 41.70 11.46
CA ARG A 1085 38.22 41.65 12.06
C ARG A 1085 37.13 41.34 11.03
N GLU A 1086 36.78 40.06 10.92
CA GLU A 1086 35.90 39.53 9.86
C GLU A 1086 34.42 39.78 10.08
N ASP A 1087 33.64 39.44 9.05
CA ASP A 1087 32.21 39.22 9.17
C ASP A 1087 32.03 37.90 9.92
N ASN A 1088 30.92 37.76 10.64
CA ASN A 1088 30.60 36.51 11.35
C ASN A 1088 30.20 35.36 10.39
N ASN A 1089 29.78 35.71 9.16
CA ASN A 1089 29.44 34.75 8.12
C ASN A 1089 30.55 34.62 7.07
N ILE A 1090 30.86 33.40 6.65
CA ILE A 1090 31.67 33.17 5.46
C ILE A 1090 30.68 32.90 4.33
N THR A 1091 30.78 33.67 3.25
CA THR A 1091 29.81 33.63 2.16
C THR A 1091 30.42 33.04 0.88
N LEU A 1092 29.75 32.03 0.32
CA LEU A 1092 30.10 31.45 -0.97
C LEU A 1092 29.11 31.97 -2.01
N LYS A 1093 29.54 32.97 -2.78
CA LYS A 1093 28.68 33.68 -3.73
C LYS A 1093 29.48 34.43 -4.80
N LEU A 1094 28.91 34.53 -6.00
CA LEU A 1094 29.44 35.40 -7.05
C LEU A 1094 29.03 36.85 -6.75
N ASP A 1095 30.01 37.69 -6.40
CA ASP A 1095 29.77 39.08 -6.03
C ASP A 1095 30.51 40.04 -6.97
N ARG A 1096 29.78 41.00 -7.52
CA ARG A 1096 30.29 42.01 -8.45
C ARG A 1096 30.87 41.40 -9.74
N CYS A 1097 30.14 40.43 -10.29
CA CYS A 1097 30.47 39.79 -11.57
C CYS A 1097 29.46 40.25 -12.62
N ASN A 1098 29.95 40.90 -13.67
CA ASN A 1098 29.10 41.54 -14.69
C ASN A 1098 28.47 40.54 -15.65
N ASN A 1099 29.24 39.51 -16.03
CA ASN A 1099 28.75 38.43 -16.90
C ASN A 1099 27.66 37.62 -16.19
N ASN A 1100 26.43 37.73 -16.67
CA ASN A 1100 25.29 36.99 -16.10
C ASN A 1100 25.28 35.49 -16.42
N ASN A 1101 26.15 35.03 -17.32
CA ASN A 1101 26.30 33.61 -17.64
C ASN A 1101 27.46 32.91 -16.89
N GLN A 1102 28.16 33.62 -16.01
CA GLN A 1102 29.30 33.04 -15.30
C GLN A 1102 28.84 32.09 -14.19
N TYR A 1103 29.56 30.98 -14.05
CA TYR A 1103 29.37 30.05 -12.93
C TYR A 1103 30.71 29.48 -12.48
N VAL A 1104 30.72 28.95 -11.25
CA VAL A 1104 31.84 28.15 -10.73
C VAL A 1104 31.30 27.00 -9.87
N SER A 1105 32.19 26.07 -9.56
CA SER A 1105 31.88 24.93 -8.70
C SER A 1105 32.95 24.77 -7.62
N ILE A 1106 32.51 24.63 -6.36
CA ILE A 1106 33.39 24.52 -5.19
C ILE A 1106 33.05 23.24 -4.43
N ASP A 1107 34.08 22.48 -4.02
CA ASP A 1107 33.87 21.21 -3.31
C ASP A 1107 34.85 21.01 -2.16
N LYS A 1108 34.35 20.39 -1.08
CA LYS A 1108 35.13 20.06 0.12
C LYS A 1108 35.76 21.27 0.79
N PHE A 1109 34.99 22.36 0.92
CA PHE A 1109 35.51 23.59 1.51
C PHE A 1109 35.93 23.35 2.96
N ARG A 1110 37.12 23.85 3.33
CA ARG A 1110 37.77 23.48 4.58
C ARG A 1110 38.66 24.60 5.13
N ILE A 1111 38.74 24.72 6.45
CA ILE A 1111 39.63 25.66 7.14
C ILE A 1111 40.40 24.93 8.25
N PHE A 1112 41.72 25.12 8.27
CA PHE A 1112 42.58 24.65 9.36
C PHE A 1112 43.07 25.85 10.18
N CYS A 1113 43.38 25.60 11.46
CA CYS A 1113 43.89 26.65 12.36
C CYS A 1113 45.44 26.69 12.42
N LYS A 1114 46.10 26.33 11.32
CA LYS A 1114 47.56 26.47 11.19
C LYS A 1114 47.98 26.52 9.71
N ALA A 1115 49.24 26.92 9.48
CA ALA A 1115 49.82 26.95 8.14
C ALA A 1115 50.38 25.57 7.85
N LEU A 1116 49.76 24.84 6.92
CA LEU A 1116 50.24 23.52 6.53
C LEU A 1116 51.55 23.61 5.75
N ASN A 1117 52.46 22.68 6.03
CA ASN A 1117 53.73 22.57 5.28
C ASN A 1117 53.48 21.74 4.01
N PRO A 1118 54.44 21.74 3.05
CA PRO A 1118 54.21 20.98 1.81
C PRO A 1118 53.93 19.48 2.00
N LYS A 1119 54.53 18.85 3.00
CA LYS A 1119 54.34 17.42 3.27
C LYS A 1119 52.92 17.11 3.79
N GLU A 1120 52.37 18.02 4.58
CA GLU A 1120 50.98 17.92 5.06
C GLU A 1120 49.94 18.18 3.95
N ILE A 1121 50.26 19.10 3.04
CA ILE A 1121 49.39 19.44 1.91
C ILE A 1121 49.25 18.25 0.94
N GLU A 1122 50.38 17.65 0.59
CA GLU A 1122 50.44 16.49 -0.32
C GLU A 1122 49.55 15.33 0.12
N LYS A 1123 49.56 15.04 1.43
CA LYS A 1123 48.71 14.01 2.02
C LYS A 1123 47.22 14.40 1.97
N LEU A 1124 46.94 15.68 2.23
CA LEU A 1124 45.58 16.22 2.14
C LEU A 1124 45.05 16.11 0.71
N TYR A 1125 45.85 16.57 -0.26
CA TYR A 1125 45.51 16.50 -1.68
C TYR A 1125 45.18 15.05 -2.11
N THR A 1126 46.06 14.11 -1.82
CA THR A 1126 45.86 12.70 -2.22
C THR A 1126 44.76 11.94 -1.44
N SER A 1127 44.36 12.44 -0.28
CA SER A 1127 43.29 11.80 0.50
C SER A 1127 41.96 11.77 -0.26
N TYR A 1128 41.70 12.80 -1.07
CA TYR A 1128 40.46 12.90 -1.84
C TYR A 1128 40.44 12.02 -3.10
N LEU A 1129 41.62 11.71 -3.62
CA LEU A 1129 41.76 10.90 -4.85
C LEU A 1129 41.54 9.41 -4.59
N SER A 1130 40.28 9.00 -4.50
CA SER A 1130 39.93 7.58 -4.34
C SER A 1130 40.16 6.79 -5.64
N ILE A 1131 40.02 5.47 -5.56
CA ILE A 1131 40.14 4.58 -6.74
C ILE A 1131 38.84 3.81 -7.06
N THR A 1132 37.78 4.11 -6.33
CA THR A 1132 36.51 3.38 -6.46
C THR A 1132 35.87 3.65 -7.82
N PHE A 1133 35.60 4.92 -8.08
CA PHE A 1133 34.98 5.38 -9.33
C PHE A 1133 36.05 5.94 -10.26
N LEU A 1134 35.94 5.62 -11.54
CA LEU A 1134 36.82 6.16 -12.58
C LEU A 1134 36.37 7.60 -12.87
N ARG A 1135 37.22 8.37 -13.55
CA ARG A 1135 36.94 9.80 -13.79
C ARG A 1135 37.20 10.23 -15.24
N ASP A 1136 36.36 11.13 -15.75
CA ASP A 1136 36.54 11.71 -17.09
C ASP A 1136 37.63 12.76 -17.12
N PHE A 1137 37.95 13.25 -18.32
CA PHE A 1137 38.95 14.31 -18.55
C PHE A 1137 38.76 15.56 -17.68
N TRP A 1138 37.51 15.93 -17.39
CA TRP A 1138 37.22 17.10 -16.55
C TRP A 1138 37.33 16.82 -15.04
N GLY A 1139 37.43 15.56 -14.64
CA GLY A 1139 37.55 15.17 -13.25
C GLY A 1139 36.27 14.66 -12.60
N ASN A 1140 35.19 14.57 -13.39
CA ASN A 1140 33.90 14.07 -12.89
C ASN A 1140 33.79 12.56 -13.11
N PRO A 1141 32.86 11.90 -12.38
CA PRO A 1141 32.71 10.46 -12.53
C PRO A 1141 32.39 10.00 -13.95
N LEU A 1142 33.16 9.03 -14.44
CA LEU A 1142 32.93 8.40 -15.73
C LEU A 1142 31.63 7.61 -15.68
N ARG A 1143 30.85 7.68 -16.76
CA ARG A 1143 29.51 7.12 -16.79
C ARG A 1143 29.27 6.21 -17.99
N TYR A 1144 28.37 5.25 -17.80
CA TYR A 1144 27.86 4.43 -18.91
C TYR A 1144 26.95 5.25 -19.81
N ASP A 1145 26.73 4.74 -21.03
CA ASP A 1145 25.76 5.32 -21.98
C ASP A 1145 25.99 6.82 -22.23
N THR A 1146 27.26 7.22 -22.36
CA THR A 1146 27.64 8.61 -22.56
C THR A 1146 28.75 8.68 -23.62
N GLU A 1147 28.62 9.63 -24.54
CA GLU A 1147 29.60 9.80 -25.61
C GLU A 1147 30.89 10.40 -25.07
N TYR A 1148 32.03 9.80 -25.43
CA TYR A 1148 33.36 10.30 -25.06
C TYR A 1148 34.31 10.25 -26.25
N TYR A 1149 35.09 11.31 -26.43
CA TYR A 1149 36.22 11.34 -27.37
C TYR A 1149 37.47 10.88 -26.64
N LEU A 1150 38.24 9.96 -27.24
CA LEU A 1150 39.46 9.44 -26.62
C LEU A 1150 40.70 10.23 -27.03
N ILE A 1151 41.56 10.52 -26.05
CA ILE A 1151 42.87 11.12 -26.27
C ILE A 1151 43.90 10.35 -25.44
N PRO A 1152 44.97 9.82 -26.07
CA PRO A 1152 46.01 9.17 -25.28
C PRO A 1152 46.85 10.18 -24.50
N VAL A 1153 47.12 9.87 -23.22
CA VAL A 1153 47.83 10.78 -22.31
C VAL A 1153 49.27 11.01 -22.78
N ALA A 1154 49.91 9.95 -23.27
CA ALA A 1154 51.29 9.99 -23.76
C ALA A 1154 51.49 10.80 -25.04
N SER A 1155 50.44 10.87 -25.86
CA SER A 1155 50.44 11.66 -27.10
C SER A 1155 49.22 12.57 -27.11
N SER A 1156 49.20 13.56 -26.22
CA SER A 1156 47.98 14.35 -25.94
C SER A 1156 47.50 15.25 -27.11
N SER A 1157 48.37 15.51 -28.10
CA SER A 1157 47.99 16.26 -29.29
C SER A 1157 47.41 15.41 -30.44
N LYS A 1158 46.92 14.21 -30.13
CA LYS A 1158 46.41 13.27 -31.15
C LYS A 1158 44.95 12.89 -30.87
N ASP A 1159 44.18 12.68 -31.95
CA ASP A 1159 42.81 12.13 -31.87
C ASP A 1159 42.77 10.74 -32.52
N VAL A 1160 41.71 10.00 -32.25
CA VAL A 1160 41.51 8.64 -32.79
C VAL A 1160 40.58 8.69 -34.01
N GLN A 1161 40.98 8.02 -35.09
CA GLN A 1161 40.19 7.97 -36.33
C GLN A 1161 39.98 6.53 -36.79
N LEU A 1162 38.94 6.34 -37.62
CA LEU A 1162 38.64 5.05 -38.22
C LEU A 1162 39.13 5.02 -39.68
N LYS A 1163 39.63 3.86 -40.10
CA LYS A 1163 40.08 3.63 -41.47
C LYS A 1163 38.85 3.23 -42.30
N ASN A 1164 38.09 2.26 -41.79
CA ASN A 1164 36.81 1.85 -42.35
C ASN A 1164 36.07 0.98 -41.34
N ILE A 1165 34.76 0.87 -41.49
CA ILE A 1165 33.96 -0.05 -40.67
C ILE A 1165 34.45 -1.47 -40.94
N THR A 1166 34.54 -2.26 -39.85
CA THR A 1166 35.15 -3.62 -39.84
C THR A 1166 36.69 -3.63 -39.87
N ASP A 1167 37.33 -2.46 -39.80
CA ASP A 1167 38.79 -2.34 -39.92
C ASP A 1167 39.37 -1.56 -38.73
N TYR A 1168 40.61 -1.10 -38.83
CA TYR A 1168 41.38 -0.65 -37.67
C TYR A 1168 41.23 0.84 -37.34
N MET A 1169 41.69 1.21 -36.14
CA MET A 1169 41.71 2.60 -35.66
C MET A 1169 43.16 3.05 -35.57
N TYR A 1170 43.37 4.36 -35.67
CA TYR A 1170 44.72 4.93 -35.68
C TYR A 1170 44.71 6.40 -35.21
N LEU A 1171 45.91 6.94 -34.97
CA LEU A 1171 46.07 8.29 -34.45
C LEU A 1171 46.28 9.30 -35.58
N THR A 1172 45.71 10.50 -35.42
CA THR A 1172 45.92 11.62 -36.34
C THR A 1172 46.20 12.90 -35.55
N ASN A 1173 46.93 13.83 -36.16
CA ASN A 1173 47.18 15.12 -35.54
C ASN A 1173 45.87 15.89 -35.38
N ALA A 1174 45.63 16.40 -34.18
CA ALA A 1174 44.44 17.17 -33.87
C ALA A 1174 44.67 18.62 -34.28
N PRO A 1175 43.62 19.31 -34.76
CA PRO A 1175 43.73 20.74 -35.07
C PRO A 1175 43.87 21.60 -33.82
N SER A 1176 44.31 22.85 -33.98
CA SER A 1176 44.60 23.74 -32.86
C SER A 1176 44.11 25.17 -33.09
N TYR A 1177 44.08 25.93 -31.99
CA TYR A 1177 43.68 27.34 -31.99
C TYR A 1177 44.78 28.14 -31.29
N THR A 1178 45.20 29.24 -31.91
CA THR A 1178 46.17 30.18 -31.31
C THR A 1178 45.59 31.59 -31.32
N ASN A 1179 45.92 32.38 -30.29
CA ASN A 1179 45.51 33.78 -30.18
C ASN A 1179 46.64 34.55 -29.50
N GLY A 1180 47.43 35.25 -30.31
CA GLY A 1180 48.65 35.94 -29.85
C GLY A 1180 48.44 37.04 -28.83
N LYS A 1181 47.56 37.99 -29.12
CA LYS A 1181 47.38 39.19 -28.28
C LYS A 1181 46.75 38.91 -26.91
N LEU A 1182 45.84 37.94 -26.85
CA LEU A 1182 45.22 37.53 -25.58
C LEU A 1182 46.02 36.48 -24.78
N ASN A 1183 47.13 35.99 -25.34
CA ASN A 1183 48.07 35.07 -24.67
C ASN A 1183 47.44 33.70 -24.35
N ILE A 1184 46.70 33.14 -25.31
CA ILE A 1184 46.09 31.81 -25.16
C ILE A 1184 46.22 30.96 -26.43
N TYR A 1185 46.31 29.64 -26.22
CA TYR A 1185 46.31 28.67 -27.31
C TYR A 1185 45.92 27.30 -26.76
N TYR A 1186 45.33 26.46 -27.61
CA TYR A 1186 45.03 25.08 -27.22
C TYR A 1186 44.71 24.17 -28.39
N ARG A 1187 44.91 22.88 -28.18
CA ARG A 1187 44.42 21.87 -29.11
C ARG A 1187 42.91 21.80 -29.02
N ARG A 1188 42.24 21.81 -30.17
CA ARG A 1188 40.78 21.84 -30.22
C ARG A 1188 40.22 20.46 -29.84
N LEU A 1189 39.16 20.48 -29.04
CA LEU A 1189 38.51 19.24 -28.59
C LEU A 1189 37.33 18.88 -29.49
N TYR A 1190 36.79 17.70 -29.25
CA TYR A 1190 35.55 17.20 -29.86
C TYR A 1190 35.66 16.69 -31.31
N ASN A 1191 36.89 16.53 -31.82
CA ASN A 1191 37.12 15.78 -33.07
C ASN A 1191 37.54 14.35 -32.74
N GLY A 1192 37.47 13.49 -33.75
CA GLY A 1192 37.77 12.06 -33.60
C GLY A 1192 36.52 11.25 -33.30
N LEU A 1193 36.71 9.97 -33.04
CA LEU A 1193 35.60 9.04 -32.85
C LEU A 1193 34.91 9.24 -31.51
N LYS A 1194 33.58 9.09 -31.53
CA LYS A 1194 32.76 9.07 -30.31
C LYS A 1194 32.69 7.62 -29.82
N PHE A 1195 33.14 7.38 -28.59
CA PHE A 1195 33.04 6.06 -27.95
C PHE A 1195 31.92 6.04 -26.93
N ILE A 1196 31.38 4.85 -26.68
CA ILE A 1196 30.30 4.65 -25.71
C ILE A 1196 30.60 3.42 -24.85
N ILE A 1197 30.48 3.57 -23.52
CA ILE A 1197 30.71 2.46 -22.57
C ILE A 1197 29.37 1.90 -22.10
N LYS A 1198 29.24 0.58 -22.13
CA LYS A 1198 28.04 -0.12 -21.65
C LYS A 1198 28.43 -1.29 -20.75
N ARG A 1199 27.52 -1.73 -19.89
CA ARG A 1199 27.77 -2.88 -19.00
C ARG A 1199 27.81 -4.17 -19.81
N TYR A 1200 28.81 -5.01 -19.54
CA TYR A 1200 28.93 -6.30 -20.22
C TYR A 1200 27.81 -7.27 -19.81
N THR A 1201 27.45 -7.24 -18.53
CA THR A 1201 26.36 -8.06 -17.99
C THR A 1201 25.38 -7.13 -17.26
N PRO A 1202 24.38 -6.59 -17.99
CA PRO A 1202 23.46 -5.64 -17.34
C PRO A 1202 22.59 -6.28 -16.25
N ASN A 1203 22.68 -5.71 -15.05
CA ASN A 1203 21.79 -6.05 -13.94
C ASN A 1203 20.71 -4.95 -13.88
N ASN A 1204 20.02 -4.80 -12.75
CA ASN A 1204 18.94 -3.83 -12.61
C ASN A 1204 19.35 -2.66 -11.70
N GLU A 1205 20.50 -2.05 -12.01
CA GLU A 1205 21.07 -0.99 -11.17
C GLU A 1205 20.47 0.39 -11.50
N ILE A 1206 20.47 1.25 -10.49
CA ILE A 1206 20.10 2.67 -10.65
C ILE A 1206 21.32 3.48 -11.10
N ASP A 1207 22.49 3.11 -10.60
CA ASP A 1207 23.79 3.73 -10.96
C ASP A 1207 24.04 3.76 -12.48
N SER A 1208 24.57 4.87 -12.96
CA SER A 1208 25.20 4.91 -14.28
C SER A 1208 26.73 5.19 -14.17
N PHE A 1209 27.28 5.08 -12.96
CA PHE A 1209 28.70 5.32 -12.70
C PHE A 1209 29.53 4.07 -12.98
N VAL A 1210 30.66 4.24 -13.65
CA VAL A 1210 31.56 3.13 -13.96
C VAL A 1210 32.53 2.97 -12.80
N LYS A 1211 32.45 1.83 -12.10
CA LYS A 1211 33.38 1.49 -11.01
C LYS A 1211 34.60 0.79 -11.59
N SER A 1212 35.74 0.96 -10.93
CA SER A 1212 36.98 0.26 -11.31
C SER A 1212 36.81 -1.25 -11.12
N GLY A 1213 37.18 -2.01 -12.15
CA GLY A 1213 36.96 -3.45 -12.19
C GLY A 1213 35.70 -3.90 -12.90
N ASP A 1214 34.82 -2.96 -13.29
CA ASP A 1214 33.60 -3.29 -14.04
C ASP A 1214 33.95 -3.85 -15.41
N PHE A 1215 33.30 -4.95 -15.78
CA PHE A 1215 33.43 -5.51 -17.12
C PHE A 1215 32.48 -4.76 -18.07
N ILE A 1216 33.00 -4.37 -19.24
CA ILE A 1216 32.33 -3.40 -20.11
C ILE A 1216 32.43 -3.80 -21.59
N LYS A 1217 31.59 -3.17 -22.42
CA LYS A 1217 31.66 -3.31 -23.88
C LYS A 1217 31.86 -1.92 -24.47
N LEU A 1218 32.89 -1.76 -25.31
CA LEU A 1218 33.23 -0.46 -25.89
C LEU A 1218 32.69 -0.37 -27.32
N TYR A 1219 31.82 0.62 -27.57
CA TYR A 1219 31.26 0.85 -28.91
C TYR A 1219 31.75 2.17 -29.49
N VAL A 1220 31.92 2.20 -30.82
CA VAL A 1220 32.14 3.42 -31.59
C VAL A 1220 30.80 3.84 -32.20
N SER A 1221 30.47 5.13 -32.11
CA SER A 1221 29.23 5.70 -32.65
C SER A 1221 29.48 6.44 -33.96
N TYR A 1222 29.18 5.77 -35.08
CA TYR A 1222 29.51 6.25 -36.44
C TYR A 1222 28.27 6.16 -37.34
N ASN A 1223 27.91 7.29 -37.97
CA ASN A 1223 26.63 7.47 -38.68
C ASN A 1223 25.41 7.23 -37.76
N ASN A 1224 25.53 7.62 -36.50
CA ASN A 1224 24.53 7.34 -35.44
C ASN A 1224 24.16 5.85 -35.30
N ASN A 1225 25.15 4.99 -35.46
CA ASN A 1225 25.03 3.53 -35.27
C ASN A 1225 26.18 3.10 -34.38
N GLU A 1226 25.94 2.10 -33.54
CA GLU A 1226 26.94 1.59 -32.61
C GLU A 1226 27.65 0.36 -33.17
N HIS A 1227 28.99 0.39 -33.19
CA HIS A 1227 29.83 -0.73 -33.67
C HIS A 1227 30.80 -1.18 -32.56
N ILE A 1228 30.81 -2.49 -32.27
CA ILE A 1228 31.62 -3.09 -31.20
C ILE A 1228 33.14 -3.05 -31.52
N VAL A 1229 33.94 -2.73 -30.51
CA VAL A 1229 35.41 -2.79 -30.61
C VAL A 1229 35.88 -4.14 -30.06
N GLY A 1230 36.75 -4.81 -30.81
CA GLY A 1230 37.26 -6.12 -30.39
C GLY A 1230 38.41 -6.65 -31.25
N TYR A 1231 38.95 -7.79 -30.83
CA TYR A 1231 40.00 -8.51 -31.56
C TYR A 1231 39.48 -9.86 -32.06
N PRO A 1232 39.59 -10.14 -33.39
CA PRO A 1232 39.16 -11.44 -33.92
C PRO A 1232 40.20 -12.55 -33.72
N LYS A 1233 39.72 -13.78 -33.59
CA LYS A 1233 40.58 -14.95 -33.34
C LYS A 1233 41.70 -15.05 -34.37
N ASP A 1234 42.95 -15.14 -33.88
CA ASP A 1234 44.15 -15.24 -34.74
C ASP A 1234 44.30 -14.08 -35.74
N GLY A 1235 43.77 -12.91 -35.39
CA GLY A 1235 43.82 -11.74 -36.26
C GLY A 1235 45.19 -11.10 -36.30
N ASN A 1236 45.42 -10.36 -37.39
CA ASN A 1236 46.66 -9.59 -37.63
C ASN A 1236 47.18 -8.92 -36.32
N ALA A 1237 48.47 -9.06 -36.05
CA ALA A 1237 49.08 -8.56 -34.80
C ALA A 1237 50.59 -8.34 -34.93
N PHE A 1238 51.08 -7.24 -34.35
CA PHE A 1238 52.50 -6.87 -34.44
C PHE A 1238 53.34 -7.69 -33.46
N ASN A 1239 54.45 -8.24 -33.95
CA ASN A 1239 55.33 -9.14 -33.17
C ASN A 1239 54.60 -10.37 -32.57
N ASN A 1240 53.50 -10.80 -33.22
CA ASN A 1240 52.58 -11.85 -32.72
C ASN A 1240 51.88 -11.61 -31.35
N LEU A 1241 52.14 -10.47 -30.71
CA LEU A 1241 51.69 -10.19 -29.34
C LEU A 1241 50.88 -8.90 -29.14
N ASP A 1242 51.08 -7.89 -30.00
CA ASP A 1242 50.30 -6.65 -29.96
C ASP A 1242 49.14 -6.74 -30.97
N ARG A 1243 47.94 -6.98 -30.44
CA ARG A 1243 46.79 -7.45 -31.23
C ARG A 1243 45.93 -6.30 -31.79
N ILE A 1244 45.80 -6.24 -33.12
CA ILE A 1244 45.17 -5.10 -33.81
C ILE A 1244 43.65 -5.10 -33.65
N LEU A 1245 43.12 -4.02 -33.08
CA LEU A 1245 41.68 -3.91 -32.77
C LEU A 1245 40.83 -3.62 -34.04
N ARG A 1246 39.56 -4.04 -33.99
CA ARG A 1246 38.66 -3.98 -35.15
C ARG A 1246 37.25 -3.48 -34.78
N VAL A 1247 36.79 -2.41 -35.44
CA VAL A 1247 35.51 -1.77 -35.13
C VAL A 1247 34.37 -2.36 -35.97
N GLY A 1248 33.48 -3.11 -35.32
CA GLY A 1248 32.32 -3.70 -35.97
C GLY A 1248 32.63 -4.89 -36.88
N TYR A 1249 33.65 -5.67 -36.51
CA TYR A 1249 34.06 -6.85 -37.28
C TYR A 1249 32.97 -7.91 -37.19
N ASN A 1250 32.55 -8.44 -38.34
CA ASN A 1250 31.58 -9.53 -38.39
C ASN A 1250 31.81 -10.41 -39.62
N ALA A 1251 32.90 -11.16 -39.59
CA ALA A 1251 33.14 -12.26 -40.52
C ALA A 1251 32.35 -13.46 -40.01
N PRO A 1252 31.67 -14.20 -40.91
CA PRO A 1252 30.64 -15.17 -40.47
C PRO A 1252 31.05 -16.15 -39.36
N GLY A 1253 32.14 -16.90 -39.59
CA GLY A 1253 32.56 -17.97 -38.67
C GLY A 1253 33.43 -17.55 -37.49
N ILE A 1254 34.31 -16.58 -37.71
CA ILE A 1254 35.39 -16.27 -36.77
C ILE A 1254 34.87 -15.52 -35.52
N PRO A 1255 35.14 -16.04 -34.30
CA PRO A 1255 34.75 -15.31 -33.09
C PRO A 1255 35.51 -14.00 -32.86
N LEU A 1256 34.84 -13.05 -32.21
CA LEU A 1256 35.37 -11.72 -31.92
C LEU A 1256 35.46 -11.56 -30.41
N TYR A 1257 36.67 -11.33 -29.89
CA TYR A 1257 36.87 -11.13 -28.46
C TYR A 1257 36.64 -9.66 -28.13
N LYS A 1258 35.62 -9.41 -27.29
CA LYS A 1258 35.15 -8.06 -26.98
C LYS A 1258 35.01 -7.72 -25.50
N LYS A 1259 35.27 -8.68 -24.59
CA LYS A 1259 35.08 -8.49 -23.15
C LYS A 1259 36.22 -7.63 -22.58
N MET A 1260 35.89 -6.44 -22.10
CA MET A 1260 36.89 -5.50 -21.58
C MET A 1260 36.62 -5.19 -20.11
N GLU A 1261 37.66 -4.71 -19.42
CA GLU A 1261 37.58 -4.36 -18.00
C GLU A 1261 38.18 -2.96 -17.82
N ALA A 1262 37.40 -2.05 -17.26
CA ALA A 1262 37.83 -0.68 -17.02
C ALA A 1262 38.50 -0.59 -15.65
N VAL A 1263 39.74 -0.11 -15.63
CA VAL A 1263 40.58 -0.13 -14.42
C VAL A 1263 41.40 1.15 -14.28
N LYS A 1264 42.01 1.32 -13.11
CA LYS A 1264 42.87 2.46 -12.79
C LYS A 1264 44.16 1.94 -12.10
N LEU A 1265 45.10 1.45 -12.92
CA LEU A 1265 46.30 0.76 -12.42
C LEU A 1265 47.44 1.70 -12.03
N ARG A 1266 47.38 2.98 -12.44
CA ARG A 1266 48.52 3.89 -12.24
C ARG A 1266 48.16 5.37 -12.35
N ASP A 1267 49.05 6.22 -11.84
CA ASP A 1267 49.03 7.67 -12.06
C ASP A 1267 47.79 8.33 -11.45
N LEU A 1268 47.72 8.30 -10.13
CA LEU A 1268 46.51 8.67 -9.39
C LEU A 1268 46.08 10.14 -9.50
N LYS A 1269 47.03 11.05 -9.74
CA LYS A 1269 46.72 12.48 -9.84
C LYS A 1269 46.10 12.88 -11.19
N THR A 1270 46.44 12.13 -12.23
CA THR A 1270 45.88 12.33 -13.59
C THR A 1270 44.51 11.66 -13.74
N TYR A 1271 43.61 12.29 -14.49
CA TYR A 1271 42.27 11.76 -14.72
C TYR A 1271 42.27 10.87 -15.97
N SER A 1272 43.02 9.78 -15.90
CA SER A 1272 43.12 8.81 -16.99
C SER A 1272 42.53 7.48 -16.57
N VAL A 1273 42.29 6.59 -17.54
CA VAL A 1273 41.86 5.22 -17.25
C VAL A 1273 42.50 4.23 -18.22
N GLN A 1274 42.69 2.99 -17.78
CA GLN A 1274 43.20 1.93 -18.63
C GLN A 1274 42.07 0.97 -18.93
N LEU A 1275 42.31 0.11 -19.93
CA LEU A 1275 41.31 -0.86 -20.40
C LEU A 1275 41.97 -2.19 -20.76
N LYS A 1276 41.58 -3.26 -20.08
CA LYS A 1276 42.14 -4.60 -20.29
C LYS A 1276 41.21 -5.44 -21.14
N LEU A 1277 41.73 -6.10 -22.18
CA LEU A 1277 40.91 -6.97 -23.06
C LEU A 1277 41.09 -8.45 -22.68
N TYR A 1278 39.98 -9.18 -22.67
CA TYR A 1278 39.96 -10.62 -22.37
C TYR A 1278 39.39 -11.43 -23.53
N ASP A 1279 39.66 -12.73 -23.52
CA ASP A 1279 39.11 -13.66 -24.50
C ASP A 1279 37.93 -14.47 -23.91
N ASP A 1280 37.46 -15.47 -24.64
CA ASP A 1280 36.34 -16.32 -24.24
C ASP A 1280 36.65 -17.19 -23.00
N LYS A 1281 37.92 -17.52 -22.80
CA LYS A 1281 38.38 -18.36 -21.68
C LYS A 1281 39.04 -17.56 -20.53
N ASN A 1282 38.78 -16.26 -20.45
CA ASN A 1282 39.29 -15.39 -19.38
C ASN A 1282 40.81 -15.16 -19.30
N ALA A 1283 41.50 -15.33 -20.43
CA ALA A 1283 42.93 -15.02 -20.55
C ALA A 1283 43.13 -13.57 -21.02
N SER A 1284 44.08 -12.87 -20.41
CA SER A 1284 44.37 -11.47 -20.77
C SER A 1284 44.97 -11.33 -22.18
N LEU A 1285 44.25 -10.64 -23.06
CA LEU A 1285 44.78 -10.25 -24.38
C LEU A 1285 45.56 -8.93 -24.33
N GLY A 1286 45.53 -8.23 -23.18
CA GLY A 1286 46.39 -7.07 -22.93
C GLY A 1286 45.66 -5.78 -22.66
N LEU A 1287 46.42 -4.75 -22.31
CA LEU A 1287 45.88 -3.39 -22.18
C LEU A 1287 45.82 -2.68 -23.53
N VAL A 1288 44.80 -1.84 -23.71
CA VAL A 1288 44.57 -1.09 -24.96
C VAL A 1288 45.54 0.08 -25.07
N GLY A 1289 46.25 0.14 -26.19
CA GLY A 1289 47.22 1.21 -26.48
C GLY A 1289 47.51 1.28 -27.97
N THR A 1290 48.72 1.69 -28.34
CA THR A 1290 49.13 1.83 -29.75
C THR A 1290 50.53 1.31 -30.06
N HIS A 1291 50.72 0.86 -31.30
CA HIS A 1291 51.99 0.37 -31.83
C HIS A 1291 52.22 0.98 -33.21
N ASN A 1292 53.41 1.53 -33.44
CA ASN A 1292 53.76 2.13 -34.74
C ASN A 1292 54.03 1.05 -35.78
N GLY A 1293 53.55 1.26 -37.01
CA GLY A 1293 53.74 0.28 -38.09
C GLY A 1293 52.94 0.58 -39.35
N GLN A 1294 52.65 -0.48 -40.11
CA GLN A 1294 51.96 -0.39 -41.39
C GLN A 1294 51.11 -1.64 -41.69
N ILE A 1295 49.95 -1.43 -42.30
CA ILE A 1295 49.06 -2.52 -42.75
C ILE A 1295 48.76 -2.30 -44.23
N GLY A 1296 49.07 -3.30 -45.06
CA GLY A 1296 48.91 -3.19 -46.51
C GLY A 1296 49.83 -2.12 -47.08
N ASN A 1297 49.33 -1.36 -48.05
CA ASN A 1297 50.07 -0.22 -48.63
C ASN A 1297 49.65 1.15 -48.05
N ASP A 1298 48.99 1.14 -46.88
CA ASP A 1298 48.63 2.37 -46.16
C ASP A 1298 49.90 3.08 -45.68
N PRO A 1299 49.79 4.38 -45.35
CA PRO A 1299 50.94 5.05 -44.75
C PRO A 1299 51.25 4.56 -43.32
N ASN A 1300 52.39 5.01 -42.81
CA ASN A 1300 52.83 4.67 -41.46
C ASN A 1300 51.94 5.34 -40.40
N ARG A 1301 51.38 4.53 -39.49
CA ARG A 1301 50.38 5.00 -38.51
C ARG A 1301 50.58 4.37 -37.12
N ASP A 1302 50.30 5.16 -36.07
CA ASP A 1302 50.23 4.65 -34.70
C ASP A 1302 48.88 3.96 -34.51
N ILE A 1303 48.86 2.64 -34.71
CA ILE A 1303 47.63 1.84 -34.81
C ILE A 1303 47.21 1.28 -33.46
N LEU A 1304 45.91 1.32 -33.15
CA LEU A 1304 45.39 0.84 -31.85
C LEU A 1304 45.43 -0.69 -31.72
N ILE A 1305 45.97 -1.14 -30.59
CA ILE A 1305 46.20 -2.57 -30.32
C ILE A 1305 45.83 -2.92 -28.87
N ALA A 1306 45.96 -4.20 -28.54
CA ALA A 1306 45.94 -4.68 -27.16
C ALA A 1306 47.15 -5.59 -26.94
N SER A 1307 47.87 -5.39 -25.82
CA SER A 1307 49.12 -6.11 -25.56
C SER A 1307 49.41 -6.23 -24.08
N ASN A 1308 49.94 -7.39 -23.67
CA ASN A 1308 50.40 -7.60 -22.29
C ASN A 1308 51.76 -6.95 -21.98
N TRP A 1309 52.45 -6.44 -23.00
CA TRP A 1309 53.69 -5.65 -22.85
C TRP A 1309 53.62 -4.58 -21.74
N TYR A 1310 52.52 -3.83 -21.71
CA TYR A 1310 52.32 -2.73 -20.76
C TYR A 1310 52.39 -3.15 -19.28
N PHE A 1311 52.02 -4.39 -18.98
CA PHE A 1311 52.01 -4.89 -17.59
C PHE A 1311 53.39 -4.96 -16.90
N ASN A 1312 54.47 -4.99 -17.68
CA ASN A 1312 55.83 -4.90 -17.13
C ASN A 1312 56.39 -3.46 -17.07
N HIS A 1313 55.58 -2.45 -17.42
CA HIS A 1313 56.04 -1.06 -17.50
C HIS A 1313 55.19 -0.03 -16.72
N LEU A 1314 54.35 -0.51 -15.79
CA LEU A 1314 53.36 0.35 -15.12
C LEU A 1314 53.94 1.42 -14.19
N LYS A 1315 55.22 1.31 -13.83
CA LYS A 1315 55.89 2.31 -12.99
C LYS A 1315 56.63 3.39 -13.78
N ASP A 1316 56.57 3.34 -15.11
CA ASP A 1316 57.14 4.40 -15.96
C ASP A 1316 56.35 5.69 -15.77
N LYS A 1317 56.99 6.85 -15.99
CA LYS A 1317 56.34 8.15 -15.82
C LYS A 1317 55.30 8.47 -16.90
N ILE A 1318 55.61 8.09 -18.14
CA ILE A 1318 54.66 8.16 -19.27
C ILE A 1318 54.42 6.73 -19.79
N LEU A 1319 53.18 6.43 -20.19
CA LEU A 1319 52.87 5.14 -20.83
C LEU A 1319 51.69 5.25 -21.80
N GLY A 1320 51.75 4.42 -22.84
CA GLY A 1320 50.84 4.52 -23.99
C GLY A 1320 49.47 3.87 -23.84
N CYS A 1321 49.20 3.27 -22.67
CA CYS A 1321 47.90 2.65 -22.37
C CYS A 1321 46.94 3.53 -21.53
N ASP A 1322 47.38 4.74 -21.18
CA ASP A 1322 46.53 5.71 -20.46
C ASP A 1322 45.71 6.55 -21.43
N TRP A 1323 44.40 6.64 -21.17
CA TRP A 1323 43.48 7.41 -22.01
C TRP A 1323 42.67 8.41 -21.20
N TYR A 1324 42.53 9.62 -21.73
CA TYR A 1324 41.53 10.58 -21.28
C TYR A 1324 40.20 10.24 -21.96
N PHE A 1325 39.11 10.33 -21.20
CA PHE A 1325 37.75 10.24 -21.76
C PHE A 1325 37.16 11.66 -21.72
N VAL A 1326 36.92 12.23 -22.89
CA VAL A 1326 36.53 13.64 -23.02
C VAL A 1326 35.09 13.78 -23.55
N PRO A 1327 34.12 14.16 -22.68
CA PRO A 1327 32.77 14.45 -23.13
C PRO A 1327 32.60 15.94 -23.44
N THR A 1328 31.58 16.26 -24.24
CA THR A 1328 31.23 17.66 -24.53
C THR A 1328 30.67 18.29 -23.26
N ASP A 1329 31.09 19.52 -22.98
CA ASP A 1329 30.73 20.21 -21.76
C ASP A 1329 30.42 21.67 -22.07
N GLU A 1330 29.39 22.19 -21.41
CA GLU A 1330 29.01 23.60 -21.46
C GLU A 1330 30.20 24.54 -21.20
N GLY A 1331 31.09 24.16 -20.29
CA GLY A 1331 32.24 24.98 -19.89
C GLY A 1331 33.49 24.94 -20.77
N TRP A 1332 33.47 24.19 -21.87
CA TRP A 1332 34.52 24.24 -22.91
C TRP A 1332 33.86 24.24 -24.27
N THR A 1333 33.94 25.38 -24.95
CA THR A 1333 33.61 25.48 -26.38
C THR A 1333 34.84 25.99 -27.11
N ASN A 1334 35.12 25.40 -28.28
CA ASN A 1334 36.21 25.85 -29.14
C ASN A 1334 35.89 27.25 -29.70
N ASP A 1335 36.88 28.13 -29.73
CA ASP A 1335 36.66 29.55 -30.07
C ASP A 1335 36.34 29.79 -31.56
N MET B 21 -1.74 -27.36 -21.50
CA MET B 21 -2.93 -26.46 -21.67
C MET B 21 -2.85 -25.11 -20.94
N PRO B 22 -2.42 -25.08 -19.65
CA PRO B 22 -2.36 -23.80 -18.91
C PRO B 22 -1.57 -22.68 -19.61
N ILE B 23 -2.17 -21.48 -19.61
CA ILE B 23 -1.59 -20.30 -20.26
C ILE B 23 -0.55 -19.68 -19.33
N THR B 24 0.66 -19.45 -19.82
CA THR B 24 1.72 -18.85 -19.00
C THR B 24 1.70 -17.33 -19.19
N ILE B 25 1.97 -16.61 -18.10
CA ILE B 25 2.15 -15.15 -18.09
C ILE B 25 3.62 -14.89 -17.76
N ASN B 26 4.29 -14.11 -18.61
CA ASN B 26 5.73 -13.83 -18.45
C ASN B 26 5.99 -12.82 -17.33
N ASN B 27 7.26 -12.74 -16.90
CA ASN B 27 7.71 -11.82 -15.84
C ASN B 27 8.90 -10.99 -16.27
N PHE B 28 8.94 -9.73 -15.86
CA PHE B 28 10.04 -8.82 -16.18
C PHE B 28 10.00 -7.51 -15.40
N ARG B 29 11.16 -6.86 -15.35
CA ARG B 29 11.33 -5.49 -14.90
C ARG B 29 11.54 -4.62 -16.14
N TYR B 30 11.11 -3.35 -16.08
CA TYR B 30 11.29 -2.42 -17.20
C TYR B 30 12.76 -2.20 -17.54
N SER B 31 13.61 -2.26 -16.52
CA SER B 31 15.06 -2.13 -16.69
C SER B 31 15.73 -3.37 -17.29
N ASP B 32 15.08 -4.53 -17.27
CA ASP B 32 15.65 -5.74 -17.89
C ASP B 32 15.95 -5.48 -19.37
N PRO B 33 17.13 -5.95 -19.85
CA PRO B 33 17.57 -5.56 -21.19
C PRO B 33 16.79 -6.22 -22.32
N VAL B 34 16.97 -5.66 -23.52
CA VAL B 34 16.31 -6.16 -24.72
C VAL B 34 16.90 -7.53 -25.08
N ASN B 35 16.03 -8.47 -25.43
CA ASN B 35 16.43 -9.84 -25.76
C ASN B 35 15.89 -10.39 -27.11
N ASN B 36 15.30 -9.51 -27.93
CA ASN B 36 14.76 -9.90 -29.24
C ASN B 36 13.84 -11.13 -29.22
N ASP B 37 13.06 -11.26 -28.13
CA ASP B 37 12.21 -12.44 -27.90
C ASP B 37 10.96 -12.03 -27.10
N THR B 38 11.14 -11.79 -25.80
CA THR B 38 10.07 -11.31 -24.92
C THR B 38 10.14 -9.79 -24.66
N ILE B 39 11.29 -9.17 -24.92
CA ILE B 39 11.45 -7.72 -24.81
C ILE B 39 12.07 -7.20 -26.10
N ILE B 40 11.51 -6.13 -26.66
CA ILE B 40 11.89 -5.61 -27.98
C ILE B 40 11.73 -4.10 -28.08
N MET B 41 12.33 -3.53 -29.13
CA MET B 41 12.06 -2.15 -29.53
C MET B 41 11.10 -2.16 -30.71
N MET B 42 9.87 -1.75 -30.46
CA MET B 42 8.76 -1.83 -31.42
C MET B 42 8.53 -0.48 -32.08
N GLU B 43 8.29 -0.50 -33.39
CA GLU B 43 7.71 0.62 -34.13
C GLU B 43 6.19 0.39 -34.21
N PRO B 44 5.41 1.09 -33.37
CA PRO B 44 3.98 0.75 -33.30
C PRO B 44 3.22 1.08 -34.59
N PRO B 45 2.05 0.45 -34.82
CA PRO B 45 1.28 0.58 -36.08
C PRO B 45 1.12 1.99 -36.65
N TYR B 46 0.76 2.97 -35.83
CA TYR B 46 0.59 4.34 -36.31
C TYR B 46 1.90 5.16 -36.39
N CYS B 47 3.04 4.52 -36.17
CA CYS B 47 4.37 5.10 -36.44
C CYS B 47 5.11 4.33 -37.56
N LYS B 48 4.36 3.64 -38.42
CA LYS B 48 4.96 2.78 -39.45
C LYS B 48 5.76 3.60 -40.46
N GLY B 49 7.01 3.18 -40.72
CA GLY B 49 7.90 3.89 -41.63
C GLY B 49 8.60 5.14 -41.10
N LEU B 50 8.31 5.55 -39.85
CA LEU B 50 8.92 6.76 -39.26
C LEU B 50 10.21 6.51 -38.46
N ASP B 51 10.56 5.24 -38.25
CA ASP B 51 11.72 4.85 -37.43
C ASP B 51 11.68 5.44 -36.00
N ILE B 52 10.51 5.38 -35.37
CA ILE B 52 10.33 5.71 -33.96
C ILE B 52 10.04 4.41 -33.23
N TYR B 53 10.75 4.15 -32.14
CA TYR B 53 10.66 2.87 -31.44
C TYR B 53 10.43 3.06 -29.94
N TYR B 54 9.57 2.21 -29.36
CA TYR B 54 9.32 2.18 -27.92
C TYR B 54 9.60 0.78 -27.38
N LYS B 55 10.10 0.70 -26.15
CA LYS B 55 10.41 -0.59 -25.52
C LYS B 55 9.12 -1.29 -25.13
N ALA B 56 9.00 -2.56 -25.49
CA ALA B 56 7.74 -3.31 -25.35
C ALA B 56 7.98 -4.72 -24.81
N PHE B 57 6.96 -5.29 -24.15
CA PHE B 57 7.08 -6.55 -23.40
C PHE B 57 5.95 -7.52 -23.71
N LYS B 58 6.31 -8.78 -24.04
CA LYS B 58 5.34 -9.81 -24.42
C LYS B 58 4.74 -10.50 -23.19
N ILE B 59 3.57 -10.04 -22.76
CA ILE B 59 2.89 -10.62 -21.60
C ILE B 59 2.49 -12.08 -21.84
N THR B 60 2.05 -12.39 -23.05
CA THR B 60 1.75 -13.77 -23.45
C THR B 60 1.70 -13.86 -24.97
N ASP B 61 1.39 -15.04 -25.50
CA ASP B 61 1.27 -15.22 -26.96
C ASP B 61 0.30 -14.19 -27.55
N ARG B 62 0.76 -13.48 -28.58
CA ARG B 62 -0.04 -12.47 -29.31
C ARG B 62 -0.51 -11.23 -28.52
N ILE B 63 0.05 -10.97 -27.33
CA ILE B 63 -0.31 -9.78 -26.53
C ILE B 63 0.96 -9.09 -26.05
N TRP B 64 1.10 -7.81 -26.40
CA TRP B 64 2.26 -6.99 -26.03
C TRP B 64 1.81 -5.83 -25.15
N ILE B 65 2.67 -5.41 -24.23
CA ILE B 65 2.43 -4.23 -23.40
C ILE B 65 3.48 -3.19 -23.72
N VAL B 66 3.02 -1.97 -24.01
CA VAL B 66 3.90 -0.84 -24.28
C VAL B 66 3.63 0.21 -23.20
N PRO B 67 4.51 0.33 -22.18
CA PRO B 67 4.27 1.32 -21.12
C PRO B 67 4.53 2.76 -21.55
N GLU B 68 3.61 3.30 -22.36
CA GLU B 68 3.64 4.70 -22.79
C GLU B 68 2.20 5.19 -22.81
N ARG B 69 2.02 6.50 -22.75
CA ARG B 69 0.71 7.10 -22.90
C ARG B 69 0.27 6.98 -24.36
N TYR B 70 -1.03 6.81 -24.59
CA TYR B 70 -1.61 6.70 -25.94
C TYR B 70 -1.69 8.09 -26.58
N GLU B 71 -0.59 8.51 -27.20
CA GLU B 71 -0.44 9.88 -27.73
C GLU B 71 -0.81 10.04 -29.21
N PHE B 72 -1.31 8.97 -29.83
CA PHE B 72 -1.52 8.95 -31.28
C PHE B 72 -2.66 9.90 -31.69
N GLY B 73 -2.36 10.80 -32.62
CA GLY B 73 -3.30 11.82 -33.07
C GLY B 73 -3.65 12.89 -32.05
N THR B 74 -2.72 13.19 -31.13
CA THR B 74 -2.97 14.15 -30.05
C THR B 74 -2.01 15.33 -30.13
N LYS B 75 -2.27 16.33 -29.28
CA LYS B 75 -1.39 17.48 -29.08
C LYS B 75 -0.96 17.47 -27.62
N PRO B 76 0.24 18.00 -27.31
CA PRO B 76 0.65 18.11 -25.91
C PRO B 76 -0.38 18.78 -24.97
N GLU B 77 -1.09 19.79 -25.46
CA GLU B 77 -2.08 20.51 -24.62
C GLU B 77 -3.37 19.73 -24.35
N ASP B 78 -3.67 18.69 -25.13
CA ASP B 78 -4.84 17.82 -24.87
C ASP B 78 -4.76 17.10 -23.52
N PHE B 79 -3.55 16.84 -23.04
CA PHE B 79 -3.34 16.14 -21.75
C PHE B 79 -3.52 17.01 -20.49
N ASN B 80 -3.60 18.33 -20.66
CA ASN B 80 -3.86 19.24 -19.54
C ASN B 80 -5.35 19.24 -19.21
N PRO B 81 -5.72 19.43 -17.92
CA PRO B 81 -7.15 19.46 -17.58
C PRO B 81 -7.83 20.75 -18.05
N PRO B 82 -9.02 20.66 -18.69
CA PRO B 82 -9.78 21.87 -19.04
C PRO B 82 -10.57 22.47 -17.86
N SER B 83 -11.24 23.59 -18.12
CA SER B 83 -12.10 24.27 -17.12
C SER B 83 -13.36 23.47 -16.85
N SER B 84 -13.98 23.01 -17.93
CA SER B 84 -15.22 22.25 -17.88
C SER B 84 -15.23 21.24 -19.01
N LEU B 85 -16.22 20.35 -19.01
CA LEU B 85 -16.40 19.35 -20.07
C LEU B 85 -17.56 19.72 -20.96
N ILE B 86 -17.51 19.22 -22.20
CA ILE B 86 -18.61 19.37 -23.16
C ILE B 86 -19.66 18.27 -22.92
N GLU B 87 -19.19 17.05 -22.68
CA GLU B 87 -20.06 15.89 -22.48
C GLU B 87 -19.58 14.99 -21.35
N GLY B 88 -20.51 14.17 -20.87
CA GLY B 88 -20.19 12.94 -20.16
C GLY B 88 -19.92 13.02 -18.67
N ALA B 89 -19.59 11.86 -18.10
CA ALA B 89 -19.19 11.75 -16.70
C ALA B 89 -17.83 12.38 -16.51
N SER B 90 -17.51 12.66 -15.25
CA SER B 90 -16.26 13.34 -14.88
C SER B 90 -15.02 12.62 -15.42
N GLU B 91 -13.98 13.41 -15.70
CA GLU B 91 -12.76 12.91 -16.32
C GLU B 91 -11.55 13.43 -15.54
N TYR B 92 -10.64 12.52 -15.18
CA TYR B 92 -9.39 12.88 -14.49
C TYR B 92 -8.29 13.00 -15.52
N TYR B 93 -7.54 14.10 -15.45
CA TYR B 93 -6.42 14.38 -16.38
C TYR B 93 -5.14 14.53 -15.58
N ASP B 94 -4.04 13.99 -16.10
CA ASP B 94 -2.70 14.20 -15.53
C ASP B 94 -1.62 13.91 -16.59
N PRO B 95 -0.93 14.94 -17.08
CA PRO B 95 0.08 14.71 -18.13
C PRO B 95 1.36 14.03 -17.63
N ASN B 96 1.61 14.06 -16.32
CA ASN B 96 2.83 13.51 -15.73
C ASN B 96 2.73 12.03 -15.37
N TYR B 97 1.52 11.46 -15.41
CA TYR B 97 1.33 10.01 -15.23
C TYR B 97 2.04 9.21 -16.33
N LEU B 98 2.73 8.15 -15.92
CA LEU B 98 3.48 7.26 -16.83
C LEU B 98 4.57 8.00 -17.61
N ARG B 99 5.36 8.81 -16.90
CA ARG B 99 6.43 9.61 -17.50
C ARG B 99 7.83 9.04 -17.19
N THR B 100 8.11 8.76 -15.91
CA THR B 100 9.43 8.26 -15.50
C THR B 100 9.57 6.75 -15.73
N ASP B 101 10.81 6.26 -15.72
CA ASP B 101 11.07 4.81 -15.81
C ASP B 101 10.50 4.04 -14.62
N SER B 102 10.50 4.66 -13.45
CA SER B 102 9.88 4.10 -12.25
C SER B 102 8.38 3.88 -12.46
N ASP B 103 7.70 4.91 -12.96
CA ASP B 103 6.26 4.84 -13.30
C ASP B 103 5.94 3.70 -14.27
N LYS B 104 6.81 3.52 -15.27
CA LYS B 104 6.63 2.48 -16.27
C LYS B 104 6.77 1.09 -15.67
N ASP B 105 7.74 0.90 -14.78
CA ASP B 105 7.90 -0.40 -14.10
C ASP B 105 6.66 -0.72 -13.26
N ARG B 106 6.20 0.27 -12.50
CA ARG B 106 4.94 0.20 -11.74
C ARG B 106 3.76 -0.30 -12.58
N PHE B 107 3.57 0.33 -13.74
CA PHE B 107 2.55 -0.04 -14.73
C PHE B 107 2.73 -1.48 -15.22
N LEU B 108 3.95 -1.82 -15.63
CA LEU B 108 4.28 -3.17 -16.09
C LEU B 108 3.99 -4.27 -15.05
N GLN B 109 4.40 -4.03 -13.79
CA GLN B 109 4.19 -5.00 -12.71
C GLN B 109 2.71 -5.18 -12.37
N THR B 110 1.96 -4.07 -12.43
CA THR B 110 0.52 -4.11 -12.18
C THR B 110 -0.24 -4.90 -13.24
N MET B 111 0.13 -4.73 -14.51
CA MET B 111 -0.54 -5.45 -15.62
C MET B 111 -0.28 -6.95 -15.52
N VAL B 112 0.96 -7.33 -15.25
CA VAL B 112 1.32 -8.74 -15.03
C VAL B 112 0.44 -9.37 -13.92
N LYS B 113 0.22 -8.64 -12.83
CA LYS B 113 -0.60 -9.12 -11.73
C LYS B 113 -2.07 -9.32 -12.13
N LEU B 114 -2.62 -8.34 -12.85
CA LEU B 114 -4.01 -8.40 -13.32
C LEU B 114 -4.25 -9.54 -14.32
N PHE B 115 -3.29 -9.78 -15.21
CA PHE B 115 -3.34 -10.94 -16.11
C PHE B 115 -3.29 -12.27 -15.37
N ASN B 116 -2.49 -12.35 -14.30
CA ASN B 116 -2.46 -13.54 -13.43
C ASN B 116 -3.82 -13.76 -12.74
N ARG B 117 -4.44 -12.68 -12.30
CA ARG B 117 -5.79 -12.72 -11.73
C ARG B 117 -6.80 -13.30 -12.72
N ILE B 118 -6.73 -12.86 -13.97
CA ILE B 118 -7.65 -13.32 -15.02
C ILE B 118 -7.41 -14.81 -15.34
N LYS B 119 -6.15 -15.18 -15.52
CA LYS B 119 -5.76 -16.58 -15.71
C LYS B 119 -6.31 -17.55 -14.62
N ASN B 120 -6.25 -17.14 -13.36
CA ASN B 120 -6.51 -18.05 -12.22
C ASN B 120 -7.97 -18.51 -12.05
N ASN B 121 -8.92 -17.82 -12.67
CA ASN B 121 -10.31 -18.24 -12.74
C ASN B 121 -10.55 -18.81 -14.15
N VAL B 122 -11.22 -19.96 -14.21
CA VAL B 122 -11.41 -20.71 -15.48
C VAL B 122 -12.14 -19.89 -16.57
N ALA B 123 -13.07 -19.05 -16.14
CA ALA B 123 -13.82 -18.18 -17.05
C ALA B 123 -12.94 -17.12 -17.72
N GLY B 124 -11.97 -16.60 -16.96
CA GLY B 124 -10.98 -15.65 -17.49
C GLY B 124 -9.91 -16.32 -18.32
N GLU B 125 -9.62 -17.58 -18.02
CA GLU B 125 -8.73 -18.39 -18.84
C GLU B 125 -9.34 -18.58 -20.24
N ALA B 126 -10.64 -18.85 -20.27
CA ALA B 126 -11.40 -19.04 -21.51
C ALA B 126 -11.45 -17.79 -22.38
N LEU B 127 -11.55 -16.63 -21.75
CA LEU B 127 -11.52 -15.34 -22.46
C LEU B 127 -10.17 -15.10 -23.11
N LEU B 128 -9.10 -15.39 -22.36
CA LEU B 128 -7.74 -15.23 -22.88
C LEU B 128 -7.43 -16.18 -24.03
N ASP B 129 -7.93 -17.42 -23.96
CA ASP B 129 -7.68 -18.39 -25.04
C ASP B 129 -8.34 -17.96 -26.37
N LYS B 130 -9.61 -17.53 -26.28
CA LYS B 130 -10.35 -17.02 -27.45
C LYS B 130 -9.71 -15.81 -28.12
N ILE B 131 -9.11 -14.93 -27.33
CA ILE B 131 -8.39 -13.76 -27.86
C ILE B 131 -7.13 -14.22 -28.60
N ILE B 132 -6.34 -15.09 -27.94
CA ILE B 132 -5.06 -15.56 -28.46
C ILE B 132 -5.22 -16.23 -29.84
N ASN B 133 -6.11 -17.21 -29.91
CA ASN B 133 -6.26 -18.05 -31.11
C ASN B 133 -7.03 -17.39 -32.27
N ALA B 134 -7.81 -16.35 -31.99
CA ALA B 134 -8.55 -15.64 -33.03
C ALA B 134 -7.63 -14.66 -33.78
N ILE B 135 -6.68 -15.18 -34.55
CA ILE B 135 -5.72 -14.32 -35.25
C ILE B 135 -6.38 -13.54 -36.39
N PRO B 136 -5.89 -12.32 -36.69
CA PRO B 136 -6.48 -11.59 -37.82
C PRO B 136 -6.21 -12.28 -39.14
N TYR B 137 -7.14 -12.12 -40.09
CA TYR B 137 -6.95 -12.63 -41.44
C TYR B 137 -5.84 -11.82 -42.11
N LEU B 138 -4.95 -12.51 -42.83
CA LEU B 138 -3.87 -11.83 -43.55
C LEU B 138 -4.42 -11.26 -44.86
N GLY B 139 -5.13 -10.14 -44.74
CA GLY B 139 -5.83 -9.51 -45.87
C GLY B 139 -7.14 -8.88 -45.46
N ASN B 140 -7.80 -8.22 -46.39
CA ASN B 140 -9.06 -7.52 -46.13
C ASN B 140 -9.87 -7.29 -47.42
N SER B 141 -10.97 -6.53 -47.33
CA SER B 141 -11.81 -6.26 -48.50
C SER B 141 -11.15 -5.46 -49.65
N TYR B 142 -9.92 -4.99 -49.47
CA TYR B 142 -9.18 -4.31 -50.53
C TYR B 142 -7.74 -4.83 -50.74
N SER B 143 -7.45 -6.05 -50.29
CA SER B 143 -6.19 -6.72 -50.63
C SER B 143 -6.45 -7.64 -51.82
N LEU B 144 -5.39 -8.28 -52.32
CA LEU B 144 -5.50 -9.16 -53.49
C LEU B 144 -6.19 -10.46 -53.11
N LEU B 145 -7.08 -10.94 -53.99
CA LEU B 145 -7.89 -12.14 -53.72
C LEU B 145 -7.06 -13.44 -53.75
N ASP B 146 -5.98 -13.44 -54.51
CA ASP B 146 -5.18 -14.65 -54.73
C ASP B 146 -4.14 -14.98 -53.65
N LYS B 147 -3.91 -14.08 -52.67
CA LYS B 147 -2.83 -14.25 -51.71
C LYS B 147 -3.10 -13.73 -50.29
N PHE B 148 -2.38 -14.29 -49.32
CA PHE B 148 -2.26 -13.72 -47.97
C PHE B 148 -1.26 -12.58 -47.97
N ASP B 149 -1.51 -11.54 -47.18
CA ASP B 149 -0.70 -10.32 -47.21
C ASP B 149 -0.35 -9.83 -45.79
N THR B 150 0.93 -9.96 -45.43
CA THR B 150 1.46 -9.50 -44.13
C THR B 150 2.09 -8.10 -44.17
N ASN B 151 2.16 -7.48 -45.35
CA ASN B 151 2.72 -6.13 -45.49
C ASN B 151 1.62 -5.06 -45.32
N SER B 152 1.20 -4.89 -44.07
CA SER B 152 0.22 -3.87 -43.70
C SER B 152 0.28 -3.65 -42.20
N ASN B 153 0.21 -2.39 -41.77
CA ASN B 153 0.18 -2.07 -40.34
C ASN B 153 -1.13 -2.49 -39.63
N SER B 154 -2.13 -2.93 -40.40
CA SER B 154 -3.34 -3.55 -39.84
C SER B 154 -3.11 -4.96 -39.27
N VAL B 155 -2.02 -5.61 -39.65
CA VAL B 155 -1.67 -6.95 -39.10
C VAL B 155 -0.23 -7.13 -38.59
N SER B 156 0.66 -6.17 -38.82
CA SER B 156 2.08 -6.32 -38.43
C SER B 156 2.72 -5.03 -37.95
N PHE B 157 3.67 -5.14 -37.02
CA PHE B 157 4.50 -4.01 -36.57
C PHE B 157 5.99 -4.34 -36.79
N ASN B 158 6.79 -3.32 -37.08
CA ASN B 158 8.23 -3.47 -37.25
C ASN B 158 8.95 -3.44 -35.89
N LEU B 159 10.18 -3.97 -35.87
CA LEU B 159 11.05 -3.90 -34.69
C LEU B 159 12.53 -3.85 -35.07
N LEU B 160 13.32 -3.13 -34.26
CA LEU B 160 14.76 -2.98 -34.48
C LEU B 160 15.52 -4.02 -33.65
N GLU B 161 16.39 -4.80 -34.30
CA GLU B 161 17.18 -5.86 -33.65
C GLU B 161 18.68 -5.65 -33.88
N GLN B 162 19.41 -5.39 -32.79
CA GLN B 162 20.89 -5.42 -32.81
C GLN B 162 21.40 -6.87 -32.77
N ASP B 163 22.64 -7.04 -33.19
CA ASP B 163 23.38 -8.32 -33.05
C ASP B 163 24.69 -8.00 -32.28
N PRO B 164 25.54 -9.03 -32.01
CA PRO B 164 26.80 -8.74 -31.29
C PRO B 164 27.72 -7.70 -31.94
N SER B 165 27.69 -7.61 -33.28
CA SER B 165 28.38 -6.54 -34.03
C SER B 165 27.88 -5.13 -33.68
N GLY B 166 26.59 -5.00 -33.39
CA GLY B 166 25.95 -3.73 -33.02
C GLY B 166 25.08 -3.11 -34.10
N ALA B 167 25.17 -3.61 -35.33
CA ALA B 167 24.37 -3.09 -36.45
C ALA B 167 22.89 -3.53 -36.31
N THR B 168 21.98 -2.63 -36.68
CA THR B 168 20.54 -2.83 -36.53
C THR B 168 19.91 -3.53 -37.75
N THR B 169 18.72 -4.13 -37.54
CA THR B 169 18.03 -4.97 -38.54
C THR B 169 16.50 -4.81 -38.49
N LYS B 170 15.93 -4.10 -39.47
CA LYS B 170 14.47 -3.85 -39.53
C LYS B 170 13.69 -5.11 -39.91
N SER B 171 13.13 -5.78 -38.90
CA SER B 171 12.28 -6.97 -39.07
C SER B 171 10.82 -6.61 -38.78
N ALA B 172 9.93 -7.60 -38.73
CA ALA B 172 8.53 -7.38 -38.32
C ALA B 172 7.92 -8.60 -37.64
N MET B 173 6.75 -8.37 -37.04
CA MET B 173 6.07 -9.36 -36.22
C MET B 173 4.55 -9.20 -36.31
N LEU B 174 3.84 -10.34 -36.44
CA LEU B 174 2.37 -10.39 -36.39
C LEU B 174 1.89 -10.48 -34.95
N THR B 175 0.75 -9.85 -34.65
CA THR B 175 0.15 -9.91 -33.30
C THR B 175 -1.36 -9.63 -33.28
N ASN B 176 -1.99 -9.90 -32.13
CA ASN B 176 -3.44 -9.68 -31.93
C ASN B 176 -3.74 -8.42 -31.13
N LEU B 177 -2.96 -8.15 -30.09
CA LEU B 177 -3.24 -7.06 -29.13
C LEU B 177 -1.96 -6.33 -28.72
N ILE B 178 -2.07 -5.00 -28.62
CA ILE B 178 -1.02 -4.16 -28.05
C ILE B 178 -1.66 -3.24 -27.01
N ILE B 179 -1.28 -3.41 -25.74
CA ILE B 179 -1.82 -2.59 -24.64
C ILE B 179 -0.91 -1.40 -24.35
N PHE B 180 -1.47 -0.21 -24.43
CA PHE B 180 -0.80 1.03 -24.07
C PHE B 180 -1.31 1.53 -22.72
N GLY B 181 -0.70 2.62 -22.26
CA GLY B 181 -1.20 3.38 -21.12
C GLY B 181 -2.29 4.34 -21.57
N PRO B 182 -2.92 5.04 -20.62
CA PRO B 182 -4.07 5.87 -20.93
C PRO B 182 -3.73 7.04 -21.84
N GLY B 183 -4.75 7.56 -22.51
CA GLY B 183 -4.66 8.79 -23.29
C GLY B 183 -4.84 9.98 -22.36
N PRO B 184 -5.36 11.10 -22.88
CA PRO B 184 -5.61 12.29 -22.05
C PRO B 184 -6.45 12.05 -20.79
N VAL B 185 -7.50 11.24 -20.91
CA VAL B 185 -8.41 10.94 -19.79
C VAL B 185 -8.01 9.61 -19.18
N LEU B 186 -7.59 9.64 -17.92
CA LEU B 186 -7.08 8.44 -17.24
C LEU B 186 -8.16 7.41 -16.89
N ASN B 187 -9.35 7.89 -16.48
CA ASN B 187 -10.45 6.99 -16.06
C ASN B 187 -11.39 6.51 -17.19
N LYS B 188 -11.02 6.73 -18.45
CA LYS B 188 -11.78 6.20 -19.61
C LYS B 188 -10.87 5.31 -20.47
N ASN B 189 -11.10 4.00 -20.40
CA ASN B 189 -10.33 3.03 -21.19
C ASN B 189 -10.90 2.90 -22.61
N GLU B 190 -10.09 2.45 -23.56
CA GLU B 190 -10.43 2.48 -24.99
C GLU B 190 -9.84 1.31 -25.78
N VAL B 191 -10.65 0.67 -26.62
CA VAL B 191 -10.17 -0.32 -27.60
C VAL B 191 -10.55 0.13 -29.01
N ARG B 192 -9.57 0.11 -29.91
CA ARG B 192 -9.79 0.51 -31.31
C ARG B 192 -9.00 -0.41 -32.24
N GLY B 193 -9.62 -0.82 -33.34
CA GLY B 193 -8.91 -1.51 -34.43
C GLY B 193 -8.11 -0.52 -35.26
N ILE B 194 -7.18 -1.03 -36.05
CA ILE B 194 -6.37 -0.18 -36.94
C ILE B 194 -7.24 0.24 -38.12
N VAL B 195 -7.40 1.54 -38.29
CA VAL B 195 -8.15 2.11 -39.42
C VAL B 195 -7.22 2.25 -40.62
N LEU B 196 -7.70 1.80 -41.78
CA LEU B 196 -6.96 1.91 -43.04
C LEU B 196 -7.62 2.95 -43.93
N ARG B 197 -6.79 3.74 -44.61
CA ARG B 197 -7.25 4.80 -45.49
C ARG B 197 -7.29 4.24 -46.93
N VAL B 198 -8.50 4.07 -47.46
CA VAL B 198 -8.72 3.46 -48.78
C VAL B 198 -9.70 4.31 -49.59
N ASP B 199 -9.28 4.71 -50.80
CA ASP B 199 -10.05 5.61 -51.67
C ASP B 199 -10.56 6.84 -50.90
N ASN B 200 -9.68 7.41 -50.08
CA ASN B 200 -9.97 8.62 -49.28
C ASN B 200 -11.12 8.45 -48.26
N LYS B 201 -11.36 7.21 -47.80
CA LYS B 201 -12.37 6.88 -46.79
C LYS B 201 -11.74 6.04 -45.69
N ASN B 202 -12.23 6.18 -44.45
CA ASN B 202 -11.79 5.34 -43.34
C ASN B 202 -12.40 3.94 -43.47
N TYR B 203 -11.55 2.91 -43.44
CA TYR B 203 -11.96 1.50 -43.54
C TYR B 203 -11.42 0.68 -42.36
N PHE B 204 -12.31 -0.11 -41.74
CA PHE B 204 -11.96 -0.93 -40.56
C PHE B 204 -12.06 -2.43 -40.88
N PRO B 205 -10.91 -3.13 -41.04
CA PRO B 205 -10.94 -4.59 -41.14
C PRO B 205 -11.61 -5.29 -39.95
N CYS B 206 -11.56 -4.68 -38.76
CA CYS B 206 -12.24 -5.21 -37.57
C CYS B 206 -13.78 -5.11 -37.62
N ARG B 207 -14.36 -4.59 -38.71
CA ARG B 207 -15.81 -4.56 -38.94
C ARG B 207 -16.31 -5.39 -40.14
N ASP B 208 -15.39 -5.95 -40.94
CA ASP B 208 -15.73 -6.73 -42.16
C ASP B 208 -15.63 -8.26 -41.97
N GLY B 209 -15.45 -8.72 -40.74
CA GLY B 209 -15.17 -10.13 -40.45
C GLY B 209 -13.70 -10.53 -40.46
N PHE B 210 -12.81 -9.66 -40.96
CA PHE B 210 -11.39 -10.00 -41.07
C PHE B 210 -10.66 -9.92 -39.74
N GLY B 211 -10.89 -8.83 -39.00
CA GLY B 211 -10.14 -8.54 -37.79
C GLY B 211 -8.85 -7.80 -38.11
N SER B 212 -8.21 -7.32 -37.05
CA SER B 212 -6.94 -6.60 -37.16
C SER B 212 -6.20 -6.60 -35.83
N ILE B 213 -5.04 -5.97 -35.80
CA ILE B 213 -4.40 -5.62 -34.54
C ILE B 213 -5.37 -4.71 -33.80
N MET B 214 -5.69 -5.07 -32.56
CA MET B 214 -6.46 -4.21 -31.67
C MET B 214 -5.50 -3.52 -30.70
N GLN B 215 -5.68 -2.22 -30.51
CA GLN B 215 -4.86 -1.43 -29.60
C GLN B 215 -5.71 -0.94 -28.42
N MET B 216 -5.27 -1.27 -27.20
CA MET B 216 -5.96 -0.85 -25.98
C MET B 216 -5.21 0.29 -25.29
N ALA B 217 -5.96 1.22 -24.70
CA ALA B 217 -5.41 2.27 -23.85
C ALA B 217 -6.00 2.09 -22.46
N PHE B 218 -5.18 1.69 -21.49
CA PHE B 218 -5.67 1.20 -20.19
C PHE B 218 -4.92 1.81 -19.02
N CYS B 219 -5.66 2.09 -17.93
CA CYS B 219 -5.11 2.63 -16.69
C CYS B 219 -5.66 1.85 -15.48
N PRO B 220 -4.82 1.04 -14.82
CA PRO B 220 -5.31 0.18 -13.71
C PRO B 220 -5.56 0.87 -12.37
N GLU B 221 -4.95 2.03 -12.12
CA GLU B 221 -5.02 2.69 -10.80
C GLU B 221 -6.20 3.63 -10.55
N TYR B 222 -6.85 4.14 -11.60
CA TYR B 222 -7.99 5.07 -11.44
C TYR B 222 -9.28 4.43 -11.94
N VAL B 223 -10.25 4.26 -11.03
CA VAL B 223 -11.40 3.38 -11.26
C VAL B 223 -12.74 4.06 -10.99
N PRO B 224 -13.82 3.57 -11.65
CA PRO B 224 -15.15 4.13 -11.43
C PRO B 224 -15.79 3.64 -10.13
N THR B 225 -16.56 4.53 -9.51
CA THR B 225 -17.35 4.22 -8.33
C THR B 225 -18.81 4.08 -8.71
N PHE B 226 -19.60 3.45 -7.83
CA PHE B 226 -21.05 3.31 -8.04
C PHE B 226 -21.73 2.97 -6.70
N ASP B 227 -23.03 2.61 -6.73
CA ASP B 227 -23.76 2.29 -5.50
C ASP B 227 -24.84 1.23 -5.68
N ASN B 228 -25.43 0.81 -4.56
CA ASN B 228 -26.49 -0.21 -4.50
C ASN B 228 -27.88 0.37 -4.19
N VAL B 229 -28.13 1.61 -4.62
CA VAL B 229 -29.32 2.35 -4.18
C VAL B 229 -30.61 1.87 -4.85
N ILE B 230 -30.53 1.45 -6.12
CA ILE B 230 -31.73 1.00 -6.87
C ILE B 230 -31.86 -0.53 -6.97
N GLU B 231 -31.09 -1.29 -6.20
CA GLU B 231 -31.10 -2.75 -6.34
C GLU B 231 -32.35 -3.38 -5.69
N ASN B 232 -32.80 -4.50 -6.24
CA ASN B 232 -33.97 -5.25 -5.73
C ASN B 232 -33.69 -5.86 -4.36
N ILE B 233 -32.46 -6.34 -4.17
CA ILE B 233 -32.03 -6.99 -2.93
C ILE B 233 -31.72 -5.90 -1.91
N THR B 234 -32.05 -6.16 -0.65
CA THR B 234 -31.82 -5.21 0.44
C THR B 234 -31.39 -5.93 1.71
N SER B 235 -30.49 -5.30 2.47
CA SER B 235 -30.09 -5.76 3.80
C SER B 235 -29.98 -4.55 4.73
N LEU B 236 -30.60 -4.64 5.90
CA LEU B 236 -30.63 -3.54 6.87
C LEU B 236 -29.27 -3.28 7.54
N THR B 237 -28.45 -4.33 7.67
CA THR B 237 -27.09 -4.20 8.22
C THR B 237 -26.11 -3.55 7.25
N ILE B 238 -26.21 -3.93 5.96
CA ILE B 238 -25.34 -3.38 4.90
C ILE B 238 -25.61 -1.88 4.71
N GLY B 239 -26.88 -1.51 4.62
CA GLY B 239 -27.29 -0.13 4.38
C GLY B 239 -27.22 0.23 2.91
N LYS B 240 -27.05 1.53 2.65
CA LYS B 240 -26.82 2.05 1.30
C LYS B 240 -25.40 2.59 1.25
N SER B 241 -24.57 2.01 0.39
CA SER B 241 -23.14 2.31 0.38
C SER B 241 -22.59 2.42 -1.05
N LYS B 242 -21.51 3.17 -1.20
CA LYS B 242 -20.79 3.25 -2.47
C LYS B 242 -19.70 2.19 -2.56
N TYR B 243 -19.42 1.75 -3.79
CA TYR B 243 -18.43 0.69 -4.08
C TYR B 243 -17.47 1.15 -5.16
N PHE B 244 -16.22 0.69 -5.12
CA PHE B 244 -15.29 0.86 -6.24
C PHE B 244 -15.12 -0.44 -7.03
N GLN B 245 -14.76 -0.32 -8.30
CA GLN B 245 -14.68 -1.46 -9.21
C GLN B 245 -13.26 -2.06 -9.25
N ASP B 246 -13.21 -3.37 -9.48
CA ASP B 246 -11.96 -4.13 -9.58
C ASP B 246 -11.32 -3.94 -10.96
N PRO B 247 -10.07 -3.42 -11.02
CA PRO B 247 -9.31 -3.24 -12.28
C PRO B 247 -9.23 -4.46 -13.20
N ALA B 248 -9.30 -5.66 -12.63
CA ALA B 248 -9.27 -6.88 -13.43
C ALA B 248 -10.55 -7.04 -14.23
N LEU B 249 -11.69 -6.65 -13.66
CA LEU B 249 -12.96 -6.72 -14.37
C LEU B 249 -13.05 -5.63 -15.44
N LEU B 250 -12.54 -4.43 -15.13
CA LEU B 250 -12.38 -3.38 -16.14
C LEU B 250 -11.49 -3.85 -17.27
N LEU B 251 -10.41 -4.54 -16.94
CA LEU B 251 -9.53 -5.11 -17.97
C LEU B 251 -10.30 -6.12 -18.81
N MET B 252 -11.00 -7.04 -18.15
CA MET B 252 -11.82 -8.03 -18.87
C MET B 252 -12.92 -7.40 -19.76
N HIS B 253 -13.50 -6.29 -19.29
CA HIS B 253 -14.48 -5.52 -20.08
C HIS B 253 -13.90 -5.06 -21.43
N GLU B 254 -12.68 -4.52 -21.42
CA GLU B 254 -12.00 -4.10 -22.67
C GLU B 254 -11.53 -5.30 -23.50
N LEU B 255 -11.10 -6.38 -22.84
CA LEU B 255 -10.72 -7.60 -23.54
C LEU B 255 -11.85 -8.19 -24.39
N ILE B 256 -13.10 -8.02 -23.93
CA ILE B 256 -14.26 -8.43 -24.72
C ILE B 256 -14.38 -7.58 -26.00
N HIS B 257 -14.17 -6.26 -25.90
CA HIS B 257 -14.13 -5.41 -27.10
C HIS B 257 -13.06 -5.91 -28.08
N VAL B 258 -11.93 -6.37 -27.54
CA VAL B 258 -10.86 -6.96 -28.34
C VAL B 258 -11.33 -8.24 -29.05
N LEU B 259 -12.01 -9.11 -28.31
CA LEU B 259 -12.56 -10.37 -28.86
C LEU B 259 -13.51 -10.10 -30.03
N HIS B 260 -14.46 -9.18 -29.84
CA HIS B 260 -15.37 -8.75 -30.91
C HIS B 260 -14.60 -8.24 -32.13
N GLY B 261 -13.57 -7.43 -31.89
CA GLY B 261 -12.75 -6.86 -32.94
C GLY B 261 -11.91 -7.85 -33.72
N LEU B 262 -11.35 -8.84 -33.03
CA LEU B 262 -10.49 -9.86 -33.67
C LEU B 262 -11.27 -10.78 -34.61
N TYR B 263 -12.54 -11.04 -34.27
CA TYR B 263 -13.47 -11.77 -35.17
C TYR B 263 -14.14 -10.86 -36.22
N GLY B 264 -13.71 -9.60 -36.31
CA GLY B 264 -14.27 -8.64 -37.24
C GLY B 264 -15.76 -8.34 -37.07
N MET B 265 -16.26 -8.43 -35.84
CA MET B 265 -17.69 -8.24 -35.55
C MET B 265 -18.00 -6.94 -34.81
N GLN B 266 -17.09 -5.97 -34.87
CA GLN B 266 -17.25 -4.70 -34.15
C GLN B 266 -18.46 -3.94 -34.72
N VAL B 267 -19.29 -3.40 -33.84
CA VAL B 267 -20.58 -2.81 -34.20
C VAL B 267 -20.47 -1.29 -34.18
N SER B 268 -20.87 -0.66 -35.29
CA SER B 268 -20.71 0.79 -35.50
C SER B 268 -22.02 1.55 -35.75
N SER B 269 -23.16 0.87 -35.70
CA SER B 269 -24.46 1.45 -36.04
C SER B 269 -25.45 1.37 -34.88
N HIS B 270 -26.61 1.99 -35.07
CA HIS B 270 -27.75 1.88 -34.15
C HIS B 270 -27.44 2.36 -32.73
N GLU B 271 -26.79 3.52 -32.67
CA GLU B 271 -26.42 4.16 -31.40
C GLU B 271 -27.65 4.75 -30.74
N ILE B 272 -27.66 4.80 -29.41
CA ILE B 272 -28.73 5.46 -28.65
C ILE B 272 -28.30 6.90 -28.34
N ILE B 273 -28.82 7.86 -29.12
CA ILE B 273 -28.49 9.28 -28.90
C ILE B 273 -29.44 9.82 -27.83
N PRO B 274 -28.92 10.64 -26.89
CA PRO B 274 -29.78 11.35 -25.94
C PRO B 274 -30.25 12.71 -26.46
N SER B 275 -31.49 13.08 -26.14
CA SER B 275 -32.00 14.42 -26.41
C SER B 275 -31.30 15.42 -25.48
N LYS B 276 -30.92 16.57 -26.02
CA LYS B 276 -30.26 17.63 -25.26
C LYS B 276 -31.17 18.86 -25.08
N GLN B 277 -32.47 18.70 -25.34
CA GLN B 277 -33.38 19.85 -25.43
C GLN B 277 -33.70 20.44 -24.07
N GLU B 278 -34.42 19.70 -23.24
CA GLU B 278 -34.87 20.22 -21.96
C GLU B 278 -33.68 20.28 -20.99
N ILE B 279 -33.74 21.22 -20.05
CA ILE B 279 -32.61 21.54 -19.15
C ILE B 279 -32.24 20.36 -18.24
N TYR B 280 -33.24 19.59 -17.82
CA TYR B 280 -33.05 18.38 -17.00
C TYR B 280 -32.46 17.15 -17.72
N MET B 281 -32.30 17.21 -19.05
CA MET B 281 -31.77 16.07 -19.81
C MET B 281 -30.24 16.01 -19.80
N GLN B 282 -29.70 14.79 -19.86
CA GLN B 282 -28.27 14.51 -19.66
C GLN B 282 -27.45 14.62 -20.95
N HIS B 283 -26.47 15.53 -20.97
CA HIS B 283 -25.56 15.71 -22.12
C HIS B 283 -24.46 14.66 -22.08
N THR B 284 -24.47 13.75 -23.07
CA THR B 284 -23.75 12.47 -22.98
C THR B 284 -23.30 12.02 -24.37
N TYR B 285 -22.19 11.27 -24.42
CA TYR B 285 -21.77 10.60 -25.66
C TYR B 285 -22.85 9.60 -26.10
N PRO B 286 -23.08 9.48 -27.41
CA PRO B 286 -24.01 8.44 -27.88
C PRO B 286 -23.59 7.04 -27.43
N ILE B 287 -24.54 6.25 -26.94
CA ILE B 287 -24.25 4.90 -26.44
C ILE B 287 -24.33 3.91 -27.59
N SER B 288 -23.19 3.28 -27.92
CA SER B 288 -23.16 2.28 -29.00
C SER B 288 -23.77 0.97 -28.53
N ALA B 289 -24.15 0.14 -29.49
CA ALA B 289 -24.68 -1.19 -29.20
C ALA B 289 -23.59 -2.13 -28.66
N GLU B 290 -22.38 -1.96 -29.19
CA GLU B 290 -21.16 -2.65 -28.74
C GLU B 290 -20.98 -2.60 -27.22
N GLU B 291 -21.12 -1.40 -26.64
CA GLU B 291 -21.02 -1.15 -25.18
C GLU B 291 -22.13 -1.84 -24.39
N LEU B 292 -23.34 -1.88 -24.95
CA LEU B 292 -24.51 -2.50 -24.30
C LEU B 292 -24.47 -4.02 -24.31
N PHE B 293 -24.00 -4.64 -25.39
CA PHE B 293 -23.82 -6.11 -25.44
C PHE B 293 -22.66 -6.56 -24.52
N THR B 294 -21.60 -5.75 -24.45
CA THR B 294 -20.44 -6.03 -23.61
C THR B 294 -20.75 -5.97 -22.11
N PHE B 295 -21.51 -4.95 -21.69
CA PHE B 295 -21.93 -4.83 -20.29
C PHE B 295 -22.87 -5.95 -19.89
N GLY B 296 -23.85 -6.24 -20.75
CA GLY B 296 -24.81 -7.34 -20.55
C GLY B 296 -26.03 -6.95 -19.75
N GLY B 297 -26.78 -7.96 -19.31
CA GLY B 297 -27.97 -7.74 -18.49
C GLY B 297 -29.15 -7.17 -19.26
N GLN B 298 -30.04 -6.48 -18.54
CA GLN B 298 -31.29 -5.95 -19.13
C GLN B 298 -31.08 -4.89 -20.21
N ASP B 299 -30.08 -4.03 -20.06
CA ASP B 299 -29.87 -2.91 -20.98
C ASP B 299 -29.33 -3.30 -22.38
N ALA B 300 -29.03 -4.58 -22.59
CA ALA B 300 -28.81 -5.11 -23.95
C ALA B 300 -30.10 -5.13 -24.79
N ASN B 301 -31.25 -5.02 -24.14
CA ASN B 301 -32.55 -4.93 -24.82
C ASN B 301 -32.95 -3.51 -25.24
N LEU B 302 -32.08 -2.52 -25.01
CA LEU B 302 -32.22 -1.21 -25.68
C LEU B 302 -32.12 -1.36 -27.19
N ILE B 303 -31.36 -2.35 -27.65
CA ILE B 303 -31.27 -2.69 -29.07
C ILE B 303 -32.36 -3.71 -29.38
N SER B 304 -33.34 -3.29 -30.18
CA SER B 304 -34.52 -4.12 -30.50
C SER B 304 -34.15 -5.36 -31.32
N ILE B 305 -34.99 -6.39 -31.21
CA ILE B 305 -34.72 -7.71 -31.80
C ILE B 305 -34.58 -7.69 -33.32
N ASP B 306 -35.27 -6.75 -33.98
CA ASP B 306 -35.14 -6.57 -35.44
C ASP B 306 -33.77 -6.00 -35.86
N ILE B 307 -33.19 -5.13 -35.03
CA ILE B 307 -31.82 -4.63 -35.26
C ILE B 307 -30.78 -5.75 -34.99
N LYS B 308 -31.03 -6.60 -34.00
CA LYS B 308 -30.15 -7.74 -33.74
C LYS B 308 -30.10 -8.72 -34.93
N ASN B 309 -31.23 -8.89 -35.61
CA ASN B 309 -31.29 -9.68 -36.85
C ASN B 309 -30.45 -9.12 -37.99
N ASP B 310 -30.50 -7.79 -38.16
CA ASP B 310 -29.73 -7.11 -39.21
C ASP B 310 -28.22 -7.28 -39.00
N LEU B 311 -27.78 -7.20 -37.74
CA LEU B 311 -26.36 -7.36 -37.38
C LEU B 311 -25.90 -8.81 -37.58
N TYR B 312 -26.75 -9.76 -37.18
CA TYR B 312 -26.51 -11.18 -37.44
C TYR B 312 -26.33 -11.46 -38.94
N GLU B 313 -27.28 -10.97 -39.75
CA GLU B 313 -27.25 -11.17 -41.21
C GLU B 313 -26.05 -10.47 -41.87
N LYS B 314 -25.73 -9.25 -41.42
CA LYS B 314 -24.55 -8.52 -41.91
C LYS B 314 -23.24 -9.33 -41.75
N THR B 315 -23.02 -9.90 -40.57
CA THR B 315 -21.82 -10.70 -40.29
C THR B 315 -21.83 -12.03 -41.07
N LEU B 316 -23.02 -12.57 -41.32
CA LEU B 316 -23.18 -13.78 -42.13
C LEU B 316 -22.66 -13.58 -43.55
N ASN B 317 -23.01 -12.44 -44.16
CA ASN B 317 -22.51 -12.08 -45.49
C ASN B 317 -20.99 -11.89 -45.49
N ASP B 318 -20.51 -11.12 -44.50
CA ASP B 318 -19.08 -10.84 -44.32
C ASP B 318 -18.25 -12.14 -44.22
N TYR B 319 -18.75 -13.09 -43.45
CA TYR B 319 -18.10 -14.39 -43.29
C TYR B 319 -18.17 -15.22 -44.59
N LYS B 320 -19.31 -15.16 -45.27
CA LYS B 320 -19.48 -15.81 -46.59
C LYS B 320 -18.45 -15.32 -47.61
N ALA B 321 -18.25 -13.99 -47.64
CA ALA B 321 -17.23 -13.37 -48.50
C ALA B 321 -15.81 -13.88 -48.20
N ILE B 322 -15.50 -14.05 -46.92
CA ILE B 322 -14.19 -14.56 -46.48
C ILE B 322 -14.03 -16.04 -46.80
N ALA B 323 -15.11 -16.82 -46.69
CA ALA B 323 -15.12 -18.23 -47.12
C ALA B 323 -14.76 -18.37 -48.60
N ASN B 324 -15.36 -17.51 -49.42
CA ASN B 324 -15.07 -17.43 -50.86
C ASN B 324 -13.61 -17.01 -51.10
N LYS B 325 -13.20 -15.93 -50.46
CA LYS B 325 -11.87 -15.36 -50.62
C LYS B 325 -10.75 -16.27 -50.10
N LEU B 326 -11.02 -17.03 -49.05
CA LEU B 326 -10.08 -18.00 -48.50
C LEU B 326 -9.78 -19.14 -49.46
N SER B 327 -10.80 -19.59 -50.19
CA SER B 327 -10.65 -20.70 -51.15
C SER B 327 -9.67 -20.40 -52.29
N GLN B 328 -9.67 -19.16 -52.76
CA GLN B 328 -8.87 -18.74 -53.92
C GLN B 328 -7.40 -18.37 -53.61
N VAL B 329 -6.93 -18.63 -52.38
CA VAL B 329 -5.57 -18.30 -51.97
C VAL B 329 -4.59 -19.39 -52.41
N THR B 330 -3.57 -18.99 -53.18
CA THR B 330 -2.53 -19.90 -53.69
C THR B 330 -1.10 -19.56 -53.27
N SER B 331 -0.88 -18.39 -52.65
CA SER B 331 0.47 -17.90 -52.34
C SER B 331 0.46 -16.85 -51.21
N CYS B 332 1.63 -16.27 -50.92
CA CYS B 332 1.75 -15.17 -49.95
C CYS B 332 3.01 -14.33 -50.21
N ASN B 333 3.03 -13.10 -49.70
CA ASN B 333 4.18 -12.19 -49.88
C ASN B 333 5.42 -12.58 -49.04
N ASP B 334 5.22 -13.38 -47.99
CA ASP B 334 6.31 -13.89 -47.16
C ASP B 334 6.72 -15.28 -47.66
N PRO B 335 7.99 -15.44 -48.09
CA PRO B 335 8.49 -16.76 -48.53
C PRO B 335 8.24 -17.91 -47.56
N ASN B 336 8.44 -17.67 -46.26
CA ASN B 336 8.44 -18.74 -45.25
C ASN B 336 7.07 -19.11 -44.63
N ILE B 337 6.01 -18.43 -45.03
CA ILE B 337 4.65 -18.73 -44.52
C ILE B 337 4.05 -19.97 -45.21
N ASP B 338 3.83 -21.02 -44.41
CA ASP B 338 3.16 -22.24 -44.85
C ASP B 338 1.65 -21.98 -45.05
N ILE B 339 1.20 -22.06 -46.31
CA ILE B 339 -0.15 -21.64 -46.69
C ILE B 339 -1.23 -22.55 -46.09
N ASP B 340 -0.98 -23.86 -46.11
CA ASP B 340 -1.98 -24.84 -45.64
C ASP B 340 -2.26 -24.75 -44.15
N SER B 341 -1.23 -24.51 -43.34
CA SER B 341 -1.41 -24.40 -41.88
C SER B 341 -2.27 -23.18 -41.48
N TYR B 342 -2.08 -22.06 -42.18
CA TYR B 342 -2.91 -20.86 -41.97
C TYR B 342 -4.38 -21.08 -42.36
N LYS B 343 -4.60 -21.81 -43.45
CA LYS B 343 -5.94 -22.17 -43.89
C LYS B 343 -6.71 -23.03 -42.87
N GLN B 344 -6.02 -23.97 -42.23
CA GLN B 344 -6.59 -24.78 -41.15
C GLN B 344 -6.93 -23.96 -39.90
N ILE B 345 -6.14 -22.93 -39.63
CA ILE B 345 -6.42 -22.00 -38.53
C ILE B 345 -7.64 -21.14 -38.84
N TYR B 346 -7.73 -20.63 -40.06
CA TYR B 346 -8.89 -19.81 -40.44
C TYR B 346 -10.18 -20.62 -40.59
N GLN B 347 -10.08 -21.89 -40.95
CA GLN B 347 -11.24 -22.77 -40.92
C GLN B 347 -11.74 -23.01 -39.49
N GLN B 348 -10.79 -23.09 -38.54
CA GLN B 348 -11.11 -23.17 -37.10
C GLN B 348 -11.84 -21.91 -36.64
N LYS B 349 -11.16 -20.78 -36.81
CA LYS B 349 -11.66 -19.49 -36.35
C LYS B 349 -13.06 -19.21 -36.89
N TYR B 350 -13.19 -19.18 -38.23
CA TYR B 350 -14.45 -18.84 -38.90
C TYR B 350 -15.49 -19.99 -38.98
N GLN B 351 -15.11 -21.19 -38.54
CA GLN B 351 -15.98 -22.38 -38.50
C GLN B 351 -16.54 -22.77 -39.88
N PHE B 352 -15.70 -22.62 -40.90
CA PHE B 352 -16.07 -22.99 -42.27
C PHE B 352 -16.07 -24.50 -42.43
N ASP B 353 -16.84 -24.98 -43.42
CA ASP B 353 -16.83 -26.38 -43.83
C ASP B 353 -16.33 -26.46 -45.27
N LYS B 354 -15.83 -27.65 -45.65
CA LYS B 354 -15.44 -27.94 -47.02
C LYS B 354 -16.57 -28.66 -47.75
N ASP B 355 -16.75 -28.33 -49.05
CA ASP B 355 -17.76 -28.96 -49.89
C ASP B 355 -17.15 -30.09 -50.76
N SER B 356 -18.00 -30.70 -51.60
CA SER B 356 -17.60 -31.72 -52.59
C SER B 356 -16.38 -31.32 -53.45
N ASN B 357 -16.39 -30.07 -53.91
CA ASN B 357 -15.33 -29.53 -54.77
C ASN B 357 -13.99 -29.26 -54.05
N GLY B 358 -14.04 -29.00 -52.73
CA GLY B 358 -12.86 -28.58 -51.94
C GLY B 358 -12.85 -27.11 -51.53
N GLN B 359 -13.95 -26.40 -51.81
CA GLN B 359 -14.12 -24.99 -51.45
C GLN B 359 -14.59 -24.86 -50.00
N TYR B 360 -14.30 -23.71 -49.39
CA TYR B 360 -14.75 -23.40 -48.04
C TYR B 360 -16.16 -22.80 -48.09
N ILE B 361 -17.04 -23.22 -47.18
CA ILE B 361 -18.43 -22.75 -47.13
C ILE B 361 -18.94 -22.55 -45.71
N VAL B 362 -19.89 -21.62 -45.56
CA VAL B 362 -20.48 -21.26 -44.28
C VAL B 362 -21.57 -22.27 -43.88
N ASN B 363 -21.34 -22.96 -42.78
CA ASN B 363 -22.34 -23.82 -42.14
C ASN B 363 -23.14 -22.92 -41.20
N GLU B 364 -24.40 -22.63 -41.56
CA GLU B 364 -25.22 -21.65 -40.83
C GLU B 364 -25.60 -22.07 -39.39
N ASP B 365 -25.63 -23.38 -39.14
CA ASP B 365 -25.84 -23.89 -37.77
C ASP B 365 -24.62 -23.59 -36.90
N LYS B 366 -23.43 -23.84 -37.44
CA LYS B 366 -22.15 -23.58 -36.75
C LYS B 366 -21.87 -22.08 -36.58
N PHE B 367 -22.26 -21.29 -37.57
CA PHE B 367 -22.13 -19.82 -37.52
C PHE B 367 -22.97 -19.21 -36.38
N GLN B 368 -24.19 -19.69 -36.21
CA GLN B 368 -25.10 -19.18 -35.17
C GLN B 368 -24.52 -19.35 -33.76
N ILE B 369 -23.91 -20.50 -33.51
CA ILE B 369 -23.16 -20.76 -32.27
C ILE B 369 -22.01 -19.75 -32.10
N LEU B 370 -21.18 -19.61 -33.13
CA LEU B 370 -20.04 -18.70 -33.07
C LEU B 370 -20.47 -17.25 -32.86
N TYR B 371 -21.55 -16.83 -33.53
CA TYR B 371 -22.02 -15.44 -33.43
C TYR B 371 -22.59 -15.13 -32.03
N ASN B 372 -23.38 -16.03 -31.49
CA ASN B 372 -23.90 -15.87 -30.12
C ASN B 372 -22.80 -15.97 -29.05
N SER B 373 -21.76 -16.78 -29.30
CA SER B 373 -20.59 -16.91 -28.41
C SER B 373 -19.82 -15.61 -28.25
N ILE B 374 -19.52 -14.97 -29.38
CA ILE B 374 -18.68 -13.78 -29.39
C ILE B 374 -19.46 -12.55 -28.92
N MET B 375 -20.67 -12.33 -29.46
CA MET B 375 -21.47 -11.14 -29.11
C MET B 375 -22.16 -11.20 -27.76
N TYR B 376 -22.70 -12.37 -27.40
CA TYR B 376 -23.59 -12.48 -26.22
C TYR B 376 -23.14 -13.45 -25.11
N GLY B 377 -21.91 -13.96 -25.19
CA GLY B 377 -21.37 -14.90 -24.19
C GLY B 377 -20.66 -14.22 -23.03
N PHE B 378 -19.51 -13.63 -23.33
CA PHE B 378 -18.74 -12.89 -22.33
C PHE B 378 -19.38 -11.52 -22.10
N THR B 379 -19.83 -11.26 -20.87
CA THR B 379 -20.21 -9.90 -20.44
C THR B 379 -19.59 -9.57 -19.09
N GLU B 380 -19.58 -8.27 -18.77
CA GLU B 380 -19.06 -7.78 -17.49
C GLU B 380 -19.89 -8.26 -16.30
N ILE B 381 -21.21 -8.28 -16.43
CA ILE B 381 -22.10 -8.78 -15.37
C ILE B 381 -21.88 -10.27 -15.11
N GLU B 382 -21.78 -11.06 -16.17
CA GLU B 382 -21.61 -12.50 -16.03
C GLU B 382 -20.26 -12.90 -15.44
N LEU B 383 -19.18 -12.26 -15.90
CA LEU B 383 -17.84 -12.48 -15.33
C LEU B 383 -17.77 -12.03 -13.86
N GLY B 384 -18.47 -10.96 -13.54
CA GLY B 384 -18.60 -10.48 -12.16
C GLY B 384 -19.05 -11.55 -11.20
N LYS B 385 -20.01 -12.38 -11.63
CA LYS B 385 -20.50 -13.48 -10.80
C LYS B 385 -19.47 -14.60 -10.65
N LYS B 386 -18.77 -14.93 -11.74
CA LYS B 386 -17.73 -15.97 -11.72
C LYS B 386 -16.47 -15.58 -10.92
N PHE B 387 -16.19 -14.28 -10.82
CA PHE B 387 -15.02 -13.76 -10.08
C PHE B 387 -15.36 -13.24 -8.67
N ASN B 388 -16.65 -13.24 -8.31
CA ASN B 388 -17.12 -12.66 -7.04
C ASN B 388 -16.76 -11.18 -6.91
N ILE B 389 -17.08 -10.43 -7.97
CA ILE B 389 -16.88 -8.99 -8.02
C ILE B 389 -18.23 -8.32 -8.20
N LYS B 390 -18.55 -7.37 -7.32
CA LYS B 390 -19.79 -6.60 -7.40
C LYS B 390 -19.80 -5.67 -8.61
N THR B 391 -20.92 -5.68 -9.32
CA THR B 391 -21.19 -4.76 -10.42
C THR B 391 -22.52 -4.06 -10.19
N ALA B 392 -22.79 -3.05 -11.01
CA ALA B 392 -24.14 -2.51 -11.13
C ALA B 392 -24.94 -3.39 -12.09
N LEU B 393 -26.26 -3.35 -11.97
CA LEU B 393 -27.14 -4.10 -12.88
C LEU B 393 -27.63 -3.27 -14.07
N SER B 394 -27.54 -1.95 -13.99
CA SER B 394 -27.95 -1.07 -15.09
C SER B 394 -26.75 -0.28 -15.64
N PHE B 395 -26.74 -0.11 -16.96
CA PHE B 395 -25.81 0.79 -17.65
C PHE B 395 -26.02 2.25 -17.22
N PHE B 396 -27.24 2.59 -16.79
CA PHE B 396 -27.59 3.93 -16.31
C PHE B 396 -27.55 4.10 -14.79
N SER B 397 -26.88 3.18 -14.08
CA SER B 397 -26.64 3.34 -12.65
C SER B 397 -25.70 4.52 -12.44
N MET B 398 -25.95 5.29 -11.40
CA MET B 398 -25.25 6.55 -11.18
C MET B 398 -23.79 6.32 -10.79
N ASN B 399 -22.88 6.88 -11.59
CA ASN B 399 -21.45 6.85 -11.28
C ASN B 399 -21.09 8.12 -10.52
N HIS B 400 -20.33 7.98 -9.42
CA HIS B 400 -19.86 9.12 -8.62
C HIS B 400 -18.43 9.46 -9.03
N ASP B 401 -17.75 10.30 -8.26
CA ASP B 401 -16.35 10.62 -8.54
C ASP B 401 -15.48 9.35 -8.52
N PRO B 402 -14.56 9.20 -9.49
CA PRO B 402 -13.65 8.07 -9.45
C PRO B 402 -12.64 8.19 -8.31
N VAL B 403 -11.98 7.07 -7.99
CA VAL B 403 -10.98 7.01 -6.92
C VAL B 403 -9.71 6.38 -7.47
N LYS B 404 -8.59 6.56 -6.78
CA LYS B 404 -7.37 5.81 -7.13
C LYS B 404 -7.11 4.68 -6.14
N ILE B 405 -6.57 3.58 -6.67
CA ILE B 405 -6.17 2.41 -5.91
C ILE B 405 -4.64 2.35 -5.99
N PRO B 406 -3.94 3.06 -5.07
CA PRO B 406 -2.50 3.21 -5.18
C PRO B 406 -1.62 2.07 -4.64
N ASN B 407 -2.22 1.03 -4.04
CA ASN B 407 -1.45 -0.10 -3.49
C ASN B 407 -1.89 -1.48 -4.03
N LEU B 408 -2.01 -1.58 -5.35
CA LEU B 408 -2.40 -2.85 -5.99
C LEU B 408 -1.32 -3.92 -5.87
N LEU B 409 -0.06 -3.49 -5.80
CA LEU B 409 1.07 -4.41 -5.61
C LEU B 409 1.33 -4.79 -4.14
N ASP B 410 0.40 -4.45 -3.24
CA ASP B 410 0.43 -4.94 -1.86
C ASP B 410 -0.58 -6.09 -1.75
N ASP B 411 -0.08 -7.31 -1.52
CA ASP B 411 -0.93 -8.51 -1.39
C ASP B 411 -1.89 -8.51 -0.19
N THR B 412 -1.69 -7.61 0.77
CA THR B 412 -2.63 -7.43 1.88
C THR B 412 -3.86 -6.60 1.49
N ILE B 413 -3.81 -5.91 0.35
CA ILE B 413 -4.94 -5.16 -0.20
C ILE B 413 -5.59 -5.85 -1.40
N TYR B 414 -4.77 -6.33 -2.33
CA TYR B 414 -5.22 -6.94 -3.57
C TYR B 414 -4.29 -8.09 -3.95
N ASN B 415 -4.82 -9.31 -3.97
CA ASN B 415 -4.05 -10.48 -4.42
C ASN B 415 -4.62 -11.07 -5.71
N ASP B 416 -3.86 -11.98 -6.33
CA ASP B 416 -4.20 -12.56 -7.63
C ASP B 416 -5.19 -13.74 -7.63
N THR B 417 -5.84 -14.03 -6.49
CA THR B 417 -6.92 -15.03 -6.45
C THR B 417 -8.29 -14.49 -6.04
N GLU B 418 -8.33 -13.50 -5.15
CA GLU B 418 -9.59 -12.93 -4.67
C GLU B 418 -9.73 -11.41 -4.84
N GLY B 419 -8.73 -10.74 -5.40
CA GLY B 419 -8.80 -9.29 -5.62
C GLY B 419 -8.80 -8.54 -4.30
N PHE B 420 -9.70 -7.55 -4.17
CA PHE B 420 -9.93 -6.86 -2.89
C PHE B 420 -10.68 -7.74 -1.88
N ASN B 421 -11.51 -8.66 -2.37
CA ASN B 421 -12.50 -9.34 -1.55
C ASN B 421 -11.95 -10.62 -0.91
N ILE B 422 -10.95 -10.44 -0.04
CA ILE B 422 -10.15 -11.53 0.54
C ILE B 422 -10.85 -12.10 1.78
N GLU B 423 -10.98 -13.42 1.85
CA GLU B 423 -11.73 -14.06 2.94
C GLU B 423 -10.97 -14.06 4.27
N SER B 424 -9.65 -14.27 4.21
CA SER B 424 -8.76 -14.17 5.39
C SER B 424 -9.01 -12.91 6.24
N LYS B 425 -9.33 -11.80 5.57
CA LYS B 425 -9.61 -10.52 6.23
C LYS B 425 -11.10 -10.22 6.39
N ASP B 426 -11.94 -11.24 6.26
CA ASP B 426 -13.41 -11.11 6.24
C ASP B 426 -13.96 -10.04 5.27
N LEU B 427 -13.42 -10.02 4.05
CA LEU B 427 -13.82 -9.07 3.02
C LEU B 427 -14.47 -9.71 1.78
N LYS B 428 -14.63 -11.04 1.79
CA LYS B 428 -15.36 -11.75 0.73
C LYS B 428 -16.87 -11.57 0.88
N SER B 429 -17.35 -11.69 2.12
CA SER B 429 -18.76 -11.53 2.44
C SER B 429 -19.27 -10.14 2.05
N GLU B 430 -20.41 -10.11 1.35
CA GLU B 430 -21.10 -8.85 0.97
C GLU B 430 -20.22 -7.87 0.16
N TYR B 431 -19.22 -8.41 -0.55
CA TYR B 431 -18.25 -7.63 -1.33
C TYR B 431 -17.64 -6.46 -0.56
N LYS B 432 -17.38 -6.67 0.74
CA LYS B 432 -16.90 -5.61 1.63
C LYS B 432 -15.50 -5.06 1.28
N GLY B 433 -14.71 -5.84 0.55
CA GLY B 433 -13.45 -5.34 -0.02
C GLY B 433 -13.60 -4.21 -1.02
N GLN B 434 -14.73 -4.17 -1.72
CA GLN B 434 -15.07 -3.07 -2.65
C GLN B 434 -15.80 -1.89 -1.99
N ASN B 435 -16.38 -2.11 -0.82
CA ASN B 435 -17.19 -1.12 -0.10
C ASN B 435 -16.36 0.05 0.45
N MET B 436 -16.77 1.28 0.14
CA MET B 436 -16.02 2.49 0.54
C MET B 436 -16.18 2.88 2.00
N ARG B 437 -17.24 2.41 2.66
CA ARG B 437 -17.44 2.65 4.09
C ARG B 437 -16.70 1.65 4.98
N VAL B 438 -16.35 0.48 4.43
CA VAL B 438 -15.63 -0.56 5.16
C VAL B 438 -14.12 -0.53 4.83
N ASN B 439 -13.75 -0.83 3.59
CA ASN B 439 -12.34 -1.01 3.23
C ASN B 439 -11.64 0.32 2.88
N THR B 440 -11.42 1.14 3.91
CA THR B 440 -10.90 2.50 3.70
C THR B 440 -9.42 2.55 3.33
N ASN B 441 -8.65 1.52 3.68
CA ASN B 441 -7.22 1.44 3.32
C ASN B 441 -6.97 1.17 1.84
N ALA B 442 -7.94 0.56 1.15
CA ALA B 442 -7.77 0.15 -0.25
C ALA B 442 -7.80 1.27 -1.30
N PHE B 443 -8.33 2.45 -0.94
CA PHE B 443 -8.50 3.56 -1.89
C PHE B 443 -8.11 4.93 -1.32
N ARG B 444 -8.06 5.92 -2.21
CA ARG B 444 -7.86 7.33 -1.86
C ARG B 444 -8.67 8.21 -2.83
N ASN B 445 -9.10 9.38 -2.37
CA ASN B 445 -9.81 10.34 -3.23
C ASN B 445 -8.81 11.02 -4.18
N VAL B 446 -9.25 11.33 -5.40
CA VAL B 446 -8.40 12.08 -6.36
C VAL B 446 -8.50 13.57 -6.07
N ASP B 447 -7.37 14.29 -6.17
CA ASP B 447 -7.37 15.73 -5.87
C ASP B 447 -8.01 16.53 -7.01
N GLY B 448 -8.67 17.64 -6.65
CA GLY B 448 -9.54 18.39 -7.55
C GLY B 448 -8.94 19.04 -8.78
N SER B 449 -7.61 19.20 -8.79
CA SER B 449 -6.89 19.83 -9.91
C SER B 449 -7.15 19.16 -11.25
N GLY B 450 -7.09 17.83 -11.26
CA GLY B 450 -7.25 17.04 -12.47
C GLY B 450 -8.68 16.63 -12.79
N LEU B 451 -9.57 16.66 -11.79
CA LEU B 451 -10.95 16.24 -11.97
C LEU B 451 -11.81 17.38 -12.54
N VAL B 452 -12.45 17.13 -13.68
CA VAL B 452 -13.27 18.10 -14.39
C VAL B 452 -14.63 17.46 -14.68
N SER B 453 -15.71 18.18 -14.39
CA SER B 453 -17.08 17.69 -14.58
C SER B 453 -17.85 18.59 -15.54
N LYS B 454 -18.91 18.04 -16.12
CA LYS B 454 -19.89 18.84 -16.87
C LYS B 454 -20.83 19.46 -15.85
N LEU B 455 -21.08 20.76 -15.99
CA LEU B 455 -21.91 21.52 -15.08
C LEU B 455 -22.88 22.39 -15.86
N ILE B 456 -24.09 22.57 -15.32
CA ILE B 456 -25.03 23.60 -15.79
C ILE B 456 -25.38 24.53 -14.62
N GLY B 457 -25.96 25.70 -14.92
CA GLY B 457 -26.32 26.69 -13.90
C GLY B 457 -27.74 27.20 -14.04
N LEU B 458 -28.62 26.78 -13.13
CA LEU B 458 -29.98 27.34 -13.04
C LEU B 458 -29.95 28.63 -12.23
N CYS B 459 -30.60 29.67 -12.74
CA CYS B 459 -30.64 30.98 -12.07
C CYS B 459 -32.08 31.53 -11.96
N LYS B 460 -32.44 31.99 -10.76
CA LYS B 460 -33.78 32.54 -10.47
C LYS B 460 -33.71 33.71 -9.49
N LYS B 461 -34.58 34.71 -9.71
CA LYS B 461 -34.68 35.89 -8.84
C LYS B 461 -35.67 35.64 -7.70
N GLU B 485 -30.80 37.47 -7.77
CA GLU B 485 -30.66 36.32 -8.64
C GLU B 485 -29.78 35.24 -7.99
N LEU B 486 -30.41 34.22 -7.41
CA LEU B 486 -29.70 33.07 -6.83
C LEU B 486 -29.47 32.01 -7.91
N CYS B 487 -28.21 31.63 -8.10
CA CYS B 487 -27.82 30.58 -9.06
C CYS B 487 -27.30 29.35 -8.33
N ILE B 488 -27.53 28.17 -8.90
CA ILE B 488 -27.02 26.91 -8.36
C ILE B 488 -26.47 26.04 -9.49
N LYS B 489 -25.30 25.45 -9.28
CA LYS B 489 -24.62 24.64 -10.31
C LYS B 489 -24.94 23.16 -10.10
N ILE B 490 -25.26 22.46 -11.20
CA ILE B 490 -25.71 21.06 -11.16
C ILE B 490 -24.84 20.18 -12.04
N LYS B 491 -24.36 19.07 -11.47
CA LYS B 491 -23.51 18.12 -12.20
C LYS B 491 -24.32 17.25 -13.17
N ASN B 492 -23.68 16.88 -14.26
CA ASN B 492 -24.34 16.15 -15.36
C ASN B 492 -24.80 14.74 -14.95
N GLU B 493 -24.07 14.10 -14.05
CA GLU B 493 -24.41 12.76 -13.58
C GLU B 493 -25.75 12.75 -12.83
N ASP B 494 -26.07 13.84 -12.14
CA ASP B 494 -27.35 13.98 -11.43
C ASP B 494 -28.57 14.22 -12.34
N LEU B 495 -28.33 14.54 -13.61
CA LEU B 495 -29.39 14.73 -14.61
C LEU B 495 -29.87 13.38 -15.17
N THR B 496 -30.97 13.40 -15.92
CA THR B 496 -31.65 12.18 -16.41
C THR B 496 -31.41 11.92 -17.89
N PHE B 497 -31.07 10.67 -18.23
CA PHE B 497 -30.86 10.25 -19.62
C PHE B 497 -32.20 9.95 -20.28
N ILE B 498 -32.56 10.74 -21.29
CA ILE B 498 -33.77 10.51 -22.10
C ILE B 498 -33.36 10.33 -23.56
N ALA B 499 -33.66 9.15 -24.11
CA ALA B 499 -33.25 8.79 -25.48
C ALA B 499 -33.99 9.60 -26.55
N GLU B 500 -33.34 9.77 -27.70
CA GLU B 500 -33.96 10.37 -28.87
C GLU B 500 -34.90 9.35 -29.50
N LYS B 501 -35.95 9.84 -30.16
CA LYS B 501 -36.97 8.99 -30.79
C LYS B 501 -36.43 8.35 -32.07
N ASN B 502 -35.61 9.12 -32.80
CA ASN B 502 -35.01 8.65 -34.06
C ASN B 502 -33.97 7.53 -33.89
N SER B 503 -33.46 7.35 -32.68
CA SER B 503 -32.49 6.29 -32.40
C SER B 503 -33.04 4.86 -32.38
N PHE B 504 -34.37 4.71 -32.33
CA PHE B 504 -35.01 3.38 -32.35
C PHE B 504 -35.51 2.99 -33.74
N SER B 505 -35.67 1.69 -33.96
CA SER B 505 -36.02 1.15 -35.28
C SER B 505 -37.45 1.44 -35.68
N GLU B 506 -37.69 1.39 -37.00
CA GLU B 506 -39.05 1.44 -37.55
C GLU B 506 -39.28 0.37 -38.66
N GLU B 507 -38.43 -0.66 -38.72
CA GLU B 507 -38.57 -1.74 -39.71
C GLU B 507 -39.86 -2.56 -39.55
N PRO B 508 -40.30 -2.83 -38.29
CA PRO B 508 -41.54 -3.61 -38.11
C PRO B 508 -42.81 -3.01 -38.73
N PHE B 509 -42.88 -1.70 -38.88
CA PHE B 509 -44.05 -1.05 -39.49
C PHE B 509 -44.05 -1.06 -41.03
N GLN B 510 -42.96 -1.54 -41.64
CA GLN B 510 -42.83 -1.59 -43.10
C GLN B 510 -43.35 -2.91 -43.67
N ASP B 511 -43.46 -2.95 -45.00
CA ASP B 511 -43.93 -4.14 -45.72
C ASP B 511 -42.94 -5.30 -45.64
N GLU B 512 -43.47 -6.52 -45.67
CA GLU B 512 -42.68 -7.75 -45.62
C GLU B 512 -43.38 -8.76 -46.52
N ILE B 513 -42.68 -9.23 -47.55
CA ILE B 513 -43.26 -10.16 -48.53
C ILE B 513 -42.99 -11.59 -48.09
N VAL B 514 -44.07 -12.36 -47.88
CA VAL B 514 -43.99 -13.78 -47.54
C VAL B 514 -43.86 -14.59 -48.82
N SER B 515 -42.68 -15.16 -49.04
CA SER B 515 -42.40 -16.03 -50.17
C SER B 515 -42.41 -17.49 -49.71
N TYR B 516 -42.17 -18.41 -50.64
CA TYR B 516 -41.96 -19.83 -50.29
C TYR B 516 -40.59 -20.03 -49.64
N ASN B 517 -39.56 -19.42 -50.22
CA ASN B 517 -38.17 -19.61 -49.80
C ASN B 517 -37.79 -18.95 -48.46
N THR B 518 -38.57 -17.96 -48.01
CA THR B 518 -38.24 -17.16 -46.82
C THR B 518 -38.23 -17.98 -45.51
N LYS B 519 -37.13 -17.89 -44.76
CA LYS B 519 -36.87 -18.69 -43.56
C LYS B 519 -37.38 -18.01 -42.28
N ASN B 520 -37.29 -18.73 -41.17
CA ASN B 520 -37.67 -18.20 -39.85
C ASN B 520 -36.55 -17.34 -39.25
N LYS B 521 -36.91 -16.22 -38.64
CA LYS B 521 -35.97 -15.41 -37.85
C LYS B 521 -35.83 -16.00 -36.44
N PRO B 522 -34.61 -15.98 -35.87
CA PRO B 522 -34.33 -16.72 -34.62
C PRO B 522 -35.03 -16.20 -33.33
N LEU B 523 -35.26 -14.89 -33.22
CA LEU B 523 -35.88 -14.26 -32.02
C LEU B 523 -35.10 -14.44 -30.70
N ASN B 524 -33.84 -14.86 -30.78
CA ASN B 524 -33.09 -15.35 -29.62
C ASN B 524 -31.59 -15.25 -29.89
N PHE B 525 -30.95 -14.24 -29.28
CA PHE B 525 -29.52 -14.00 -29.42
C PHE B 525 -28.84 -14.00 -28.05
N ASN B 526 -28.49 -15.19 -27.57
CA ASN B 526 -27.81 -15.34 -26.29
C ASN B 526 -27.05 -16.66 -26.18
N TYR B 527 -26.12 -16.70 -25.23
CA TYR B 527 -25.24 -17.85 -25.04
C TYR B 527 -24.75 -17.88 -23.59
N SER B 528 -24.85 -19.04 -22.95
CA SER B 528 -24.48 -19.22 -21.55
C SER B 528 -22.97 -19.22 -21.39
N LEU B 529 -22.47 -18.47 -20.41
CA LEU B 529 -21.03 -18.46 -20.10
C LEU B 529 -20.57 -19.82 -19.56
N ASP B 530 -21.42 -20.47 -18.77
CA ASP B 530 -21.19 -21.86 -18.33
C ASP B 530 -20.92 -22.80 -19.51
N LYS B 531 -21.72 -22.65 -20.57
CA LYS B 531 -21.55 -23.42 -21.82
C LYS B 531 -20.21 -23.14 -22.50
N ILE B 532 -19.79 -21.87 -22.52
CA ILE B 532 -18.46 -21.49 -23.08
C ILE B 532 -17.32 -22.17 -22.32
N ILE B 533 -17.43 -22.22 -21.00
CA ILE B 533 -16.42 -22.84 -20.14
C ILE B 533 -16.36 -24.36 -20.39
N VAL B 534 -17.54 -24.99 -20.48
CA VAL B 534 -17.65 -26.43 -20.76
C VAL B 534 -16.99 -26.77 -22.11
N ASP B 535 -17.26 -25.94 -23.12
CA ASP B 535 -16.67 -26.12 -24.45
C ASP B 535 -15.15 -25.90 -24.45
N TYR B 536 -14.67 -24.93 -23.66
CA TYR B 536 -13.21 -24.68 -23.55
C TYR B 536 -12.44 -25.87 -22.98
N ASN B 537 -12.99 -26.52 -21.95
CA ASN B 537 -12.34 -27.70 -21.35
C ASN B 537 -12.26 -28.89 -22.32
N LEU B 538 -13.23 -28.99 -23.24
CA LEU B 538 -13.20 -30.01 -24.29
C LEU B 538 -12.20 -29.71 -25.42
N GLN B 539 -11.95 -28.43 -25.71
CA GLN B 539 -11.04 -28.01 -26.81
C GLN B 539 -9.69 -28.74 -26.80
N SER B 540 -9.28 -29.20 -27.98
CA SER B 540 -7.98 -29.83 -28.18
C SER B 540 -6.91 -28.77 -28.43
N LYS B 541 -5.70 -29.05 -27.95
CA LYS B 541 -4.58 -28.10 -28.02
C LYS B 541 -4.07 -27.85 -29.45
N ILE B 542 -4.36 -26.67 -30.01
CA ILE B 542 -3.95 -26.30 -31.37
C ILE B 542 -2.83 -25.25 -31.37
N THR B 543 -1.85 -25.42 -32.26
CA THR B 543 -0.63 -24.63 -32.29
C THR B 543 -0.73 -23.53 -33.35
N LEU B 544 -0.22 -22.35 -32.99
CA LEU B 544 -0.15 -21.20 -33.89
C LEU B 544 1.22 -21.16 -34.55
N PRO B 545 1.33 -20.55 -35.75
CA PRO B 545 2.61 -20.52 -36.44
C PRO B 545 3.50 -19.40 -35.93
N ASN B 546 4.77 -19.44 -36.33
CA ASN B 546 5.76 -18.41 -35.98
C ASN B 546 5.23 -17.04 -36.38
N ASP B 547 5.33 -16.07 -35.47
CA ASP B 547 4.72 -14.75 -35.67
C ASP B 547 5.66 -13.71 -36.26
N ARG B 548 6.92 -14.07 -36.53
CA ARG B 548 7.86 -13.20 -37.25
C ARG B 548 7.59 -13.25 -38.76
N THR B 549 7.64 -12.09 -39.41
CA THR B 549 7.38 -12.00 -40.85
C THR B 549 8.22 -10.87 -41.49
N THR B 550 8.03 -10.66 -42.78
CA THR B 550 8.81 -9.69 -43.54
C THR B 550 8.46 -8.25 -43.17
N PRO B 551 9.41 -7.31 -43.29
CA PRO B 551 9.17 -5.93 -42.85
C PRO B 551 7.97 -5.25 -43.51
N VAL B 552 7.32 -4.36 -42.76
CA VAL B 552 6.18 -3.58 -43.26
C VAL B 552 6.73 -2.36 -43.96
N THR B 553 6.20 -2.08 -45.14
CA THR B 553 6.59 -0.90 -45.92
C THR B 553 5.49 -0.29 -46.82
N LYS B 554 4.41 -1.01 -47.11
CA LYS B 554 3.53 -0.67 -48.22
C LYS B 554 2.49 0.42 -47.89
N GLY B 555 1.94 0.40 -46.69
CA GLY B 555 0.87 1.34 -46.31
C GLY B 555 1.34 2.73 -45.90
N ILE B 556 0.37 3.66 -45.82
CA ILE B 556 0.58 4.98 -45.21
C ILE B 556 0.12 4.94 -43.73
N PRO B 557 0.86 5.62 -42.83
CA PRO B 557 0.43 5.64 -41.42
C PRO B 557 -0.51 6.81 -41.14
N TYR B 558 -1.78 6.52 -40.91
CA TYR B 558 -2.77 7.54 -40.56
C TYR B 558 -3.42 7.24 -39.21
N ALA B 559 -3.23 8.15 -38.25
CA ALA B 559 -3.83 8.03 -36.91
C ALA B 559 -5.02 8.97 -36.79
N PRO B 560 -6.20 8.44 -36.38
CA PRO B 560 -7.37 9.28 -36.10
C PRO B 560 -7.11 10.42 -35.13
N GLU B 561 -7.63 11.61 -35.46
CA GLU B 561 -7.45 12.79 -34.64
C GLU B 561 -8.24 12.65 -33.34
N TYR B 562 -7.61 13.02 -32.23
CA TYR B 562 -8.26 12.97 -30.92
C TYR B 562 -9.39 13.98 -30.85
N LYS B 563 -10.59 13.51 -30.51
CA LYS B 563 -11.75 14.38 -30.34
C LYS B 563 -11.74 14.95 -28.93
N SER B 564 -11.36 16.22 -28.80
CA SER B 564 -11.27 16.87 -27.49
C SER B 564 -12.64 17.05 -26.85
N ASN B 565 -12.65 17.10 -25.52
CA ASN B 565 -13.86 17.28 -24.72
C ASN B 565 -13.77 18.56 -23.88
N ALA B 566 -12.83 19.45 -24.21
CA ALA B 566 -12.55 20.65 -23.41
C ALA B 566 -13.52 21.77 -23.72
N ALA B 567 -14.32 22.16 -22.73
CA ALA B 567 -15.24 23.30 -22.84
C ALA B 567 -14.63 24.52 -22.18
N SER B 568 -14.86 25.69 -22.79
CA SER B 568 -14.29 26.96 -22.31
C SER B 568 -15.10 27.55 -21.13
N THR B 569 -16.41 27.41 -21.18
CA THR B 569 -17.32 27.97 -20.18
C THR B 569 -18.56 27.10 -19.95
N ILE B 570 -19.22 27.38 -18.82
CA ILE B 570 -20.37 26.61 -18.36
C ILE B 570 -21.65 27.10 -19.04
N GLU B 571 -22.54 26.17 -19.37
CA GLU B 571 -23.91 26.50 -19.78
C GLU B 571 -24.67 27.11 -18.61
N ILE B 572 -25.27 28.28 -18.82
CA ILE B 572 -26.14 28.92 -17.81
C ILE B 572 -27.56 29.02 -18.37
N HIS B 573 -28.54 28.77 -17.51
CA HIS B 573 -29.96 28.86 -17.86
C HIS B 573 -30.69 29.72 -16.82
N ASN B 574 -31.42 30.73 -17.29
CA ASN B 574 -32.27 31.56 -16.44
C ASN B 574 -33.70 31.00 -16.50
N ILE B 575 -34.32 30.82 -15.32
CA ILE B 575 -35.63 30.18 -15.20
C ILE B 575 -36.60 30.98 -14.31
N ASP B 576 -37.89 30.86 -14.62
CA ASP B 576 -38.92 31.64 -13.94
C ASP B 576 -39.31 31.03 -12.59
N ASP B 577 -39.52 29.71 -12.57
CA ASP B 577 -40.10 29.00 -11.40
C ASP B 577 -39.13 28.02 -10.74
N ASN B 578 -39.46 27.64 -9.50
CA ASN B 578 -38.68 26.66 -8.73
C ASN B 578 -38.90 25.25 -9.28
N THR B 579 -37.81 24.57 -9.64
CA THR B 579 -37.85 23.18 -10.12
C THR B 579 -37.42 22.21 -9.02
N ILE B 580 -37.39 20.91 -9.33
CA ILE B 580 -36.93 19.85 -8.42
C ILE B 580 -35.55 20.10 -7.79
N TYR B 581 -34.64 20.71 -8.55
CA TYR B 581 -33.25 20.93 -8.11
C TYR B 581 -33.16 22.01 -7.03
N GLN B 582 -34.03 23.03 -7.11
CA GLN B 582 -34.16 24.04 -6.05
C GLN B 582 -34.75 23.47 -4.76
N TYR B 583 -35.70 22.54 -4.88
CA TYR B 583 -36.25 21.83 -3.70
C TYR B 583 -35.23 20.91 -3.01
N LEU B 584 -34.30 20.35 -3.79
CA LEU B 584 -33.20 19.57 -3.24
C LEU B 584 -32.14 20.47 -2.61
N TYR B 585 -31.78 21.55 -3.32
CA TYR B 585 -30.75 22.50 -2.83
C TYR B 585 -31.18 23.26 -1.56
N ALA B 586 -32.49 23.46 -1.40
CA ALA B 586 -33.05 24.05 -0.18
C ALA B 586 -32.86 23.18 1.07
N GLN B 587 -32.76 21.87 0.88
CA GLN B 587 -32.58 20.90 1.98
C GLN B 587 -31.13 20.77 2.49
N LYS B 588 -30.17 21.44 1.84
CA LYS B 588 -28.77 21.41 2.27
C LYS B 588 -28.60 22.09 3.63
N SER B 589 -27.67 21.57 4.44
CA SER B 589 -27.32 22.14 5.73
C SER B 589 -26.05 23.00 5.62
N PRO B 590 -25.83 23.91 6.60
CA PRO B 590 -24.51 24.56 6.69
C PRO B 590 -23.40 23.60 7.13
N THR B 591 -22.18 23.91 6.73
CA THR B 591 -21.00 23.10 7.11
C THR B 591 -20.30 23.73 8.33
N THR B 592 -21.08 24.06 9.36
CA THR B 592 -20.61 24.80 10.53
C THR B 592 -21.40 24.38 11.77
N LEU B 593 -20.73 24.43 12.92
CA LEU B 593 -21.36 24.07 14.20
C LEU B 593 -22.27 25.21 14.66
N GLN B 594 -23.43 25.31 14.02
CA GLN B 594 -24.34 26.47 14.13
C GLN B 594 -25.79 26.01 14.27
N ARG B 595 -26.62 26.82 14.94
CA ARG B 595 -28.03 26.44 15.18
C ARG B 595 -28.83 26.32 13.87
N ILE B 596 -29.83 25.43 13.88
CA ILE B 596 -30.59 25.08 12.67
C ILE B 596 -32.10 25.10 12.97
N THR B 597 -32.91 25.40 11.95
CA THR B 597 -34.37 25.28 12.01
C THR B 597 -34.93 24.70 10.70
N MET B 598 -36.15 24.17 10.76
CA MET B 598 -36.83 23.58 9.60
C MET B 598 -38.09 24.37 9.25
N THR B 599 -38.36 24.52 7.95
CA THR B 599 -39.53 25.26 7.44
C THR B 599 -40.15 24.56 6.23
N ASN B 600 -41.47 24.73 6.05
CA ASN B 600 -42.18 24.19 4.87
C ASN B 600 -42.11 25.10 3.63
N SER B 601 -41.58 26.32 3.79
CA SER B 601 -41.43 27.27 2.68
C SER B 601 -40.06 27.09 2.01
N VAL B 602 -40.07 26.83 0.70
CA VAL B 602 -38.84 26.55 -0.06
C VAL B 602 -37.94 27.78 -0.24
N ASP B 603 -38.52 28.92 -0.62
CA ASP B 603 -37.77 30.17 -0.81
C ASP B 603 -37.20 30.67 0.52
N ASP B 604 -38.00 30.54 1.58
CA ASP B 604 -37.57 30.89 2.95
C ASP B 604 -36.28 30.14 3.34
N ALA B 605 -36.27 28.83 3.09
CA ALA B 605 -35.11 27.98 3.41
C ALA B 605 -33.89 28.23 2.51
N LEU B 606 -34.13 28.64 1.26
CA LEU B 606 -33.05 28.92 0.31
C LEU B 606 -32.20 30.14 0.68
N ILE B 607 -32.85 31.22 1.13
CA ILE B 607 -32.16 32.49 1.43
C ILE B 607 -31.41 32.43 2.76
N ASN B 608 -32.12 32.07 3.82
CA ASN B 608 -31.50 31.97 5.16
C ASN B 608 -30.63 30.71 5.23
N SER B 609 -29.35 30.89 5.56
CA SER B 609 -28.37 29.81 5.64
C SER B 609 -28.72 28.79 6.74
N THR B 610 -29.10 29.29 7.91
CA THR B 610 -29.42 28.44 9.06
C THR B 610 -30.79 27.73 8.98
N LYS B 611 -31.59 28.01 7.95
CA LYS B 611 -32.91 27.39 7.78
C LYS B 611 -32.91 26.38 6.64
N ILE B 612 -33.68 25.31 6.81
CA ILE B 612 -33.68 24.13 5.93
C ILE B 612 -35.10 23.77 5.51
N TYR B 613 -35.26 23.26 4.27
CA TYR B 613 -36.56 22.78 3.78
C TYR B 613 -36.91 21.42 4.41
N SER B 614 -38.20 21.21 4.62
CA SER B 614 -38.71 19.91 5.10
C SER B 614 -40.14 19.66 4.60
N TYR B 615 -40.57 18.41 4.74
CA TYR B 615 -41.90 17.96 4.29
C TYR B 615 -42.55 16.95 5.26
N PHE B 616 -42.19 17.04 6.54
CA PHE B 616 -42.74 16.21 7.60
C PHE B 616 -43.29 17.12 8.70
N PRO B 617 -44.62 17.40 8.68
CA PRO B 617 -45.24 18.32 9.64
C PRO B 617 -44.95 18.02 11.12
N SER B 618 -45.03 16.75 11.50
CA SER B 618 -44.81 16.32 12.88
C SER B 618 -43.39 16.61 13.36
N VAL B 619 -42.40 16.37 12.48
CA VAL B 619 -40.98 16.53 12.82
C VAL B 619 -40.59 18.01 12.92
N ILE B 620 -41.16 18.83 12.04
CA ILE B 620 -40.91 20.29 12.02
C ILE B 620 -41.27 20.95 13.36
N SER B 621 -42.40 20.52 13.95
CA SER B 621 -42.87 21.04 15.24
C SER B 621 -41.86 20.84 16.38
N LYS B 622 -41.40 19.61 16.54
CA LYS B 622 -40.62 19.22 17.72
C LYS B 622 -39.13 19.58 17.66
N VAL B 623 -38.54 19.63 16.46
CA VAL B 623 -37.13 20.07 16.31
C VAL B 623 -36.96 21.59 16.45
N ASN B 624 -37.95 22.35 15.97
CA ASN B 624 -37.96 23.81 16.14
C ASN B 624 -38.27 24.22 17.59
N GLN B 625 -38.99 23.36 18.32
CA GLN B 625 -39.18 23.52 19.76
C GLN B 625 -37.83 23.41 20.48
N GLY B 626 -37.11 24.53 20.52
CA GLY B 626 -35.72 24.59 20.98
C GLY B 626 -35.53 24.47 22.49
N ALA B 627 -36.43 25.09 23.25
CA ALA B 627 -36.42 24.98 24.71
C ALA B 627 -36.86 23.57 25.13
N GLN B 628 -36.27 23.08 26.24
CA GLN B 628 -36.54 21.73 26.74
C GLN B 628 -37.00 21.76 28.20
N GLY B 629 -38.32 21.70 28.38
CA GLY B 629 -38.95 21.57 29.69
C GLY B 629 -39.13 20.13 30.18
N ILE B 630 -38.57 19.17 29.43
CA ILE B 630 -38.51 17.76 29.85
C ILE B 630 -37.07 17.23 29.63
N LEU B 631 -36.84 16.01 30.07
CA LEU B 631 -35.53 15.35 29.92
C LEU B 631 -35.08 15.33 28.45
N PHE B 632 -33.80 15.59 28.23
CA PHE B 632 -33.19 15.65 26.88
C PHE B 632 -33.42 14.35 26.08
N LEU B 633 -33.31 13.21 26.76
CA LEU B 633 -33.54 11.89 26.16
C LEU B 633 -34.96 11.67 25.63
N GLN B 634 -35.98 12.12 26.37
CA GLN B 634 -37.38 11.97 25.93
C GLN B 634 -37.70 12.83 24.71
N TRP B 635 -37.14 14.04 24.66
CA TRP B 635 -37.26 14.91 23.48
C TRP B 635 -36.74 14.21 22.24
N VAL B 636 -35.50 13.71 22.31
CA VAL B 636 -34.85 13.01 21.20
C VAL B 636 -35.55 11.70 20.87
N ARG B 637 -35.97 10.95 21.89
CA ARG B 637 -36.75 9.72 21.68
C ARG B 637 -38.10 10.00 20.99
N ASP B 638 -38.69 11.16 21.28
CA ASP B 638 -39.92 11.61 20.63
C ASP B 638 -39.66 12.10 19.19
N ILE B 639 -38.48 12.65 18.92
CA ILE B 639 -38.06 13.03 17.54
C ILE B 639 -37.98 11.80 16.61
N ILE B 640 -37.40 10.70 17.11
CA ILE B 640 -37.25 9.47 16.32
C ILE B 640 -38.61 8.79 16.09
N ASP B 641 -39.51 8.88 17.07
CA ASP B 641 -40.88 8.36 16.93
C ASP B 641 -41.66 9.10 15.83
N ASP B 642 -41.46 10.42 15.74
CA ASP B 642 -42.06 11.23 14.68
C ASP B 642 -41.54 10.87 13.29
N PHE B 643 -40.22 10.73 13.18
CA PHE B 643 -39.57 10.38 11.91
C PHE B 643 -39.93 8.96 11.46
N THR B 644 -40.15 8.06 12.41
CA THR B 644 -40.63 6.70 12.13
C THR B 644 -42.05 6.68 11.54
N ASN B 645 -42.95 7.47 12.13
CA ASN B 645 -44.34 7.56 11.67
C ASN B 645 -44.49 8.27 10.32
N GLU B 646 -43.73 9.34 10.13
CA GLU B 646 -43.81 10.17 8.92
C GLU B 646 -43.24 9.48 7.67
N SER B 647 -42.06 8.88 7.82
CA SER B 647 -41.33 8.26 6.70
C SER B 647 -41.87 6.89 6.29
N SER B 648 -42.28 6.07 7.26
CA SER B 648 -42.73 4.70 6.99
C SER B 648 -44.09 4.58 6.29
N GLN B 649 -44.89 5.64 6.31
CA GLN B 649 -46.26 5.62 5.77
C GLN B 649 -46.36 5.26 4.29
N LYS B 650 -47.30 4.38 3.98
CA LYS B 650 -47.60 3.97 2.61
C LYS B 650 -49.09 3.66 2.47
N THR B 651 -49.60 3.83 1.24
CA THR B 651 -51.01 3.57 0.93
C THR B 651 -51.14 2.97 -0.49
N THR B 652 -52.39 2.69 -0.90
CA THR B 652 -52.68 2.25 -2.27
C THR B 652 -53.77 3.12 -2.88
N ILE B 653 -53.91 3.01 -4.20
CA ILE B 653 -54.98 3.64 -4.97
C ILE B 653 -55.64 2.53 -5.77
N ASP B 654 -56.79 2.03 -5.29
CA ASP B 654 -57.42 0.81 -5.85
C ASP B 654 -57.81 0.87 -7.34
N LYS B 655 -57.95 2.08 -7.89
CA LYS B 655 -58.06 2.29 -9.34
C LYS B 655 -56.81 1.82 -10.08
N ILE B 656 -55.62 2.10 -9.51
CA ILE B 656 -54.33 1.63 -10.03
C ILE B 656 -54.07 0.22 -9.42
N SER B 657 -54.38 -0.82 -10.19
CA SER B 657 -54.39 -2.20 -9.69
C SER B 657 -53.01 -2.79 -9.39
N ASP B 658 -52.02 -2.46 -10.20
CA ASP B 658 -50.71 -3.16 -10.20
C ASP B 658 -49.53 -2.33 -9.67
N VAL B 659 -49.82 -1.45 -8.71
CA VAL B 659 -48.80 -0.72 -7.94
C VAL B 659 -49.15 -0.91 -6.46
N SER B 660 -48.42 -1.80 -5.79
CA SER B 660 -48.77 -2.21 -4.43
C SER B 660 -48.48 -1.16 -3.36
N THR B 661 -47.59 -0.20 -3.66
CA THR B 661 -47.05 0.69 -2.63
C THR B 661 -46.91 2.14 -3.15
N ILE B 662 -47.57 3.08 -2.47
CA ILE B 662 -47.53 4.51 -2.81
C ILE B 662 -47.04 5.29 -1.58
N VAL B 663 -45.97 6.07 -1.75
CA VAL B 663 -45.40 6.91 -0.68
C VAL B 663 -45.79 8.38 -0.97
N PRO B 664 -46.77 8.92 -0.20
CA PRO B 664 -47.34 10.24 -0.53
C PRO B 664 -46.37 11.44 -0.53
N TYR B 665 -45.42 11.46 0.40
CA TYR B 665 -44.57 12.64 0.62
C TYR B 665 -43.52 12.97 -0.45
N ILE B 666 -43.46 12.20 -1.55
CA ILE B 666 -42.53 12.52 -2.65
C ILE B 666 -42.92 13.79 -3.39
N GLY B 667 -44.22 14.09 -3.44
CA GLY B 667 -44.75 15.31 -4.05
C GLY B 667 -44.23 16.58 -3.41
N PRO B 668 -44.39 16.71 -2.08
CA PRO B 668 -43.79 17.85 -1.35
C PRO B 668 -42.25 17.90 -1.34
N ALA B 669 -41.59 16.75 -1.45
CA ALA B 669 -40.12 16.68 -1.40
C ALA B 669 -39.43 17.00 -2.74
N LEU B 670 -40.10 16.73 -3.86
CA LEU B 670 -39.58 16.98 -5.21
C LEU B 670 -40.35 18.01 -6.02
N ASN B 671 -41.41 18.60 -5.44
CA ASN B 671 -42.33 19.50 -6.14
C ASN B 671 -43.01 18.82 -7.34
N ILE B 672 -43.49 17.59 -7.13
CA ILE B 672 -44.29 16.88 -8.13
C ILE B 672 -45.75 17.12 -7.75
N VAL B 673 -46.34 18.13 -8.40
CA VAL B 673 -47.67 18.60 -8.05
C VAL B 673 -48.43 19.10 -9.30
N LYS B 674 -49.73 18.81 -9.35
CA LYS B 674 -50.60 19.23 -10.46
C LYS B 674 -51.43 20.44 -10.03
N GLN B 675 -51.54 21.44 -10.92
CA GLN B 675 -52.38 22.62 -10.65
C GLN B 675 -53.84 22.23 -10.39
N GLY B 676 -54.38 22.69 -9.27
CA GLY B 676 -55.70 22.28 -8.78
C GLY B 676 -55.63 21.40 -7.54
N TYR B 677 -54.65 20.49 -7.49
CA TYR B 677 -54.54 19.49 -6.42
C TYR B 677 -53.34 19.78 -5.50
N GLU B 678 -53.25 21.04 -5.04
CA GLU B 678 -52.13 21.48 -4.21
C GLU B 678 -52.23 20.90 -2.80
N GLY B 679 -51.13 20.29 -2.34
CA GLY B 679 -51.11 19.57 -1.07
C GLY B 679 -51.94 18.29 -1.05
N ASN B 680 -52.12 17.70 -2.24
CA ASN B 680 -52.94 16.51 -2.42
C ASN B 680 -52.34 15.63 -3.53
N PHE B 681 -51.17 15.05 -3.23
CA PHE B 681 -50.45 14.16 -4.13
C PHE B 681 -51.27 12.92 -4.51
N ILE B 682 -51.94 12.34 -3.50
CA ILE B 682 -52.81 11.17 -3.68
C ILE B 682 -53.94 11.48 -4.67
N GLY B 683 -54.49 12.69 -4.58
CA GLY B 683 -55.57 13.12 -5.48
C GLY B 683 -55.14 13.27 -6.92
N ALA B 684 -53.99 13.90 -7.14
CA ALA B 684 -53.43 14.09 -8.48
C ALA B 684 -52.98 12.77 -9.13
N LEU B 685 -52.62 11.79 -8.30
CA LEU B 685 -52.22 10.45 -8.78
C LEU B 685 -53.43 9.60 -9.19
N GLU B 686 -54.53 9.71 -8.44
CA GLU B 686 -55.82 9.10 -8.81
C GLU B 686 -56.33 9.63 -10.16
N THR B 687 -56.29 10.95 -10.32
CA THR B 687 -56.77 11.63 -11.53
C THR B 687 -55.88 11.32 -12.74
N THR B 688 -54.60 11.65 -12.62
CA THR B 688 -53.67 11.67 -13.76
C THR B 688 -53.00 10.31 -14.05
N GLY B 689 -52.70 9.55 -13.00
CA GLY B 689 -51.97 8.28 -13.13
C GLY B 689 -50.47 8.45 -13.01
N VAL B 690 -49.72 7.41 -13.37
CA VAL B 690 -48.27 7.37 -13.17
C VAL B 690 -47.45 8.34 -14.05
N VAL B 691 -48.06 8.89 -15.10
CA VAL B 691 -47.41 9.97 -15.88
C VAL B 691 -47.06 11.22 -15.05
N LEU B 692 -47.77 11.46 -13.95
CA LEU B 692 -47.47 12.56 -13.03
C LEU B 692 -46.01 12.56 -12.55
N LEU B 693 -45.47 11.37 -12.34
CA LEU B 693 -44.10 11.22 -11.84
C LEU B 693 -43.01 11.56 -12.86
N LEU B 694 -43.31 11.50 -14.15
CA LEU B 694 -42.31 11.79 -15.19
C LEU B 694 -42.03 13.30 -15.31
N GLU B 695 -40.79 13.65 -15.61
CA GLU B 695 -40.44 15.02 -16.03
C GLU B 695 -40.87 15.19 -17.49
N TYR B 696 -40.41 14.26 -18.33
CA TYR B 696 -40.73 14.24 -19.76
C TYR B 696 -41.84 13.22 -20.07
N ILE B 697 -42.88 13.69 -20.76
CA ILE B 697 -44.02 12.87 -21.16
C ILE B 697 -43.82 12.44 -22.62
N PRO B 698 -43.51 11.15 -22.85
CA PRO B 698 -43.15 10.72 -24.20
C PRO B 698 -44.35 10.42 -25.07
N GLU B 699 -44.14 10.50 -26.39
CA GLU B 699 -45.16 10.15 -27.37
C GLU B 699 -45.29 8.63 -27.45
N ILE B 700 -46.44 8.10 -27.03
CA ILE B 700 -46.68 6.65 -26.95
C ILE B 700 -47.52 6.05 -28.09
N THR B 701 -47.93 6.89 -29.06
CA THR B 701 -48.64 6.44 -30.25
C THR B 701 -47.73 5.63 -31.15
N LEU B 702 -48.28 4.59 -31.77
CA LEU B 702 -47.58 3.80 -32.80
C LEU B 702 -48.25 4.03 -34.16
N PRO B 703 -47.47 4.00 -35.26
CA PRO B 703 -48.06 4.02 -36.60
C PRO B 703 -48.69 2.69 -37.02
N VAL B 704 -49.34 2.68 -38.19
CA VAL B 704 -49.95 1.46 -38.74
C VAL B 704 -48.89 0.43 -39.10
N ILE B 705 -49.10 -0.81 -38.65
CA ILE B 705 -48.20 -1.92 -38.94
C ILE B 705 -48.66 -2.45 -40.29
N ALA B 706 -47.78 -2.39 -41.28
CA ALA B 706 -48.12 -2.83 -42.63
C ALA B 706 -48.47 -4.32 -42.63
N ALA B 707 -49.64 -4.64 -43.18
CA ALA B 707 -50.12 -6.03 -43.25
C ALA B 707 -49.27 -6.84 -44.21
N LEU B 708 -49.21 -8.15 -43.96
CA LEU B 708 -48.38 -9.06 -44.75
C LEU B 708 -49.00 -9.29 -46.12
N SER B 709 -48.16 -9.43 -47.14
CA SER B 709 -48.62 -9.70 -48.50
C SER B 709 -47.92 -10.96 -49.02
N ILE B 710 -48.70 -11.98 -49.39
CA ILE B 710 -48.17 -13.18 -50.01
C ILE B 710 -47.84 -12.84 -51.47
N ALA B 711 -46.73 -13.38 -51.97
CA ALA B 711 -46.32 -13.16 -53.36
C ALA B 711 -45.54 -14.37 -53.89
N GLU B 712 -46.14 -15.55 -53.74
CA GLU B 712 -45.64 -16.78 -54.36
C GLU B 712 -46.50 -17.09 -55.59
N SER B 713 -45.99 -16.71 -56.76
CA SER B 713 -46.71 -16.84 -58.03
C SER B 713 -46.53 -18.23 -58.66
N SER B 714 -45.29 -18.73 -58.66
CA SER B 714 -44.98 -20.07 -59.18
C SER B 714 -45.49 -21.15 -58.22
N THR B 715 -46.81 -21.34 -58.23
CA THR B 715 -47.53 -22.14 -57.22
C THR B 715 -48.15 -23.39 -57.87
N GLN B 716 -47.38 -24.04 -58.74
CA GLN B 716 -47.80 -25.27 -59.41
C GLN B 716 -47.90 -26.46 -58.44
N LYS B 717 -46.93 -26.56 -57.52
CA LYS B 717 -46.78 -27.73 -56.64
C LYS B 717 -47.63 -27.59 -55.37
N GLU B 718 -47.45 -28.53 -54.43
CA GLU B 718 -47.99 -28.43 -53.07
C GLU B 718 -46.93 -27.94 -52.06
N LYS B 719 -45.93 -27.20 -52.56
CA LYS B 719 -45.07 -26.36 -51.72
C LYS B 719 -45.79 -25.08 -51.27
N ILE B 720 -46.96 -24.81 -51.85
CA ILE B 720 -47.90 -23.79 -51.36
C ILE B 720 -48.29 -23.96 -49.88
N ILE B 721 -48.34 -25.21 -49.40
CA ILE B 721 -48.69 -25.49 -48.00
C ILE B 721 -47.60 -25.05 -47.00
N LYS B 722 -46.35 -25.04 -47.46
CA LYS B 722 -45.22 -24.48 -46.68
C LYS B 722 -45.35 -22.95 -46.53
N THR B 723 -45.80 -22.27 -47.59
CA THR B 723 -46.02 -20.81 -47.60
C THR B 723 -47.09 -20.34 -46.58
N ILE B 724 -48.03 -21.21 -46.25
CA ILE B 724 -49.05 -20.92 -45.23
C ILE B 724 -48.45 -20.96 -43.81
N ASP B 725 -47.47 -21.84 -43.59
CA ASP B 725 -46.75 -21.88 -42.31
C ASP B 725 -45.85 -20.66 -42.13
N ASN B 726 -45.16 -20.27 -43.21
CA ASN B 726 -44.27 -19.09 -43.21
C ASN B 726 -45.03 -17.80 -42.89
N PHE B 727 -46.22 -17.66 -43.48
CA PHE B 727 -47.09 -16.50 -43.25
C PHE B 727 -47.57 -16.41 -41.79
N LEU B 728 -48.00 -17.54 -41.23
CA LEU B 728 -48.46 -17.61 -39.84
C LEU B 728 -47.31 -17.46 -38.83
N GLU B 729 -46.12 -17.94 -39.22
CA GLU B 729 -44.88 -17.78 -38.44
C GLU B 729 -44.45 -16.31 -38.37
N LYS B 730 -44.34 -15.67 -39.53
CA LYS B 730 -43.98 -14.23 -39.61
C LYS B 730 -44.99 -13.31 -38.93
N ARG B 731 -46.25 -13.73 -38.88
CA ARG B 731 -47.31 -13.02 -38.15
C ARG B 731 -47.05 -13.09 -36.63
N TYR B 732 -46.59 -14.25 -36.14
CA TYR B 732 -46.19 -14.40 -34.73
C TYR B 732 -44.97 -13.55 -34.40
N GLU B 733 -43.99 -13.53 -35.32
CA GLU B 733 -42.76 -12.74 -35.14
C GLU B 733 -43.01 -11.22 -35.08
N LYS B 734 -44.10 -10.75 -35.71
CA LYS B 734 -44.46 -9.33 -35.75
C LYS B 734 -44.87 -8.82 -34.35
N TRP B 735 -45.72 -9.59 -33.67
CA TRP B 735 -46.12 -9.30 -32.29
C TRP B 735 -44.91 -9.19 -31.35
N ILE B 736 -43.94 -10.10 -31.52
CA ILE B 736 -42.74 -10.13 -30.67
C ILE B 736 -41.80 -8.98 -31.01
N GLU B 737 -41.57 -8.73 -32.31
CA GLU B 737 -40.74 -7.61 -32.75
C GLU B 737 -41.27 -6.27 -32.23
N VAL B 738 -42.60 -6.06 -32.31
CA VAL B 738 -43.24 -4.80 -31.87
C VAL B 738 -43.22 -4.67 -30.35
N TYR B 739 -43.53 -5.76 -29.63
CA TYR B 739 -43.47 -5.76 -28.17
C TYR B 739 -42.10 -5.33 -27.64
N LYS B 740 -41.03 -5.84 -28.26
CA LYS B 740 -39.67 -5.55 -27.84
C LYS B 740 -39.16 -4.20 -28.32
N LEU B 741 -39.70 -3.71 -29.45
CA LEU B 741 -39.43 -2.34 -29.87
C LEU B 741 -39.97 -1.31 -28.88
N VAL B 742 -41.11 -1.62 -28.25
CA VAL B 742 -41.69 -0.77 -27.20
C VAL B 742 -40.89 -0.85 -25.91
N LYS B 743 -40.54 -2.08 -25.48
CA LYS B 743 -39.72 -2.28 -24.28
C LYS B 743 -38.37 -1.56 -24.38
N ALA B 744 -37.76 -1.58 -25.56
CA ALA B 744 -36.54 -0.83 -25.80
C ALA B 744 -36.73 0.66 -25.51
N LYS B 745 -37.79 1.24 -26.09
CA LYS B 745 -38.12 2.66 -25.88
C LYS B 745 -38.41 2.98 -24.42
N TRP B 746 -39.13 2.08 -23.74
CA TRP B 746 -39.40 2.19 -22.30
C TRP B 746 -38.11 2.29 -21.48
N LEU B 747 -37.12 1.45 -21.81
CA LEU B 747 -35.84 1.45 -21.09
C LEU B 747 -35.06 2.77 -21.26
N GLY B 748 -35.00 3.28 -22.48
CA GLY B 748 -34.24 4.49 -22.79
C GLY B 748 -34.92 5.82 -22.50
N THR B 749 -36.25 5.80 -22.28
CA THR B 749 -37.06 7.03 -22.23
C THR B 749 -37.93 7.20 -20.97
N VAL B 750 -38.51 6.11 -20.45
CA VAL B 750 -39.37 6.16 -19.26
C VAL B 750 -38.68 5.61 -18.00
N ASN B 751 -38.06 4.44 -18.13
CA ASN B 751 -37.47 3.76 -16.96
C ASN B 751 -36.31 4.54 -16.33
N THR B 752 -35.53 5.25 -17.14
CA THR B 752 -34.47 6.14 -16.62
C THR B 752 -34.99 7.24 -15.69
N GLN B 753 -36.19 7.75 -15.98
CA GLN B 753 -36.84 8.80 -15.17
C GLN B 753 -37.29 8.30 -13.80
N PHE B 754 -37.86 7.08 -13.75
CA PHE B 754 -38.27 6.46 -12.47
C PHE B 754 -37.08 6.08 -11.59
N GLN B 755 -35.99 5.62 -12.21
CA GLN B 755 -34.73 5.37 -11.50
C GLN B 755 -34.17 6.64 -10.85
N LYS B 756 -34.25 7.77 -11.56
CA LYS B 756 -33.76 9.05 -11.02
C LYS B 756 -34.57 9.58 -9.85
N ARG B 757 -35.85 9.23 -9.77
CA ARG B 757 -36.67 9.58 -8.60
C ARG B 757 -36.15 8.89 -7.35
N SER B 758 -35.88 7.59 -7.47
CA SER B 758 -35.28 6.80 -6.39
C SER B 758 -34.00 7.43 -5.86
N TYR B 759 -33.12 7.88 -6.75
CA TYR B 759 -31.90 8.58 -6.35
C TYR B 759 -32.20 9.91 -5.65
N GLN B 760 -33.14 10.67 -6.21
CA GLN B 760 -33.53 11.98 -5.67
C GLN B 760 -34.19 11.85 -4.30
N MET B 761 -35.02 10.83 -4.12
CA MET B 761 -35.58 10.50 -2.81
C MET B 761 -34.53 10.07 -1.79
N TYR B 762 -33.54 9.30 -2.24
CA TYR B 762 -32.41 8.90 -1.39
C TYR B 762 -31.63 10.12 -0.92
N ARG B 763 -31.30 11.00 -1.86
CA ARG B 763 -30.53 12.22 -1.54
C ARG B 763 -31.34 13.18 -0.68
N SER B 764 -32.66 13.16 -0.83
CA SER B 764 -33.59 13.95 0.01
C SER B 764 -33.64 13.42 1.45
N LEU B 765 -33.82 12.11 1.60
CA LEU B 765 -33.89 11.50 2.93
C LEU B 765 -32.59 11.67 3.74
N GLU B 766 -31.45 11.66 3.06
CA GLU B 766 -30.16 11.90 3.72
C GLU B 766 -29.99 13.36 4.20
N TYR B 767 -30.44 14.32 3.39
CA TYR B 767 -30.44 15.74 3.80
C TYR B 767 -31.27 15.96 5.08
N GLN B 768 -32.37 15.23 5.22
CA GLN B 768 -33.24 15.33 6.40
C GLN B 768 -32.60 14.66 7.61
N VAL B 769 -32.07 13.45 7.39
CA VAL B 769 -31.37 12.72 8.45
C VAL B 769 -30.16 13.53 8.95
N ASP B 770 -29.37 14.05 8.03
CA ASP B 770 -28.19 14.87 8.35
C ASP B 770 -28.53 16.17 9.10
N ALA B 771 -29.67 16.78 8.76
CA ALA B 771 -30.14 18.00 9.43
C ALA B 771 -30.64 17.74 10.86
N ILE B 772 -31.38 16.65 11.05
CA ILE B 772 -31.88 16.26 12.37
C ILE B 772 -30.73 15.82 13.28
N LYS B 773 -29.75 15.11 12.72
CA LYS B 773 -28.54 14.73 13.46
C LYS B 773 -27.71 15.95 13.90
N LYS B 774 -27.73 17.02 13.10
CA LYS B 774 -27.08 18.29 13.47
C LYS B 774 -27.84 19.04 14.57
N ILE B 775 -29.17 19.05 14.51
CA ILE B 775 -30.01 19.63 15.56
C ILE B 775 -29.69 18.99 16.92
N ILE B 776 -29.66 17.66 16.94
CA ILE B 776 -29.43 16.88 18.16
C ILE B 776 -28.05 17.15 18.79
N ASP B 777 -27.04 17.40 17.94
CA ASP B 777 -25.69 17.72 18.41
C ASP B 777 -25.58 19.11 19.07
N TYR B 778 -26.22 20.12 18.49
CA TYR B 778 -26.11 21.51 18.99
C TYR B 778 -27.08 21.82 20.13
N GLU B 779 -28.01 20.92 20.41
CA GLU B 779 -28.81 20.95 21.65
C GLU B 779 -28.14 20.15 22.76
N TYR B 780 -27.38 19.11 22.39
CA TYR B 780 -26.60 18.32 23.35
C TYR B 780 -25.43 19.11 23.98
N LYS B 781 -24.80 19.97 23.18
CA LYS B 781 -23.74 20.87 23.69
C LYS B 781 -24.24 21.84 24.76
N ILE B 782 -25.46 22.32 24.60
CA ILE B 782 -26.08 23.29 25.52
C ILE B 782 -26.57 22.63 26.82
N TYR B 783 -26.96 21.36 26.76
CA TYR B 783 -27.51 20.64 27.93
C TYR B 783 -26.46 20.44 29.04
N SER B 784 -26.68 21.09 30.18
CA SER B 784 -25.78 21.02 31.35
C SER B 784 -26.38 20.20 32.50
N GLY B 785 -27.15 19.17 32.17
CA GLY B 785 -27.87 18.37 33.17
C GLY B 785 -26.98 17.42 33.95
N PRO B 786 -27.53 16.77 34.98
CA PRO B 786 -26.76 15.87 35.86
C PRO B 786 -26.41 14.51 35.23
N ASP B 787 -27.29 13.98 34.39
CA ASP B 787 -27.15 12.64 33.81
C ASP B 787 -26.54 12.61 32.39
N LYS B 788 -25.80 13.66 32.01
CA LYS B 788 -25.33 13.86 30.63
C LYS B 788 -24.46 12.72 30.08
N GLU B 789 -23.40 12.38 30.80
CA GLU B 789 -22.44 11.37 30.33
C GLU B 789 -22.96 9.94 30.35
N GLN B 790 -24.06 9.68 31.09
CA GLN B 790 -24.74 8.38 31.05
C GLN B 790 -25.64 8.26 29.83
N ILE B 791 -26.50 9.26 29.61
CA ILE B 791 -27.45 9.26 28.48
C ILE B 791 -26.80 9.37 27.10
N ALA B 792 -25.61 9.99 27.03
CA ALA B 792 -24.87 10.18 25.77
C ALA B 792 -24.56 8.89 25.00
N ASP B 793 -24.48 7.77 25.72
CA ASP B 793 -24.42 6.44 25.11
C ASP B 793 -25.67 6.14 24.29
N GLU B 794 -26.84 6.45 24.85
CA GLU B 794 -28.13 6.24 24.17
C GLU B 794 -28.40 7.23 23.03
N ILE B 795 -27.72 8.38 23.01
CA ILE B 795 -27.88 9.38 21.96
C ILE B 795 -27.31 8.88 20.62
N ASN B 796 -26.07 8.40 20.63
CA ASN B 796 -25.41 7.84 19.43
C ASN B 796 -26.10 6.55 18.93
N ASN B 797 -26.76 5.85 19.84
CA ASN B 797 -27.64 4.71 19.49
C ASN B 797 -28.91 5.21 18.78
N LEU B 798 -29.56 6.23 19.35
CA LEU B 798 -30.78 6.81 18.76
C LEU B 798 -30.52 7.61 17.48
N LYS B 799 -29.34 8.21 17.35
CA LYS B 799 -28.92 8.87 16.08
C LYS B 799 -28.72 7.86 14.95
N ASN B 800 -28.11 6.71 15.25
CA ASN B 800 -27.94 5.62 14.28
C ASN B 800 -29.27 5.00 13.83
N LYS B 801 -30.30 5.09 14.68
CA LYS B 801 -31.62 4.59 14.33
C LYS B 801 -32.32 5.41 13.23
N LEU B 802 -31.90 6.66 13.02
CA LEU B 802 -32.43 7.49 11.91
C LEU B 802 -32.12 6.89 10.54
N GLU B 803 -30.83 6.62 10.30
CA GLU B 803 -30.37 6.05 9.02
C GLU B 803 -30.92 4.63 8.78
N GLU B 804 -31.24 3.90 9.84
CA GLU B 804 -31.91 2.60 9.76
C GLU B 804 -33.34 2.74 9.22
N LYS B 805 -34.06 3.75 9.71
CA LYS B 805 -35.47 3.98 9.31
C LYS B 805 -35.60 4.55 7.90
N ALA B 806 -34.65 5.39 7.50
CA ALA B 806 -34.60 5.90 6.12
C ALA B 806 -34.38 4.79 5.08
N ASN B 807 -33.67 3.72 5.46
CA ASN B 807 -33.49 2.55 4.59
C ASN B 807 -34.79 1.78 4.40
N LYS B 808 -35.58 1.67 5.47
CA LYS B 808 -36.90 1.03 5.42
C LYS B 808 -37.89 1.82 4.57
N ALA B 809 -37.72 3.14 4.55
CA ALA B 809 -38.49 4.02 3.65
C ALA B 809 -38.06 3.88 2.20
N MET B 810 -36.75 3.77 1.96
CA MET B 810 -36.22 3.53 0.60
C MET B 810 -36.57 2.15 0.03
N ILE B 811 -36.91 1.18 0.89
CA ILE B 811 -37.48 -0.10 0.43
C ILE B 811 -38.84 0.14 -0.21
N ASN B 812 -39.68 0.93 0.46
CA ASN B 812 -41.01 1.29 -0.07
C ASN B 812 -40.94 2.17 -1.34
N ILE B 813 -40.04 3.15 -1.34
CA ILE B 813 -39.88 4.08 -2.47
C ILE B 813 -39.40 3.37 -3.73
N ASN B 814 -38.46 2.42 -3.59
CA ASN B 814 -37.95 1.65 -4.74
C ASN B 814 -39.02 0.71 -5.31
N ILE B 815 -39.82 0.09 -4.45
CA ILE B 815 -40.99 -0.70 -4.88
C ILE B 815 -42.01 0.18 -5.63
N PHE B 816 -42.21 1.40 -5.13
CA PHE B 816 -43.13 2.38 -5.72
C PHE B 816 -42.68 2.78 -7.14
N MET B 817 -41.42 3.16 -7.30
CA MET B 817 -40.89 3.55 -8.63
C MET B 817 -40.75 2.37 -9.60
N ARG B 818 -40.36 1.19 -9.09
CA ARG B 818 -40.20 -0.02 -9.92
C ARG B 818 -41.54 -0.50 -10.47
N GLU B 819 -42.56 -0.53 -9.62
CA GLU B 819 -43.88 -1.01 -10.01
C GLU B 819 -44.66 -0.02 -10.88
N SER B 820 -44.48 1.27 -10.63
CA SER B 820 -45.07 2.35 -11.45
C SER B 820 -44.49 2.38 -12.87
N SER B 821 -43.17 2.23 -12.98
CA SER B 821 -42.50 2.14 -14.28
C SER B 821 -43.00 0.94 -15.10
N ARG B 822 -43.22 -0.18 -14.42
CA ARG B 822 -43.79 -1.39 -15.03
C ARG B 822 -45.25 -1.19 -15.44
N SER B 823 -46.03 -0.54 -14.57
CA SER B 823 -47.44 -0.27 -14.83
C SER B 823 -47.66 0.57 -16.08
N PHE B 824 -46.80 1.55 -16.32
CA PHE B 824 -46.86 2.37 -17.52
C PHE B 824 -46.48 1.60 -18.79
N LEU B 825 -45.56 0.64 -18.67
CA LEU B 825 -45.20 -0.24 -19.79
C LEU B 825 -46.33 -1.21 -20.09
N VAL B 826 -46.73 -1.97 -19.07
CA VAL B 826 -47.70 -3.07 -19.19
C VAL B 826 -49.10 -2.59 -19.65
N ASN B 827 -49.52 -1.41 -19.20
CA ASN B 827 -50.83 -0.84 -19.56
C ASN B 827 -50.70 0.21 -20.69
N GLN B 828 -50.36 1.46 -20.37
CA GLN B 828 -50.41 2.58 -21.33
C GLN B 828 -49.65 2.34 -22.64
N MET B 829 -48.38 1.94 -22.53
CA MET B 829 -47.51 1.74 -23.71
C MET B 829 -47.84 0.51 -24.55
N ILE B 830 -48.14 -0.61 -23.90
CA ILE B 830 -48.44 -1.87 -24.60
C ILE B 830 -49.87 -1.89 -25.17
N ASN B 831 -50.82 -1.21 -24.51
CA ASN B 831 -52.20 -1.09 -25.04
C ASN B 831 -52.25 -0.48 -26.45
N GLU B 832 -51.36 0.47 -26.75
CA GLU B 832 -51.25 1.06 -28.09
C GLU B 832 -50.68 0.05 -29.10
N ALA B 833 -49.74 -0.77 -28.65
CA ALA B 833 -49.16 -1.84 -29.48
C ALA B 833 -50.18 -2.92 -29.81
N LYS B 834 -51.00 -3.30 -28.82
CA LYS B 834 -52.08 -4.27 -29.03
C LYS B 834 -53.15 -3.76 -30.01
N LYS B 835 -53.51 -2.47 -29.92
CA LYS B 835 -54.45 -1.85 -30.88
C LYS B 835 -54.00 -2.01 -32.34
N GLN B 836 -52.77 -1.61 -32.62
CA GLN B 836 -52.19 -1.69 -33.98
C GLN B 836 -51.92 -3.13 -34.42
N LEU B 837 -51.60 -4.01 -33.47
CA LEU B 837 -51.37 -5.43 -33.76
C LEU B 837 -52.66 -6.20 -34.07
N LEU B 838 -53.75 -5.86 -33.39
CA LEU B 838 -55.06 -6.47 -33.66
C LEU B 838 -55.63 -6.06 -35.03
N GLU B 839 -55.40 -4.81 -35.45
CA GLU B 839 -55.72 -4.34 -36.80
C GLU B 839 -54.86 -5.05 -37.86
N PHE B 840 -53.59 -5.27 -37.53
CA PHE B 840 -52.66 -6.03 -38.38
C PHE B 840 -53.09 -7.49 -38.59
N ASP B 841 -53.67 -8.11 -37.57
CA ASP B 841 -54.20 -9.48 -37.67
C ASP B 841 -55.33 -9.61 -38.69
N THR B 842 -56.35 -8.76 -38.54
CA THR B 842 -57.56 -8.81 -39.40
C THR B 842 -57.23 -8.57 -40.87
N GLN B 843 -56.33 -7.62 -41.14
CA GLN B 843 -55.83 -7.39 -42.50
C GLN B 843 -55.09 -8.61 -43.08
N SER B 844 -54.25 -9.23 -42.26
CA SER B 844 -53.43 -10.36 -42.68
C SER B 844 -54.21 -11.67 -42.84
N LYS B 845 -55.22 -11.90 -41.99
CA LYS B 845 -56.09 -13.08 -42.13
C LYS B 845 -56.87 -13.04 -43.46
N ASN B 846 -57.29 -11.85 -43.88
CA ASN B 846 -57.93 -11.66 -45.19
C ASN B 846 -56.99 -12.01 -46.35
N ILE B 847 -55.75 -11.52 -46.28
CA ILE B 847 -54.76 -11.80 -47.33
C ILE B 847 -54.41 -13.30 -47.35
N LEU B 848 -54.40 -13.95 -46.19
CA LEU B 848 -54.14 -15.39 -46.08
C LEU B 848 -55.25 -16.22 -46.72
N MET B 849 -56.51 -15.91 -46.41
CA MET B 849 -57.67 -16.67 -46.92
C MET B 849 -58.05 -16.33 -48.37
N GLN B 850 -57.63 -15.17 -48.87
CA GLN B 850 -57.69 -14.88 -50.31
C GLN B 850 -56.70 -15.73 -51.11
N TYR B 851 -55.52 -15.99 -50.54
CA TYR B 851 -54.52 -16.87 -51.13
C TYR B 851 -54.96 -18.33 -51.11
N ILE B 852 -55.66 -18.73 -50.04
CA ILE B 852 -56.24 -20.08 -49.94
C ILE B 852 -57.38 -20.25 -50.96
N LYS B 853 -58.21 -19.22 -51.15
CA LYS B 853 -59.30 -19.26 -52.15
C LYS B 853 -58.77 -19.17 -53.58
N ALA B 854 -57.85 -18.23 -53.82
CA ALA B 854 -57.25 -18.04 -55.16
C ALA B 854 -56.45 -19.25 -55.65
N ASN B 855 -55.86 -20.00 -54.71
CA ASN B 855 -55.22 -21.29 -55.00
C ASN B 855 -55.94 -22.42 -54.27
N SER B 856 -57.28 -22.42 -54.36
CA SER B 856 -58.11 -23.48 -53.79
C SER B 856 -58.10 -24.75 -54.65
N LYS B 857 -58.05 -24.55 -55.98
CA LYS B 857 -58.05 -25.64 -56.95
C LYS B 857 -56.78 -26.52 -56.87
N PHE B 858 -55.65 -25.91 -56.53
CA PHE B 858 -54.39 -26.64 -56.34
C PHE B 858 -54.40 -27.52 -55.09
N ILE B 859 -54.95 -26.99 -53.98
CA ILE B 859 -54.99 -27.70 -52.68
C ILE B 859 -56.12 -28.73 -52.52
N GLY B 860 -56.95 -28.91 -53.55
CA GLY B 860 -57.99 -29.94 -53.54
C GLY B 860 -57.54 -31.39 -53.73
N ILE B 861 -56.23 -31.61 -53.95
CA ILE B 861 -55.68 -32.96 -54.10
C ILE B 861 -55.76 -33.76 -52.77
N THR B 862 -55.58 -33.07 -51.64
CA THR B 862 -55.80 -33.66 -50.30
C THR B 862 -56.84 -32.84 -49.53
N GLU B 863 -57.61 -33.50 -48.67
CA GLU B 863 -58.63 -32.84 -47.84
C GLU B 863 -58.00 -32.20 -46.60
N LEU B 864 -57.22 -31.14 -46.82
CA LEU B 864 -56.56 -30.38 -45.74
C LEU B 864 -57.10 -28.95 -45.58
N LYS B 865 -57.91 -28.46 -46.51
CA LYS B 865 -58.55 -27.15 -46.38
C LYS B 865 -59.52 -27.10 -45.19
N LYS B 866 -60.15 -28.23 -44.90
CA LYS B 866 -60.99 -28.35 -43.69
C LYS B 866 -60.15 -28.20 -42.41
N LEU B 867 -58.94 -28.78 -42.42
CA LEU B 867 -57.99 -28.65 -41.30
C LEU B 867 -57.40 -27.23 -41.14
N GLU B 868 -57.32 -26.47 -42.23
CA GLU B 868 -56.78 -25.10 -42.19
C GLU B 868 -57.70 -24.09 -41.48
N SER B 869 -59.01 -24.20 -41.70
CA SER B 869 -59.97 -23.38 -40.96
C SER B 869 -59.98 -23.74 -39.46
N LYS B 870 -59.67 -24.99 -39.13
CA LYS B 870 -59.53 -25.44 -37.73
C LYS B 870 -58.23 -24.92 -37.13
N ILE B 871 -57.12 -25.01 -37.89
CA ILE B 871 -55.79 -24.60 -37.41
C ILE B 871 -55.60 -23.07 -37.34
N ASN B 872 -56.54 -22.29 -37.92
CA ASN B 872 -56.61 -20.84 -37.68
C ASN B 872 -57.41 -20.46 -36.42
N LYS B 873 -57.23 -21.25 -35.36
CA LYS B 873 -57.52 -20.85 -33.98
C LYS B 873 -56.34 -20.04 -33.42
N VAL B 874 -55.19 -20.09 -34.10
CA VAL B 874 -54.04 -19.25 -33.77
C VAL B 874 -54.36 -17.75 -33.83
N PHE B 875 -55.17 -17.33 -34.80
CA PHE B 875 -55.65 -15.94 -34.88
C PHE B 875 -56.66 -15.59 -33.77
N SER B 876 -57.43 -16.59 -33.33
CA SER B 876 -58.34 -16.43 -32.19
C SER B 876 -57.62 -16.23 -30.84
N THR B 877 -56.41 -16.77 -30.71
CA THR B 877 -55.59 -16.65 -29.48
C THR B 877 -54.59 -15.47 -29.58
N PRO B 878 -54.78 -14.41 -28.75
CA PRO B 878 -53.74 -13.37 -28.70
C PRO B 878 -52.43 -13.83 -28.04
N ILE B 879 -51.35 -13.14 -28.38
CA ILE B 879 -50.01 -13.43 -27.88
C ILE B 879 -49.77 -12.50 -26.68
N PRO B 880 -49.46 -13.07 -25.49
CA PRO B 880 -49.32 -12.23 -24.29
C PRO B 880 -47.98 -11.49 -24.20
N PHE B 881 -47.99 -10.34 -23.52
CA PHE B 881 -46.78 -9.52 -23.28
C PHE B 881 -46.04 -10.00 -22.02
N SER B 882 -44.72 -10.11 -22.12
CA SER B 882 -43.87 -10.51 -21.00
C SER B 882 -42.97 -9.33 -20.54
N TYR B 883 -43.18 -8.87 -19.30
CA TYR B 883 -42.31 -7.87 -18.67
C TYR B 883 -40.95 -8.46 -18.28
N SER B 884 -40.99 -9.66 -17.69
CA SER B 884 -39.80 -10.35 -17.18
C SER B 884 -39.59 -11.66 -17.95
N LYS B 885 -40.10 -12.76 -17.39
CA LYS B 885 -39.81 -14.11 -17.86
C LYS B 885 -41.08 -14.68 -18.47
N ASN B 886 -40.91 -15.62 -19.40
CA ASN B 886 -42.02 -16.21 -20.13
C ASN B 886 -42.81 -17.16 -19.22
N LEU B 887 -44.01 -16.74 -18.81
CA LEU B 887 -44.90 -17.55 -17.96
C LEU B 887 -45.48 -18.73 -18.75
N ASP B 888 -44.75 -19.84 -18.74
CA ASP B 888 -45.17 -21.08 -19.38
C ASP B 888 -45.36 -22.14 -18.29
N CYS B 889 -46.61 -22.32 -17.87
CA CYS B 889 -46.96 -23.24 -16.77
C CYS B 889 -47.46 -24.62 -17.24
N TRP B 890 -47.81 -24.75 -18.52
CA TRP B 890 -48.15 -26.05 -19.14
C TRP B 890 -47.12 -26.39 -20.21
N VAL B 891 -45.91 -26.71 -19.77
CA VAL B 891 -44.76 -26.93 -20.66
C VAL B 891 -44.74 -28.36 -21.21
N ASP B 892 -45.35 -29.30 -20.49
CA ASP B 892 -45.22 -30.74 -20.78
C ASP B 892 -45.73 -31.15 -22.17
N ASN B 893 -44.80 -31.23 -23.12
CA ASN B 893 -45.03 -31.79 -24.45
C ASN B 893 -44.09 -32.99 -24.64
N GLU B 894 -44.05 -33.86 -23.62
CA GLU B 894 -43.05 -34.94 -23.50
C GLU B 894 -41.60 -34.37 -23.47
N GLU B 895 -41.46 -33.24 -22.79
CA GLU B 895 -40.21 -32.47 -22.77
C GLU B 895 -39.18 -33.12 -21.83
N ASP B 896 -37.93 -32.70 -21.96
CA ASP B 896 -36.87 -32.95 -20.95
C ASP B 896 -37.30 -32.37 -19.59
N ILE B 897 -37.10 -33.14 -18.51
CA ILE B 897 -37.60 -32.77 -17.17
C ILE B 897 -36.91 -31.53 -16.56
N ASP B 898 -35.62 -31.34 -16.88
CA ASP B 898 -34.88 -30.19 -16.36
C ASP B 898 -35.39 -28.85 -16.92
N VAL B 899 -35.94 -28.88 -18.14
CA VAL B 899 -36.55 -27.70 -18.77
C VAL B 899 -37.88 -27.35 -18.09
N ILE B 900 -38.70 -28.38 -17.81
CA ILE B 900 -39.97 -28.19 -17.11
C ILE B 900 -39.76 -27.50 -15.76
N LEU B 901 -38.72 -27.91 -15.04
CA LEU B 901 -38.39 -27.34 -13.74
C LEU B 901 -37.85 -25.91 -13.84
N LYS B 902 -36.96 -25.66 -14.81
CA LYS B 902 -36.50 -24.29 -15.10
C LYS B 902 -37.65 -23.39 -15.50
N LYS B 903 -38.42 -23.82 -16.51
CA LYS B 903 -39.44 -22.99 -17.15
C LYS B 903 -40.62 -22.66 -16.23
N SER B 904 -41.00 -23.61 -15.36
CA SER B 904 -42.15 -23.43 -14.45
C SER B 904 -41.83 -22.76 -13.10
N THR B 905 -40.57 -22.44 -12.83
CA THR B 905 -40.16 -21.79 -11.58
C THR B 905 -40.48 -20.29 -11.58
N ILE B 906 -41.13 -19.81 -10.51
CA ILE B 906 -41.46 -18.38 -10.32
C ILE B 906 -40.78 -17.68 -9.11
N LEU B 907 -40.14 -18.47 -8.25
CA LEU B 907 -39.31 -17.97 -7.16
C LEU B 907 -38.24 -19.03 -6.89
N ASN B 908 -36.99 -18.59 -6.75
CA ASN B 908 -35.89 -19.48 -6.40
C ASN B 908 -34.89 -18.71 -5.55
N LEU B 909 -34.82 -19.06 -4.26
CA LEU B 909 -33.92 -18.39 -3.33
C LEU B 909 -32.53 -19.03 -3.37
N ASP B 910 -31.51 -18.17 -3.50
CA ASP B 910 -30.11 -18.58 -3.52
C ASP B 910 -29.28 -17.57 -2.74
N ILE B 911 -28.19 -18.05 -2.16
CA ILE B 911 -27.27 -17.24 -1.37
C ILE B 911 -25.89 -17.28 -2.05
N ASN B 912 -25.37 -16.09 -2.36
CA ASN B 912 -24.06 -15.94 -3.00
C ASN B 912 -23.30 -14.84 -2.29
N ASN B 913 -22.13 -15.18 -1.77
CA ASN B 913 -21.31 -14.25 -0.97
C ASN B 913 -22.12 -13.60 0.17
N ASP B 914 -22.90 -14.44 0.86
CA ASP B 914 -23.76 -14.04 1.99
C ASP B 914 -24.90 -13.06 1.64
N ILE B 915 -25.32 -13.04 0.37
CA ILE B 915 -26.43 -12.20 -0.09
C ILE B 915 -27.55 -13.10 -0.59
N ILE B 916 -28.77 -12.91 -0.07
CA ILE B 916 -29.96 -13.66 -0.47
C ILE B 916 -30.70 -12.92 -1.58
N SER B 917 -31.06 -13.64 -2.65
CA SER B 917 -31.80 -13.06 -3.78
C SER B 917 -32.64 -14.08 -4.54
N ASP B 918 -33.46 -13.60 -5.46
CA ASP B 918 -34.27 -14.43 -6.34
C ASP B 918 -33.54 -14.58 -7.68
N ILE B 919 -33.26 -15.82 -8.08
CA ILE B 919 -32.63 -16.11 -9.39
C ILE B 919 -33.58 -16.81 -10.39
N SER B 920 -34.88 -16.55 -10.26
CA SER B 920 -35.90 -17.19 -11.10
C SER B 920 -35.99 -16.57 -12.49
N GLY B 921 -35.82 -15.26 -12.57
CA GLY B 921 -36.13 -14.46 -13.76
C GLY B 921 -37.07 -13.34 -13.39
N PHE B 922 -38.08 -13.66 -12.57
CA PHE B 922 -38.98 -12.65 -12.01
C PHE B 922 -38.26 -12.05 -10.81
N ASN B 923 -37.69 -10.86 -10.96
CA ASN B 923 -36.84 -10.30 -9.92
C ASN B 923 -37.65 -9.82 -8.72
N SER B 924 -38.02 -10.76 -7.85
CA SER B 924 -38.79 -10.46 -6.64
C SER B 924 -37.86 -9.88 -5.59
N SER B 925 -38.20 -8.72 -5.05
CA SER B 925 -37.39 -8.08 -4.02
C SER B 925 -37.28 -8.98 -2.79
N VAL B 926 -36.08 -9.03 -2.21
CA VAL B 926 -35.81 -9.83 -1.01
C VAL B 926 -35.22 -8.93 0.07
N ILE B 927 -35.93 -8.84 1.20
CA ILE B 927 -35.52 -8.03 2.35
C ILE B 927 -34.98 -9.00 3.40
N THR B 928 -33.72 -8.83 3.81
CA THR B 928 -33.08 -9.62 4.86
C THR B 928 -32.89 -8.71 6.08
N TYR B 929 -33.36 -9.17 7.24
CA TYR B 929 -33.33 -8.38 8.47
C TYR B 929 -32.09 -8.72 9.31
N PRO B 930 -31.74 -7.86 10.30
CA PRO B 930 -30.42 -7.97 10.97
C PRO B 930 -30.08 -9.27 11.70
N ASP B 931 -31.08 -10.05 12.14
CA ASP B 931 -30.81 -11.30 12.86
C ASP B 931 -31.24 -12.56 12.07
N ALA B 932 -31.37 -12.42 10.75
CA ALA B 932 -31.47 -13.58 9.86
C ALA B 932 -30.05 -14.07 9.65
N GLN B 933 -29.76 -15.28 10.12
CA GLN B 933 -28.40 -15.80 10.15
C GLN B 933 -28.12 -16.78 9.01
N LEU B 934 -26.84 -17.00 8.73
CA LEU B 934 -26.39 -17.88 7.65
C LEU B 934 -25.52 -19.01 8.20
N VAL B 935 -25.81 -20.24 7.77
CA VAL B 935 -25.13 -21.45 8.25
C VAL B 935 -24.78 -22.33 7.05
N PRO B 936 -23.93 -23.37 7.25
CA PRO B 936 -23.67 -24.30 6.15
C PRO B 936 -24.94 -24.94 5.61
N GLY B 937 -25.11 -24.90 4.28
CA GLY B 937 -26.27 -25.46 3.59
C GLY B 937 -25.93 -26.69 2.78
N ILE B 938 -26.87 -27.13 1.96
CA ILE B 938 -26.71 -28.33 1.12
C ILE B 938 -25.75 -28.10 -0.07
N ASN B 939 -25.75 -26.89 -0.63
CA ASN B 939 -24.74 -26.48 -1.62
C ASN B 939 -24.46 -24.98 -1.47
N GLY B 940 -23.63 -24.67 -0.48
CA GLY B 940 -23.32 -23.29 -0.13
C GLY B 940 -23.81 -23.01 1.28
N LYS B 941 -24.71 -22.04 1.42
CA LYS B 941 -25.20 -21.58 2.72
C LYS B 941 -26.71 -21.45 2.72
N ALA B 942 -27.28 -21.62 3.91
CA ALA B 942 -28.73 -21.69 4.09
C ALA B 942 -29.18 -20.62 5.07
N ILE B 943 -30.46 -20.25 4.99
CA ILE B 943 -31.06 -19.32 5.94
C ILE B 943 -31.21 -20.00 7.30
N HIS B 944 -30.98 -19.26 8.37
CA HIS B 944 -31.10 -19.74 9.75
C HIS B 944 -31.90 -18.73 10.55
N LEU B 945 -32.95 -19.20 11.24
CA LEU B 945 -33.88 -18.32 11.93
C LEU B 945 -33.94 -18.62 13.41
N VAL B 946 -33.97 -17.54 14.21
CA VAL B 946 -34.11 -17.62 15.67
C VAL B 946 -35.42 -16.95 16.08
N ASN B 947 -35.85 -17.20 17.31
CA ASN B 947 -37.16 -16.72 17.80
C ASN B 947 -37.07 -15.30 18.35
N ASN B 948 -37.03 -14.33 17.44
CA ASN B 948 -37.21 -12.92 17.76
C ASN B 948 -37.63 -12.14 16.51
N GLU B 949 -38.03 -10.89 16.70
CA GLU B 949 -38.63 -10.08 15.64
C GLU B 949 -37.62 -9.67 14.56
N SER B 950 -36.36 -9.52 14.94
CA SER B 950 -35.29 -9.16 13.99
C SER B 950 -34.81 -10.30 13.08
N SER B 951 -35.20 -11.54 13.37
CA SER B 951 -34.76 -12.72 12.61
C SER B 951 -35.83 -13.14 11.58
N GLU B 952 -35.69 -12.62 10.37
CA GLU B 952 -36.76 -12.62 9.38
C GLU B 952 -36.21 -12.44 7.96
N VAL B 953 -36.82 -13.12 7.00
CA VAL B 953 -36.58 -12.88 5.56
C VAL B 953 -37.92 -12.73 4.85
N ILE B 954 -38.12 -11.55 4.23
CA ILE B 954 -39.37 -11.22 3.52
C ILE B 954 -39.13 -11.24 2.01
N VAL B 955 -40.07 -11.83 1.27
CA VAL B 955 -40.03 -11.90 -0.19
C VAL B 955 -41.26 -11.20 -0.78
N HIS B 956 -41.10 -9.93 -1.15
CA HIS B 956 -42.15 -9.15 -1.81
C HIS B 956 -42.28 -9.66 -3.25
N LYS B 957 -43.43 -10.26 -3.56
CA LYS B 957 -43.64 -10.88 -4.86
C LYS B 957 -43.69 -9.81 -5.93
N ALA B 958 -42.95 -10.01 -7.02
CA ALA B 958 -43.01 -9.14 -8.18
C ALA B 958 -44.40 -9.25 -8.78
N MET B 959 -44.93 -8.13 -9.27
CA MET B 959 -46.31 -8.07 -9.75
C MET B 959 -46.68 -9.14 -10.81
N ASP B 960 -45.70 -9.53 -11.65
CA ASP B 960 -45.89 -10.62 -12.62
C ASP B 960 -46.36 -11.96 -12.03
N ILE B 961 -46.00 -12.23 -10.77
CA ILE B 961 -46.35 -13.49 -10.10
C ILE B 961 -47.36 -13.35 -8.92
N GLU B 962 -47.96 -12.17 -8.78
CA GLU B 962 -48.78 -11.84 -7.60
C GLU B 962 -49.96 -12.82 -7.39
N TYR B 963 -50.74 -13.04 -8.45
CA TYR B 963 -51.99 -13.81 -8.37
C TYR B 963 -51.92 -15.22 -8.98
N ASN B 964 -50.71 -15.75 -9.22
CA ASN B 964 -50.56 -17.14 -9.73
C ASN B 964 -50.88 -18.20 -8.66
N ASP B 965 -50.92 -17.79 -7.40
CA ASP B 965 -51.39 -18.60 -6.27
C ASP B 965 -52.92 -18.81 -6.22
N MET B 966 -53.67 -17.86 -6.79
CA MET B 966 -55.12 -17.67 -6.54
C MET B 966 -56.01 -18.82 -6.99
N PHE B 967 -56.00 -19.12 -8.29
CA PHE B 967 -56.83 -20.19 -8.88
C PHE B 967 -56.08 -21.43 -9.35
N ASN B 968 -54.86 -21.25 -9.88
CA ASN B 968 -54.14 -22.33 -10.56
C ASN B 968 -53.30 -23.20 -9.62
N ASN B 969 -52.77 -24.29 -10.19
CA ASN B 969 -51.94 -25.25 -9.46
C ASN B 969 -50.57 -24.66 -9.15
N PHE B 970 -50.00 -25.05 -8.00
CA PHE B 970 -48.64 -24.61 -7.62
C PHE B 970 -47.92 -25.64 -6.74
N THR B 971 -46.60 -25.46 -6.61
CA THR B 971 -45.75 -26.33 -5.81
C THR B 971 -44.71 -25.52 -5.02
N VAL B 972 -44.58 -25.81 -3.72
CA VAL B 972 -43.58 -25.22 -2.84
C VAL B 972 -42.56 -26.30 -2.47
N SER B 973 -41.26 -25.97 -2.57
CA SER B 973 -40.18 -26.91 -2.18
C SER B 973 -39.05 -26.18 -1.42
N PHE B 974 -38.42 -26.91 -0.50
CA PHE B 974 -37.31 -26.38 0.27
C PHE B 974 -36.59 -27.47 1.07
N TRP B 975 -35.30 -27.27 1.34
CA TRP B 975 -34.56 -28.09 2.30
C TRP B 975 -34.81 -27.53 3.70
N LEU B 976 -35.04 -28.42 4.67
CA LEU B 976 -35.39 -28.04 6.05
C LEU B 976 -34.47 -28.76 7.03
N ARG B 977 -34.09 -28.05 8.12
CA ARG B 977 -33.37 -28.65 9.23
C ARG B 977 -33.95 -28.17 10.57
N VAL B 978 -34.57 -29.09 11.30
CA VAL B 978 -35.17 -28.84 12.62
C VAL B 978 -34.38 -29.64 13.65
N PRO B 979 -33.97 -29.00 14.77
CA PRO B 979 -33.26 -29.77 15.81
C PRO B 979 -34.17 -30.77 16.50
N LYS B 980 -33.60 -31.85 17.04
CA LYS B 980 -34.38 -32.85 17.77
C LYS B 980 -35.01 -32.21 18.99
N VAL B 981 -36.31 -32.44 19.18
CA VAL B 981 -37.03 -31.84 20.29
C VAL B 981 -36.75 -32.69 21.53
N SER B 982 -36.36 -32.02 22.62
CA SER B 982 -36.07 -32.69 23.89
C SER B 982 -37.35 -33.23 24.52
N ALA B 983 -37.19 -34.16 25.44
CA ALA B 983 -38.31 -34.74 26.18
C ALA B 983 -39.05 -33.66 26.98
N SER B 984 -38.28 -32.77 27.63
CA SER B 984 -38.84 -31.62 28.36
C SER B 984 -39.67 -30.68 27.47
N HIS B 985 -39.15 -30.35 26.29
CA HIS B 985 -39.80 -29.41 25.38
C HIS B 985 -41.02 -29.99 24.65
N LEU B 986 -41.07 -31.31 24.51
CA LEU B 986 -42.31 -31.99 24.05
C LEU B 986 -43.43 -31.87 25.07
N GLU B 987 -43.08 -31.94 26.36
CA GLU B 987 -44.05 -31.76 27.44
C GLU B 987 -44.54 -30.31 27.53
N GLN B 988 -43.59 -29.36 27.52
CA GLN B 988 -43.92 -27.91 27.60
C GLN B 988 -44.61 -27.39 26.34
N TYR B 989 -44.02 -27.67 25.17
CA TYR B 989 -44.41 -27.04 23.90
C TYR B 989 -44.96 -28.03 22.83
N GLY B 990 -45.48 -29.17 23.27
CA GLY B 990 -46.05 -30.16 22.35
C GLY B 990 -47.36 -29.73 21.69
N THR B 991 -48.12 -28.87 22.36
CA THR B 991 -49.40 -28.35 21.84
C THR B 991 -49.23 -27.05 21.04
N ASN B 992 -48.12 -26.34 21.25
CA ASN B 992 -47.84 -25.05 20.60
C ASN B 992 -47.53 -25.22 19.10
N GLU B 993 -48.38 -24.66 18.25
CA GLU B 993 -48.16 -24.62 16.79
C GLU B 993 -47.59 -23.27 16.36
N TYR B 994 -46.38 -23.30 15.80
CA TYR B 994 -45.71 -22.09 15.31
C TYR B 994 -45.36 -22.27 13.83
N SER B 995 -45.76 -21.31 13.00
CA SER B 995 -45.45 -21.36 11.58
C SER B 995 -44.03 -20.87 11.33
N ILE B 996 -43.42 -21.34 10.24
CA ILE B 996 -42.05 -20.97 9.86
C ILE B 996 -41.98 -20.22 8.52
N ILE B 997 -42.84 -20.59 7.55
CA ILE B 997 -42.96 -19.89 6.25
C ILE B 997 -44.44 -19.71 5.93
N SER B 998 -44.87 -18.46 5.71
CA SER B 998 -46.30 -18.14 5.52
C SER B 998 -46.55 -17.04 4.47
N SER B 999 -47.74 -17.11 3.84
CA SER B 999 -48.23 -16.09 2.90
C SER B 999 -49.56 -15.45 3.31
N MET B 1000 -49.96 -15.61 4.57
CA MET B 1000 -51.25 -15.14 5.06
C MET B 1000 -51.18 -13.68 5.52
N LYS B 1001 -52.27 -12.95 5.30
CA LYS B 1001 -52.31 -11.46 5.36
C LYS B 1001 -51.55 -10.84 6.55
N GLY B 1008 -55.18 -13.64 6.82
CA GLY B 1008 -56.38 -14.44 6.63
C GLY B 1008 -56.15 -15.56 5.63
N SER B 1009 -56.51 -15.31 4.37
CA SER B 1009 -56.35 -16.30 3.29
C SER B 1009 -54.89 -16.45 2.87
N GLY B 1010 -54.51 -17.66 2.43
CA GLY B 1010 -53.17 -17.95 1.93
C GLY B 1010 -52.74 -19.40 2.12
N TRP B 1011 -51.43 -19.59 2.29
CA TRP B 1011 -50.86 -20.88 2.73
C TRP B 1011 -49.84 -20.68 3.85
N SER B 1012 -49.50 -21.78 4.53
CA SER B 1012 -48.44 -21.78 5.56
C SER B 1012 -47.78 -23.15 5.76
N VAL B 1013 -46.55 -23.13 6.28
CA VAL B 1013 -45.84 -24.32 6.77
C VAL B 1013 -45.67 -24.17 8.28
N SER B 1014 -46.13 -25.16 9.04
CA SER B 1014 -46.17 -25.07 10.50
C SER B 1014 -45.51 -26.27 11.16
N LEU B 1015 -45.01 -26.05 12.39
CA LEU B 1015 -44.46 -27.08 13.23
C LEU B 1015 -45.20 -27.10 14.56
N LYS B 1016 -45.55 -28.30 15.04
CA LYS B 1016 -46.21 -28.51 16.32
C LYS B 1016 -45.72 -29.83 16.93
N GLY B 1017 -44.83 -29.74 17.93
CA GLY B 1017 -44.20 -30.92 18.50
C GLY B 1017 -43.29 -31.58 17.47
N ASN B 1018 -43.61 -32.82 17.09
CA ASN B 1018 -42.90 -33.53 16.03
C ASN B 1018 -43.87 -33.77 14.87
N ASN B 1019 -44.52 -32.69 14.44
CA ASN B 1019 -45.46 -32.72 13.31
C ASN B 1019 -45.13 -31.58 12.34
N LEU B 1020 -45.27 -31.86 11.04
CA LEU B 1020 -45.04 -30.89 9.97
C LEU B 1020 -46.36 -30.64 9.23
N ILE B 1021 -46.88 -29.41 9.33
CA ILE B 1021 -48.25 -29.10 8.91
C ILE B 1021 -48.28 -28.10 7.73
N TRP B 1022 -48.95 -28.50 6.64
CA TRP B 1022 -49.23 -27.62 5.49
C TRP B 1022 -50.68 -27.18 5.59
N THR B 1023 -50.91 -25.87 5.67
CA THR B 1023 -52.24 -25.30 5.84
C THR B 1023 -52.58 -24.39 4.66
N LEU B 1024 -53.78 -24.56 4.11
CA LEU B 1024 -54.27 -23.83 2.93
C LEU B 1024 -55.65 -23.27 3.24
N LYS B 1025 -55.87 -21.99 2.92
CA LYS B 1025 -57.10 -21.28 3.33
C LYS B 1025 -57.52 -20.22 2.30
N ASP B 1026 -58.80 -20.26 1.88
CA ASP B 1026 -59.33 -19.38 0.82
C ASP B 1026 -60.08 -18.15 1.37
N SER B 1027 -60.63 -17.32 0.47
CA SER B 1027 -61.37 -16.09 0.82
C SER B 1027 -62.62 -16.36 1.67
N ALA B 1028 -63.36 -17.41 1.32
CA ALA B 1028 -64.56 -17.82 2.08
C ALA B 1028 -64.24 -18.32 3.50
N GLY B 1029 -63.06 -18.92 3.69
CA GLY B 1029 -62.61 -19.42 4.99
C GLY B 1029 -62.45 -20.92 5.14
N GLU B 1030 -62.59 -21.67 4.04
CA GLU B 1030 -62.50 -23.13 4.05
C GLU B 1030 -61.04 -23.61 4.21
N VAL B 1031 -60.70 -24.07 5.42
CA VAL B 1031 -59.35 -24.57 5.72
C VAL B 1031 -59.23 -26.04 5.28
N ARG B 1032 -58.08 -26.39 4.70
CA ARG B 1032 -57.73 -27.78 4.35
C ARG B 1032 -56.27 -28.02 4.74
N GLN B 1033 -56.01 -29.09 5.50
CA GLN B 1033 -54.68 -29.34 6.07
C GLN B 1033 -54.11 -30.73 5.77
N ILE B 1034 -52.78 -30.81 5.79
CA ILE B 1034 -52.05 -32.09 5.85
C ILE B 1034 -51.21 -32.02 7.12
N THR B 1035 -51.23 -33.09 7.90
CA THR B 1035 -50.42 -33.22 9.12
C THR B 1035 -49.54 -34.46 8.97
N PHE B 1036 -48.22 -34.30 9.03
CA PHE B 1036 -47.28 -35.42 8.95
C PHE B 1036 -46.82 -35.87 10.33
N ARG B 1037 -47.21 -37.08 10.74
CA ARG B 1037 -46.71 -37.70 11.97
C ARG B 1037 -45.29 -38.24 11.74
N ASP B 1038 -44.31 -37.63 12.42
CA ASP B 1038 -42.91 -37.99 12.27
C ASP B 1038 -42.62 -39.34 12.94
N LEU B 1039 -41.62 -40.06 12.43
CA LEU B 1039 -41.27 -41.39 12.95
C LEU B 1039 -40.81 -41.32 14.41
N PRO B 1040 -41.13 -42.37 15.22
CA PRO B 1040 -40.71 -42.42 16.62
C PRO B 1040 -39.20 -42.65 16.81
N ASP B 1041 -38.60 -43.54 16.01
CA ASP B 1041 -37.14 -43.76 16.02
C ASP B 1041 -36.45 -42.49 15.49
N LYS B 1042 -35.92 -41.68 16.40
CA LYS B 1042 -35.35 -40.38 16.03
C LYS B 1042 -33.97 -40.45 15.34
N PHE B 1043 -33.34 -41.61 15.33
CA PHE B 1043 -32.14 -41.84 14.52
C PHE B 1043 -32.44 -41.78 13.01
N ASN B 1044 -33.64 -42.23 12.61
CA ASN B 1044 -34.06 -42.24 11.20
C ASN B 1044 -35.25 -41.30 10.92
N ALA B 1045 -35.40 -40.26 11.73
CA ALA B 1045 -36.55 -39.35 11.60
C ALA B 1045 -36.19 -38.14 10.76
N TYR B 1046 -37.23 -37.54 10.18
CA TYR B 1046 -37.07 -36.41 9.26
C TYR B 1046 -37.01 -35.05 9.97
N LEU B 1047 -37.48 -34.97 11.22
CA LEU B 1047 -37.37 -33.75 12.03
C LEU B 1047 -36.45 -33.97 13.23
N ALA B 1048 -35.27 -34.55 12.99
CA ALA B 1048 -34.30 -34.86 14.04
C ALA B 1048 -32.88 -34.43 13.65
N ASN B 1049 -32.75 -33.15 13.33
CA ASN B 1049 -31.46 -32.48 13.14
C ASN B 1049 -30.69 -32.80 11.83
N LYS B 1050 -31.33 -33.49 10.88
CA LYS B 1050 -30.73 -33.70 9.54
C LYS B 1050 -31.34 -32.75 8.51
N TRP B 1051 -30.58 -32.42 7.48
CA TRP B 1051 -31.10 -31.74 6.29
C TRP B 1051 -31.96 -32.72 5.49
N VAL B 1052 -33.21 -32.34 5.24
CA VAL B 1052 -34.15 -33.16 4.44
C VAL B 1052 -34.89 -32.26 3.44
N PHE B 1053 -35.32 -32.85 2.32
CA PHE B 1053 -35.94 -32.08 1.23
C PHE B 1053 -37.47 -32.21 1.18
N ILE B 1054 -38.15 -31.08 1.37
CA ILE B 1054 -39.61 -30.99 1.39
C ILE B 1054 -40.12 -30.53 0.02
N THR B 1055 -41.27 -31.09 -0.41
CA THR B 1055 -41.94 -30.70 -1.66
C THR B 1055 -43.45 -30.88 -1.50
N ILE B 1056 -44.20 -29.80 -1.68
CA ILE B 1056 -45.67 -29.81 -1.50
C ILE B 1056 -46.36 -29.38 -2.80
N THR B 1057 -46.96 -30.34 -3.49
CA THR B 1057 -47.75 -30.07 -4.71
C THR B 1057 -49.16 -29.66 -4.30
N ASN B 1058 -49.82 -28.89 -5.18
CA ASN B 1058 -51.22 -28.48 -4.98
C ASN B 1058 -52.00 -28.53 -6.30
N ASP B 1059 -52.81 -29.59 -6.47
CA ASP B 1059 -53.69 -29.76 -7.63
C ASP B 1059 -55.12 -29.40 -7.22
N ARG B 1060 -55.61 -28.25 -7.71
CA ARG B 1060 -56.89 -27.70 -7.23
C ARG B 1060 -58.12 -28.54 -7.58
N LEU B 1061 -58.03 -29.34 -8.65
CA LEU B 1061 -59.11 -30.26 -9.04
C LEU B 1061 -59.17 -31.51 -8.13
N SER B 1062 -58.01 -32.04 -7.75
CA SER B 1062 -57.93 -33.27 -6.93
C SER B 1062 -57.39 -33.01 -5.51
N SER B 1063 -56.08 -33.15 -5.31
CA SER B 1063 -55.50 -33.17 -3.95
C SER B 1063 -54.11 -32.53 -3.87
N ALA B 1064 -53.75 -32.13 -2.65
CA ALA B 1064 -52.42 -31.59 -2.33
C ALA B 1064 -51.61 -32.68 -1.62
N ASN B 1065 -50.36 -32.87 -2.05
CA ASN B 1065 -49.51 -33.95 -1.52
C ASN B 1065 -48.22 -33.39 -0.90
N LEU B 1066 -47.71 -34.12 0.10
CA LEU B 1066 -46.49 -33.75 0.85
C LEU B 1066 -45.41 -34.81 0.63
N TYR B 1067 -44.26 -34.39 0.07
CA TYR B 1067 -43.15 -35.30 -0.26
C TYR B 1067 -41.87 -34.96 0.52
N ILE B 1068 -41.39 -35.89 1.34
CA ILE B 1068 -40.06 -35.75 1.98
C ILE B 1068 -39.07 -36.67 1.28
N ASN B 1069 -37.97 -36.08 0.78
CA ASN B 1069 -36.93 -36.80 0.00
C ASN B 1069 -37.48 -37.61 -1.20
N GLY B 1070 -38.51 -37.07 -1.85
CA GLY B 1070 -39.10 -37.69 -3.05
C GLY B 1070 -40.11 -38.81 -2.86
N VAL B 1071 -40.42 -39.15 -1.60
CA VAL B 1071 -41.41 -40.20 -1.28
C VAL B 1071 -42.67 -39.52 -0.73
N LEU B 1072 -43.83 -40.08 -1.05
CA LEU B 1072 -45.10 -39.55 -0.57
C LEU B 1072 -45.26 -39.85 0.93
N MET B 1073 -45.52 -38.82 1.72
CA MET B 1073 -45.68 -38.94 3.17
C MET B 1073 -47.07 -38.54 3.71
N GLY B 1074 -47.86 -37.82 2.91
CA GLY B 1074 -49.16 -37.30 3.38
C GLY B 1074 -49.97 -36.74 2.23
N SER B 1075 -51.27 -36.56 2.47
CA SER B 1075 -52.22 -36.15 1.43
C SER B 1075 -53.52 -35.58 2.01
N ALA B 1076 -54.20 -34.74 1.24
CA ALA B 1076 -55.47 -34.12 1.65
C ALA B 1076 -56.22 -33.60 0.43
N GLU B 1077 -57.55 -33.58 0.51
CA GLU B 1077 -58.39 -33.22 -0.64
C GLU B 1077 -58.70 -31.72 -0.65
N ILE B 1078 -58.38 -31.07 -1.78
CA ILE B 1078 -58.53 -29.62 -1.96
C ILE B 1078 -59.77 -29.24 -2.79
N THR B 1079 -60.41 -30.23 -3.41
CA THR B 1079 -61.48 -30.00 -4.40
C THR B 1079 -62.59 -29.04 -3.96
N GLY B 1080 -63.06 -28.22 -4.89
CA GLY B 1080 -64.17 -27.29 -4.67
C GLY B 1080 -63.86 -26.09 -3.77
N LEU B 1081 -62.62 -25.61 -3.81
CA LEU B 1081 -62.18 -24.49 -2.97
C LEU B 1081 -62.30 -23.17 -3.74
N GLY B 1082 -62.44 -22.07 -2.98
CA GLY B 1082 -62.63 -20.73 -3.55
C GLY B 1082 -61.33 -20.01 -3.90
N ALA B 1083 -61.43 -18.70 -4.10
CA ALA B 1083 -60.29 -17.89 -4.51
C ALA B 1083 -59.36 -17.59 -3.33
N ILE B 1084 -58.05 -17.74 -3.54
CA ILE B 1084 -57.02 -17.51 -2.51
C ILE B 1084 -56.42 -16.11 -2.66
N ARG B 1085 -56.58 -15.27 -1.63
CA ARG B 1085 -56.09 -13.89 -1.63
C ARG B 1085 -54.99 -13.71 -0.58
N GLU B 1086 -53.75 -13.89 -0.99
CA GLU B 1086 -52.58 -13.84 -0.09
C GLU B 1086 -52.25 -12.42 0.37
N ASP B 1087 -51.23 -12.34 1.21
CA ASP B 1087 -50.45 -11.12 1.40
C ASP B 1087 -49.55 -10.94 0.18
N ASN B 1088 -49.16 -9.69 -0.09
CA ASN B 1088 -48.19 -9.40 -1.15
C ASN B 1088 -46.77 -9.86 -0.80
N ASN B 1089 -46.49 -10.03 0.50
CA ASN B 1089 -45.21 -10.58 0.99
C ASN B 1089 -45.34 -12.06 1.38
N ILE B 1090 -44.31 -12.84 1.08
CA ILE B 1090 -44.08 -14.15 1.71
C ILE B 1090 -43.06 -13.92 2.83
N THR B 1091 -43.34 -14.49 4.00
CA THR B 1091 -42.53 -14.24 5.20
C THR B 1091 -41.93 -15.55 5.71
N LEU B 1092 -40.61 -15.55 5.90
CA LEU B 1092 -39.88 -16.66 6.55
C LEU B 1092 -39.51 -16.23 7.97
N LYS B 1093 -40.24 -16.74 8.97
CA LYS B 1093 -40.11 -16.30 10.36
C LYS B 1093 -40.77 -17.29 11.32
N LEU B 1094 -40.22 -17.42 12.52
CA LEU B 1094 -40.89 -18.14 13.61
C LEU B 1094 -42.01 -17.26 14.16
N ASP B 1095 -43.26 -17.69 13.98
CA ASP B 1095 -44.44 -16.89 14.34
C ASP B 1095 -45.24 -17.59 15.45
N ARG B 1096 -45.44 -16.89 16.56
CA ARG B 1096 -46.14 -17.42 17.75
C ARG B 1096 -45.50 -18.71 18.32
N CYS B 1097 -44.17 -18.71 18.38
CA CYS B 1097 -43.41 -19.80 18.99
C CYS B 1097 -43.09 -19.41 20.44
N ASN B 1098 -43.61 -20.19 21.39
CA ASN B 1098 -43.45 -19.91 22.83
C ASN B 1098 -42.07 -20.27 23.41
N ASN B 1099 -41.29 -21.04 22.66
CA ASN B 1099 -39.93 -21.43 23.07
C ASN B 1099 -38.91 -20.40 22.59
N ASN B 1100 -38.27 -19.70 23.53
CA ASN B 1100 -37.21 -18.73 23.20
C ASN B 1100 -35.97 -19.37 22.57
N ASN B 1101 -35.71 -20.65 22.90
CA ASN B 1101 -34.54 -21.37 22.41
C ASN B 1101 -34.73 -22.05 21.03
N GLN B 1102 -35.94 -22.01 20.46
CA GLN B 1102 -36.24 -22.73 19.21
C GLN B 1102 -35.65 -22.04 17.97
N TYR B 1103 -35.16 -22.85 17.03
CA TYR B 1103 -34.61 -22.36 15.77
C TYR B 1103 -34.83 -23.36 14.64
N VAL B 1104 -34.72 -22.87 13.40
CA VAL B 1104 -34.79 -23.71 12.20
C VAL B 1104 -33.80 -23.21 11.14
N SER B 1105 -33.49 -24.08 10.18
CA SER B 1105 -32.72 -23.72 8.98
C SER B 1105 -33.48 -24.12 7.72
N ILE B 1106 -33.61 -23.18 6.78
CA ILE B 1106 -34.31 -23.38 5.49
C ILE B 1106 -33.35 -23.10 4.34
N ASP B 1107 -33.39 -23.91 3.28
CA ASP B 1107 -32.49 -23.75 2.11
C ASP B 1107 -33.17 -24.05 0.77
N LYS B 1108 -32.77 -23.31 -0.27
CA LYS B 1108 -33.26 -23.49 -1.65
C LYS B 1108 -34.78 -23.35 -1.78
N PHE B 1109 -35.35 -22.33 -1.13
CA PHE B 1109 -36.80 -22.11 -1.14
C PHE B 1109 -37.25 -21.73 -2.55
N ARG B 1110 -38.19 -22.51 -3.08
CA ARG B 1110 -38.53 -22.49 -4.49
C ARG B 1110 -40.02 -22.75 -4.72
N ILE B 1111 -40.67 -21.92 -5.55
CA ILE B 1111 -42.09 -22.07 -5.89
C ILE B 1111 -42.24 -22.29 -7.40
N PHE B 1112 -43.12 -23.20 -7.79
CA PHE B 1112 -43.44 -23.47 -9.20
C PHE B 1112 -44.90 -23.11 -9.45
N CYS B 1113 -45.25 -22.79 -10.69
CA CYS B 1113 -46.64 -22.47 -11.08
C CYS B 1113 -47.39 -23.70 -11.64
N LYS B 1114 -47.15 -24.85 -11.04
CA LYS B 1114 -47.58 -26.14 -11.59
C LYS B 1114 -47.53 -27.21 -10.49
N ALA B 1115 -48.45 -28.17 -10.55
CA ALA B 1115 -48.40 -29.35 -9.68
C ALA B 1115 -47.40 -30.36 -10.26
N LEU B 1116 -46.26 -30.53 -9.58
CA LEU B 1116 -45.21 -31.45 -10.05
C LEU B 1116 -45.63 -32.91 -9.88
N ASN B 1117 -45.46 -33.73 -10.92
CA ASN B 1117 -45.73 -35.18 -10.82
C ASN B 1117 -44.53 -35.93 -10.18
N PRO B 1118 -44.77 -37.14 -9.59
CA PRO B 1118 -43.73 -37.83 -8.82
C PRO B 1118 -42.38 -38.06 -9.51
N LYS B 1119 -42.38 -38.21 -10.84
CA LYS B 1119 -41.15 -38.37 -11.61
C LYS B 1119 -40.37 -37.04 -11.75
N GLU B 1120 -41.10 -35.92 -11.79
CA GLU B 1120 -40.49 -34.59 -11.79
C GLU B 1120 -39.87 -34.22 -10.43
N ILE B 1121 -40.50 -34.66 -9.34
CA ILE B 1121 -39.99 -34.41 -7.98
C ILE B 1121 -38.71 -35.19 -7.71
N GLU B 1122 -38.66 -36.47 -8.12
CA GLU B 1122 -37.47 -37.30 -7.95
C GLU B 1122 -36.23 -36.68 -8.61
N LYS B 1123 -36.42 -36.07 -9.78
CA LYS B 1123 -35.32 -35.39 -10.49
C LYS B 1123 -34.86 -34.13 -9.74
N LEU B 1124 -35.82 -33.37 -9.21
CA LEU B 1124 -35.53 -32.14 -8.45
C LEU B 1124 -34.74 -32.42 -7.18
N TYR B 1125 -35.14 -33.44 -6.42
CA TYR B 1125 -34.42 -33.88 -5.20
C TYR B 1125 -32.97 -34.26 -5.50
N THR B 1126 -32.77 -35.13 -6.50
CA THR B 1126 -31.44 -35.64 -6.85
C THR B 1126 -30.55 -34.62 -7.57
N SER B 1127 -31.15 -33.56 -8.13
CA SER B 1127 -30.38 -32.50 -8.77
C SER B 1127 -29.52 -31.73 -7.75
N TYR B 1128 -30.08 -31.48 -6.57
CA TYR B 1128 -29.35 -30.78 -5.48
C TYR B 1128 -28.18 -31.59 -4.90
N LEU B 1129 -28.20 -32.92 -5.08
CA LEU B 1129 -27.13 -33.80 -4.60
C LEU B 1129 -26.05 -33.97 -5.65
N SER B 1130 -24.83 -33.54 -5.33
CA SER B 1130 -23.64 -33.78 -6.15
C SER B 1130 -22.84 -34.94 -5.53
N ILE B 1131 -21.65 -35.21 -6.06
CA ILE B 1131 -20.75 -36.23 -5.50
C ILE B 1131 -19.32 -35.69 -5.25
N THR B 1132 -19.14 -34.37 -5.34
CA THR B 1132 -17.82 -33.73 -5.26
C THR B 1132 -17.43 -33.39 -3.81
N PHE B 1133 -18.40 -32.88 -3.04
CA PHE B 1133 -18.19 -32.60 -1.61
C PHE B 1133 -18.83 -33.67 -0.72
N LEU B 1134 -18.07 -34.11 0.28
CA LEU B 1134 -18.49 -35.14 1.22
C LEU B 1134 -19.23 -34.48 2.37
N ARG B 1135 -20.10 -35.24 3.02
CA ARG B 1135 -20.99 -34.70 4.06
C ARG B 1135 -20.91 -35.46 5.39
N ASP B 1136 -21.15 -34.74 6.49
CA ASP B 1136 -21.27 -35.36 7.82
C ASP B 1136 -22.68 -35.91 8.04
N PHE B 1137 -22.88 -36.62 9.16
CA PHE B 1137 -24.15 -37.25 9.53
C PHE B 1137 -25.38 -36.33 9.40
N TRP B 1138 -25.21 -35.05 9.71
CA TRP B 1138 -26.31 -34.07 9.65
C TRP B 1138 -26.64 -33.54 8.24
N GLY B 1139 -25.83 -33.88 7.24
CA GLY B 1139 -25.99 -33.39 5.88
C GLY B 1139 -25.23 -32.11 5.57
N ASN B 1140 -24.33 -31.70 6.48
CA ASN B 1140 -23.46 -30.53 6.28
C ASN B 1140 -22.10 -30.99 5.76
N PRO B 1141 -21.32 -30.07 5.14
CA PRO B 1141 -20.00 -30.45 4.62
C PRO B 1141 -19.07 -31.04 5.67
N LEU B 1142 -18.43 -32.15 5.31
CA LEU B 1142 -17.41 -32.79 6.15
C LEU B 1142 -16.19 -31.88 6.19
N ARG B 1143 -15.49 -31.86 7.33
CA ARG B 1143 -14.38 -30.92 7.55
C ARG B 1143 -13.10 -31.53 8.12
N TYR B 1144 -11.96 -30.92 7.77
CA TYR B 1144 -10.67 -31.24 8.38
C TYR B 1144 -10.58 -30.64 9.78
N ASP B 1145 -9.68 -31.21 10.58
CA ASP B 1145 -9.40 -30.74 11.94
C ASP B 1145 -10.67 -30.62 12.77
N THR B 1146 -11.47 -31.69 12.77
CA THR B 1146 -12.77 -31.72 13.45
C THR B 1146 -13.07 -33.13 13.97
N GLU B 1147 -13.55 -33.20 15.21
CA GLU B 1147 -13.81 -34.48 15.89
C GLU B 1147 -15.09 -35.13 15.40
N TYR B 1148 -15.01 -36.42 15.02
CA TYR B 1148 -16.15 -37.19 14.55
C TYR B 1148 -16.22 -38.55 15.22
N TYR B 1149 -17.43 -38.94 15.62
CA TYR B 1149 -17.73 -40.31 16.01
C TYR B 1149 -18.16 -41.07 14.77
N LEU B 1150 -17.67 -42.31 14.61
CA LEU B 1150 -18.03 -43.17 13.47
C LEU B 1150 -19.10 -44.18 13.82
N ILE B 1151 -20.07 -44.35 12.92
CA ILE B 1151 -21.10 -45.39 13.00
C ILE B 1151 -21.20 -46.06 11.63
N PRO B 1152 -20.96 -47.40 11.54
CA PRO B 1152 -21.17 -48.06 10.24
C PRO B 1152 -22.65 -48.07 9.86
N VAL B 1153 -22.97 -47.77 8.60
CA VAL B 1153 -24.36 -47.64 8.15
C VAL B 1153 -25.08 -49.00 8.17
N ALA B 1154 -24.36 -50.05 7.75
CA ALA B 1154 -24.86 -51.42 7.76
C ALA B 1154 -25.19 -51.95 9.17
N SER B 1155 -24.48 -51.44 10.19
CA SER B 1155 -24.71 -51.79 11.59
C SER B 1155 -24.88 -50.49 12.39
N SER B 1156 -26.00 -49.80 12.16
CA SER B 1156 -26.22 -48.45 12.72
C SER B 1156 -26.37 -48.37 14.24
N SER B 1157 -26.65 -49.50 14.90
CA SER B 1157 -26.74 -49.55 16.36
C SER B 1157 -25.42 -49.95 17.07
N LYS B 1158 -24.29 -49.75 16.39
CA LYS B 1158 -22.95 -50.06 16.92
C LYS B 1158 -22.12 -48.78 17.04
N ASP B 1159 -21.15 -48.81 17.94
CA ASP B 1159 -20.13 -47.75 18.09
C ASP B 1159 -18.75 -48.38 17.90
N VAL B 1160 -17.77 -47.56 17.55
CA VAL B 1160 -16.38 -48.00 17.40
C VAL B 1160 -15.67 -47.89 18.75
N GLN B 1161 -14.87 -48.90 19.08
CA GLN B 1161 -14.06 -48.91 20.30
C GLN B 1161 -12.62 -49.26 20.00
N LEU B 1162 -11.75 -49.08 20.99
CA LEU B 1162 -10.32 -49.39 20.88
C LEU B 1162 -9.94 -50.38 21.98
N LYS B 1163 -9.14 -51.38 21.64
CA LYS B 1163 -8.68 -52.36 22.63
C LYS B 1163 -7.56 -51.76 23.47
N ASN B 1164 -6.53 -51.24 22.78
CA ASN B 1164 -5.40 -50.57 23.42
C ASN B 1164 -4.70 -49.62 22.45
N ILE B 1165 -3.76 -48.85 22.98
CA ILE B 1165 -2.86 -48.04 22.15
C ILE B 1165 -1.87 -49.03 21.55
N THR B 1166 -1.54 -48.83 20.27
CA THR B 1166 -0.74 -49.77 19.45
C THR B 1166 -1.48 -51.08 19.07
N ASP B 1167 -2.83 -51.04 19.01
CA ASP B 1167 -3.61 -52.25 18.70
C ASP B 1167 -4.94 -51.91 17.98
N TYR B 1168 -5.87 -52.86 17.91
CA TYR B 1168 -7.00 -52.81 16.96
C TYR B 1168 -8.28 -52.20 17.52
N MET B 1169 -9.22 -51.93 16.61
CA MET B 1169 -10.53 -51.35 16.94
C MET B 1169 -11.64 -52.37 16.66
N TYR B 1170 -12.78 -52.22 17.35
CA TYR B 1170 -13.92 -53.14 17.18
C TYR B 1170 -15.26 -52.50 17.56
N LEU B 1171 -16.34 -53.20 17.25
CA LEU B 1171 -17.69 -52.70 17.47
C LEU B 1171 -18.30 -53.21 18.79
N THR B 1172 -19.03 -52.33 19.46
CA THR B 1172 -19.81 -52.67 20.67
C THR B 1172 -21.15 -51.94 20.61
N ASN B 1173 -22.18 -52.56 21.18
CA ASN B 1173 -23.52 -52.00 21.14
C ASN B 1173 -23.57 -50.64 21.83
N ALA B 1174 -24.32 -49.71 21.24
CA ALA B 1174 -24.52 -48.39 21.82
C ALA B 1174 -25.65 -48.48 22.84
N PRO B 1175 -25.63 -47.61 23.87
CA PRO B 1175 -26.79 -47.53 24.75
C PRO B 1175 -28.01 -46.93 24.05
N SER B 1176 -29.15 -46.94 24.76
CA SER B 1176 -30.42 -46.48 24.21
C SER B 1176 -31.15 -45.55 25.19
N TYR B 1177 -31.98 -44.68 24.65
CA TYR B 1177 -32.98 -43.94 25.41
C TYR B 1177 -34.34 -44.32 24.84
N THR B 1178 -35.26 -44.71 25.72
CA THR B 1178 -36.63 -45.06 25.32
C THR B 1178 -37.59 -44.22 26.15
N ASN B 1179 -38.81 -44.01 25.62
CA ASN B 1179 -39.83 -43.25 26.34
C ASN B 1179 -41.22 -43.61 25.80
N GLY B 1180 -41.87 -44.55 26.48
CA GLY B 1180 -43.18 -45.07 26.08
C GLY B 1180 -44.29 -44.02 26.06
N LYS B 1181 -44.27 -43.12 27.03
CA LYS B 1181 -45.30 -42.07 27.15
C LYS B 1181 -45.29 -41.12 25.95
N LEU B 1182 -44.13 -40.52 25.67
CA LEU B 1182 -43.99 -39.55 24.57
C LEU B 1182 -43.86 -40.19 23.17
N ASN B 1183 -43.70 -41.52 23.13
CA ASN B 1183 -43.64 -42.30 21.88
C ASN B 1183 -42.39 -41.93 21.06
N ILE B 1184 -41.24 -41.94 21.73
CA ILE B 1184 -39.95 -41.62 21.11
C ILE B 1184 -38.83 -42.53 21.62
N TYR B 1185 -37.86 -42.82 20.75
CA TYR B 1185 -36.65 -43.55 21.15
C TYR B 1185 -35.52 -43.35 20.14
N TYR B 1186 -34.29 -43.59 20.59
CA TYR B 1186 -33.11 -43.50 19.73
C TYR B 1186 -31.89 -44.09 20.41
N ARG B 1187 -30.95 -44.59 19.61
CA ARG B 1187 -29.63 -44.94 20.12
C ARG B 1187 -28.90 -43.64 20.50
N ARG B 1188 -28.12 -43.69 21.57
CA ARG B 1188 -27.44 -42.50 22.09
C ARG B 1188 -26.20 -42.22 21.27
N LEU B 1189 -26.05 -40.96 20.86
CA LEU B 1189 -24.91 -40.53 20.06
C LEU B 1189 -23.74 -40.16 20.96
N TYR B 1190 -22.59 -39.94 20.33
CA TYR B 1190 -21.38 -39.39 20.96
C TYR B 1190 -20.63 -40.32 21.91
N ASN B 1191 -20.94 -41.62 21.92
CA ASN B 1191 -20.06 -42.63 22.56
C ASN B 1191 -19.08 -43.20 21.54
N GLY B 1192 -18.09 -43.91 22.04
CA GLY B 1192 -17.04 -44.48 21.19
C GLY B 1192 -15.92 -43.49 20.94
N LEU B 1193 -15.06 -43.82 19.98
CA LEU B 1193 -13.83 -43.06 19.74
C LEU B 1193 -14.07 -41.75 19.00
N LYS B 1194 -13.23 -40.77 19.26
CA LYS B 1194 -13.18 -39.52 18.51
C LYS B 1194 -12.15 -39.65 17.39
N PHE B 1195 -12.55 -39.38 16.14
CA PHE B 1195 -11.64 -39.40 14.99
C PHE B 1195 -11.44 -38.00 14.43
N ILE B 1196 -10.23 -37.71 13.95
CA ILE B 1196 -9.93 -36.45 13.25
C ILE B 1196 -9.28 -36.71 11.90
N ILE B 1197 -9.71 -35.96 10.89
CA ILE B 1197 -9.18 -36.04 9.53
C ILE B 1197 -8.19 -34.89 9.33
N LYS B 1198 -6.98 -35.21 8.87
CA LYS B 1198 -5.98 -34.20 8.51
C LYS B 1198 -5.52 -34.39 7.06
N ARG B 1199 -5.14 -33.29 6.40
CA ARG B 1199 -4.57 -33.35 5.06
C ARG B 1199 -3.24 -34.11 5.08
N TYR B 1200 -3.00 -34.92 4.05
CA TYR B 1200 -1.80 -35.74 3.96
C TYR B 1200 -0.58 -34.89 3.60
N THR B 1201 -0.74 -34.04 2.60
CA THR B 1201 0.29 -33.09 2.18
C THR B 1201 -0.32 -31.67 2.19
N PRO B 1202 -0.17 -30.93 3.31
CA PRO B 1202 -0.81 -29.61 3.41
C PRO B 1202 -0.09 -28.56 2.55
N ASN B 1203 -0.86 -27.73 1.84
CA ASN B 1203 -0.33 -26.74 0.89
C ASN B 1203 -0.92 -25.33 1.09
N ASN B 1204 -0.89 -24.86 2.33
CA ASN B 1204 -1.26 -23.47 2.70
C ASN B 1204 -2.70 -23.06 2.34
N GLU B 1205 -3.62 -24.03 2.30
CA GLU B 1205 -5.02 -23.73 1.94
C GLU B 1205 -5.77 -23.13 3.13
N ILE B 1206 -6.81 -22.35 2.82
CA ILE B 1206 -7.69 -21.74 3.84
C ILE B 1206 -8.95 -22.60 4.07
N ASP B 1207 -9.52 -23.14 2.98
CA ASP B 1207 -10.64 -24.09 3.07
C ASP B 1207 -10.33 -25.28 3.97
N SER B 1208 -11.30 -25.61 4.84
CA SER B 1208 -11.24 -26.82 5.65
C SER B 1208 -12.26 -27.87 5.18
N PHE B 1209 -12.78 -27.73 3.95
CA PHE B 1209 -13.73 -28.69 3.38
C PHE B 1209 -13.00 -29.89 2.80
N VAL B 1210 -13.53 -31.08 3.04
CA VAL B 1210 -12.98 -32.32 2.48
C VAL B 1210 -13.73 -32.62 1.19
N LYS B 1211 -13.02 -32.58 0.07
CA LYS B 1211 -13.55 -32.95 -1.25
C LYS B 1211 -13.32 -34.43 -1.55
N SER B 1212 -14.19 -35.00 -2.38
CA SER B 1212 -14.05 -36.39 -2.84
C SER B 1212 -12.78 -36.54 -3.68
N GLY B 1213 -11.98 -37.55 -3.34
CA GLY B 1213 -10.67 -37.76 -3.95
C GLY B 1213 -9.51 -37.10 -3.21
N ASP B 1214 -9.78 -36.41 -2.09
CA ASP B 1214 -8.71 -35.84 -1.24
C ASP B 1214 -7.94 -36.95 -0.53
N PHE B 1215 -6.63 -36.79 -0.43
CA PHE B 1215 -5.77 -37.74 0.28
C PHE B 1215 -5.51 -37.24 1.69
N ILE B 1216 -5.73 -38.11 2.68
CA ILE B 1216 -5.80 -37.72 4.09
C ILE B 1216 -5.00 -38.64 5.00
N LYS B 1217 -4.70 -38.14 6.21
CA LYS B 1217 -4.30 -38.96 7.35
C LYS B 1217 -5.50 -39.02 8.31
N LEU B 1218 -5.66 -40.15 9.00
CA LEU B 1218 -6.74 -40.34 9.96
C LEU B 1218 -6.17 -40.65 11.34
N TYR B 1219 -6.54 -39.82 12.33
CA TYR B 1219 -6.10 -40.00 13.71
C TYR B 1219 -7.28 -40.29 14.66
N VAL B 1220 -6.98 -41.02 15.73
CA VAL B 1220 -7.90 -41.22 16.87
C VAL B 1220 -7.39 -40.35 18.03
N SER B 1221 -8.30 -39.58 18.63
CA SER B 1221 -7.95 -38.71 19.77
C SER B 1221 -8.27 -39.39 21.10
N TYR B 1222 -7.37 -40.25 21.54
CA TYR B 1222 -7.48 -41.00 22.80
C TYR B 1222 -6.64 -40.32 23.88
N ASN B 1223 -7.21 -40.19 25.08
CA ASN B 1223 -6.64 -39.35 26.14
C ASN B 1223 -6.69 -37.89 25.64
N ASN B 1224 -5.64 -37.10 25.82
CA ASN B 1224 -5.51 -35.79 25.13
C ASN B 1224 -4.48 -35.82 23.98
N ASN B 1225 -4.03 -37.02 23.60
CA ASN B 1225 -3.11 -37.20 22.46
C ASN B 1225 -3.85 -37.63 21.20
N GLU B 1226 -3.20 -37.39 20.06
CA GLU B 1226 -3.64 -37.91 18.76
C GLU B 1226 -2.79 -39.12 18.38
N HIS B 1227 -3.39 -40.14 17.77
CA HIS B 1227 -2.67 -41.35 17.34
C HIS B 1227 -3.11 -41.80 15.92
N ILE B 1228 -2.13 -42.04 15.04
CA ILE B 1228 -2.39 -42.37 13.63
C ILE B 1228 -3.00 -43.76 13.43
N VAL B 1229 -3.92 -43.88 12.48
CA VAL B 1229 -4.52 -45.15 12.08
C VAL B 1229 -3.78 -45.68 10.86
N GLY B 1230 -3.53 -46.98 10.84
CA GLY B 1230 -2.86 -47.60 9.70
C GLY B 1230 -2.76 -49.11 9.74
N TYR B 1231 -2.17 -49.67 8.68
CA TYR B 1231 -1.86 -51.08 8.59
C TYR B 1231 -0.35 -51.24 8.58
N PRO B 1232 0.21 -52.05 9.51
CA PRO B 1232 1.65 -52.31 9.47
C PRO B 1232 2.02 -53.27 8.34
N LYS B 1233 3.25 -53.17 7.86
CA LYS B 1233 3.75 -54.00 6.75
C LYS B 1233 3.74 -55.48 7.14
N ASP B 1234 2.99 -56.27 6.38
CA ASP B 1234 2.82 -57.72 6.60
C ASP B 1234 2.18 -58.02 7.95
N GLY B 1235 1.27 -57.16 8.39
CA GLY B 1235 0.55 -57.33 9.65
C GLY B 1235 -0.50 -58.43 9.57
N ASN B 1236 -1.12 -58.71 10.70
CA ASN B 1236 -2.16 -59.74 10.78
C ASN B 1236 -3.34 -59.32 9.90
N ALA B 1237 -3.92 -60.28 9.19
CA ALA B 1237 -5.07 -60.03 8.31
C ALA B 1237 -5.94 -61.28 8.20
N PHE B 1238 -7.27 -61.10 8.22
CA PHE B 1238 -8.20 -62.23 8.16
C PHE B 1238 -8.21 -62.86 6.77
N ASN B 1239 -8.30 -64.19 6.75
CA ASN B 1239 -7.95 -65.02 5.60
C ASN B 1239 -6.50 -64.70 5.19
N ASN B 1240 -6.28 -63.84 4.20
CA ASN B 1240 -5.00 -63.11 4.08
C ASN B 1240 -5.14 -61.72 3.44
N LEU B 1241 -6.38 -61.24 3.30
CA LEU B 1241 -6.71 -60.03 2.53
C LEU B 1241 -7.35 -58.89 3.34
N ASP B 1242 -8.06 -59.22 4.43
CA ASP B 1242 -8.74 -58.22 5.25
C ASP B 1242 -7.80 -57.66 6.33
N ARG B 1243 -7.22 -56.50 6.03
CA ARG B 1243 -6.05 -55.99 6.76
C ARG B 1243 -6.44 -55.23 8.04
N ILE B 1244 -6.07 -55.80 9.19
CA ILE B 1244 -6.52 -55.30 10.50
C ILE B 1244 -5.82 -53.98 10.86
N LEU B 1245 -6.62 -52.94 11.08
CA LEU B 1245 -6.12 -51.58 11.32
C LEU B 1245 -5.61 -51.42 12.75
N ARG B 1246 -4.59 -50.58 12.90
CA ARG B 1246 -3.87 -50.41 14.17
C ARG B 1246 -3.66 -48.94 14.54
N VAL B 1247 -4.04 -48.57 15.78
CA VAL B 1247 -4.03 -47.17 16.25
C VAL B 1247 -2.76 -46.85 17.03
N GLY B 1248 -2.00 -45.86 16.56
CA GLY B 1248 -0.76 -45.44 17.19
C GLY B 1248 0.33 -46.51 17.20
N TYR B 1249 0.43 -47.27 16.11
CA TYR B 1249 1.43 -48.33 15.98
C TYR B 1249 2.80 -47.70 15.76
N ASN B 1250 3.76 -48.05 16.62
CA ASN B 1250 5.16 -47.66 16.46
C ASN B 1250 6.07 -48.82 16.85
N ALA B 1251 6.60 -49.49 15.83
CA ALA B 1251 7.72 -50.42 15.96
C ALA B 1251 8.81 -49.92 15.00
N PRO B 1252 10.08 -49.92 15.44
CA PRO B 1252 11.14 -49.46 14.54
C PRO B 1252 11.42 -50.46 13.42
N GLY B 1253 11.65 -49.96 12.21
CA GLY B 1253 11.90 -50.80 11.04
C GLY B 1253 10.65 -51.09 10.22
N ILE B 1254 9.63 -51.65 10.87
CA ILE B 1254 8.34 -51.93 10.24
C ILE B 1254 7.59 -50.64 9.91
N PRO B 1255 7.43 -50.30 8.61
CA PRO B 1255 6.71 -49.07 8.27
C PRO B 1255 5.18 -49.26 8.35
N LEU B 1256 4.46 -48.14 8.40
CA LEU B 1256 3.01 -48.12 8.57
C LEU B 1256 2.34 -47.46 7.38
N TYR B 1257 1.33 -48.13 6.82
CA TYR B 1257 0.56 -47.59 5.70
C TYR B 1257 -0.61 -46.78 6.27
N LYS B 1258 -0.52 -45.47 6.10
CA LYS B 1258 -1.46 -44.48 6.70
C LYS B 1258 -2.24 -43.64 5.67
N LYS B 1259 -1.84 -43.69 4.40
CA LYS B 1259 -2.40 -42.82 3.36
C LYS B 1259 -3.78 -43.32 2.92
N MET B 1260 -4.81 -42.53 3.21
CA MET B 1260 -6.18 -42.86 2.83
C MET B 1260 -6.76 -41.83 1.86
N GLU B 1261 -7.85 -42.19 1.18
CA GLU B 1261 -8.50 -41.32 0.20
C GLU B 1261 -9.98 -41.25 0.54
N ALA B 1262 -10.47 -40.03 0.74
CA ALA B 1262 -11.88 -39.83 1.06
C ALA B 1262 -12.66 -39.87 -0.25
N VAL B 1263 -13.56 -40.85 -0.38
CA VAL B 1263 -14.35 -41.03 -1.60
C VAL B 1263 -15.82 -41.33 -1.31
N LYS B 1264 -16.64 -41.11 -2.34
CA LYS B 1264 -18.08 -41.32 -2.28
C LYS B 1264 -18.44 -42.17 -3.51
N LEU B 1265 -18.34 -43.48 -3.36
CA LEU B 1265 -18.50 -44.42 -4.47
C LEU B 1265 -19.93 -44.96 -4.67
N ARG B 1266 -20.86 -44.62 -3.78
CA ARG B 1266 -22.18 -45.25 -3.76
C ARG B 1266 -23.19 -44.55 -2.87
N ASP B 1267 -24.47 -44.73 -3.17
CA ASP B 1267 -25.58 -44.31 -2.30
C ASP B 1267 -25.64 -42.79 -2.11
N LEU B 1268 -26.07 -42.10 -3.15
CA LEU B 1268 -26.06 -40.63 -3.22
C LEU B 1268 -26.98 -39.93 -2.21
N LYS B 1269 -28.08 -40.59 -1.83
CA LYS B 1269 -29.05 -40.00 -0.89
C LYS B 1269 -28.62 -40.05 0.58
N THR B 1270 -27.78 -41.03 0.94
CA THR B 1270 -27.31 -41.20 2.32
C THR B 1270 -26.07 -40.35 2.58
N TYR B 1271 -25.99 -39.74 3.76
CA TYR B 1271 -24.87 -38.90 4.15
C TYR B 1271 -23.74 -39.76 4.73
N SER B 1272 -23.18 -40.60 3.86
CA SER B 1272 -22.18 -41.60 4.23
C SER B 1272 -20.93 -41.40 3.39
N VAL B 1273 -19.84 -42.02 3.81
CA VAL B 1273 -18.52 -41.83 3.22
C VAL B 1273 -17.75 -43.15 3.29
N GLN B 1274 -16.92 -43.41 2.28
CA GLN B 1274 -16.00 -44.55 2.29
C GLN B 1274 -14.56 -44.04 2.36
N LEU B 1275 -13.65 -44.92 2.77
CA LEU B 1275 -12.23 -44.56 2.92
C LEU B 1275 -11.35 -45.65 2.32
N LYS B 1276 -10.50 -45.27 1.36
CA LYS B 1276 -9.68 -46.22 0.61
C LYS B 1276 -8.23 -46.12 1.06
N LEU B 1277 -7.66 -47.22 1.56
CA LEU B 1277 -6.28 -47.27 2.06
C LEU B 1277 -5.29 -47.66 0.96
N TYR B 1278 -4.15 -46.99 0.91
CA TYR B 1278 -3.06 -47.28 -0.03
C TYR B 1278 -1.79 -47.74 0.70
N ASP B 1279 -0.94 -48.49 0.00
CA ASP B 1279 0.44 -48.72 0.43
C ASP B 1279 1.30 -47.50 0.06
N ASP B 1280 2.63 -47.60 0.19
CA ASP B 1280 3.52 -46.48 -0.19
C ASP B 1280 3.87 -46.40 -1.70
N LYS B 1281 3.44 -47.39 -2.49
CA LYS B 1281 3.70 -47.43 -3.94
C LYS B 1281 2.43 -47.27 -4.81
N ASN B 1282 1.41 -46.62 -4.28
CA ASN B 1282 0.12 -46.41 -4.98
C ASN B 1282 -0.60 -47.71 -5.39
N ALA B 1283 -0.97 -48.51 -4.39
CA ALA B 1283 -1.74 -49.75 -4.62
C ALA B 1283 -2.82 -49.91 -3.54
N SER B 1284 -4.02 -50.32 -3.95
CA SER B 1284 -5.18 -50.36 -3.06
C SER B 1284 -5.12 -51.55 -2.09
N LEU B 1285 -4.97 -51.24 -0.80
CA LEU B 1285 -5.07 -52.24 0.28
C LEU B 1285 -6.51 -52.48 0.72
N GLY B 1286 -7.42 -51.59 0.33
CA GLY B 1286 -8.86 -51.81 0.49
C GLY B 1286 -9.64 -50.61 0.99
N LEU B 1287 -10.96 -50.71 0.90
CA LEU B 1287 -11.87 -49.78 1.58
C LEU B 1287 -11.99 -50.17 3.06
N VAL B 1288 -12.18 -49.18 3.93
CA VAL B 1288 -12.29 -49.43 5.38
C VAL B 1288 -13.67 -49.97 5.75
N GLY B 1289 -13.67 -51.06 6.52
CA GLY B 1289 -14.90 -51.73 6.96
C GLY B 1289 -14.61 -52.66 8.13
N THR B 1290 -15.49 -53.64 8.35
CA THR B 1290 -15.34 -54.58 9.46
C THR B 1290 -15.39 -56.04 9.02
N HIS B 1291 -14.73 -56.91 9.80
CA HIS B 1291 -14.77 -58.35 9.60
C HIS B 1291 -14.88 -59.07 10.94
N ASN B 1292 -15.75 -60.08 11.00
CA ASN B 1292 -15.95 -60.86 12.23
C ASN B 1292 -14.80 -61.87 12.40
N GLY B 1293 -14.28 -61.97 13.62
CA GLY B 1293 -13.16 -62.88 13.91
C GLY B 1293 -12.71 -62.84 15.36
N GLN B 1294 -11.51 -63.39 15.60
CA GLN B 1294 -10.93 -63.49 16.94
C GLN B 1294 -9.43 -63.29 16.86
N ILE B 1295 -8.91 -62.28 17.57
CA ILE B 1295 -7.46 -62.01 17.63
C ILE B 1295 -6.91 -62.57 18.96
N GLY B 1296 -6.18 -63.68 18.87
CA GLY B 1296 -5.58 -64.31 20.04
C GLY B 1296 -6.62 -64.89 20.97
N ASN B 1297 -6.53 -64.54 22.25
CA ASN B 1297 -7.47 -65.01 23.28
C ASN B 1297 -8.64 -64.07 23.56
N ASP B 1298 -8.77 -62.98 22.79
CA ASP B 1298 -9.85 -62.02 22.98
C ASP B 1298 -11.20 -62.61 22.56
N PRO B 1299 -12.32 -61.97 22.91
CA PRO B 1299 -13.64 -62.40 22.43
C PRO B 1299 -13.87 -62.23 20.93
N ASN B 1300 -15.01 -62.77 20.46
CA ASN B 1300 -15.41 -62.66 19.05
C ASN B 1300 -15.98 -61.26 18.78
N ARG B 1301 -15.35 -60.53 17.86
CA ARG B 1301 -15.67 -59.12 17.63
C ARG B 1301 -15.63 -58.76 16.14
N ASP B 1302 -16.51 -57.86 15.72
CA ASP B 1302 -16.45 -57.26 14.38
C ASP B 1302 -15.31 -56.25 14.37
N ILE B 1303 -14.16 -56.69 13.85
CA ILE B 1303 -12.90 -55.93 13.94
C ILE B 1303 -12.72 -55.06 12.69
N LEU B 1304 -12.23 -53.84 12.89
CA LEU B 1304 -12.01 -52.89 11.78
C LEU B 1304 -10.84 -53.31 10.91
N ILE B 1305 -11.05 -53.24 9.59
CA ILE B 1305 -10.11 -53.76 8.59
C ILE B 1305 -10.12 -52.88 7.34
N ALA B 1306 -9.23 -53.18 6.40
CA ALA B 1306 -9.27 -52.61 5.03
C ALA B 1306 -9.18 -53.74 3.98
N SER B 1307 -10.22 -53.88 3.16
CA SER B 1307 -10.33 -54.99 2.19
C SER B 1307 -10.82 -54.57 0.80
N ASN B 1308 -10.19 -55.13 -0.24
CA ASN B 1308 -10.62 -54.89 -1.64
C ASN B 1308 -11.91 -55.64 -1.99
N TRP B 1309 -12.25 -56.66 -1.21
CA TRP B 1309 -13.55 -57.38 -1.30
C TRP B 1309 -14.75 -56.48 -1.65
N TYR B 1310 -14.84 -55.32 -0.98
CA TYR B 1310 -15.96 -54.38 -1.14
C TYR B 1310 -16.18 -53.88 -2.57
N PHE B 1311 -15.08 -53.70 -3.33
CA PHE B 1311 -15.17 -53.23 -4.72
C PHE B 1311 -16.04 -54.10 -5.63
N ASN B 1312 -16.17 -55.38 -5.32
CA ASN B 1312 -17.02 -56.31 -6.08
C ASN B 1312 -18.49 -56.36 -5.65
N HIS B 1313 -18.89 -55.56 -4.64
CA HIS B 1313 -20.27 -55.56 -4.14
C HIS B 1313 -20.86 -54.15 -3.95
N LEU B 1314 -20.33 -53.16 -4.67
CA LEU B 1314 -20.75 -51.77 -4.50
C LEU B 1314 -22.21 -51.50 -4.86
N LYS B 1315 -22.81 -52.36 -5.68
CA LYS B 1315 -24.24 -52.27 -6.02
C LYS B 1315 -25.21 -52.72 -4.91
N ASP B 1316 -24.71 -53.47 -3.92
CA ASP B 1316 -25.55 -53.94 -2.78
C ASP B 1316 -26.26 -52.79 -2.07
N LYS B 1317 -27.49 -53.05 -1.61
CA LYS B 1317 -28.28 -52.04 -0.88
C LYS B 1317 -27.62 -51.65 0.44
N ILE B 1318 -27.17 -52.65 1.20
CA ILE B 1318 -26.45 -52.46 2.47
C ILE B 1318 -25.04 -53.03 2.31
N LEU B 1319 -24.04 -52.26 2.75
CA LEU B 1319 -22.64 -52.64 2.63
C LEU B 1319 -21.83 -52.11 3.81
N GLY B 1320 -20.95 -52.96 4.35
CA GLY B 1320 -20.23 -52.68 5.59
C GLY B 1320 -19.10 -51.66 5.56
N CYS B 1321 -18.75 -51.14 4.38
CA CYS B 1321 -17.72 -50.11 4.24
C CYS B 1321 -18.25 -48.66 4.28
N ASP B 1322 -19.56 -48.50 4.45
CA ASP B 1322 -20.19 -47.18 4.62
C ASP B 1322 -20.14 -46.66 6.06
N TRP B 1323 -19.69 -45.41 6.24
CA TRP B 1323 -19.55 -44.79 7.56
C TRP B 1323 -20.29 -43.45 7.65
N TYR B 1324 -21.07 -43.28 8.71
CA TYR B 1324 -21.53 -41.96 9.12
C TYR B 1324 -20.39 -41.29 9.91
N PHE B 1325 -20.17 -40.00 9.68
CA PHE B 1325 -19.22 -39.21 10.48
C PHE B 1325 -20.05 -38.22 11.31
N VAL B 1326 -20.02 -38.38 12.64
CA VAL B 1326 -20.96 -37.69 13.53
C VAL B 1326 -20.23 -36.68 14.43
N PRO B 1327 -20.45 -35.37 14.21
CA PRO B 1327 -19.96 -34.34 15.11
C PRO B 1327 -21.01 -34.00 16.17
N THR B 1328 -20.55 -33.57 17.34
CA THR B 1328 -21.46 -33.08 18.38
C THR B 1328 -22.13 -31.80 17.87
N ASP B 1329 -23.43 -31.71 18.07
CA ASP B 1329 -24.21 -30.60 17.56
C ASP B 1329 -25.27 -30.17 18.59
N GLU B 1330 -25.43 -28.86 18.75
CA GLU B 1330 -26.41 -28.28 19.67
C GLU B 1330 -27.85 -28.74 19.40
N GLY B 1331 -28.15 -29.05 18.13
CA GLY B 1331 -29.46 -29.61 17.74
C GLY B 1331 -29.74 -31.07 18.10
N TRP B 1332 -28.76 -31.77 18.69
CA TRP B 1332 -28.97 -33.10 19.25
C TRP B 1332 -28.22 -33.26 20.58
N THR B 1333 -28.96 -33.36 21.68
CA THR B 1333 -28.40 -33.74 22.98
C THR B 1333 -29.23 -34.90 23.52
N ASN B 1334 -28.58 -35.82 24.23
CA ASN B 1334 -29.25 -37.02 24.74
C ASN B 1334 -30.09 -36.69 25.98
N ASP B 1335 -31.29 -37.27 26.07
CA ASP B 1335 -32.22 -36.99 27.18
C ASP B 1335 -31.77 -37.58 28.52
C2 BGC C . 66.99 -8.13 -33.40
C3 BGC C . 66.18 -7.36 -32.34
C4 BGC C . 64.77 -6.97 -32.82
C5 BGC C . 64.06 -8.16 -33.49
C6 BGC C . 62.78 -7.70 -34.19
C1 BGC C . 66.23 -8.43 -34.70
O1 BGC C . 66.25 -7.29 -35.57
O2 BGC C . 67.44 -9.37 -32.83
O3 BGC C . 66.89 -6.16 -31.99
O4 BGC C . 64.01 -6.33 -31.75
O5 BGC C . 64.87 -8.85 -34.46
O6 BGC C . 63.11 -6.91 -35.35
C1 GAL C . 63.45 -7.12 -30.67
C2 GAL C . 63.27 -6.17 -29.49
C3 GAL C . 62.49 -6.81 -28.34
C4 GAL C . 61.17 -7.35 -28.90
C5 GAL C . 61.51 -8.39 -29.96
C6 GAL C . 60.26 -9.13 -30.46
O2 GAL C . 64.56 -5.73 -29.05
O3 GAL C . 62.30 -5.85 -27.28
O4 GAL C . 60.37 -6.30 -29.47
O5 GAL C . 62.20 -7.74 -31.02
O6 GAL C . 59.97 -8.77 -31.81
C1 NGA C . 59.27 -5.89 -28.64
C2 NGA C . 58.89 -4.44 -28.98
C3 NGA C . 57.62 -4.00 -28.27
C4 NGA C . 56.49 -5.04 -28.40
C5 NGA C . 57.02 -6.42 -27.98
C6 NGA C . 55.96 -7.52 -28.10
C7 NGA C . 60.82 -3.00 -29.53
C8 NGA C . 61.80 -2.00 -29.01
N2 NGA C . 59.93 -3.47 -28.64
O3 NGA C . 57.28 -2.73 -28.84
O4 NGA C . 56.00 -5.09 -29.76
O5 NGA C . 58.15 -6.76 -28.80
O6 NGA C . 54.79 -7.20 -27.34
O7 NGA C . 60.84 -3.34 -30.69
C1 GAL C . 56.51 -1.90 -27.96
C2 GAL C . 56.92 -0.45 -28.21
C3 GAL C . 56.01 0.52 -27.44
C4 GAL C . 54.55 0.19 -27.75
C5 GAL C . 54.28 -1.27 -27.37
C6 GAL C . 52.80 -1.62 -27.48
O2 GAL C . 58.28 -0.24 -27.80
O3 GAL C . 56.31 1.87 -27.78
O4 GAL C . 54.28 0.43 -29.12
O5 GAL C . 55.10 -2.10 -28.18
O6 GAL C . 52.56 -2.75 -28.32
C1 SIA C . 61.57 -5.18 -25.08
C2 SIA C . 62.15 -6.33 -25.92
C3 SIA C . 63.59 -6.63 -25.47
C4 SIA C . 63.66 -7.28 -24.09
C5 SIA C . 62.78 -8.52 -23.99
C6 SIA C . 61.35 -8.20 -24.46
C7 SIA C . 60.43 -9.42 -24.59
C8 SIA C . 59.04 -9.08 -25.17
C9 SIA C . 58.05 -10.24 -24.98
C10 SIA C . 62.78 -10.25 -22.14
C11 SIA C . 62.65 -11.43 -23.05
N5 SIA C . 62.82 -8.99 -22.60
O1A SIA C . 60.46 -5.31 -24.52
O1B SIA C . 62.23 -4.12 -25.01
O4 SIA C . 65.03 -7.62 -23.83
O6 SIA C . 61.34 -7.52 -25.73
O7 SIA C . 61.03 -10.38 -25.46
O8 SIA C . 58.51 -7.88 -24.58
O9 SIA C . 57.02 -9.94 -24.02
O10 SIA C . 62.84 -10.46 -20.94
C2 BGC D . -13.07 -73.95 2.08
C3 BGC D . -13.61 -72.61 1.53
C4 BGC D . -14.17 -71.73 2.66
C5 BGC D . -13.12 -71.66 3.76
C6 BGC D . -13.41 -70.63 4.86
C1 BGC D . -13.22 -74.15 3.60
O1 BGC D . -14.53 -74.66 3.87
O2 BGC D . -11.67 -74.06 1.75
O3 BGC D . -14.63 -72.86 0.56
O4 BGC D . -14.66 -70.43 2.26
O5 BGC D . -12.98 -72.96 4.39
O6 BGC D . -14.71 -70.85 5.41
C1 GAL D . -13.87 -69.56 1.40
C2 GAL D . -14.88 -68.56 0.85
C3 GAL D . -14.23 -67.47 0.00
C4 GAL D . -13.10 -66.82 0.82
C5 GAL D . -12.11 -67.90 1.31
C6 GAL D . -11.00 -67.30 2.16
O2 GAL D . -15.89 -69.22 0.08
O3 GAL D . -15.29 -66.55 -0.35
O4 GAL D . -13.64 -66.15 1.98
O5 GAL D . -12.79 -68.91 2.07
O6 GAL D . -9.72 -67.85 1.80
C1 NGA D . -13.79 -64.72 1.81
C2 NGA D . -14.75 -64.21 2.88
C3 NGA D . -14.82 -62.69 2.89
C4 NGA D . -13.43 -62.06 2.86
C5 NGA D . -12.63 -62.61 1.70
C6 NGA D . -11.24 -62.00 1.59
C7 NGA D . -16.65 -65.74 3.38
C8 NGA D . -18.07 -66.08 3.00
N2 NGA D . -16.10 -64.74 2.69
O3 NGA D . -15.56 -62.31 4.06
O4 NGA D . -12.77 -62.30 4.12
O5 NGA D . -12.53 -64.04 1.85
O6 NGA D . -11.30 -60.76 0.84
O7 NGA D . -16.08 -66.37 4.28
C1 GAL D . -16.11 -60.99 4.01
C2 GAL D . -17.35 -60.90 4.90
C3 GAL D . -17.92 -59.49 4.87
C4 GAL D . -16.84 -58.46 5.19
C5 GAL D . -15.65 -58.67 4.26
C6 GAL D . -14.54 -57.63 4.45
O2 GAL D . -18.34 -61.84 4.49
O3 GAL D . -19.03 -59.37 5.78
O4 GAL D . -16.42 -58.61 6.56
O5 GAL D . -15.16 -59.99 4.41
O6 GAL D . -13.61 -58.06 5.43
C1 SIA D . -16.28 -64.79 -1.64
C2 SIA D . -15.30 -65.97 -1.68
C3 SIA D . -15.75 -67.01 -2.74
C4 SIA D . -15.59 -66.50 -4.17
C5 SIA D . -14.16 -66.01 -4.44
C6 SIA D . -13.77 -65.00 -3.36
C7 SIA D . -12.33 -64.49 -3.42
C8 SIA D . -12.07 -63.37 -2.40
C9 SIA D . -10.86 -62.54 -2.82
C10 SIA D . -13.17 -65.50 -6.70
C11 SIA D . -11.94 -66.32 -6.43
N5 SIA D . -14.13 -65.40 -5.77
O1A SIA D . -17.51 -65.01 -1.66
O1B SIA D . -15.83 -63.62 -1.58
O4 SIA D . -15.96 -67.52 -5.10
O6 SIA D . -13.98 -65.52 -2.02
O7 SIA D . -11.42 -65.57 -3.15
O8 SIA D . -13.20 -62.50 -2.25
O9 SIA D . -11.21 -61.65 -3.90
O10 SIA D . -13.26 -64.93 -7.78
ZN ZN E . 15.56 2.43 23.79
C1 PEG F . 53.38 3.48 -26.52
O1 PEG F . 52.23 2.67 -26.78
C2 PEG F . 54.16 2.95 -25.32
O2 PEG F . 55.33 3.74 -25.08
C3 PEG F . 55.83 3.54 -23.76
C4 PEG F . 57.33 3.77 -23.71
O4 PEG F . 57.81 3.38 -22.42
ZN ZN G . -16.79 -0.62 -23.06
#